data_2AYX
#
_entry.id   2AYX
#
_entity_poly.entity_id   1
_entity_poly.type   'polypeptide(L)'
_entity_poly.pdbx_seq_one_letter_code
;MGGSGVEGLSGKRCWLAVRNASLCQFLETSLQRSGIVVTTYEGQEPTPEDVLITDEVVSKKWQGRAVVTFCRRHIGIPLE
KAPGEWVHSVAAPHELPALLARIYLIEMESDDPANALPSTDKAVSDNDDMMILVVDDHPINRRLLADQLGSLGYQCKTAN
DGVDALNVLSKNHIDIVLSDVNMPNMDGYRLTQRIRQLGLTLPVIGVTANALAEEKQRCLESGMDSCLSKPVTLDVIKQT
LTLYAERVRKSRDS
;
_entity_poly.pdbx_strand_id   A
#
# COMPACT_ATOMS: atom_id res chain seq x y z
N MET A 1 7.39 -8.60 -16.35
CA MET A 1 8.55 -7.81 -16.79
C MET A 1 9.05 -6.94 -15.63
N GLY A 2 10.36 -6.91 -15.46
CA GLY A 2 10.93 -6.13 -14.38
C GLY A 2 10.88 -6.87 -13.06
N GLY A 3 9.66 -7.07 -12.55
CA GLY A 3 9.48 -7.75 -11.29
C GLY A 3 8.42 -7.11 -10.44
N SER A 4 7.25 -7.72 -10.38
CA SER A 4 6.13 -7.19 -9.62
C SER A 4 6.37 -7.33 -8.11
N GLY A 5 6.95 -6.30 -7.52
CA GLY A 5 7.22 -6.32 -6.10
C GLY A 5 6.65 -5.10 -5.40
N VAL A 6 5.74 -5.32 -4.47
CA VAL A 6 5.17 -4.23 -3.71
C VAL A 6 5.54 -4.34 -2.24
N GLU A 7 5.74 -3.20 -1.60
CA GLU A 7 6.08 -3.15 -0.19
C GLU A 7 5.12 -2.20 0.55
N GLY A 8 5.48 -0.93 0.57
CA GLY A 8 4.65 0.07 1.21
C GLY A 8 4.70 -0.06 2.73
N LEU A 9 3.56 -0.37 3.34
CA LEU A 9 3.48 -0.54 4.78
C LEU A 9 3.65 -2.02 5.14
N SER A 10 3.22 -2.89 4.23
CA SER A 10 3.42 -4.32 4.37
C SER A 10 4.92 -4.65 4.39
N GLY A 11 5.45 -4.88 5.58
CA GLY A 11 6.86 -5.12 5.73
C GLY A 11 7.48 -4.21 6.77
N LYS A 12 6.68 -3.27 7.27
CA LYS A 12 7.13 -2.40 8.34
C LYS A 12 7.33 -3.21 9.61
N ARG A 13 8.43 -2.99 10.30
CA ARG A 13 8.81 -3.84 11.41
C ARG A 13 8.51 -3.18 12.74
N CYS A 14 8.16 -4.02 13.71
CA CYS A 14 7.96 -3.59 15.08
C CYS A 14 8.64 -4.59 16.01
N TRP A 15 9.59 -4.11 16.78
CA TRP A 15 10.34 -4.97 17.67
C TRP A 15 9.69 -5.01 19.04
N LEU A 16 9.57 -6.21 19.60
CA LEU A 16 8.92 -6.37 20.87
C LEU A 16 9.81 -7.11 21.86
N ALA A 17 10.03 -6.50 23.00
CA ALA A 17 10.79 -7.09 24.09
C ALA A 17 9.90 -7.18 25.33
N VAL A 18 8.87 -8.00 25.22
CA VAL A 18 7.90 -8.14 26.29
C VAL A 18 7.95 -9.56 26.85
N ARG A 19 8.37 -9.67 28.09
CA ARG A 19 8.45 -10.96 28.75
C ARG A 19 7.06 -11.41 29.18
N ASN A 20 6.18 -10.43 29.35
CA ASN A 20 4.78 -10.69 29.64
C ASN A 20 4.08 -11.23 28.41
N ALA A 21 3.97 -12.55 28.33
CA ALA A 21 3.43 -13.22 27.15
C ALA A 21 2.00 -12.81 26.87
N SER A 22 1.24 -12.51 27.92
CA SER A 22 -0.14 -12.09 27.77
C SER A 22 -0.21 -10.78 26.99
N LEU A 23 0.61 -9.82 27.40
CA LEU A 23 0.66 -8.52 26.74
C LEU A 23 1.35 -8.64 25.39
N CYS A 24 2.44 -9.41 25.36
CA CYS A 24 3.23 -9.58 24.15
C CYS A 24 2.37 -10.16 23.03
N GLN A 25 1.70 -11.27 23.31
CA GLN A 25 0.86 -11.94 22.33
C GLN A 25 -0.28 -11.03 21.87
N PHE A 26 -0.89 -10.34 22.82
CA PHE A 26 -2.00 -9.43 22.50
C PHE A 26 -1.56 -8.34 21.53
N LEU A 27 -0.48 -7.66 21.87
CA LEU A 27 0.02 -6.55 21.05
C LEU A 27 0.50 -7.06 19.70
N GLU A 28 1.25 -8.16 19.72
CA GLU A 28 1.88 -8.67 18.50
C GLU A 28 0.83 -9.13 17.48
N THR A 29 -0.23 -9.77 17.94
CA THR A 29 -1.28 -10.25 17.05
C THR A 29 -2.06 -9.08 16.45
N SER A 30 -2.31 -8.07 17.27
CA SER A 30 -3.09 -6.91 16.84
C SER A 30 -2.38 -6.14 15.73
N LEU A 31 -1.06 -6.04 15.82
CA LEU A 31 -0.27 -5.30 14.84
C LEU A 31 -0.14 -6.09 13.54
N GLN A 32 -0.04 -7.40 13.67
CA GLN A 32 0.11 -8.29 12.50
C GLN A 32 -1.21 -8.46 11.76
N ARG A 33 -2.22 -7.72 12.16
CA ARG A 33 -3.53 -7.80 11.51
C ARG A 33 -3.52 -7.06 10.17
N SER A 34 -2.52 -6.21 9.98
CA SER A 34 -2.39 -5.49 8.72
C SER A 34 -1.22 -6.04 7.90
N GLY A 35 -0.08 -5.36 7.95
CA GLY A 35 1.09 -5.81 7.23
C GLY A 35 2.36 -5.52 8.01
N ILE A 36 2.23 -5.55 9.33
CA ILE A 36 3.33 -5.23 10.21
C ILE A 36 3.98 -6.50 10.73
N VAL A 37 5.30 -6.55 10.67
CA VAL A 37 6.03 -7.73 11.13
C VAL A 37 6.60 -7.48 12.52
N VAL A 38 5.99 -8.09 13.51
CA VAL A 38 6.47 -8.00 14.88
C VAL A 38 7.57 -9.03 15.12
N THR A 39 8.72 -8.59 15.60
CA THR A 39 9.85 -9.46 15.77
C THR A 39 10.35 -9.44 17.22
N THR A 40 10.73 -10.60 17.71
CA THR A 40 11.25 -10.73 19.07
C THR A 40 12.59 -10.00 19.20
N TYR A 41 12.61 -8.97 20.02
CA TYR A 41 13.81 -8.18 20.23
C TYR A 41 14.64 -8.76 21.37
N GLU A 42 15.82 -9.26 21.04
CA GLU A 42 16.73 -9.81 22.05
C GLU A 42 18.02 -9.01 22.09
N GLY A 43 18.61 -8.81 20.92
CA GLY A 43 19.85 -8.07 20.83
C GLY A 43 20.06 -7.49 19.46
N GLN A 44 18.97 -7.01 18.87
CA GLN A 44 19.00 -6.47 17.52
C GLN A 44 19.40 -5.00 17.54
N GLU A 45 19.54 -4.42 16.34
CA GLU A 45 19.94 -3.02 16.22
C GLU A 45 18.72 -2.12 16.07
N PRO A 46 18.81 -0.88 16.58
CA PRO A 46 17.71 0.08 16.53
C PRO A 46 17.67 0.85 15.22
N THR A 47 16.55 0.76 14.52
CA THR A 47 16.37 1.48 13.29
C THR A 47 15.46 2.69 13.52
N PRO A 48 15.80 3.86 12.93
CA PRO A 48 15.03 5.09 13.09
C PRO A 48 13.63 5.02 12.49
N GLU A 49 13.30 3.88 11.90
CA GLU A 49 11.99 3.66 11.32
C GLU A 49 11.21 2.66 12.17
N ASP A 50 11.89 2.11 13.16
CA ASP A 50 11.33 1.00 13.94
C ASP A 50 10.96 1.44 15.35
N VAL A 51 10.07 0.68 15.96
CA VAL A 51 9.59 0.97 17.31
C VAL A 51 9.82 -0.22 18.23
N LEU A 52 10.29 0.07 19.45
CA LEU A 52 10.57 -0.99 20.43
C LEU A 52 9.51 -0.98 21.53
N ILE A 53 8.70 -2.02 21.57
CA ILE A 53 7.70 -2.15 22.61
C ILE A 53 8.19 -3.13 23.68
N THR A 54 8.49 -2.62 24.86
CA THR A 54 9.03 -3.45 25.92
C THR A 54 8.10 -3.47 27.14
N ASP A 55 8.35 -4.40 28.05
CA ASP A 55 7.57 -4.49 29.28
C ASP A 55 8.42 -4.12 30.49
N GLU A 56 7.83 -3.33 31.38
CA GLU A 56 8.47 -2.83 32.59
C GLU A 56 9.61 -1.86 32.26
N VAL A 57 10.18 -1.28 33.31
CA VAL A 57 11.28 -0.33 33.17
C VAL A 57 12.45 -0.95 32.41
N VAL A 58 12.80 -0.32 31.29
CA VAL A 58 13.89 -0.79 30.46
C VAL A 58 15.16 0.03 30.74
N SER A 59 16.31 -0.53 30.40
CA SER A 59 17.57 0.13 30.64
C SER A 59 18.25 0.51 29.32
N LYS A 60 17.43 0.70 28.29
CA LYS A 60 17.94 1.06 26.98
C LYS A 60 17.36 2.39 26.53
N LYS A 61 17.89 2.94 25.46
CA LYS A 61 17.44 4.24 24.96
C LYS A 61 16.66 4.08 23.66
N TRP A 62 17.15 3.17 22.80
CA TRP A 62 16.51 2.90 21.51
C TRP A 62 16.50 4.14 20.62
N GLN A 63 17.60 4.34 19.90
CA GLN A 63 17.70 5.44 18.96
C GLN A 63 16.94 5.10 17.68
N GLY A 64 15.63 5.01 17.78
CA GLY A 64 14.81 4.65 16.65
C GLY A 64 13.67 5.60 16.43
N ARG A 65 12.55 5.09 15.95
CA ARG A 65 11.38 5.91 15.68
C ARG A 65 10.64 6.23 16.98
N ALA A 66 10.41 5.19 17.79
CA ALA A 66 9.70 5.35 19.06
C ALA A 66 9.88 4.11 19.92
N VAL A 67 9.67 4.27 21.22
CA VAL A 67 9.69 3.17 22.16
C VAL A 67 8.46 3.24 23.05
N VAL A 68 7.85 2.09 23.29
CA VAL A 68 6.66 2.00 24.11
C VAL A 68 6.95 1.17 25.35
N THR A 69 6.74 1.78 26.51
CA THR A 69 7.01 1.11 27.77
C THR A 69 5.72 0.81 28.53
N PHE A 70 5.27 -0.44 28.41
CA PHE A 70 4.12 -0.90 29.19
C PHE A 70 4.57 -1.17 30.61
N CYS A 71 3.98 -0.48 31.58
CA CYS A 71 4.45 -0.60 32.95
C CYS A 71 3.65 -1.64 33.71
N ARG A 72 4.36 -2.50 34.42
CA ARG A 72 3.73 -3.57 35.19
C ARG A 72 3.84 -3.28 36.68
N ARG A 73 4.96 -2.72 37.10
CA ARG A 73 5.16 -2.38 38.50
C ARG A 73 6.02 -1.13 38.67
N HIS A 74 7.24 -1.17 38.14
CA HIS A 74 8.19 -0.08 38.38
C HIS A 74 8.52 0.68 37.12
N ILE A 75 8.75 1.97 37.30
CA ILE A 75 9.07 2.87 36.22
C ILE A 75 10.53 3.32 36.33
N GLY A 76 10.96 4.17 35.40
CA GLY A 76 12.34 4.62 35.39
C GLY A 76 12.63 5.38 34.12
N ILE A 77 11.98 4.95 33.05
CA ILE A 77 12.00 5.65 31.79
C ILE A 77 10.99 6.80 31.85
N PRO A 78 11.23 7.93 31.16
CA PRO A 78 10.32 9.08 31.17
C PRO A 78 8.96 8.80 30.53
N LEU A 79 8.73 9.38 29.35
CA LEU A 79 7.45 9.26 28.63
C LEU A 79 7.50 10.16 27.39
N GLU A 80 6.33 10.58 26.91
CA GLU A 80 6.22 11.46 25.73
C GLU A 80 6.94 12.79 25.89
N LYS A 81 7.55 13.00 27.04
CA LYS A 81 8.41 14.15 27.25
C LYS A 81 9.74 13.93 26.53
N ALA A 82 9.95 12.71 26.08
CA ALA A 82 11.14 12.36 25.32
C ALA A 82 10.79 12.25 23.83
N PRO A 83 11.78 12.37 22.93
CA PRO A 83 11.55 12.33 21.48
C PRO A 83 11.15 10.95 20.96
N GLY A 84 10.02 10.46 21.41
CA GLY A 84 9.50 9.20 20.94
C GLY A 84 9.42 8.15 22.02
N GLU A 85 8.84 8.50 23.15
CA GLU A 85 8.66 7.56 24.26
C GLU A 85 7.21 7.62 24.74
N TRP A 86 6.64 6.47 25.05
CA TRP A 86 5.25 6.40 25.50
C TRP A 86 5.09 5.37 26.60
N VAL A 87 4.79 5.83 27.81
CA VAL A 87 4.59 4.93 28.94
C VAL A 87 3.12 4.81 29.30
N HIS A 88 2.72 3.62 29.70
CA HIS A 88 1.37 3.38 30.19
C HIS A 88 1.29 2.04 30.90
N SER A 89 0.91 2.07 32.17
CA SER A 89 0.73 0.85 32.93
C SER A 89 -0.63 0.24 32.62
N VAL A 90 -0.64 -0.77 31.77
CA VAL A 90 -1.86 -1.46 31.39
C VAL A 90 -1.54 -2.87 30.95
N ALA A 91 -2.57 -3.65 30.64
CA ALA A 91 -2.39 -5.01 30.17
C ALA A 91 -2.89 -5.15 28.74
N ALA A 92 -2.61 -4.13 27.92
CA ALA A 92 -3.00 -4.12 26.50
C ALA A 92 -4.51 -4.16 26.34
N PRO A 93 -5.20 -3.06 26.69
CA PRO A 93 -6.65 -2.92 26.50
C PRO A 93 -6.99 -2.79 25.02
N HIS A 94 -6.58 -1.68 24.42
CA HIS A 94 -6.81 -1.41 22.99
C HIS A 94 -6.28 -0.03 22.59
N GLU A 95 -5.80 0.74 23.56
CA GLU A 95 -5.43 2.13 23.30
C GLU A 95 -4.02 2.25 22.73
N LEU A 96 -3.06 1.59 23.35
CA LEU A 96 -1.67 1.70 22.90
C LEU A 96 -1.43 1.00 21.55
N PRO A 97 -1.99 -0.21 21.31
CA PRO A 97 -1.96 -0.83 19.99
C PRO A 97 -2.55 0.10 18.93
N ALA A 98 -3.59 0.84 19.29
CA ALA A 98 -4.21 1.81 18.40
C ALA A 98 -3.28 2.99 18.15
N LEU A 99 -2.56 3.39 19.19
CA LEU A 99 -1.58 4.46 19.09
C LEU A 99 -0.48 4.08 18.10
N LEU A 100 -0.08 2.81 18.14
CA LEU A 100 0.93 2.31 17.22
C LEU A 100 0.46 2.41 15.78
N ALA A 101 -0.79 2.02 15.55
CA ALA A 101 -1.39 2.10 14.22
C ALA A 101 -1.53 3.55 13.78
N ARG A 102 -1.74 4.43 14.75
CA ARG A 102 -1.88 5.86 14.49
C ARG A 102 -0.53 6.47 14.10
N ILE A 103 0.50 6.09 14.83
CA ILE A 103 1.85 6.60 14.59
C ILE A 103 2.37 6.14 13.24
N TYR A 104 1.93 4.96 12.80
CA TYR A 104 2.32 4.44 11.50
C TYR A 104 1.40 5.01 10.41
N LEU A 105 0.18 5.34 10.81
CA LEU A 105 -0.84 5.91 9.92
C LEU A 105 -1.33 4.87 8.91
N ILE A 106 -1.60 3.68 9.40
CA ILE A 106 -2.20 2.64 8.57
C ILE A 106 -3.71 2.80 8.55
N GLU A 107 -4.28 2.84 9.75
CA GLU A 107 -5.73 3.05 9.95
C GLU A 107 -6.55 2.11 9.09
N MET A 108 -6.20 0.83 9.11
CA MET A 108 -6.93 -0.18 8.34
C MET A 108 -8.06 -0.77 9.19
N GLU A 109 -7.86 -0.82 10.49
CA GLU A 109 -8.86 -1.34 11.40
C GLU A 109 -9.58 -0.19 12.08
N SER A 110 -10.89 -0.08 11.83
CA SER A 110 -11.70 0.96 12.43
C SER A 110 -12.20 0.54 13.81
N ASP A 111 -11.31 0.59 14.79
CA ASP A 111 -11.62 0.17 16.15
C ASP A 111 -12.40 1.25 16.90
N ASP A 112 -12.16 2.50 16.50
CA ASP A 112 -12.70 3.67 17.22
C ASP A 112 -12.16 3.68 18.65
N PRO A 113 -10.91 4.14 18.81
CA PRO A 113 -10.23 4.12 20.12
C PRO A 113 -10.89 5.03 21.14
N ALA A 114 -11.29 6.23 20.71
CA ALA A 114 -11.81 7.26 21.62
C ALA A 114 -10.85 7.46 22.80
N ASN A 115 -11.34 7.23 24.01
CA ASN A 115 -10.50 7.27 25.20
C ASN A 115 -11.25 6.68 26.39
N ALA A 116 -10.56 5.85 27.15
CA ALA A 116 -11.16 5.18 28.29
C ALA A 116 -11.26 6.13 29.48
N LEU A 117 -10.31 7.03 29.59
CA LEU A 117 -10.26 7.99 30.69
C LEU A 117 -9.39 9.18 30.33
N PRO A 118 -9.86 10.40 30.62
CA PRO A 118 -9.08 11.63 30.36
C PRO A 118 -7.94 11.79 31.35
N SER A 119 -6.93 10.95 31.22
CA SER A 119 -5.81 10.90 32.15
C SER A 119 -5.09 12.25 32.22
N THR A 120 -4.73 12.79 31.07
CA THR A 120 -4.03 14.07 31.01
C THR A 120 -4.54 14.91 29.85
N ASP A 121 -4.70 16.20 30.10
CA ASP A 121 -5.13 17.13 29.06
C ASP A 121 -3.96 17.42 28.12
N LYS A 122 -4.07 16.97 26.88
CA LYS A 122 -3.01 17.14 25.92
C LYS A 122 -3.27 18.33 25.03
N ALA A 123 -2.35 19.29 25.04
CA ALA A 123 -2.43 20.45 24.18
C ALA A 123 -1.99 20.09 22.76
N VAL A 124 -2.86 20.32 21.80
CA VAL A 124 -2.56 19.98 20.42
C VAL A 124 -2.06 21.20 19.66
N SER A 125 -0.75 21.34 19.61
CA SER A 125 -0.12 22.42 18.87
C SER A 125 0.57 21.89 17.62
N ASP A 126 -0.05 22.11 16.46
CA ASP A 126 0.50 21.64 15.20
C ASP A 126 0.74 22.81 14.25
N ASN A 127 1.90 22.82 13.62
CA ASN A 127 2.26 23.85 12.65
C ASN A 127 3.48 23.43 11.86
N ASP A 128 4.44 22.88 12.56
CA ASP A 128 5.65 22.35 11.93
C ASP A 128 5.42 20.90 11.54
N ASP A 129 4.58 20.71 10.53
CA ASP A 129 4.20 19.38 10.09
C ASP A 129 4.32 19.26 8.57
N MET A 130 5.54 19.16 8.09
CA MET A 130 5.78 18.95 6.68
C MET A 130 6.00 17.47 6.41
N MET A 131 5.01 16.85 5.78
CA MET A 131 5.07 15.43 5.49
C MET A 131 5.48 15.18 4.05
N ILE A 132 6.60 14.52 3.87
CA ILE A 132 7.12 14.17 2.55
C ILE A 132 6.97 12.67 2.32
N LEU A 133 6.37 12.30 1.21
CA LEU A 133 6.14 10.89 0.91
C LEU A 133 7.11 10.41 -0.16
N VAL A 134 7.78 9.30 0.11
CA VAL A 134 8.74 8.74 -0.82
C VAL A 134 8.26 7.37 -1.32
N VAL A 135 7.97 7.30 -2.60
CA VAL A 135 7.55 6.06 -3.23
C VAL A 135 8.65 5.53 -4.14
N ASP A 136 9.33 4.49 -3.68
CA ASP A 136 10.45 3.93 -4.46
C ASP A 136 10.15 2.49 -4.86
N ASP A 137 10.47 2.15 -6.10
CA ASP A 137 10.28 0.81 -6.63
C ASP A 137 11.30 -0.16 -6.03
N HIS A 138 12.41 0.39 -5.55
CA HIS A 138 13.47 -0.43 -4.96
C HIS A 138 13.56 -0.17 -3.45
N PRO A 139 13.09 -1.14 -2.65
CA PRO A 139 12.99 -1.02 -1.19
C PRO A 139 14.26 -0.50 -0.49
N ILE A 140 15.42 -1.02 -0.87
CA ILE A 140 16.67 -0.62 -0.25
C ILE A 140 16.98 0.86 -0.53
N ASN A 141 16.65 1.32 -1.73
CA ASN A 141 16.86 2.71 -2.07
C ASN A 141 15.81 3.56 -1.38
N ARG A 142 14.61 3.00 -1.29
CA ARG A 142 13.51 3.65 -0.57
C ARG A 142 13.94 4.03 0.84
N ARG A 143 14.59 3.10 1.53
CA ARG A 143 15.07 3.35 2.88
C ARG A 143 16.26 4.31 2.87
N LEU A 144 17.02 4.31 1.78
CA LEU A 144 18.22 5.12 1.68
C LEU A 144 17.88 6.62 1.61
N LEU A 145 17.02 7.01 0.69
CA LEU A 145 16.64 8.41 0.56
C LEU A 145 15.75 8.82 1.73
N ALA A 146 15.03 7.85 2.28
CA ALA A 146 14.23 8.09 3.47
C ALA A 146 15.13 8.42 4.65
N ASP A 147 16.30 7.79 4.68
CA ASP A 147 17.30 8.06 5.71
C ASP A 147 17.81 9.48 5.58
N GLN A 148 18.08 9.89 4.34
CA GLN A 148 18.51 11.25 4.06
C GLN A 148 17.46 12.25 4.55
N LEU A 149 16.20 11.95 4.23
CA LEU A 149 15.08 12.79 4.65
C LEU A 149 15.01 12.86 6.18
N GLY A 150 15.19 11.71 6.83
CA GLY A 150 15.17 11.65 8.28
C GLY A 150 16.36 12.37 8.89
N SER A 151 17.42 12.54 8.12
CA SER A 151 18.60 13.25 8.57
C SER A 151 18.34 14.76 8.58
N LEU A 152 17.48 15.22 7.67
CA LEU A 152 17.05 16.60 7.66
C LEU A 152 16.17 16.89 8.88
N GLY A 153 15.25 15.97 9.15
CA GLY A 153 14.43 16.08 10.35
C GLY A 153 13.01 16.52 10.08
N TYR A 154 12.29 15.76 9.27
CA TYR A 154 10.90 16.06 8.97
C TYR A 154 10.09 14.77 8.84
N GLN A 155 8.80 14.90 8.55
CA GLN A 155 7.92 13.75 8.46
C GLN A 155 8.20 12.99 7.17
N CYS A 156 8.54 11.72 7.31
CA CYS A 156 8.89 10.90 6.15
C CYS A 156 7.98 9.68 6.08
N LYS A 157 7.26 9.55 4.97
CA LYS A 157 6.37 8.41 4.77
C LYS A 157 6.92 7.52 3.66
N THR A 158 7.27 6.30 4.04
CA THR A 158 7.86 5.35 3.11
C THR A 158 6.78 4.50 2.44
N ALA A 159 6.65 4.65 1.13
CA ALA A 159 5.64 3.92 0.39
C ALA A 159 6.23 3.28 -0.87
N ASN A 160 5.43 2.45 -1.53
CA ASN A 160 5.84 1.76 -2.75
C ASN A 160 4.59 1.28 -3.49
N ASP A 161 4.18 2.08 -4.49
CA ASP A 161 3.01 1.79 -5.33
C ASP A 161 2.69 3.01 -6.19
N GLY A 162 2.01 2.78 -7.30
CA GLY A 162 1.68 3.88 -8.18
C GLY A 162 0.35 4.51 -7.83
N VAL A 163 -0.67 3.68 -7.65
CA VAL A 163 -2.01 4.16 -7.34
C VAL A 163 -2.10 4.64 -5.90
N ASP A 164 -1.38 3.97 -5.00
CA ASP A 164 -1.41 4.31 -3.59
C ASP A 164 -0.75 5.65 -3.30
N ALA A 165 0.08 6.13 -4.22
CA ALA A 165 0.65 7.47 -4.11
C ALA A 165 -0.47 8.52 -4.19
N LEU A 166 -1.27 8.42 -5.25
CA LEU A 166 -2.43 9.27 -5.40
C LEU A 166 -3.41 9.04 -4.25
N ASN A 167 -3.56 7.77 -3.90
CA ASN A 167 -4.42 7.35 -2.81
C ASN A 167 -3.97 7.98 -1.49
N VAL A 168 -2.67 8.25 -1.38
CA VAL A 168 -2.11 8.82 -0.18
C VAL A 168 -2.50 10.30 -0.06
N LEU A 169 -2.60 11.00 -1.20
CA LEU A 169 -3.06 12.38 -1.19
C LEU A 169 -4.51 12.45 -0.73
N SER A 170 -5.26 11.41 -1.07
CA SER A 170 -6.65 11.31 -0.65
C SER A 170 -6.76 10.88 0.81
N LYS A 171 -5.74 10.18 1.29
CA LYS A 171 -5.72 9.69 2.66
C LYS A 171 -5.37 10.80 3.65
N ASN A 172 -4.32 11.54 3.35
CA ASN A 172 -3.85 12.61 4.23
C ASN A 172 -3.04 13.63 3.44
N HIS A 173 -2.62 14.69 4.10
CA HIS A 173 -1.94 15.78 3.39
C HIS A 173 -0.43 15.59 3.36
N ILE A 174 0.05 15.05 2.26
CA ILE A 174 1.47 15.07 1.98
C ILE A 174 1.78 16.28 1.11
N ASP A 175 2.82 17.03 1.44
CA ASP A 175 3.10 18.29 0.75
C ASP A 175 3.95 18.03 -0.50
N ILE A 176 4.97 17.20 -0.37
CA ILE A 176 5.84 16.88 -1.49
C ILE A 176 5.84 15.37 -1.74
N VAL A 177 5.56 14.98 -2.98
CA VAL A 177 5.56 13.57 -3.34
C VAL A 177 6.80 13.25 -4.18
N LEU A 178 7.60 12.31 -3.72
CA LEU A 178 8.76 11.88 -4.47
C LEU A 178 8.51 10.51 -5.10
N SER A 179 8.61 10.44 -6.41
CA SER A 179 8.43 9.20 -7.13
C SER A 179 9.78 8.73 -7.68
N ASP A 180 10.32 7.70 -7.06
CA ASP A 180 11.64 7.20 -7.42
C ASP A 180 11.52 5.89 -8.18
N VAL A 181 12.02 5.88 -9.40
CA VAL A 181 11.92 4.71 -10.26
C VAL A 181 13.29 4.28 -10.79
N ASN A 182 13.68 3.06 -10.47
CA ASN A 182 14.91 2.49 -10.98
C ASN A 182 14.60 1.39 -11.98
N MET A 183 13.55 0.63 -11.71
CA MET A 183 13.18 -0.47 -12.58
C MET A 183 11.76 -0.30 -13.13
N PRO A 184 11.60 -0.48 -14.45
CA PRO A 184 10.30 -0.37 -15.11
C PRO A 184 9.47 -1.64 -14.95
N ASN A 185 9.10 -1.95 -13.71
CA ASN A 185 8.32 -3.14 -13.40
C ASN A 185 6.83 -2.88 -13.66
N MET A 186 6.48 -1.62 -13.90
CA MET A 186 5.09 -1.23 -14.06
C MET A 186 4.98 0.01 -14.92
N ASP A 187 3.94 0.07 -15.74
CA ASP A 187 3.67 1.23 -16.59
C ASP A 187 3.36 2.46 -15.74
N GLY A 188 3.99 3.59 -16.05
CA GLY A 188 3.87 4.75 -15.21
C GLY A 188 2.95 5.82 -15.77
N TYR A 189 2.35 5.55 -16.92
CA TYR A 189 1.48 6.54 -17.57
C TYR A 189 0.20 6.70 -16.76
N ARG A 190 -0.34 5.57 -16.32
CA ARG A 190 -1.52 5.55 -15.49
C ARG A 190 -1.28 6.35 -14.21
N LEU A 191 -0.04 6.32 -13.72
CA LEU A 191 0.29 6.98 -12.47
C LEU A 191 0.08 8.48 -12.57
N THR A 192 0.72 9.11 -13.55
CA THR A 192 0.65 10.56 -13.71
C THR A 192 -0.76 11.00 -14.06
N GLN A 193 -1.38 10.28 -15.00
CA GLN A 193 -2.72 10.62 -15.44
C GLN A 193 -3.72 10.54 -14.29
N ARG A 194 -3.70 9.43 -13.57
CA ARG A 194 -4.66 9.20 -12.49
C ARG A 194 -4.46 10.18 -11.34
N ILE A 195 -3.20 10.44 -10.99
CA ILE A 195 -2.89 11.29 -9.86
C ILE A 195 -3.36 12.74 -10.10
N ARG A 196 -3.17 13.24 -11.31
CA ARG A 196 -3.59 14.59 -11.64
C ARG A 196 -5.10 14.63 -11.85
N GLN A 197 -5.66 13.54 -12.38
CA GLN A 197 -7.08 13.47 -12.70
C GLN A 197 -7.93 13.45 -11.43
N LEU A 198 -7.54 12.63 -10.47
CA LEU A 198 -8.34 12.46 -9.26
C LEU A 198 -8.22 13.65 -8.32
N GLY A 199 -7.10 14.36 -8.39
CA GLY A 199 -6.95 15.56 -7.59
C GLY A 199 -5.53 15.81 -7.12
N LEU A 200 -4.66 16.19 -8.05
CA LEU A 200 -3.31 16.58 -7.70
C LEU A 200 -3.28 18.06 -7.31
N THR A 201 -2.72 18.35 -6.15
CA THR A 201 -2.69 19.72 -5.65
C THR A 201 -1.27 20.12 -5.23
N LEU A 202 -0.37 19.15 -5.20
CA LEU A 202 0.97 19.38 -4.65
C LEU A 202 2.03 19.05 -5.70
N PRO A 203 3.25 19.60 -5.54
CA PRO A 203 4.36 19.36 -6.47
C PRO A 203 4.93 17.94 -6.35
N VAL A 204 5.26 17.36 -7.50
CA VAL A 204 5.82 16.03 -7.53
C VAL A 204 7.26 16.04 -8.04
N ILE A 205 8.13 15.34 -7.33
CA ILE A 205 9.52 15.21 -7.75
C ILE A 205 9.75 13.83 -8.36
N GLY A 206 10.04 13.80 -9.63
CA GLY A 206 10.32 12.54 -10.30
C GLY A 206 11.80 12.25 -10.33
N VAL A 207 12.22 11.27 -9.57
CA VAL A 207 13.61 10.86 -9.55
C VAL A 207 13.74 9.52 -10.25
N THR A 208 14.51 9.49 -11.33
CA THR A 208 14.57 8.33 -12.19
C THR A 208 16.01 7.93 -12.49
N ALA A 209 16.20 6.67 -12.79
CA ALA A 209 17.50 6.18 -13.20
C ALA A 209 17.69 6.43 -14.70
N ASN A 210 18.53 7.42 -15.02
CA ASN A 210 18.83 7.80 -16.40
C ASN A 210 17.61 8.42 -17.08
N ALA A 211 17.64 9.74 -17.23
CA ALA A 211 16.51 10.48 -17.77
C ALA A 211 16.46 10.43 -19.29
N LEU A 212 16.50 9.22 -19.84
CA LEU A 212 16.46 9.03 -21.29
C LEU A 212 15.02 9.12 -21.79
N ALA A 213 14.17 8.26 -21.28
CA ALA A 213 12.76 8.25 -21.67
C ALA A 213 11.93 9.08 -20.71
N GLU A 214 12.49 9.32 -19.53
CA GLU A 214 11.82 10.07 -18.48
C GLU A 214 11.41 11.45 -18.97
N GLU A 215 12.38 12.20 -19.50
CA GLU A 215 12.16 13.58 -19.93
C GLU A 215 10.95 13.68 -20.86
N LYS A 216 10.88 12.78 -21.82
CA LYS A 216 9.82 12.82 -22.82
C LYS A 216 8.45 12.58 -22.19
N GLN A 217 8.32 11.50 -21.42
CA GLN A 217 7.03 11.12 -20.87
C GLN A 217 6.57 12.09 -19.79
N ARG A 218 7.48 12.48 -18.91
CA ARG A 218 7.13 13.35 -17.79
C ARG A 218 6.71 14.74 -18.30
N CYS A 219 7.24 15.14 -19.45
CA CYS A 219 6.83 16.39 -20.07
C CYS A 219 5.44 16.26 -20.68
N LEU A 220 5.19 15.11 -21.30
CA LEU A 220 3.90 14.85 -21.93
C LEU A 220 2.79 14.80 -20.88
N GLU A 221 3.07 14.15 -19.76
CA GLU A 221 2.12 14.04 -18.67
C GLU A 221 1.97 15.36 -17.94
N SER A 222 3.11 16.03 -17.72
CA SER A 222 3.16 17.28 -16.96
C SER A 222 2.42 17.15 -15.63
N GLY A 223 2.74 16.09 -14.89
CA GLY A 223 2.08 15.84 -13.63
C GLY A 223 3.05 15.74 -12.48
N MET A 224 4.27 16.22 -12.69
CA MET A 224 5.29 16.20 -11.66
C MET A 224 5.63 17.63 -11.24
N ASP A 225 6.86 18.04 -11.54
CA ASP A 225 7.34 19.41 -11.33
C ASP A 225 8.85 19.45 -11.41
N SER A 226 9.51 18.67 -10.56
CA SER A 226 10.96 18.58 -10.57
C SER A 226 11.39 17.18 -10.98
N CYS A 227 12.66 17.03 -11.32
CA CYS A 227 13.20 15.74 -11.74
C CYS A 227 14.67 15.63 -11.35
N LEU A 228 15.07 14.45 -10.90
CA LEU A 228 16.47 14.21 -10.53
C LEU A 228 16.85 12.77 -10.82
N SER A 229 18.10 12.44 -10.56
CA SER A 229 18.62 11.09 -10.81
C SER A 229 18.44 10.20 -9.58
N LYS A 230 18.18 8.92 -9.83
CA LYS A 230 18.04 7.92 -8.75
C LYS A 230 19.15 8.03 -7.70
N PRO A 231 20.44 8.06 -8.10
CA PRO A 231 21.55 8.27 -7.14
C PRO A 231 21.61 9.72 -6.64
N VAL A 232 20.57 10.14 -5.93
CA VAL A 232 20.50 11.49 -5.39
C VAL A 232 21.49 11.64 -4.23
N THR A 233 22.01 12.84 -4.07
CA THR A 233 22.95 13.13 -3.00
C THR A 233 22.25 13.88 -1.87
N LEU A 234 22.87 13.86 -0.69
CA LEU A 234 22.30 14.52 0.50
C LEU A 234 22.07 16.01 0.23
N ASP A 235 23.04 16.66 -0.37
CA ASP A 235 22.95 18.10 -0.61
C ASP A 235 21.85 18.41 -1.60
N VAL A 236 21.80 17.63 -2.67
CA VAL A 236 20.80 17.82 -3.72
C VAL A 236 19.39 17.61 -3.17
N ILE A 237 19.22 16.57 -2.37
CA ILE A 237 17.94 16.27 -1.75
C ILE A 237 17.55 17.37 -0.75
N LYS A 238 18.57 17.93 -0.09
CA LYS A 238 18.35 18.96 0.92
C LYS A 238 17.89 20.27 0.27
N GLN A 239 18.59 20.69 -0.78
CA GLN A 239 18.27 21.96 -1.43
C GLN A 239 16.90 21.89 -2.10
N THR A 240 16.59 20.77 -2.75
CA THR A 240 15.31 20.61 -3.42
C THR A 240 14.16 20.63 -2.41
N LEU A 241 14.33 19.94 -1.29
CA LEU A 241 13.32 19.91 -0.23
C LEU A 241 13.14 21.28 0.40
N THR A 242 14.26 21.96 0.64
CA THR A 242 14.23 23.28 1.25
C THR A 242 13.54 24.30 0.34
N LEU A 243 13.89 24.26 -0.95
CA LEU A 243 13.30 25.16 -1.94
C LEU A 243 11.78 24.96 -1.99
N TYR A 244 11.36 23.72 -1.93
CA TYR A 244 9.95 23.39 -2.00
C TYR A 244 9.23 23.80 -0.72
N ALA A 245 9.91 23.63 0.41
CA ALA A 245 9.36 24.01 1.70
C ALA A 245 9.09 25.51 1.76
N GLU A 246 9.99 26.28 1.18
CA GLU A 246 9.82 27.73 1.14
C GLU A 246 8.84 28.12 0.03
N ARG A 247 8.71 27.25 -0.97
CA ARG A 247 7.79 27.47 -2.07
C ARG A 247 6.35 27.40 -1.59
N VAL A 248 6.04 26.36 -0.83
CA VAL A 248 4.71 26.22 -0.24
C VAL A 248 4.50 27.29 0.83
N ARG A 249 5.59 27.70 1.47
CA ARG A 249 5.56 28.80 2.42
C ARG A 249 5.03 30.08 1.75
N LYS A 250 5.35 30.23 0.47
CA LYS A 250 4.87 31.37 -0.30
C LYS A 250 3.36 31.29 -0.53
N SER A 251 2.91 30.12 -0.97
CA SER A 251 1.51 29.91 -1.32
C SER A 251 0.58 29.91 -0.10
N ARG A 252 1.00 29.26 0.97
CA ARG A 252 0.17 29.11 2.16
C ARG A 252 0.37 30.26 3.13
N ASP A 253 1.61 30.77 3.16
CA ASP A 253 2.01 31.84 4.07
C ASP A 253 1.79 31.46 5.53
N SER A 254 1.90 32.43 6.41
CA SER A 254 1.69 32.20 7.84
C SER A 254 0.39 32.85 8.30
N MET A 1 -10.58 15.50 10.46
CA MET A 1 -9.96 14.26 10.99
C MET A 1 -9.49 13.39 9.85
N GLY A 2 -8.23 12.95 9.92
CA GLY A 2 -7.68 12.07 8.92
C GLY A 2 -6.53 11.25 9.46
N GLY A 3 -6.80 10.01 9.83
CA GLY A 3 -5.78 9.14 10.37
C GLY A 3 -6.34 7.80 10.79
N SER A 4 -6.32 6.84 9.88
CA SER A 4 -6.92 5.54 10.13
C SER A 4 -5.93 4.61 10.84
N GLY A 5 -4.93 4.14 10.10
CA GLY A 5 -3.97 3.21 10.68
C GLY A 5 -4.34 1.76 10.46
N VAL A 6 -5.64 1.45 10.60
CA VAL A 6 -6.17 0.10 10.38
C VAL A 6 -5.47 -0.94 11.29
N GLU A 7 -4.98 -0.47 12.43
CA GLU A 7 -4.21 -1.29 13.37
C GLU A 7 -3.02 -1.96 12.68
N GLY A 8 -2.47 -1.28 11.69
CA GLY A 8 -1.31 -1.80 10.99
C GLY A 8 -1.51 -1.77 9.49
N LEU A 9 -0.42 -1.55 8.77
CA LEU A 9 -0.45 -1.52 7.32
C LEU A 9 0.41 -2.65 6.76
N SER A 10 1.13 -2.39 5.69
CA SER A 10 2.00 -3.38 5.10
C SER A 10 3.41 -2.84 4.92
N GLY A 11 4.40 -3.69 5.21
CA GLY A 11 5.78 -3.33 4.96
C GLY A 11 6.39 -2.45 6.03
N LYS A 12 6.17 -2.81 7.28
CA LYS A 12 6.76 -2.09 8.40
C LYS A 12 7.08 -3.07 9.52
N ARG A 13 8.06 -2.74 10.35
CA ARG A 13 8.55 -3.66 11.35
C ARG A 13 8.35 -3.14 12.77
N CYS A 14 8.30 -4.05 13.72
CA CYS A 14 8.25 -3.71 15.13
C CYS A 14 9.08 -4.69 15.92
N TRP A 15 9.72 -4.22 16.98
CA TRP A 15 10.51 -5.06 17.85
C TRP A 15 9.87 -5.11 19.23
N LEU A 16 9.72 -6.31 19.77
CA LEU A 16 9.03 -6.46 21.04
C LEU A 16 9.91 -7.15 22.07
N ALA A 17 9.96 -6.55 23.25
CA ALA A 17 10.66 -7.12 24.39
C ALA A 17 9.71 -7.17 25.58
N VAL A 18 8.68 -7.99 25.45
CA VAL A 18 7.62 -8.07 26.44
C VAL A 18 7.67 -9.43 27.12
N ARG A 19 7.57 -9.43 28.43
CA ARG A 19 7.70 -10.66 29.20
C ARG A 19 6.33 -11.19 29.60
N ASN A 20 5.38 -10.28 29.74
CA ASN A 20 3.99 -10.66 29.99
C ASN A 20 3.36 -11.21 28.72
N ALA A 21 2.82 -12.41 28.79
CA ALA A 21 2.31 -13.11 27.62
C ALA A 21 1.04 -12.46 27.10
N SER A 22 0.17 -12.04 28.01
CA SER A 22 -1.07 -11.37 27.64
C SER A 22 -0.77 -10.08 26.87
N LEU A 23 0.23 -9.35 27.34
CA LEU A 23 0.63 -8.09 26.73
C LEU A 23 1.32 -8.33 25.40
N CYS A 24 2.29 -9.24 25.41
CA CYS A 24 3.07 -9.55 24.22
C CYS A 24 2.18 -10.06 23.10
N GLN A 25 1.37 -11.07 23.40
CA GLN A 25 0.52 -11.71 22.40
C GLN A 25 -0.51 -10.75 21.82
N PHE A 26 -1.10 -9.91 22.66
CA PHE A 26 -2.11 -8.97 22.19
C PHE A 26 -1.50 -7.98 21.22
N LEU A 27 -0.33 -7.47 21.56
CA LEU A 27 0.34 -6.50 20.72
C LEU A 27 0.81 -7.13 19.40
N GLU A 28 1.46 -8.29 19.51
CA GLU A 28 2.02 -8.97 18.35
C GLU A 28 0.92 -9.38 17.37
N THR A 29 -0.19 -9.91 17.88
CA THR A 29 -1.27 -10.38 17.04
C THR A 29 -2.01 -9.22 16.38
N SER A 30 -2.12 -8.09 17.09
CA SER A 30 -2.79 -6.91 16.54
C SER A 30 -1.98 -6.30 15.40
N LEU A 31 -0.66 -6.32 15.53
CA LEU A 31 0.21 -5.77 14.49
C LEU A 31 0.25 -6.72 13.29
N GLN A 32 0.34 -8.01 13.56
CA GLN A 32 0.35 -9.02 12.52
C GLN A 32 -1.04 -9.25 11.94
N ARG A 33 -1.99 -8.39 12.30
CA ARG A 33 -3.36 -8.49 11.80
C ARG A 33 -3.42 -8.04 10.34
N SER A 34 -2.61 -7.05 10.00
CA SER A 34 -2.54 -6.56 8.64
C SER A 34 -1.31 -7.14 7.92
N GLY A 35 -0.21 -6.38 7.94
CA GLY A 35 1.01 -6.81 7.29
C GLY A 35 2.22 -6.23 7.96
N ILE A 36 2.18 -6.16 9.28
CA ILE A 36 3.29 -5.63 10.06
C ILE A 36 4.07 -6.80 10.66
N VAL A 37 5.38 -6.80 10.46
CA VAL A 37 6.21 -7.89 10.93
C VAL A 37 6.87 -7.54 12.26
N VAL A 38 6.50 -8.28 13.30
CA VAL A 38 7.09 -8.09 14.62
C VAL A 38 8.18 -9.13 14.86
N THR A 39 9.19 -8.76 15.62
CA THR A 39 10.29 -9.66 15.90
C THR A 39 10.77 -9.48 17.34
N THR A 40 11.03 -10.61 17.99
CA THR A 40 11.59 -10.62 19.32
C THR A 40 12.89 -9.81 19.37
N TYR A 41 12.96 -8.85 20.28
CA TYR A 41 14.13 -8.01 20.40
C TYR A 41 15.26 -8.77 21.08
N GLU A 42 16.01 -9.53 20.27
CA GLU A 42 17.19 -10.22 20.75
C GLU A 42 18.31 -9.22 21.04
N GLY A 43 18.70 -8.50 20.01
CA GLY A 43 19.74 -7.51 20.16
C GLY A 43 20.03 -6.81 18.85
N GLN A 44 18.98 -6.35 18.19
CA GLN A 44 19.12 -5.69 16.91
C GLN A 44 19.31 -4.19 17.11
N GLU A 45 20.08 -3.58 16.23
CA GLU A 45 20.37 -2.15 16.31
C GLU A 45 19.11 -1.33 16.01
N PRO A 46 18.95 -0.19 16.70
CA PRO A 46 17.75 0.65 16.57
C PRO A 46 17.62 1.29 15.18
N THR A 47 16.40 1.24 14.64
CA THR A 47 16.10 1.86 13.37
C THR A 47 15.05 2.96 13.54
N PRO A 48 15.21 4.10 12.83
CA PRO A 48 14.32 5.27 12.96
C PRO A 48 12.88 4.98 12.52
N GLU A 49 12.67 3.91 11.77
CA GLU A 49 11.34 3.55 11.30
C GLU A 49 10.73 2.48 12.21
N ASP A 50 11.50 2.04 13.18
CA ASP A 50 11.12 0.88 13.98
C ASP A 50 10.76 1.29 15.40
N VAL A 51 9.94 0.48 16.04
CA VAL A 51 9.48 0.74 17.38
C VAL A 51 9.90 -0.36 18.34
N LEU A 52 10.14 0.01 19.59
CA LEU A 52 10.51 -0.94 20.61
C LEU A 52 9.47 -0.97 21.72
N ILE A 53 8.68 -2.03 21.74
CA ILE A 53 7.67 -2.19 22.77
C ILE A 53 8.23 -3.06 23.89
N THR A 54 8.49 -2.44 25.02
CA THR A 54 9.19 -3.10 26.10
C THR A 54 8.30 -3.28 27.34
N ASP A 55 8.53 -4.37 28.06
CA ASP A 55 7.78 -4.68 29.26
C ASP A 55 8.55 -4.24 30.50
N GLU A 56 7.93 -3.38 31.29
CA GLU A 56 8.55 -2.80 32.49
C GLU A 56 9.86 -2.09 32.13
N VAL A 57 10.81 -2.05 33.06
CA VAL A 57 12.03 -1.27 32.85
C VAL A 57 13.18 -2.14 32.35
N VAL A 58 13.50 -1.98 31.07
CA VAL A 58 14.71 -2.57 30.52
C VAL A 58 15.76 -1.48 30.33
N SER A 59 15.33 -0.24 30.54
CA SER A 59 16.19 0.94 30.42
C SER A 59 16.90 0.98 29.07
N LYS A 60 16.16 0.71 28.00
CA LYS A 60 16.72 0.77 26.66
C LYS A 60 16.42 2.12 26.02
N LYS A 61 17.47 2.87 25.71
CA LYS A 61 17.31 4.15 25.04
C LYS A 61 17.17 3.91 23.54
N TRP A 62 15.96 3.57 23.13
CA TRP A 62 15.65 3.26 21.75
C TRP A 62 15.68 4.52 20.88
N GLN A 63 16.75 4.68 20.11
CA GLN A 63 16.85 5.78 19.17
C GLN A 63 16.23 5.38 17.84
N GLY A 64 14.93 5.60 17.71
CA GLY A 64 14.23 5.24 16.51
C GLY A 64 12.90 5.93 16.38
N ARG A 65 11.89 5.20 15.93
CA ARG A 65 10.56 5.78 15.75
C ARG A 65 9.93 6.06 17.10
N ALA A 66 9.76 5.03 17.91
CA ALA A 66 9.14 5.17 19.22
C ALA A 66 9.42 3.96 20.10
N VAL A 67 9.59 4.21 21.38
CA VAL A 67 9.75 3.16 22.36
C VAL A 67 8.61 3.22 23.37
N VAL A 68 7.84 2.15 23.45
CA VAL A 68 6.70 2.10 24.35
C VAL A 68 6.99 1.17 25.53
N THR A 69 7.17 1.76 26.69
CA THR A 69 7.44 1.03 27.90
C THR A 69 6.15 0.83 28.71
N PHE A 70 5.73 -0.41 28.87
CA PHE A 70 4.56 -0.71 29.66
C PHE A 70 4.97 -1.16 31.04
N CYS A 71 5.03 -0.22 31.97
CA CYS A 71 5.46 -0.50 33.32
C CYS A 71 4.34 -0.20 34.30
N ARG A 72 4.08 -1.12 35.21
CA ARG A 72 2.94 -1.00 36.09
C ARG A 72 3.38 -0.70 37.52
N ARG A 73 4.18 -1.59 38.08
CA ARG A 73 4.65 -1.43 39.44
C ARG A 73 6.08 -0.93 39.49
N HIS A 74 6.83 -1.21 38.43
CA HIS A 74 8.22 -0.78 38.35
C HIS A 74 8.36 0.31 37.30
N ILE A 75 8.26 1.56 37.74
CA ILE A 75 8.36 2.69 36.84
C ILE A 75 9.74 3.31 36.92
N GLY A 76 10.53 3.14 35.86
CA GLY A 76 11.87 3.69 35.84
C GLY A 76 12.19 4.41 34.54
N ILE A 77 11.33 4.26 33.55
CA ILE A 77 11.54 4.88 32.25
C ILE A 77 10.62 6.09 32.08
N PRO A 78 11.16 7.19 31.52
CA PRO A 78 10.42 8.43 31.29
C PRO A 78 9.34 8.29 30.21
N LEU A 79 8.41 9.22 30.19
CA LEU A 79 7.30 9.19 29.24
C LEU A 79 7.57 10.11 28.06
N GLU A 80 6.49 10.53 27.41
CA GLU A 80 6.54 11.48 26.29
C GLU A 80 7.13 12.83 26.71
N LYS A 81 8.41 12.80 26.93
CA LYS A 81 9.21 14.00 27.14
C LYS A 81 10.44 13.93 26.24
N ALA A 82 10.82 12.72 25.90
CA ALA A 82 11.91 12.47 24.98
C ALA A 82 11.35 12.26 23.57
N PRO A 83 12.20 12.33 22.52
CA PRO A 83 11.76 12.19 21.14
C PRO A 83 11.29 10.77 20.79
N GLY A 84 10.15 10.38 21.33
CA GLY A 84 9.57 9.10 20.99
C GLY A 84 9.45 8.17 22.18
N GLU A 85 9.51 8.72 23.39
CA GLU A 85 9.39 7.92 24.59
C GLU A 85 7.95 7.91 25.07
N TRP A 86 7.39 6.72 25.25
CA TRP A 86 6.02 6.58 25.70
C TRP A 86 5.96 5.55 26.82
N VAL A 87 5.20 5.83 27.86
CA VAL A 87 4.99 4.85 28.93
C VAL A 87 3.52 4.76 29.31
N HIS A 88 3.16 3.67 29.97
CA HIS A 88 1.83 3.48 30.52
C HIS A 88 1.79 2.22 31.37
N SER A 89 0.99 2.23 32.42
CA SER A 89 0.77 1.03 33.21
C SER A 89 -0.56 0.39 32.83
N VAL A 90 -0.50 -0.64 32.01
CA VAL A 90 -1.69 -1.35 31.55
C VAL A 90 -1.28 -2.71 30.99
N ALA A 91 -2.27 -3.49 30.59
CA ALA A 91 -2.01 -4.79 29.99
C ALA A 91 -2.59 -4.86 28.58
N ALA A 92 -2.05 -4.00 27.70
CA ALA A 92 -2.47 -3.96 26.30
C ALA A 92 -3.98 -3.75 26.15
N PRO A 93 -4.49 -2.56 26.53
CA PRO A 93 -5.92 -2.26 26.50
C PRO A 93 -6.37 -1.69 25.15
N HIS A 94 -5.86 -2.26 24.06
CA HIS A 94 -6.25 -1.88 22.69
C HIS A 94 -5.68 -0.52 22.27
N GLU A 95 -5.45 0.37 23.22
CA GLU A 95 -4.99 1.73 22.91
C GLU A 95 -3.59 1.74 22.31
N LEU A 96 -2.72 0.85 22.78
CA LEU A 96 -1.35 0.81 22.30
C LEU A 96 -1.27 0.36 20.84
N PRO A 97 -1.84 -0.81 20.48
CA PRO A 97 -1.85 -1.26 19.08
C PRO A 97 -2.49 -0.23 18.14
N ALA A 98 -3.48 0.49 18.64
CA ALA A 98 -4.13 1.55 17.87
C ALA A 98 -3.17 2.72 17.64
N LEU A 99 -2.46 3.11 18.69
CA LEU A 99 -1.49 4.19 18.60
C LEU A 99 -0.36 3.81 17.65
N LEU A 100 0.06 2.55 17.71
CA LEU A 100 1.12 2.04 16.85
C LEU A 100 0.72 2.14 15.38
N ALA A 101 -0.57 1.94 15.11
CA ALA A 101 -1.09 2.02 13.75
C ALA A 101 -0.93 3.41 13.18
N ARG A 102 -1.42 4.42 13.91
CA ARG A 102 -1.32 5.81 13.44
C ARG A 102 0.12 6.33 13.53
N ILE A 103 0.92 5.68 14.37
CA ILE A 103 2.33 6.02 14.48
C ILE A 103 3.07 5.60 13.21
N TYR A 104 2.54 4.57 12.55
CA TYR A 104 3.06 4.15 11.26
C TYR A 104 2.49 5.05 10.17
N LEU A 105 1.16 5.03 10.04
CA LEU A 105 0.43 5.82 9.05
C LEU A 105 1.00 5.64 7.65
N ILE A 106 0.65 4.54 7.02
CA ILE A 106 1.09 4.29 5.65
C ILE A 106 -0.10 4.34 4.71
N GLU A 107 -1.24 3.82 5.19
CA GLU A 107 -2.51 3.82 4.44
C GLU A 107 -2.30 3.48 2.97
N MET A 108 -1.59 2.39 2.74
CA MET A 108 -1.15 2.01 1.39
C MET A 108 -1.99 0.85 0.85
N GLU A 109 -1.63 0.41 -0.36
CA GLU A 109 -2.25 -0.75 -1.00
C GLU A 109 -3.69 -0.47 -1.39
N SER A 110 -4.44 -1.53 -1.72
CA SER A 110 -5.85 -1.39 -2.03
C SER A 110 -6.62 -1.04 -0.77
N ASP A 111 -7.00 0.22 -0.66
CA ASP A 111 -7.75 0.71 0.47
C ASP A 111 -9.17 0.15 0.44
N ASP A 112 -9.39 -0.86 1.27
CA ASP A 112 -10.71 -1.46 1.40
C ASP A 112 -11.69 -0.43 1.95
N PRO A 113 -12.90 -0.34 1.37
CA PRO A 113 -13.92 0.61 1.80
C PRO A 113 -14.56 0.24 3.14
N ALA A 114 -13.72 -0.08 4.12
CA ALA A 114 -14.19 -0.44 5.45
C ALA A 114 -14.30 0.81 6.33
N ASN A 115 -14.49 1.96 5.69
CA ASN A 115 -14.67 3.21 6.40
C ASN A 115 -15.91 3.16 7.27
N ALA A 116 -15.74 3.44 8.55
CA ALA A 116 -16.83 3.36 9.50
C ALA A 116 -17.85 4.46 9.26
N LEU A 117 -19.07 4.24 9.74
CA LEU A 117 -20.12 5.23 9.64
C LEU A 117 -20.27 5.95 10.97
N PRO A 118 -19.82 7.21 11.04
CA PRO A 118 -19.83 8.02 12.26
C PRO A 118 -21.21 8.60 12.54
N SER A 119 -22.21 7.73 12.60
CA SER A 119 -23.57 8.14 12.91
C SER A 119 -23.72 8.45 14.39
N THR A 120 -23.23 9.62 14.78
CA THR A 120 -23.28 10.06 16.16
C THR A 120 -23.19 11.59 16.23
N ASP A 121 -23.32 12.20 15.05
CA ASP A 121 -23.21 13.65 14.89
C ASP A 121 -21.85 14.17 15.34
N LYS A 122 -21.79 14.74 16.54
CA LYS A 122 -20.56 15.29 17.10
C LYS A 122 -19.97 16.35 16.18
N ALA A 123 -20.84 17.08 15.49
CA ALA A 123 -20.41 18.15 14.61
C ALA A 123 -20.09 19.39 15.41
N VAL A 124 -18.92 19.41 16.02
CA VAL A 124 -18.49 20.51 16.87
C VAL A 124 -18.02 21.71 16.05
N SER A 125 -18.53 21.83 14.82
CA SER A 125 -18.11 22.88 13.90
C SER A 125 -16.58 22.90 13.77
N ASP A 126 -16.06 21.90 13.05
CA ASP A 126 -14.62 21.75 12.88
C ASP A 126 -14.04 23.02 12.26
N ASN A 127 -13.08 23.60 12.94
CA ASN A 127 -12.52 24.89 12.56
C ASN A 127 -11.73 24.80 11.26
N ASP A 128 -10.85 23.81 11.18
CA ASP A 128 -9.93 23.71 10.06
C ASP A 128 -10.15 22.45 9.24
N ASP A 129 -9.89 22.58 7.94
CA ASP A 129 -9.86 21.45 7.02
C ASP A 129 -8.77 21.70 5.98
N MET A 130 -7.73 22.40 6.41
CA MET A 130 -6.59 22.69 5.54
C MET A 130 -5.58 21.57 5.63
N MET A 131 -5.44 20.83 4.54
CA MET A 131 -4.64 19.61 4.55
C MET A 131 -3.22 19.90 4.07
N ILE A 132 -2.26 19.57 4.91
CA ILE A 132 -0.86 19.69 4.58
C ILE A 132 -0.22 18.31 4.56
N LEU A 133 0.41 17.97 3.45
CA LEU A 133 1.06 16.68 3.31
C LEU A 133 2.53 16.81 3.71
N VAL A 134 2.90 16.11 4.77
CA VAL A 134 4.25 16.14 5.26
C VAL A 134 4.98 14.86 4.85
N VAL A 135 5.74 14.95 3.77
CA VAL A 135 6.47 13.80 3.27
C VAL A 135 7.97 14.04 3.40
N ASP A 136 8.62 13.27 4.27
CA ASP A 136 10.03 13.46 4.55
C ASP A 136 10.81 12.16 4.37
N ASP A 137 12.14 12.29 4.24
CA ASP A 137 13.01 11.14 3.98
C ASP A 137 13.63 10.56 5.25
N HIS A 138 13.56 11.32 6.34
CA HIS A 138 14.20 10.92 7.58
C HIS A 138 13.19 10.81 8.71
N PRO A 139 12.79 9.58 9.06
CA PRO A 139 11.69 9.30 10.01
C PRO A 139 11.70 10.19 11.26
N ILE A 140 12.89 10.50 11.78
CA ILE A 140 13.00 11.35 12.97
C ILE A 140 12.50 12.77 12.67
N ASN A 141 12.76 13.25 11.46
CA ASN A 141 12.33 14.56 11.03
C ASN A 141 10.83 14.54 10.74
N ARG A 142 10.38 13.46 10.12
CA ARG A 142 8.96 13.26 9.84
C ARG A 142 8.13 13.44 11.10
N ARG A 143 8.63 12.90 12.20
CA ARG A 143 7.98 13.04 13.49
C ARG A 143 8.03 14.49 13.95
N LEU A 144 9.17 15.13 13.75
CA LEU A 144 9.39 16.50 14.21
C LEU A 144 8.46 17.50 13.52
N LEU A 145 8.39 17.48 12.19
CA LEU A 145 7.55 18.42 11.47
C LEU A 145 6.07 18.12 11.71
N ALA A 146 5.77 16.85 11.89
CA ALA A 146 4.40 16.42 12.17
C ALA A 146 3.94 16.98 13.51
N ASP A 147 4.80 16.84 14.51
CA ASP A 147 4.51 17.35 15.85
C ASP A 147 4.37 18.87 15.82
N GLN A 148 5.26 19.53 15.07
CA GLN A 148 5.22 20.98 14.93
C GLN A 148 3.93 21.43 14.26
N LEU A 149 3.50 20.69 13.25
CA LEU A 149 2.26 20.97 12.56
C LEU A 149 1.09 20.75 13.51
N GLY A 150 1.25 19.80 14.41
CA GLY A 150 0.28 19.55 15.45
C GLY A 150 0.19 20.71 16.44
N SER A 151 1.34 21.32 16.73
CA SER A 151 1.38 22.49 17.61
C SER A 151 0.62 23.65 16.97
N LEU A 152 0.61 23.69 15.65
CA LEU A 152 -0.16 24.69 14.93
C LEU A 152 -1.65 24.34 14.99
N GLY A 153 -1.98 23.12 14.63
CA GLY A 153 -3.35 22.66 14.72
C GLY A 153 -4.04 22.62 13.36
N TYR A 154 -3.32 22.14 12.36
CA TYR A 154 -3.86 22.03 11.02
C TYR A 154 -4.02 20.57 10.62
N GLN A 155 -4.76 20.31 9.55
CA GLN A 155 -4.90 18.96 9.05
C GLN A 155 -3.61 18.53 8.38
N CYS A 156 -3.09 17.38 8.74
CA CYS A 156 -1.81 16.93 8.19
C CYS A 156 -1.83 15.45 7.87
N LYS A 157 -1.08 15.08 6.84
CA LYS A 157 -0.88 13.68 6.49
C LYS A 157 0.61 13.41 6.38
N THR A 158 1.15 12.67 7.33
CA THR A 158 2.60 12.45 7.40
C THR A 158 3.02 11.09 6.88
N ALA A 159 3.76 11.09 5.77
CA ALA A 159 4.25 9.86 5.17
C ALA A 159 5.74 10.00 4.82
N ASN A 160 6.34 8.95 4.27
CA ASN A 160 7.74 9.00 3.90
C ASN A 160 7.98 8.30 2.55
N ASP A 161 7.59 8.98 1.49
CA ASP A 161 7.82 8.51 0.12
C ASP A 161 7.41 9.59 -0.86
N GLY A 162 7.93 9.51 -2.08
CA GLY A 162 7.66 10.52 -3.08
C GLY A 162 6.48 10.16 -3.97
N VAL A 163 6.44 8.92 -4.45
CA VAL A 163 5.44 8.53 -5.43
C VAL A 163 4.06 8.35 -4.79
N ASP A 164 4.02 7.88 -3.54
CA ASP A 164 2.75 7.68 -2.84
C ASP A 164 2.13 9.02 -2.50
N ALA A 165 2.95 10.07 -2.46
CA ALA A 165 2.45 11.42 -2.26
C ALA A 165 1.53 11.83 -3.41
N LEU A 166 1.91 11.42 -4.61
CA LEU A 166 1.10 11.66 -5.80
C LEU A 166 -0.18 10.82 -5.75
N ASN A 167 -0.03 9.60 -5.26
CA ASN A 167 -1.16 8.69 -5.10
C ASN A 167 -2.21 9.31 -4.18
N VAL A 168 -1.78 9.74 -2.99
CA VAL A 168 -2.67 10.38 -2.04
C VAL A 168 -3.20 11.72 -2.59
N LEU A 169 -2.37 12.40 -3.38
CA LEU A 169 -2.76 13.66 -4.02
C LEU A 169 -4.00 13.46 -4.89
N SER A 170 -4.11 12.30 -5.50
CA SER A 170 -5.25 12.00 -6.36
C SER A 170 -6.38 11.32 -5.60
N LYS A 171 -6.06 10.80 -4.41
CA LYS A 171 -7.03 10.02 -3.65
C LYS A 171 -7.64 10.83 -2.50
N ASN A 172 -7.18 12.06 -2.33
CA ASN A 172 -7.67 12.92 -1.24
C ASN A 172 -7.34 14.38 -1.54
N HIS A 173 -8.03 15.29 -0.87
CA HIS A 173 -7.82 16.72 -1.10
C HIS A 173 -6.58 17.20 -0.35
N ILE A 174 -5.78 18.04 -1.01
CA ILE A 174 -4.58 18.58 -0.39
C ILE A 174 -4.47 20.09 -0.67
N ASP A 175 -3.99 20.83 0.31
CA ASP A 175 -3.79 22.27 0.17
C ASP A 175 -2.32 22.56 -0.12
N ILE A 176 -1.46 22.21 0.84
CA ILE A 176 -0.02 22.40 0.68
C ILE A 176 0.71 21.06 0.82
N VAL A 177 1.72 20.85 0.00
CA VAL A 177 2.55 19.65 0.10
C VAL A 177 3.99 20.03 0.39
N LEU A 178 4.54 19.54 1.49
CA LEU A 178 5.92 19.83 1.85
C LEU A 178 6.76 18.57 1.74
N SER A 179 7.81 18.63 0.93
CA SER A 179 8.69 17.50 0.75
C SER A 179 10.05 17.78 1.39
N ASP A 180 10.28 17.17 2.55
CA ASP A 180 11.50 17.38 3.32
C ASP A 180 12.50 16.27 3.04
N VAL A 181 13.61 16.62 2.38
CA VAL A 181 14.56 15.62 1.92
C VAL A 181 15.99 15.94 2.37
N ASN A 182 16.60 14.97 3.04
CA ASN A 182 18.02 15.02 3.39
C ASN A 182 18.80 14.19 2.40
N MET A 183 18.23 13.06 2.01
CA MET A 183 18.81 12.17 1.01
C MET A 183 17.91 12.10 -0.20
N PRO A 184 18.49 11.96 -1.42
CA PRO A 184 17.71 11.82 -2.66
C PRO A 184 16.81 10.58 -2.67
N ASN A 185 16.97 9.73 -1.65
CA ASN A 185 16.13 8.54 -1.45
C ASN A 185 16.49 7.43 -2.43
N MET A 186 16.32 7.69 -3.71
CA MET A 186 16.60 6.72 -4.75
C MET A 186 16.47 7.37 -6.12
N ASP A 187 15.23 7.70 -6.48
CA ASP A 187 14.95 8.42 -7.71
C ASP A 187 15.22 9.91 -7.50
N GLY A 188 14.18 10.73 -7.64
CA GLY A 188 14.31 12.13 -7.33
C GLY A 188 13.68 13.04 -8.37
N TYR A 189 13.16 12.46 -9.45
CA TYR A 189 12.59 13.25 -10.51
C TYR A 189 11.16 12.80 -10.83
N ARG A 190 10.90 11.50 -10.68
CA ARG A 190 9.59 10.95 -10.97
C ARG A 190 8.52 11.58 -10.10
N LEU A 191 8.89 11.95 -8.87
CA LEU A 191 7.93 12.52 -7.93
C LEU A 191 7.44 13.89 -8.42
N THR A 192 8.38 14.73 -8.83
CA THR A 192 8.07 16.08 -9.25
C THR A 192 7.43 16.09 -10.64
N GLN A 193 7.90 15.21 -11.51
CA GLN A 193 7.38 15.14 -12.86
C GLN A 193 5.97 14.56 -12.86
N ARG A 194 5.78 13.46 -12.14
CA ARG A 194 4.48 12.80 -12.08
C ARG A 194 3.42 13.70 -11.46
N ILE A 195 3.79 14.46 -10.43
CA ILE A 195 2.83 15.33 -9.76
C ILE A 195 2.38 16.47 -10.69
N ARG A 196 3.33 17.04 -11.44
CA ARG A 196 3.00 18.12 -12.36
C ARG A 196 2.31 17.57 -13.61
N GLN A 197 2.55 16.29 -13.90
CA GLN A 197 1.95 15.63 -15.06
C GLN A 197 0.47 15.34 -14.83
N LEU A 198 0.17 14.84 -13.64
CA LEU A 198 -1.21 14.48 -13.31
C LEU A 198 -2.09 15.71 -13.21
N GLY A 199 -1.58 16.74 -12.55
CA GLY A 199 -2.33 17.98 -12.42
C GLY A 199 -1.90 18.78 -11.22
N LEU A 200 -0.68 19.29 -11.25
CA LEU A 200 -0.18 20.10 -10.16
C LEU A 200 -0.77 21.50 -10.19
N THR A 201 -1.60 21.80 -9.21
CA THR A 201 -2.21 23.11 -9.10
C THR A 201 -2.14 23.60 -7.66
N LEU A 202 -1.16 23.07 -6.92
CA LEU A 202 -1.00 23.41 -5.52
C LEU A 202 0.48 23.66 -5.22
N PRO A 203 0.77 24.53 -4.24
CA PRO A 203 2.14 24.88 -3.87
C PRO A 203 2.89 23.72 -3.20
N VAL A 204 3.97 23.28 -3.84
CA VAL A 204 4.81 22.25 -3.26
C VAL A 204 6.09 22.88 -2.70
N ILE A 205 6.28 22.76 -1.40
CA ILE A 205 7.45 23.30 -0.74
C ILE A 205 8.56 22.27 -0.70
N GLY A 206 9.59 22.49 -1.52
CA GLY A 206 10.71 21.57 -1.55
C GLY A 206 11.79 21.99 -0.59
N VAL A 207 12.01 21.16 0.43
CA VAL A 207 13.03 21.45 1.43
C VAL A 207 14.16 20.42 1.33
N THR A 208 15.39 20.89 1.28
CA THR A 208 16.54 20.01 1.13
C THR A 208 17.61 20.34 2.16
N ALA A 209 18.51 19.40 2.39
CA ALA A 209 19.56 19.61 3.38
C ALA A 209 20.94 19.48 2.76
N ASN A 210 21.60 20.62 2.56
CA ASN A 210 22.99 20.66 2.11
C ASN A 210 23.17 20.00 0.74
N ALA A 211 22.35 20.42 -0.21
CA ALA A 211 22.48 19.94 -1.58
C ALA A 211 23.41 20.87 -2.34
N LEU A 212 23.47 22.13 -1.89
CA LEU A 212 24.39 23.13 -2.42
C LEU A 212 24.07 23.45 -3.87
N ALA A 213 22.85 23.15 -4.26
CA ALA A 213 22.36 23.42 -5.62
C ALA A 213 20.84 23.37 -5.60
N GLU A 214 20.29 23.75 -4.45
CA GLU A 214 18.85 23.64 -4.20
C GLU A 214 18.06 24.54 -5.13
N GLU A 215 18.63 25.69 -5.47
CA GLU A 215 17.96 26.64 -6.36
C GLU A 215 17.85 26.08 -7.77
N LYS A 216 18.94 25.49 -8.25
CA LYS A 216 18.98 24.96 -9.60
C LYS A 216 18.16 23.68 -9.70
N GLN A 217 18.10 22.92 -8.61
CA GLN A 217 17.35 21.68 -8.58
C GLN A 217 15.86 21.94 -8.66
N ARG A 218 15.38 22.94 -7.92
CA ARG A 218 13.97 23.26 -7.92
C ARG A 218 13.53 23.81 -9.29
N CYS A 219 14.42 24.55 -9.95
CA CYS A 219 14.13 25.08 -11.26
C CYS A 219 14.16 23.97 -12.32
N LEU A 220 15.06 23.01 -12.12
CA LEU A 220 15.21 21.89 -13.03
C LEU A 220 13.97 20.99 -13.01
N GLU A 221 13.43 20.77 -11.82
CA GLU A 221 12.26 19.92 -11.67
C GLU A 221 11.00 20.65 -12.12
N SER A 222 10.92 21.94 -11.78
CA SER A 222 9.79 22.80 -12.17
C SER A 222 8.44 22.17 -11.84
N GLY A 223 8.33 21.61 -10.63
CA GLY A 223 7.10 20.96 -10.23
C GLY A 223 6.80 21.15 -8.77
N MET A 224 7.31 22.22 -8.19
CA MET A 224 7.12 22.48 -6.76
C MET A 224 6.37 23.79 -6.54
N ASP A 225 7.09 24.78 -5.99
CA ASP A 225 6.58 26.14 -5.76
C ASP A 225 7.52 26.90 -4.84
N SER A 226 7.81 26.30 -3.69
CA SER A 226 8.67 26.94 -2.69
C SER A 226 9.91 26.09 -2.43
N CYS A 227 10.84 26.64 -1.65
CA CYS A 227 12.08 25.96 -1.34
C CYS A 227 12.67 26.45 0.00
N LEU A 228 13.18 25.51 0.78
CA LEU A 228 13.85 25.83 2.04
C LEU A 228 14.79 24.70 2.42
N SER A 229 15.41 24.80 3.59
CA SER A 229 16.35 23.79 4.05
C SER A 229 15.72 22.93 5.14
N LYS A 230 16.28 21.75 5.37
CA LYS A 230 15.78 20.82 6.39
C LYS A 230 15.67 21.48 7.78
N PRO A 231 16.73 22.19 8.25
CA PRO A 231 16.66 22.93 9.53
C PRO A 231 15.57 24.00 9.53
N VAL A 232 14.42 23.67 10.11
CA VAL A 232 13.31 24.60 10.20
C VAL A 232 12.72 24.56 11.61
N THR A 233 12.63 25.72 12.24
CA THR A 233 12.03 25.82 13.57
C THR A 233 10.52 26.04 13.47
N LEU A 234 9.84 26.03 14.61
CA LEU A 234 8.40 26.20 14.65
C LEU A 234 8.01 27.58 14.09
N ASP A 235 8.87 28.56 14.29
CA ASP A 235 8.58 29.92 13.82
C ASP A 235 8.68 29.98 12.31
N VAL A 236 9.66 29.28 11.74
CA VAL A 236 9.82 29.23 10.30
C VAL A 236 8.70 28.42 9.67
N ILE A 237 8.33 27.31 10.30
CA ILE A 237 7.23 26.48 9.83
C ILE A 237 5.93 27.28 9.84
N LYS A 238 5.74 28.06 10.90
CA LYS A 238 4.52 28.84 11.07
C LYS A 238 4.43 29.94 10.02
N GLN A 239 5.50 30.70 9.84
CA GLN A 239 5.49 31.83 8.92
C GLN A 239 5.29 31.35 7.48
N THR A 240 5.78 30.16 7.17
CA THR A 240 5.63 29.60 5.83
C THR A 240 4.19 29.10 5.60
N LEU A 241 3.66 28.37 6.58
CA LEU A 241 2.30 27.85 6.49
C LEU A 241 1.29 28.98 6.43
N THR A 242 1.48 29.99 7.26
CA THR A 242 0.60 31.16 7.30
C THR A 242 0.70 31.97 6.01
N LEU A 243 1.92 32.14 5.49
CA LEU A 243 2.12 32.88 4.26
C LEU A 243 1.36 32.24 3.10
N TYR A 244 1.47 30.93 3.00
CA TYR A 244 0.82 30.21 1.93
C TYR A 244 -0.67 30.04 2.18
N ALA A 245 -1.06 30.06 3.45
CA ALA A 245 -2.46 30.03 3.82
C ALA A 245 -3.18 31.26 3.28
N GLU A 246 -2.53 32.40 3.36
CA GLU A 246 -3.09 33.64 2.84
C GLU A 246 -3.11 33.61 1.31
N ARG A 247 -2.10 32.98 0.72
CA ARG A 247 -2.02 32.87 -0.73
C ARG A 247 -3.15 32.02 -1.27
N VAL A 248 -3.37 30.86 -0.65
CA VAL A 248 -4.44 29.97 -1.07
C VAL A 248 -5.80 30.55 -0.70
N ARG A 249 -5.84 31.35 0.36
CA ARG A 249 -7.06 32.01 0.78
C ARG A 249 -7.64 32.86 -0.35
N LYS A 250 -6.81 33.71 -0.95
CA LYS A 250 -7.28 34.57 -2.03
C LYS A 250 -7.43 33.81 -3.35
N SER A 251 -6.71 32.70 -3.46
CA SER A 251 -6.81 31.85 -4.65
C SER A 251 -8.12 31.08 -4.67
N ARG A 252 -8.63 30.79 -3.47
CA ARG A 252 -9.87 30.03 -3.35
C ARG A 252 -11.06 30.96 -3.16
N ASP A 253 -11.02 31.74 -2.08
CA ASP A 253 -12.10 32.66 -1.76
C ASP A 253 -11.85 34.00 -2.44
N SER A 254 -12.79 34.43 -3.25
CA SER A 254 -12.65 35.68 -3.98
C SER A 254 -14.01 36.34 -4.16
N MET A 1 -1.92 5.26 -16.13
CA MET A 1 -1.73 6.29 -15.08
C MET A 1 -3.06 6.62 -14.41
N GLY A 2 -3.00 6.89 -13.11
CA GLY A 2 -4.19 7.26 -12.38
C GLY A 2 -4.00 7.11 -10.89
N GLY A 3 -5.10 7.16 -10.15
CA GLY A 3 -5.03 7.02 -8.72
C GLY A 3 -5.06 5.56 -8.29
N SER A 4 -3.93 4.89 -8.44
CA SER A 4 -3.82 3.49 -8.06
C SER A 4 -4.09 3.30 -6.57
N GLY A 5 -4.85 2.27 -6.25
CA GLY A 5 -5.22 1.99 -4.87
C GLY A 5 -4.00 1.77 -3.99
N VAL A 6 -3.76 2.70 -3.08
CA VAL A 6 -2.60 2.62 -2.20
C VAL A 6 -2.94 1.84 -0.93
N GLU A 7 -2.32 0.68 -0.79
CA GLU A 7 -2.50 -0.15 0.39
C GLU A 7 -1.38 -1.19 0.47
N GLY A 8 -1.17 -1.73 1.66
CA GLY A 8 -0.14 -2.72 1.85
C GLY A 8 0.29 -2.81 3.30
N LEU A 9 1.00 -1.78 3.77
CA LEU A 9 1.46 -1.70 5.15
C LEU A 9 2.25 -2.94 5.56
N SER A 10 3.00 -3.50 4.62
CA SER A 10 3.78 -4.69 4.88
C SER A 10 5.28 -4.38 4.82
N GLY A 11 6.01 -4.89 5.80
CA GLY A 11 7.46 -4.70 5.81
C GLY A 11 7.91 -3.90 7.01
N LYS A 12 7.00 -3.08 7.54
CA LYS A 12 7.29 -2.31 8.74
C LYS A 12 7.36 -3.25 9.94
N ARG A 13 8.40 -3.10 10.75
CA ARG A 13 8.63 -4.03 11.84
C ARG A 13 8.16 -3.46 13.17
N CYS A 14 7.98 -4.35 14.12
CA CYS A 14 7.67 -3.96 15.49
C CYS A 14 8.51 -4.80 16.43
N TRP A 15 9.42 -4.16 17.14
CA TRP A 15 10.36 -4.88 17.97
C TRP A 15 9.79 -5.04 19.38
N LEU A 16 9.50 -6.28 19.72
CA LEU A 16 8.77 -6.59 20.93
C LEU A 16 9.66 -7.31 21.94
N ALA A 17 9.82 -6.69 23.10
CA ALA A 17 10.57 -7.27 24.19
C ALA A 17 9.73 -7.31 25.46
N VAL A 18 8.65 -8.07 25.40
CA VAL A 18 7.73 -8.19 26.52
C VAL A 18 7.71 -9.63 27.03
N ARG A 19 8.05 -9.80 28.30
CA ARG A 19 8.07 -11.12 28.93
C ARG A 19 6.64 -11.64 29.13
N ASN A 20 5.74 -10.72 29.41
CA ASN A 20 4.34 -11.07 29.61
C ASN A 20 3.69 -11.50 28.30
N ALA A 21 3.42 -12.80 28.17
CA ALA A 21 2.92 -13.38 26.95
C ALA A 21 1.53 -12.87 26.60
N SER A 22 0.74 -12.57 27.63
CA SER A 22 -0.61 -12.05 27.41
C SER A 22 -0.55 -10.65 26.80
N LEU A 23 0.34 -9.82 27.34
CA LEU A 23 0.54 -8.47 26.83
C LEU A 23 1.18 -8.50 25.45
N CYS A 24 2.25 -9.29 25.32
CA CYS A 24 3.01 -9.35 24.08
C CYS A 24 2.16 -9.90 22.94
N GLN A 25 1.39 -10.95 23.22
CA GLN A 25 0.54 -11.56 22.20
C GLN A 25 -0.54 -10.60 21.72
N PHE A 26 -1.08 -9.81 22.65
CA PHE A 26 -2.11 -8.85 22.31
C PHE A 26 -1.62 -7.91 21.20
N LEU A 27 -0.52 -7.21 21.47
CA LEU A 27 0.03 -6.26 20.51
C LEU A 27 0.53 -6.98 19.25
N GLU A 28 1.28 -8.05 19.44
CA GLU A 28 1.93 -8.75 18.34
C GLU A 28 0.90 -9.28 17.35
N THR A 29 -0.14 -9.96 17.85
CA THR A 29 -1.14 -10.56 17.00
C THR A 29 -1.97 -9.50 16.27
N SER A 30 -2.23 -8.39 16.95
CA SER A 30 -3.00 -7.30 16.36
C SER A 30 -2.23 -6.62 15.22
N LEU A 31 -0.92 -6.49 15.40
CA LEU A 31 -0.08 -5.78 14.43
C LEU A 31 0.18 -6.64 13.19
N GLN A 32 0.38 -7.94 13.39
CA GLN A 32 0.67 -8.83 12.27
C GLN A 32 -0.57 -9.11 11.43
N ARG A 33 -1.69 -8.52 11.81
CA ARG A 33 -2.93 -8.68 11.06
C ARG A 33 -2.79 -8.07 9.67
N SER A 34 -2.04 -6.98 9.58
CA SER A 34 -1.78 -6.35 8.30
C SER A 34 -0.46 -6.87 7.70
N GLY A 35 0.59 -6.10 7.85
CA GLY A 35 1.88 -6.52 7.35
C GLY A 35 3.01 -6.09 8.27
N ILE A 36 2.67 -5.83 9.52
CA ILE A 36 3.65 -5.41 10.51
C ILE A 36 4.35 -6.64 11.10
N VAL A 37 5.65 -6.73 10.88
CA VAL A 37 6.40 -7.89 11.33
C VAL A 37 6.90 -7.69 12.76
N VAL A 38 6.17 -8.25 13.71
CA VAL A 38 6.57 -8.20 15.10
C VAL A 38 7.67 -9.24 15.34
N THR A 39 8.70 -8.85 16.07
CA THR A 39 9.86 -9.70 16.27
C THR A 39 10.43 -9.56 17.67
N THR A 40 10.75 -10.69 18.28
CA THR A 40 11.37 -10.71 19.58
C THR A 40 12.69 -9.94 19.57
N TYR A 41 12.72 -8.83 20.29
CA TYR A 41 13.90 -7.98 20.31
C TYR A 41 14.84 -8.38 21.43
N GLU A 42 15.88 -9.13 21.08
CA GLU A 42 16.94 -9.46 22.03
C GLU A 42 18.16 -8.60 21.75
N GLY A 43 18.60 -8.60 20.49
CA GLY A 43 19.70 -7.73 20.09
C GLY A 43 19.72 -7.52 18.59
N GLN A 44 18.82 -6.68 18.10
CA GLN A 44 18.71 -6.42 16.67
C GLN A 44 19.12 -4.99 16.35
N GLU A 45 18.72 -4.50 15.18
CA GLU A 45 19.06 -3.14 14.77
C GLU A 45 17.84 -2.24 14.90
N PRO A 46 18.03 -1.02 15.43
CA PRO A 46 16.96 -0.04 15.53
C PRO A 46 16.79 0.75 14.24
N THR A 47 15.59 0.72 13.70
CA THR A 47 15.27 1.48 12.52
C THR A 47 14.60 2.79 12.91
N PRO A 48 14.93 3.89 12.21
CA PRO A 48 14.46 5.24 12.56
C PRO A 48 12.94 5.38 12.50
N GLU A 49 12.27 4.42 11.89
CA GLU A 49 10.82 4.43 11.80
C GLU A 49 10.21 3.25 12.54
N ASP A 50 11.03 2.49 13.24
CA ASP A 50 10.58 1.30 13.97
C ASP A 50 10.44 1.59 15.45
N VAL A 51 9.57 0.85 16.11
CA VAL A 51 9.26 1.10 17.50
C VAL A 51 9.64 -0.09 18.39
N LEU A 52 10.03 0.22 19.62
CA LEU A 52 10.34 -0.79 20.62
C LEU A 52 9.24 -0.85 21.65
N ILE A 53 8.68 -2.03 21.87
CA ILE A 53 7.68 -2.23 22.90
C ILE A 53 8.23 -3.16 23.97
N THR A 54 8.55 -2.61 25.13
CA THR A 54 9.16 -3.38 26.21
C THR A 54 8.25 -3.38 27.43
N ASP A 55 8.36 -4.42 28.24
CA ASP A 55 7.63 -4.50 29.50
C ASP A 55 8.53 -4.13 30.67
N GLU A 56 7.95 -3.50 31.69
CA GLU A 56 8.66 -3.11 32.91
C GLU A 56 9.79 -2.11 32.62
N VAL A 57 10.61 -1.85 33.63
CA VAL A 57 11.76 -0.98 33.47
C VAL A 57 12.94 -1.75 32.89
N VAL A 58 13.49 -1.23 31.80
CA VAL A 58 14.60 -1.86 31.11
C VAL A 58 15.69 -0.84 30.83
N SER A 59 16.92 -1.30 30.65
CA SER A 59 18.01 -0.42 30.30
C SER A 59 18.05 -0.20 28.78
N LYS A 60 17.15 0.64 28.29
CA LYS A 60 17.05 0.89 26.86
C LYS A 60 16.68 2.34 26.59
N LYS A 61 17.15 2.86 25.47
CA LYS A 61 16.77 4.19 25.04
C LYS A 61 16.12 4.13 23.66
N TRP A 62 16.62 3.20 22.83
CA TRP A 62 16.08 2.94 21.51
C TRP A 62 16.34 4.10 20.55
N GLN A 63 17.41 4.00 19.77
CA GLN A 63 17.74 5.02 18.79
C GLN A 63 16.96 4.78 17.50
N GLY A 64 15.65 4.63 17.64
CA GLY A 64 14.80 4.41 16.49
C GLY A 64 13.73 5.47 16.38
N ARG A 65 12.49 5.06 16.12
CA ARG A 65 11.39 6.00 16.02
C ARG A 65 10.86 6.37 17.40
N ALA A 66 10.38 5.36 18.13
CA ALA A 66 9.78 5.60 19.44
C ALA A 66 9.80 4.32 20.26
N VAL A 67 9.92 4.49 21.58
CA VAL A 67 9.87 3.37 22.49
C VAL A 67 8.69 3.51 23.44
N VAL A 68 7.88 2.46 23.51
CA VAL A 68 6.75 2.43 24.40
C VAL A 68 6.99 1.41 25.50
N THR A 69 6.94 1.88 26.74
CA THR A 69 7.23 1.05 27.88
C THR A 69 5.97 0.72 28.66
N PHE A 70 5.64 -0.57 28.70
CA PHE A 70 4.52 -1.04 29.50
C PHE A 70 5.01 -1.41 30.90
N CYS A 71 5.10 -0.41 31.76
CA CYS A 71 5.60 -0.64 33.09
C CYS A 71 4.44 -0.83 34.05
N ARG A 72 4.51 -1.87 34.86
CA ARG A 72 3.41 -2.21 35.73
C ARG A 72 3.83 -2.12 37.19
N ARG A 73 5.10 -2.37 37.44
CA ARG A 73 5.63 -2.33 38.80
C ARG A 73 6.39 -1.04 39.05
N HIS A 74 7.43 -0.81 38.25
CA HIS A 74 8.28 0.36 38.44
C HIS A 74 8.19 1.28 37.24
N ILE A 75 8.03 2.56 37.50
CA ILE A 75 8.02 3.56 36.45
C ILE A 75 9.17 4.54 36.64
N GLY A 76 10.30 4.23 36.02
CA GLY A 76 11.47 5.08 36.12
C GLY A 76 12.12 5.29 34.77
N ILE A 77 11.43 4.89 33.72
CA ILE A 77 11.96 5.00 32.37
C ILE A 77 11.43 6.28 31.71
N PRO A 78 12.19 6.84 30.75
CA PRO A 78 11.77 8.05 30.01
C PRO A 78 10.36 7.96 29.46
N LEU A 79 9.50 8.86 29.91
CA LEU A 79 8.12 8.92 29.45
C LEU A 79 7.95 9.97 28.36
N GLU A 80 6.70 10.29 28.05
CA GLU A 80 6.37 11.30 27.05
C GLU A 80 6.83 12.71 27.46
N LYS A 81 8.12 12.90 27.39
CA LYS A 81 8.72 14.22 27.51
C LYS A 81 9.67 14.43 26.35
N ALA A 82 9.66 13.46 25.45
CA ALA A 82 10.48 13.47 24.26
C ALA A 82 9.65 12.95 23.08
N PRO A 83 10.07 13.20 21.83
CA PRO A 83 9.30 12.83 20.65
C PRO A 83 9.41 11.35 20.28
N GLY A 84 9.52 10.48 21.29
CA GLY A 84 9.65 9.06 21.02
C GLY A 84 9.82 8.25 22.28
N GLU A 85 9.21 8.71 23.36
CA GLU A 85 9.28 8.01 24.63
C GLU A 85 7.91 8.01 25.28
N TRP A 86 7.40 6.82 25.60
CA TRP A 86 6.06 6.69 26.17
C TRP A 86 6.06 5.67 27.30
N VAL A 87 5.28 5.91 28.33
CA VAL A 87 5.07 4.92 29.39
C VAL A 87 3.59 4.67 29.60
N HIS A 88 3.24 3.44 29.95
CA HIS A 88 1.85 3.11 30.26
C HIS A 88 1.79 1.83 31.08
N SER A 89 0.92 1.81 32.08
CA SER A 89 0.66 0.62 32.86
C SER A 89 -0.68 0.00 32.49
N VAL A 90 -0.64 -1.05 31.67
CA VAL A 90 -1.85 -1.76 31.25
C VAL A 90 -1.47 -3.09 30.62
N ALA A 91 -2.46 -3.81 30.13
CA ALA A 91 -2.22 -5.07 29.43
C ALA A 91 -2.57 -4.92 27.95
N ALA A 92 -2.38 -3.70 27.45
CA ALA A 92 -2.63 -3.37 26.04
C ALA A 92 -4.05 -3.72 25.59
N PRO A 93 -5.06 -3.01 26.11
CA PRO A 93 -6.45 -3.26 25.74
C PRO A 93 -6.73 -2.88 24.29
N HIS A 94 -6.64 -1.58 23.99
CA HIS A 94 -6.87 -1.08 22.63
C HIS A 94 -6.48 0.38 22.49
N GLU A 95 -5.58 0.84 23.35
CA GLU A 95 -5.14 2.23 23.32
C GLU A 95 -3.75 2.34 22.70
N LEU A 96 -2.84 1.50 23.15
CA LEU A 96 -1.48 1.49 22.65
C LEU A 96 -1.43 1.01 21.19
N PRO A 97 -2.10 -0.11 20.83
CA PRO A 97 -2.16 -0.55 19.43
C PRO A 97 -2.77 0.52 18.52
N ALA A 98 -3.62 1.37 19.09
CA ALA A 98 -4.23 2.46 18.35
C ALA A 98 -3.23 3.60 18.14
N LEU A 99 -2.50 3.93 19.20
CA LEU A 99 -1.44 4.94 19.12
C LEU A 99 -0.38 4.51 18.12
N LEU A 100 -0.03 3.24 18.18
CA LEU A 100 0.97 2.68 17.28
C LEU A 100 0.48 2.74 15.84
N ALA A 101 -0.81 2.47 15.65
CA ALA A 101 -1.41 2.58 14.32
C ALA A 101 -1.30 4.01 13.81
N ARG A 102 -1.65 4.97 14.66
CA ARG A 102 -1.58 6.38 14.31
C ARG A 102 -0.16 6.79 13.93
N ILE A 103 0.81 6.30 14.69
CA ILE A 103 2.20 6.65 14.48
C ILE A 103 2.78 5.94 13.25
N TYR A 104 2.12 4.88 12.81
CA TYR A 104 2.57 4.13 11.64
C TYR A 104 1.72 4.47 10.42
N LEU A 105 0.88 5.50 10.57
CA LEU A 105 -0.01 5.95 9.50
C LEU A 105 -1.02 4.88 9.10
N ILE A 106 -1.41 4.06 10.06
CA ILE A 106 -2.40 3.03 9.83
C ILE A 106 -3.78 3.60 10.12
N GLU A 107 -4.45 4.03 9.07
CA GLU A 107 -5.77 4.62 9.18
C GLU A 107 -6.80 3.55 9.51
N MET A 108 -6.93 3.24 10.78
CA MET A 108 -7.85 2.21 11.25
C MET A 108 -8.91 2.79 12.18
N GLU A 109 -8.82 4.10 12.43
CA GLU A 109 -9.79 4.77 13.28
C GLU A 109 -11.14 4.87 12.57
N SER A 110 -12.18 4.39 13.23
CA SER A 110 -13.52 4.46 12.67
C SER A 110 -14.06 5.88 12.72
N ASP A 111 -14.05 6.45 13.92
CA ASP A 111 -14.52 7.81 14.15
C ASP A 111 -13.93 8.35 15.46
N ASP A 112 -13.80 7.46 16.44
CA ASP A 112 -13.21 7.77 17.74
C ASP A 112 -11.93 8.58 17.59
N PRO A 113 -11.96 9.84 18.04
CA PRO A 113 -10.81 10.74 17.97
C PRO A 113 -9.77 10.44 19.05
N ALA A 114 -9.26 9.22 19.04
CA ALA A 114 -8.20 8.83 19.96
C ALA A 114 -6.92 9.58 19.62
N ASN A 115 -6.66 10.65 20.37
CA ASN A 115 -5.53 11.51 20.09
C ASN A 115 -5.13 12.30 21.32
N ALA A 116 -3.97 12.94 21.25
CA ALA A 116 -3.47 13.78 22.32
C ALA A 116 -2.69 14.95 21.71
N LEU A 117 -1.69 14.61 20.92
CA LEU A 117 -0.92 15.61 20.19
C LEU A 117 -0.82 15.19 18.73
N PRO A 118 -1.38 15.99 17.81
CA PRO A 118 -1.39 15.68 16.37
C PRO A 118 0.02 15.64 15.79
N SER A 119 0.63 14.45 15.82
CA SER A 119 1.97 14.28 15.31
C SER A 119 1.95 13.61 13.95
N THR A 120 2.40 14.34 12.94
CA THR A 120 2.46 13.84 11.58
C THR A 120 3.88 13.95 11.05
N ASP A 121 4.66 12.89 11.19
CA ASP A 121 6.05 12.90 10.74
C ASP A 121 6.21 12.13 9.43
N LYS A 122 7.29 11.37 9.32
CA LYS A 122 7.58 10.65 8.08
C LYS A 122 8.02 9.22 8.39
N ALA A 123 7.93 8.35 7.39
CA ALA A 123 8.32 6.95 7.56
C ALA A 123 8.81 6.37 6.26
N VAL A 124 9.68 5.37 6.35
CA VAL A 124 10.24 4.72 5.17
C VAL A 124 10.14 3.20 5.32
N SER A 125 10.52 2.47 4.28
CA SER A 125 10.46 1.01 4.31
C SER A 125 11.86 0.41 4.13
N ASP A 126 11.98 -0.88 4.43
CA ASP A 126 13.24 -1.59 4.26
C ASP A 126 13.52 -1.85 2.79
N ASN A 127 14.77 -2.09 2.47
CA ASN A 127 15.19 -2.33 1.10
C ASN A 127 14.85 -3.75 0.68
N ASP A 128 15.54 -4.71 1.27
CA ASP A 128 15.28 -6.12 1.03
C ASP A 128 15.86 -6.93 2.18
N ASP A 129 15.30 -8.11 2.40
CA ASP A 129 15.63 -8.91 3.56
C ASP A 129 15.96 -10.33 3.15
N MET A 130 17.16 -10.53 2.64
CA MET A 130 17.60 -11.84 2.20
C MET A 130 18.59 -12.43 3.20
N MET A 131 18.46 -13.72 3.45
CA MET A 131 19.39 -14.40 4.35
C MET A 131 20.05 -15.58 3.65
N ILE A 132 21.35 -15.72 3.82
CA ILE A 132 22.09 -16.84 3.26
C ILE A 132 22.75 -17.63 4.39
N LEU A 133 22.40 -18.91 4.49
CA LEU A 133 22.94 -19.75 5.54
C LEU A 133 23.99 -20.70 4.98
N VAL A 134 25.18 -20.64 5.54
CA VAL A 134 26.25 -21.55 5.13
C VAL A 134 26.42 -22.67 6.15
N VAL A 135 26.21 -23.90 5.68
CA VAL A 135 26.39 -25.07 6.53
C VAL A 135 27.63 -25.84 6.09
N ASP A 136 28.78 -25.46 6.63
CA ASP A 136 30.04 -26.06 6.21
C ASP A 136 30.58 -26.99 7.30
N ASP A 137 31.26 -28.04 6.88
CA ASP A 137 31.74 -29.07 7.80
C ASP A 137 33.15 -28.75 8.34
N HIS A 138 33.94 -27.98 7.60
CA HIS A 138 35.34 -27.73 7.98
C HIS A 138 35.58 -26.26 8.33
N PRO A 139 35.72 -25.98 9.63
CA PRO A 139 35.75 -24.62 10.21
C PRO A 139 36.52 -23.57 9.41
N ILE A 140 37.73 -23.90 8.96
CA ILE A 140 38.57 -22.94 8.25
C ILE A 140 37.89 -22.42 6.99
N ASN A 141 37.20 -23.33 6.32
CA ASN A 141 36.49 -23.00 5.09
C ASN A 141 35.31 -22.10 5.41
N ARG A 142 34.56 -22.48 6.44
CA ARG A 142 33.41 -21.71 6.90
C ARG A 142 33.81 -20.26 7.15
N ARG A 143 34.94 -20.08 7.83
CA ARG A 143 35.44 -18.75 8.15
C ARG A 143 35.68 -17.94 6.89
N LEU A 144 36.25 -18.57 5.87
CA LEU A 144 36.59 -17.88 4.64
C LEU A 144 35.35 -17.42 3.86
N LEU A 145 34.44 -18.34 3.59
CA LEU A 145 33.26 -18.00 2.78
C LEU A 145 32.26 -17.16 3.55
N ALA A 146 32.24 -17.33 4.88
CA ALA A 146 31.36 -16.53 5.71
C ALA A 146 31.83 -15.08 5.74
N ASP A 147 33.14 -14.90 5.59
CA ASP A 147 33.71 -13.56 5.49
C ASP A 147 33.32 -12.93 4.17
N GLN A 148 33.35 -13.72 3.10
CA GLN A 148 32.91 -13.26 1.79
C GLN A 148 31.43 -12.89 1.83
N LEU A 149 30.66 -13.69 2.56
CA LEU A 149 29.25 -13.43 2.80
C LEU A 149 29.07 -12.13 3.58
N GLY A 150 30.03 -11.84 4.43
CA GLY A 150 30.01 -10.60 5.18
C GLY A 150 30.25 -9.39 4.30
N SER A 151 30.97 -9.59 3.20
CA SER A 151 31.22 -8.52 2.26
C SER A 151 30.02 -8.31 1.35
N LEU A 152 29.47 -9.40 0.83
CA LEU A 152 28.27 -9.34 -0.01
C LEU A 152 27.49 -10.64 0.10
N GLY A 153 26.67 -10.74 1.12
CA GLY A 153 25.87 -11.93 1.31
C GLY A 153 24.61 -11.65 2.11
N TYR A 154 24.17 -10.39 2.08
CA TYR A 154 22.96 -9.98 2.80
C TYR A 154 23.06 -10.35 4.28
N GLN A 155 22.05 -11.05 4.80
CA GLN A 155 22.10 -11.51 6.18
C GLN A 155 22.81 -12.85 6.26
N CYS A 156 24.02 -12.85 6.80
CA CYS A 156 24.82 -14.06 6.90
C CYS A 156 24.41 -14.93 8.08
N LYS A 157 24.11 -16.19 7.81
CA LYS A 157 23.81 -17.16 8.85
C LYS A 157 24.79 -18.34 8.73
N THR A 158 25.14 -18.94 9.86
CA THR A 158 26.17 -19.98 9.86
C THR A 158 25.73 -21.23 10.63
N ALA A 159 26.13 -22.39 10.13
CA ALA A 159 25.87 -23.66 10.79
C ALA A 159 26.87 -24.70 10.34
N ASN A 160 26.96 -25.81 11.06
CA ASN A 160 27.85 -26.91 10.67
C ASN A 160 27.28 -28.26 11.10
N ASP A 161 26.24 -28.71 10.39
CA ASP A 161 25.58 -29.99 10.68
C ASP A 161 24.34 -30.13 9.83
N GLY A 162 24.04 -31.35 9.41
CA GLY A 162 22.86 -31.61 8.63
C GLY A 162 21.58 -31.36 9.42
N VAL A 163 21.60 -31.75 10.69
CA VAL A 163 20.43 -31.58 11.53
C VAL A 163 20.24 -30.13 11.92
N ASP A 164 21.34 -29.39 12.05
CA ASP A 164 21.26 -27.98 12.41
C ASP A 164 20.71 -27.16 11.25
N ALA A 165 21.03 -27.60 10.04
CA ALA A 165 20.50 -26.96 8.83
C ALA A 165 18.99 -27.16 8.76
N LEU A 166 18.53 -28.33 9.19
CA LEU A 166 17.11 -28.62 9.25
C LEU A 166 16.45 -27.83 10.37
N ASN A 167 17.18 -27.65 11.46
CA ASN A 167 16.69 -26.93 12.63
C ASN A 167 16.47 -25.46 12.31
N VAL A 168 17.46 -24.83 11.70
CA VAL A 168 17.36 -23.42 11.32
C VAL A 168 16.28 -23.25 10.24
N LEU A 169 16.12 -24.26 9.40
CA LEU A 169 15.07 -24.27 8.40
C LEU A 169 13.69 -24.28 9.06
N SER A 170 13.56 -25.11 10.08
CA SER A 170 12.29 -25.24 10.80
C SER A 170 11.97 -23.97 11.57
N LYS A 171 13.00 -23.18 11.87
CA LYS A 171 12.82 -21.90 12.52
C LYS A 171 12.37 -20.86 11.50
N ASN A 172 12.77 -21.08 10.25
CA ASN A 172 12.39 -20.25 9.11
C ASN A 172 12.88 -18.81 9.23
N HIS A 173 14.02 -18.56 8.63
CA HIS A 173 14.55 -17.20 8.47
C HIS A 173 15.76 -17.24 7.56
N ILE A 174 15.58 -17.84 6.39
CA ILE A 174 16.63 -17.95 5.39
C ILE A 174 16.04 -18.01 3.99
N ASP A 175 16.83 -17.60 3.00
CA ASP A 175 16.40 -17.60 1.61
C ASP A 175 17.18 -18.64 0.81
N ILE A 176 18.50 -18.59 0.94
CA ILE A 176 19.38 -19.55 0.28
C ILE A 176 20.16 -20.35 1.31
N VAL A 177 20.21 -21.66 1.13
CA VAL A 177 20.99 -22.53 2.02
C VAL A 177 22.11 -23.20 1.24
N LEU A 178 23.33 -23.09 1.75
CA LEU A 178 24.48 -23.70 1.10
C LEU A 178 25.00 -24.88 1.92
N SER A 179 24.86 -26.08 1.35
CA SER A 179 25.40 -27.27 1.98
C SER A 179 26.87 -27.44 1.58
N ASP A 180 27.76 -26.98 2.42
CA ASP A 180 29.18 -26.94 2.10
C ASP A 180 29.93 -28.03 2.86
N VAL A 181 30.54 -28.95 2.13
CA VAL A 181 31.20 -30.10 2.74
C VAL A 181 32.50 -30.45 2.01
N ASN A 182 33.55 -30.67 2.79
CA ASN A 182 34.81 -31.18 2.25
C ASN A 182 35.23 -32.41 3.06
N MET A 183 34.33 -33.36 3.14
CA MET A 183 34.56 -34.59 3.89
C MET A 183 33.55 -35.66 3.46
N PRO A 184 34.00 -36.67 2.73
CA PRO A 184 33.14 -37.80 2.33
C PRO A 184 32.58 -38.52 3.54
N ASN A 185 31.27 -38.36 3.76
CA ASN A 185 30.63 -38.90 4.95
C ASN A 185 29.21 -39.33 4.61
N MET A 186 28.55 -40.04 5.53
CA MET A 186 27.18 -40.48 5.35
C MET A 186 26.24 -39.29 5.21
N ASP A 187 26.56 -38.22 5.93
CA ASP A 187 25.74 -37.01 5.88
C ASP A 187 26.14 -36.11 4.71
N GLY A 188 25.99 -36.64 3.52
CA GLY A 188 26.17 -35.85 2.33
C GLY A 188 24.92 -35.91 1.47
N TYR A 189 23.81 -36.22 2.12
CA TYR A 189 22.54 -36.46 1.44
C TYR A 189 21.46 -36.74 2.48
N ARG A 190 21.89 -37.19 3.65
CA ARG A 190 20.98 -37.53 4.74
C ARG A 190 20.08 -36.34 5.08
N LEU A 191 20.68 -35.17 5.27
CA LEU A 191 19.93 -33.98 5.65
C LEU A 191 18.97 -33.56 4.54
N THR A 192 19.37 -33.76 3.29
CA THR A 192 18.55 -33.35 2.16
C THR A 192 17.38 -34.31 1.95
N GLN A 193 17.60 -35.59 2.24
CA GLN A 193 16.53 -36.57 2.21
C GLN A 193 15.41 -36.13 3.16
N ARG A 194 15.81 -35.63 4.32
CA ARG A 194 14.87 -35.12 5.30
C ARG A 194 14.23 -33.82 4.82
N ILE A 195 14.99 -33.00 4.08
CA ILE A 195 14.48 -31.71 3.61
C ILE A 195 13.36 -31.88 2.58
N ARG A 196 13.46 -32.88 1.70
CA ARG A 196 12.40 -33.12 0.73
C ARG A 196 11.20 -33.77 1.41
N GLN A 197 11.45 -34.52 2.47
CA GLN A 197 10.37 -35.11 3.25
C GLN A 197 9.61 -34.03 4.02
N LEU A 198 10.33 -33.01 4.46
CA LEU A 198 9.74 -31.91 5.20
C LEU A 198 8.96 -30.99 4.26
N GLY A 199 9.57 -30.66 3.14
CA GLY A 199 8.93 -29.78 2.18
C GLY A 199 9.80 -28.56 1.90
N LEU A 200 10.91 -28.79 1.21
CA LEU A 200 11.86 -27.75 0.92
C LEU A 200 11.24 -26.67 0.02
N THR A 201 11.16 -25.46 0.54
CA THR A 201 10.55 -24.36 -0.19
C THR A 201 11.61 -23.37 -0.69
N LEU A 202 12.86 -23.67 -0.40
CA LEU A 202 13.97 -22.78 -0.73
C LEU A 202 15.04 -23.52 -1.52
N PRO A 203 15.82 -22.79 -2.33
CA PRO A 203 16.91 -23.36 -3.13
C PRO A 203 18.12 -23.75 -2.28
N VAL A 204 18.56 -24.99 -2.43
CA VAL A 204 19.71 -25.47 -1.69
C VAL A 204 20.91 -25.64 -2.63
N ILE A 205 21.95 -24.85 -2.40
CA ILE A 205 23.15 -24.93 -3.20
C ILE A 205 24.16 -25.84 -2.53
N GLY A 206 24.34 -27.04 -3.09
CA GLY A 206 25.25 -28.00 -2.50
C GLY A 206 26.66 -27.82 -2.98
N VAL A 207 27.44 -27.06 -2.23
CA VAL A 207 28.83 -26.85 -2.55
C VAL A 207 29.69 -27.91 -1.87
N THR A 208 30.22 -28.82 -2.66
CA THR A 208 31.03 -29.89 -2.13
C THR A 208 32.37 -29.93 -2.85
N ALA A 209 33.39 -30.42 -2.17
CA ALA A 209 34.63 -30.72 -2.84
C ALA A 209 34.40 -31.94 -3.72
N ASN A 210 34.30 -31.71 -5.03
CA ASN A 210 33.89 -32.74 -5.98
C ASN A 210 34.67 -34.02 -5.74
N ALA A 211 33.98 -35.03 -5.26
CA ALA A 211 34.59 -36.28 -4.90
C ALA A 211 34.72 -37.18 -6.12
N LEU A 212 33.59 -37.47 -6.77
CA LEU A 212 33.60 -38.29 -7.98
C LEU A 212 32.26 -38.22 -8.72
N ALA A 213 31.16 -38.42 -8.01
CA ALA A 213 29.85 -38.50 -8.64
C ALA A 213 28.82 -37.68 -7.88
N GLU A 214 29.22 -36.49 -7.47
CA GLU A 214 28.35 -35.59 -6.71
C GLU A 214 27.19 -35.13 -7.56
N GLU A 215 27.44 -34.99 -8.86
CA GLU A 215 26.40 -34.61 -9.80
C GLU A 215 25.32 -35.70 -9.85
N LYS A 216 25.75 -36.96 -9.80
CA LYS A 216 24.85 -38.09 -9.79
C LYS A 216 24.07 -38.13 -8.49
N GLN A 217 24.74 -37.77 -7.41
CA GLN A 217 24.10 -37.69 -6.10
C GLN A 217 22.96 -36.68 -6.12
N ARG A 218 23.24 -35.50 -6.67
CA ARG A 218 22.25 -34.43 -6.77
C ARG A 218 21.04 -34.88 -7.57
N CYS A 219 21.28 -35.56 -8.68
CA CYS A 219 20.20 -36.07 -9.52
C CYS A 219 19.38 -37.11 -8.77
N LEU A 220 20.03 -37.86 -7.90
CA LEU A 220 19.38 -38.91 -7.12
C LEU A 220 18.44 -38.32 -6.07
N GLU A 221 18.96 -37.40 -5.26
CA GLU A 221 18.19 -36.83 -4.16
C GLU A 221 17.14 -35.83 -4.65
N SER A 222 17.55 -34.96 -5.57
CA SER A 222 16.68 -33.89 -6.08
C SER A 222 16.07 -33.09 -4.93
N GLY A 223 16.89 -32.79 -3.94
CA GLY A 223 16.42 -32.07 -2.76
C GLY A 223 17.14 -30.77 -2.57
N MET A 224 18.37 -30.67 -3.08
CA MET A 224 19.13 -29.44 -3.01
C MET A 224 18.64 -28.45 -4.06
N ASP A 225 19.41 -28.33 -5.14
CA ASP A 225 19.06 -27.52 -6.31
C ASP A 225 20.26 -27.42 -7.24
N SER A 226 21.31 -26.78 -6.76
CA SER A 226 22.51 -26.57 -7.56
C SER A 226 23.69 -27.35 -6.98
N CYS A 227 24.68 -27.61 -7.80
CA CYS A 227 25.91 -28.26 -7.36
C CYS A 227 27.08 -27.31 -7.55
N LEU A 228 27.74 -26.98 -6.44
CA LEU A 228 28.87 -26.07 -6.47
C LEU A 228 30.14 -26.80 -6.04
N SER A 229 31.28 -26.22 -6.37
CA SER A 229 32.55 -26.79 -5.98
C SER A 229 33.13 -26.02 -4.80
N LYS A 230 33.69 -26.76 -3.84
CA LYS A 230 34.33 -26.18 -2.66
C LYS A 230 35.38 -25.12 -3.04
N PRO A 231 36.23 -25.35 -4.07
CA PRO A 231 37.13 -24.31 -4.59
C PRO A 231 36.37 -23.16 -5.26
N VAL A 232 35.61 -22.42 -4.46
CA VAL A 232 34.86 -21.29 -4.94
C VAL A 232 35.60 -19.99 -4.65
N THR A 233 35.48 -19.01 -5.53
CA THR A 233 36.13 -17.73 -5.33
C THR A 233 35.13 -16.68 -4.87
N LEU A 234 35.62 -15.50 -4.54
CA LEU A 234 34.75 -14.38 -4.19
C LEU A 234 33.84 -14.05 -5.37
N ASP A 235 34.37 -14.19 -6.57
CA ASP A 235 33.62 -13.84 -7.77
C ASP A 235 32.55 -14.88 -8.06
N VAL A 236 32.92 -16.15 -7.98
CA VAL A 236 31.98 -17.23 -8.25
C VAL A 236 30.87 -17.28 -7.19
N ILE A 237 31.26 -17.04 -5.94
CA ILE A 237 30.29 -16.96 -4.86
C ILE A 237 29.35 -15.78 -5.09
N LYS A 238 29.91 -14.68 -5.59
CA LYS A 238 29.14 -13.49 -5.91
C LYS A 238 28.12 -13.79 -7.00
N GLN A 239 28.58 -14.43 -8.08
CA GLN A 239 27.72 -14.81 -9.20
C GLN A 239 26.53 -15.63 -8.74
N THR A 240 26.81 -16.72 -8.03
CA THR A 240 25.78 -17.64 -7.59
C THR A 240 24.79 -16.96 -6.64
N LEU A 241 25.31 -16.22 -5.67
CA LEU A 241 24.48 -15.53 -4.69
C LEU A 241 23.58 -14.51 -5.38
N THR A 242 24.17 -13.73 -6.29
CA THR A 242 23.43 -12.70 -7.00
C THR A 242 22.34 -13.30 -7.89
N LEU A 243 22.71 -14.32 -8.66
CA LEU A 243 21.79 -14.96 -9.59
C LEU A 243 20.62 -15.60 -8.87
N TYR A 244 20.87 -16.18 -7.71
CA TYR A 244 19.81 -16.84 -6.96
C TYR A 244 18.97 -15.83 -6.20
N ALA A 245 19.61 -14.76 -5.74
CA ALA A 245 18.90 -13.70 -5.03
C ALA A 245 17.94 -12.98 -5.97
N GLU A 246 18.36 -12.77 -7.20
CA GLU A 246 17.51 -12.14 -8.19
C GLU A 246 16.39 -13.10 -8.58
N ARG A 247 16.69 -14.40 -8.60
CA ARG A 247 15.71 -15.42 -8.95
C ARG A 247 14.57 -15.46 -7.92
N VAL A 248 14.93 -15.49 -6.64
CA VAL A 248 13.94 -15.48 -5.58
C VAL A 248 13.25 -14.13 -5.53
N ARG A 249 13.96 -13.08 -5.92
CA ARG A 249 13.39 -11.74 -5.98
C ARG A 249 12.28 -11.67 -7.03
N LYS A 250 12.44 -12.41 -8.13
CA LYS A 250 11.42 -12.48 -9.17
C LYS A 250 10.17 -13.15 -8.62
N SER A 251 10.36 -14.22 -7.86
CA SER A 251 9.27 -14.95 -7.25
C SER A 251 8.64 -14.16 -6.10
N ARG A 252 9.36 -13.16 -5.61
CA ARG A 252 8.89 -12.33 -4.50
C ARG A 252 8.09 -11.13 -5.02
N ASP A 253 8.77 -10.29 -5.79
CA ASP A 253 8.17 -9.07 -6.32
C ASP A 253 8.01 -9.17 -7.82
N SER A 254 7.11 -10.04 -8.25
CA SER A 254 6.85 -10.23 -9.67
C SER A 254 6.11 -9.03 -10.26
N MET A 1 -6.53 12.96 -15.23
CA MET A 1 -5.45 11.95 -15.22
C MET A 1 -5.87 10.74 -14.39
N GLY A 2 -4.94 9.83 -14.15
CA GLY A 2 -5.24 8.63 -13.38
C GLY A 2 -4.70 8.71 -11.98
N GLY A 3 -5.16 7.81 -11.13
CA GLY A 3 -4.69 7.77 -9.75
C GLY A 3 -3.45 6.94 -9.60
N SER A 4 -2.30 7.60 -9.58
CA SER A 4 -1.02 6.90 -9.51
C SER A 4 -0.55 6.74 -8.07
N GLY A 5 -1.19 5.85 -7.33
CA GLY A 5 -0.80 5.61 -5.96
C GLY A 5 -1.76 4.68 -5.23
N VAL A 6 -1.25 3.56 -4.75
CA VAL A 6 -2.05 2.61 -3.99
C VAL A 6 -1.37 2.34 -2.64
N GLU A 7 -0.06 2.08 -2.71
CA GLU A 7 0.77 1.84 -1.51
C GLU A 7 0.30 0.60 -0.74
N GLY A 8 0.74 0.51 0.50
CA GLY A 8 0.39 -0.61 1.35
C GLY A 8 1.34 -0.72 2.53
N LEU A 9 0.80 -1.03 3.71
CA LEU A 9 1.61 -1.05 4.92
C LEU A 9 2.01 -2.47 5.31
N SER A 10 2.60 -3.17 4.37
CA SER A 10 3.14 -4.50 4.63
C SER A 10 4.66 -4.48 4.48
N GLY A 11 5.36 -4.87 5.53
CA GLY A 11 6.82 -4.89 5.50
C GLY A 11 7.43 -4.05 6.60
N LYS A 12 6.61 -3.27 7.28
CA LYS A 12 7.08 -2.45 8.40
C LYS A 12 7.33 -3.33 9.61
N ARG A 13 8.32 -2.96 10.41
CA ARG A 13 8.77 -3.82 11.50
C ARG A 13 8.26 -3.32 12.85
N CYS A 14 8.18 -4.23 13.80
CA CYS A 14 7.81 -3.90 15.17
C CYS A 14 8.63 -4.72 16.14
N TRP A 15 9.47 -4.06 16.92
CA TRP A 15 10.33 -4.74 17.88
C TRP A 15 9.63 -4.83 19.23
N LEU A 16 9.37 -6.04 19.69
CA LEU A 16 8.66 -6.23 20.94
C LEU A 16 9.51 -6.97 21.97
N ALA A 17 9.61 -6.38 23.15
CA ALA A 17 10.30 -6.96 24.28
C ALA A 17 9.38 -6.97 25.50
N VAL A 18 8.24 -7.64 25.34
CA VAL A 18 7.27 -7.71 26.41
C VAL A 18 7.44 -9.02 27.16
N ARG A 19 7.69 -8.92 28.46
CA ARG A 19 7.97 -10.08 29.29
C ARG A 19 6.74 -10.98 29.42
N ASN A 20 5.60 -10.37 29.69
CA ASN A 20 4.35 -11.10 29.82
C ASN A 20 3.79 -11.43 28.44
N ALA A 21 3.38 -12.68 28.25
CA ALA A 21 2.92 -13.16 26.96
C ALA A 21 1.50 -12.70 26.66
N SER A 22 0.79 -12.27 27.71
CA SER A 22 -0.57 -11.77 27.54
C SER A 22 -0.58 -10.55 26.62
N LEU A 23 0.20 -9.55 26.99
CA LEU A 23 0.33 -8.34 26.20
C LEU A 23 1.15 -8.60 24.94
N CYS A 24 2.19 -9.41 25.08
CA CYS A 24 3.08 -9.74 23.98
C CYS A 24 2.30 -10.32 22.80
N GLN A 25 1.50 -11.35 23.08
CA GLN A 25 0.74 -12.02 22.04
C GLN A 25 -0.35 -11.13 21.47
N PHE A 26 -1.05 -10.40 22.33
CA PHE A 26 -2.11 -9.51 21.90
C PHE A 26 -1.59 -8.48 20.91
N LEU A 27 -0.56 -7.75 21.32
CA LEU A 27 0.03 -6.70 20.52
C LEU A 27 0.55 -7.25 19.19
N GLU A 28 1.24 -8.38 19.27
CA GLU A 28 1.82 -8.99 18.07
C GLU A 28 0.74 -9.39 17.07
N THR A 29 -0.40 -9.85 17.59
CA THR A 29 -1.50 -10.27 16.75
C THR A 29 -2.08 -9.11 15.95
N SER A 30 -2.27 -7.97 16.61
CA SER A 30 -2.82 -6.78 15.97
C SER A 30 -1.89 -6.29 14.85
N LEU A 31 -0.59 -6.39 15.07
CA LEU A 31 0.38 -5.92 14.11
C LEU A 31 0.47 -6.87 12.92
N GLN A 32 0.59 -8.17 13.21
CA GLN A 32 0.73 -9.18 12.16
C GLN A 32 -0.60 -9.44 11.45
N ARG A 33 -1.66 -8.82 11.93
CA ARG A 33 -2.96 -8.92 11.28
C ARG A 33 -2.97 -8.03 10.03
N SER A 34 -2.16 -6.98 10.06
CA SER A 34 -1.98 -6.10 8.91
C SER A 34 -0.85 -6.62 8.02
N GLY A 35 0.31 -5.96 8.09
CA GLY A 35 1.47 -6.42 7.38
C GLY A 35 2.73 -6.08 8.12
N ILE A 36 2.63 -6.04 9.44
CA ILE A 36 3.76 -5.67 10.29
C ILE A 36 4.49 -6.92 10.78
N VAL A 37 5.79 -6.96 10.55
CA VAL A 37 6.61 -8.07 10.96
C VAL A 37 7.06 -7.90 12.41
N VAL A 38 6.36 -8.54 13.32
CA VAL A 38 6.71 -8.50 14.73
C VAL A 38 7.97 -9.30 14.98
N THR A 39 9.03 -8.62 15.35
CA THR A 39 10.31 -9.26 15.60
C THR A 39 10.74 -9.07 17.04
N THR A 40 11.06 -10.18 17.68
CA THR A 40 11.60 -10.17 19.02
C THR A 40 12.86 -9.32 19.11
N TYR A 41 12.86 -8.33 20.01
CA TYR A 41 14.03 -7.51 20.21
C TYR A 41 15.04 -8.23 21.10
N GLU A 42 15.63 -9.27 20.54
CA GLU A 42 16.57 -10.11 21.27
C GLU A 42 17.92 -9.41 21.41
N GLY A 43 18.20 -8.50 20.49
CA GLY A 43 19.45 -7.76 20.53
C GLY A 43 19.84 -7.27 19.16
N GLN A 44 18.99 -6.44 18.57
CA GLN A 44 19.20 -5.97 17.22
C GLN A 44 19.50 -4.47 17.21
N GLU A 45 19.68 -3.93 16.02
CA GLU A 45 20.02 -2.51 15.85
C GLU A 45 18.78 -1.64 15.93
N PRO A 46 18.90 -0.44 16.52
CA PRO A 46 17.81 0.52 16.58
C PRO A 46 17.69 1.32 15.30
N THR A 47 16.52 1.28 14.69
CA THR A 47 16.28 2.01 13.45
C THR A 47 15.29 3.16 13.70
N PRO A 48 15.57 4.35 13.15
CA PRO A 48 14.71 5.53 13.33
C PRO A 48 13.35 5.39 12.66
N GLU A 49 13.14 4.25 12.00
CA GLU A 49 11.87 3.96 11.35
C GLU A 49 11.08 2.95 12.16
N ASP A 50 11.74 2.39 13.16
CA ASP A 50 11.18 1.26 13.92
C ASP A 50 10.78 1.69 15.32
N VAL A 51 9.81 0.98 15.86
CA VAL A 51 9.32 1.27 17.20
C VAL A 51 9.56 0.08 18.15
N LEU A 52 9.80 0.40 19.40
CA LEU A 52 10.00 -0.61 20.44
C LEU A 52 8.79 -0.66 21.37
N ILE A 53 8.32 -1.86 21.67
CA ILE A 53 7.26 -2.04 22.65
C ILE A 53 7.80 -2.87 23.82
N THR A 54 7.81 -2.29 25.01
CA THR A 54 8.52 -2.88 26.12
C THR A 54 7.64 -3.11 27.35
N ASP A 55 7.96 -4.13 28.13
CA ASP A 55 7.27 -4.40 29.39
C ASP A 55 8.23 -4.19 30.55
N GLU A 56 7.90 -3.21 31.40
CA GLU A 56 8.73 -2.81 32.54
C GLU A 56 10.04 -2.17 32.07
N VAL A 57 10.89 -1.82 33.04
CA VAL A 57 12.14 -1.13 32.74
C VAL A 57 13.17 -2.10 32.16
N VAL A 58 13.32 -2.06 30.84
CA VAL A 58 14.32 -2.87 30.15
C VAL A 58 15.64 -2.10 30.03
N SER A 59 15.63 -0.87 30.55
CA SER A 59 16.80 0.00 30.51
C SER A 59 17.28 0.25 29.07
N LYS A 60 16.32 0.45 28.18
CA LYS A 60 16.63 0.70 26.77
C LYS A 60 16.10 2.06 26.34
N LYS A 61 16.97 2.87 25.77
CA LYS A 61 16.58 4.20 25.32
C LYS A 61 15.91 4.14 23.96
N TRP A 62 16.47 3.33 23.06
CA TRP A 62 15.93 3.15 21.72
C TRP A 62 15.96 4.45 20.91
N GLN A 63 17.06 4.68 20.21
CA GLN A 63 17.16 5.84 19.34
C GLN A 63 16.51 5.54 18.00
N GLY A 64 15.22 5.22 18.04
CA GLY A 64 14.49 4.87 16.84
C GLY A 64 13.37 5.84 16.57
N ARG A 65 12.27 5.33 16.04
CA ARG A 65 11.10 6.15 15.76
C ARG A 65 10.36 6.49 17.05
N ALA A 66 10.02 5.45 17.80
CA ALA A 66 9.31 5.61 19.05
C ALA A 66 9.45 4.37 19.91
N VAL A 67 9.28 4.53 21.21
CA VAL A 67 9.36 3.42 22.15
C VAL A 67 8.29 3.57 23.22
N VAL A 68 7.51 2.52 23.40
CA VAL A 68 6.45 2.52 24.39
C VAL A 68 6.79 1.56 25.51
N THR A 69 7.18 2.09 26.65
CA THR A 69 7.51 1.28 27.81
C THR A 69 6.32 1.20 28.76
N PHE A 70 5.84 0.00 28.99
CA PHE A 70 4.78 -0.23 29.95
C PHE A 70 5.33 -0.17 31.35
N CYS A 71 4.77 0.69 32.18
CA CYS A 71 5.19 0.76 33.56
C CYS A 71 4.25 -0.08 34.40
N ARG A 72 4.82 -0.92 35.25
CA ARG A 72 4.01 -1.82 36.06
C ARG A 72 4.36 -1.69 37.52
N ARG A 73 5.55 -2.14 37.87
CA ARG A 73 5.99 -2.12 39.26
C ARG A 73 7.23 -1.27 39.42
N HIS A 74 8.05 -1.20 38.39
CA HIS A 74 9.28 -0.44 38.45
C HIS A 74 9.25 0.74 37.49
N ILE A 75 9.66 1.89 37.99
CA ILE A 75 9.83 3.07 37.15
C ILE A 75 11.30 3.20 36.77
N GLY A 76 11.56 3.88 35.68
CA GLY A 76 12.93 4.02 35.20
C GLY A 76 12.96 4.75 33.88
N ILE A 77 12.03 4.37 33.01
CA ILE A 77 11.79 5.13 31.80
C ILE A 77 10.78 6.23 32.11
N PRO A 78 11.15 7.50 31.85
CA PRO A 78 10.31 8.66 32.21
C PRO A 78 8.97 8.65 31.48
N LEU A 79 8.97 9.20 30.27
CA LEU A 79 7.77 9.28 29.42
C LEU A 79 8.11 10.13 28.21
N GLU A 80 7.09 10.75 27.61
CA GLU A 80 7.27 11.70 26.53
C GLU A 80 8.11 12.90 26.94
N LYS A 81 9.39 12.65 27.04
CA LYS A 81 10.38 13.69 27.25
C LYS A 81 11.35 13.69 26.08
N ALA A 82 11.79 12.50 25.71
CA ALA A 82 12.73 12.34 24.60
C ALA A 82 11.96 12.11 23.29
N PRO A 83 12.64 12.22 22.14
CA PRO A 83 12.00 12.07 20.81
C PRO A 83 11.39 10.68 20.60
N GLY A 84 10.12 10.55 20.95
CA GLY A 84 9.40 9.31 20.72
C GLY A 84 9.31 8.45 21.97
N GLU A 85 9.58 9.04 23.12
CA GLU A 85 9.55 8.32 24.37
C GLU A 85 8.12 8.29 24.90
N TRP A 86 7.59 7.10 25.11
CA TRP A 86 6.23 6.95 25.64
C TRP A 86 6.21 5.93 26.76
N VAL A 87 5.38 6.18 27.77
CA VAL A 87 5.14 5.21 28.84
C VAL A 87 3.65 5.13 29.12
N HIS A 88 3.21 4.01 29.69
CA HIS A 88 1.81 3.82 30.03
C HIS A 88 1.59 2.49 30.74
N SER A 89 0.68 2.48 31.70
CA SER A 89 0.31 1.26 32.41
C SER A 89 -1.05 0.77 31.94
N VAL A 90 -1.06 -0.25 31.08
CA VAL A 90 -2.31 -0.83 30.61
C VAL A 90 -2.13 -2.31 30.29
N ALA A 91 -3.23 -3.06 30.33
CA ALA A 91 -3.21 -4.46 29.93
C ALA A 91 -3.44 -4.59 28.43
N ALA A 92 -3.45 -3.44 27.76
CA ALA A 92 -3.65 -3.36 26.31
C ALA A 92 -4.96 -4.00 25.86
N PRO A 93 -6.12 -3.44 26.30
CA PRO A 93 -7.42 -3.94 25.87
C PRO A 93 -7.66 -3.69 24.38
N HIS A 94 -7.53 -2.44 23.95
CA HIS A 94 -7.66 -2.10 22.53
C HIS A 94 -7.03 -0.75 22.20
N GLU A 95 -6.89 0.11 23.20
CA GLU A 95 -6.38 1.47 22.98
C GLU A 95 -4.89 1.49 22.67
N LEU A 96 -4.12 0.65 23.34
CA LEU A 96 -2.67 0.62 23.15
C LEU A 96 -2.31 0.25 21.70
N PRO A 97 -2.79 -0.89 21.17
CA PRO A 97 -2.53 -1.26 19.78
C PRO A 97 -3.03 -0.20 18.79
N ALA A 98 -4.04 0.56 19.20
CA ALA A 98 -4.57 1.65 18.39
C ALA A 98 -3.59 2.82 18.36
N LEU A 99 -2.98 3.12 19.51
CA LEU A 99 -1.97 4.16 19.59
C LEU A 99 -0.81 3.85 18.66
N LEU A 100 -0.34 2.61 18.71
CA LEU A 100 0.78 2.19 17.90
C LEU A 100 0.39 2.09 16.43
N ALA A 101 -0.88 1.78 16.17
CA ALA A 101 -1.39 1.77 14.82
C ALA A 101 -1.30 3.18 14.23
N ARG A 102 -1.73 4.16 15.00
CA ARG A 102 -1.64 5.55 14.58
C ARG A 102 -0.17 5.96 14.43
N ILE A 103 0.69 5.39 15.28
CA ILE A 103 2.12 5.67 15.23
C ILE A 103 2.71 5.24 13.88
N TYR A 104 2.15 4.18 13.30
CA TYR A 104 2.63 3.67 12.02
C TYR A 104 1.69 4.07 10.89
N LEU A 105 0.82 5.03 11.17
CA LEU A 105 -0.11 5.58 10.18
C LEU A 105 -1.06 4.52 9.63
N ILE A 106 -1.56 3.65 10.50
CA ILE A 106 -2.53 2.65 10.11
C ILE A 106 -3.93 3.23 10.24
N GLU A 107 -4.21 4.21 9.39
CA GLU A 107 -5.47 4.96 9.43
C GLU A 107 -6.62 4.12 8.86
N MET A 108 -7.03 3.12 9.62
CA MET A 108 -8.16 2.28 9.22
C MET A 108 -9.12 2.06 10.40
N GLU A 109 -9.23 3.07 11.25
CA GLU A 109 -10.10 3.01 12.41
C GLU A 109 -10.57 4.41 12.75
N SER A 110 -11.39 4.54 13.80
CA SER A 110 -11.87 5.83 14.25
C SER A 110 -10.78 6.58 15.01
N ASP A 111 -9.57 6.54 14.49
CA ASP A 111 -8.45 7.22 15.11
C ASP A 111 -8.55 8.71 14.85
N ASP A 112 -8.78 9.45 15.90
CA ASP A 112 -8.93 10.90 15.82
C ASP A 112 -7.54 11.55 15.72
N PRO A 113 -7.30 12.30 14.63
CA PRO A 113 -6.00 12.94 14.37
C PRO A 113 -5.72 14.09 15.34
N ALA A 114 -5.49 13.75 16.60
CA ALA A 114 -5.13 14.71 17.61
C ALA A 114 -4.16 14.08 18.60
N ASN A 115 -3.15 14.84 18.98
CA ASN A 115 -2.08 14.35 19.85
C ASN A 115 -1.31 13.22 19.16
N ALA A 116 -1.02 13.44 17.88
CA ALA A 116 -0.32 12.45 17.08
C ALA A 116 0.48 13.14 15.99
N LEU A 117 1.59 13.76 16.38
CA LEU A 117 2.45 14.43 15.43
C LEU A 117 3.36 13.42 14.72
N PRO A 118 3.19 13.26 13.41
CA PRO A 118 3.98 12.33 12.62
C PRO A 118 5.40 12.84 12.38
N SER A 119 6.37 11.93 12.45
CA SER A 119 7.76 12.29 12.23
C SER A 119 8.05 12.37 10.74
N THR A 120 9.15 13.01 10.37
CA THR A 120 9.57 13.14 8.99
C THR A 120 9.81 11.76 8.35
N ASP A 121 8.89 11.33 7.52
CA ASP A 121 8.94 10.01 6.90
C ASP A 121 9.86 10.00 5.69
N LYS A 122 11.12 10.33 5.90
CA LYS A 122 12.09 10.38 4.82
C LYS A 122 13.14 9.29 5.00
N ALA A 123 12.70 8.09 5.35
CA ALA A 123 13.62 6.99 5.60
C ALA A 123 12.98 5.66 5.23
N VAL A 124 13.79 4.61 5.28
CA VAL A 124 13.32 3.26 5.02
C VAL A 124 13.73 2.34 6.18
N SER A 125 13.05 1.22 6.34
CA SER A 125 13.31 0.33 7.46
C SER A 125 14.40 -0.69 7.14
N ASP A 126 14.14 -1.57 6.18
CA ASP A 126 15.05 -2.69 5.89
C ASP A 126 14.82 -3.24 4.50
N ASN A 127 15.38 -4.42 4.25
CA ASN A 127 15.21 -5.11 3.00
C ASN A 127 14.73 -6.54 3.25
N ASP A 128 15.36 -7.20 4.25
CA ASP A 128 15.08 -8.59 4.59
C ASP A 128 15.37 -9.51 3.40
N ASP A 129 16.48 -10.22 3.46
CA ASP A 129 16.91 -11.03 2.33
C ASP A 129 17.08 -12.48 2.74
N MET A 130 18.28 -13.00 2.51
CA MET A 130 18.59 -14.40 2.74
C MET A 130 20.07 -14.56 3.08
N MET A 131 20.39 -15.43 4.02
CA MET A 131 21.77 -15.68 4.40
C MET A 131 22.05 -17.18 4.53
N ILE A 132 23.02 -17.65 3.78
CA ILE A 132 23.39 -19.06 3.79
C ILE A 132 24.73 -19.23 4.51
N LEU A 133 24.84 -20.30 5.29
CA LEU A 133 26.06 -20.55 6.06
C LEU A 133 26.84 -21.70 5.45
N VAL A 134 28.06 -21.40 5.01
CA VAL A 134 28.92 -22.38 4.39
C VAL A 134 30.05 -22.76 5.36
N VAL A 135 29.97 -23.99 5.85
CA VAL A 135 30.98 -24.49 6.78
C VAL A 135 31.84 -25.54 6.11
N ASP A 136 33.03 -25.15 5.68
CA ASP A 136 33.92 -26.07 4.97
C ASP A 136 35.14 -26.36 5.82
N ASP A 137 35.68 -27.56 5.67
CA ASP A 137 36.86 -27.97 6.41
C ASP A 137 38.14 -27.64 5.64
N HIS A 138 38.02 -27.48 4.33
CA HIS A 138 39.17 -27.25 3.48
C HIS A 138 39.13 -25.83 2.90
N PRO A 139 40.09 -24.98 3.31
CA PRO A 139 40.14 -23.55 2.96
C PRO A 139 39.94 -23.27 1.46
N ILE A 140 40.62 -24.02 0.60
CA ILE A 140 40.53 -23.82 -0.84
C ILE A 140 39.08 -23.93 -1.32
N ASN A 141 38.38 -24.96 -0.87
CA ASN A 141 37.00 -25.19 -1.28
C ASN A 141 36.09 -24.22 -0.56
N ARG A 142 36.43 -23.90 0.68
CA ARG A 142 35.69 -22.93 1.47
C ARG A 142 35.55 -21.62 0.70
N ARG A 143 36.65 -21.17 0.14
CA ARG A 143 36.67 -19.95 -0.67
C ARG A 143 35.83 -20.14 -1.93
N LEU A 144 35.94 -21.32 -2.53
CA LEU A 144 35.25 -21.62 -3.78
C LEU A 144 33.73 -21.50 -3.65
N LEU A 145 33.15 -22.20 -2.68
CA LEU A 145 31.70 -22.20 -2.53
C LEU A 145 31.21 -20.87 -1.96
N ALA A 146 32.01 -20.26 -1.10
CA ALA A 146 31.64 -18.99 -0.49
C ALA A 146 31.52 -17.90 -1.55
N ASP A 147 32.50 -17.84 -2.44
CA ASP A 147 32.52 -16.85 -3.51
C ASP A 147 31.36 -17.08 -4.47
N GLN A 148 31.07 -18.34 -4.75
CA GLN A 148 30.01 -18.69 -5.69
C GLN A 148 28.63 -18.40 -5.09
N LEU A 149 28.53 -18.54 -3.77
CA LEU A 149 27.32 -18.17 -3.06
C LEU A 149 27.05 -16.67 -3.24
N GLY A 150 28.13 -15.89 -3.26
CA GLY A 150 28.02 -14.48 -3.50
C GLY A 150 27.51 -14.18 -4.90
N SER A 151 27.95 -14.98 -5.88
CA SER A 151 27.51 -14.80 -7.26
C SER A 151 26.02 -15.11 -7.41
N LEU A 152 25.50 -15.95 -6.53
CA LEU A 152 24.09 -16.30 -6.53
C LEU A 152 23.25 -15.15 -6.00
N GLY A 153 23.92 -14.17 -5.39
CA GLY A 153 23.24 -12.99 -4.90
C GLY A 153 22.64 -13.17 -3.53
N TYR A 154 23.26 -14.02 -2.73
CA TYR A 154 22.78 -14.28 -1.38
C TYR A 154 23.88 -14.01 -0.37
N GLN A 155 23.50 -13.49 0.79
CA GLN A 155 24.46 -13.20 1.84
C GLN A 155 25.08 -14.48 2.36
N CYS A 156 26.39 -14.45 2.51
CA CYS A 156 27.13 -15.66 2.85
C CYS A 156 27.83 -15.51 4.19
N LYS A 157 27.71 -16.53 5.02
CA LYS A 157 28.42 -16.57 6.28
C LYS A 157 29.35 -17.77 6.27
N THR A 158 30.63 -17.55 6.54
CA THR A 158 31.60 -18.62 6.43
C THR A 158 32.07 -19.09 7.81
N ALA A 159 32.21 -20.40 7.94
CA ALA A 159 32.73 -20.98 9.17
C ALA A 159 33.66 -22.15 8.84
N ASN A 160 34.70 -22.31 9.64
CA ASN A 160 35.61 -23.43 9.49
C ASN A 160 35.65 -24.25 10.77
N ASP A 161 34.56 -24.98 11.02
CA ASP A 161 34.41 -25.86 12.19
C ASP A 161 32.94 -26.22 12.36
N GLY A 162 32.69 -27.47 12.73
CA GLY A 162 31.32 -27.92 12.87
C GLY A 162 30.59 -27.27 14.03
N VAL A 163 31.20 -27.25 15.20
CA VAL A 163 30.56 -26.70 16.39
C VAL A 163 30.52 -25.17 16.32
N ASP A 164 31.53 -24.59 15.67
CA ASP A 164 31.60 -23.15 15.49
C ASP A 164 30.38 -22.63 14.73
N ALA A 165 29.85 -23.49 13.85
CA ALA A 165 28.64 -23.16 13.10
C ALA A 165 27.46 -22.97 14.03
N LEU A 166 27.44 -23.72 15.12
CA LEU A 166 26.37 -23.60 16.10
C LEU A 166 26.47 -22.27 16.83
N ASN A 167 27.69 -21.87 17.16
CA ASN A 167 27.93 -20.59 17.82
C ASN A 167 27.41 -19.44 16.96
N VAL A 168 27.78 -19.44 15.68
CA VAL A 168 27.35 -18.40 14.76
C VAL A 168 25.85 -18.47 14.53
N LEU A 169 25.29 -19.67 14.59
CA LEU A 169 23.85 -19.89 14.44
C LEU A 169 23.10 -19.21 15.58
N SER A 170 23.63 -19.34 16.79
CA SER A 170 22.97 -18.81 17.98
C SER A 170 23.12 -17.28 18.07
N LYS A 171 24.14 -16.75 17.41
CA LYS A 171 24.41 -15.31 17.46
C LYS A 171 23.69 -14.58 16.33
N ASN A 172 23.76 -15.14 15.13
CA ASN A 172 23.16 -14.52 13.96
C ASN A 172 21.77 -15.11 13.70
N HIS A 173 21.50 -15.47 12.45
CA HIS A 173 20.22 -16.05 12.08
C HIS A 173 20.45 -17.23 11.14
N ILE A 174 20.74 -16.91 9.87
CA ILE A 174 20.99 -17.91 8.82
C ILE A 174 19.71 -18.68 8.47
N ASP A 175 19.48 -18.86 7.18
CA ASP A 175 18.29 -19.55 6.70
C ASP A 175 18.61 -21.00 6.37
N ILE A 176 19.70 -21.20 5.63
CA ILE A 176 20.13 -22.53 5.22
C ILE A 176 21.54 -22.82 5.72
N VAL A 177 21.74 -23.96 6.35
CA VAL A 177 23.06 -24.35 6.82
C VAL A 177 23.57 -25.55 6.01
N LEU A 178 24.83 -25.50 5.59
CA LEU A 178 25.44 -26.63 4.91
C LEU A 178 26.87 -26.81 5.38
N SER A 179 27.28 -28.06 5.52
CA SER A 179 28.62 -28.38 5.98
C SER A 179 29.37 -29.19 4.93
N ASP A 180 30.25 -28.51 4.22
CA ASP A 180 31.06 -29.13 3.17
C ASP A 180 32.34 -29.68 3.75
N VAL A 181 32.43 -31.00 3.86
CA VAL A 181 33.56 -31.63 4.53
C VAL A 181 34.33 -32.56 3.59
N ASN A 182 35.63 -32.33 3.48
CA ASN A 182 36.52 -33.22 2.74
C ASN A 182 37.17 -34.17 3.74
N MET A 183 37.45 -33.63 4.92
CA MET A 183 37.93 -34.41 6.04
C MET A 183 36.94 -34.28 7.18
N PRO A 184 36.55 -35.41 7.80
CA PRO A 184 35.57 -35.42 8.91
C PRO A 184 35.92 -34.49 10.06
N ASN A 185 37.18 -34.03 10.11
CA ASN A 185 37.64 -33.14 11.18
C ASN A 185 37.54 -33.86 12.52
N MET A 186 38.41 -34.85 12.70
CA MET A 186 38.36 -35.78 13.84
C MET A 186 37.19 -36.75 13.67
N ASP A 187 35.98 -36.21 13.66
CA ASP A 187 34.77 -37.01 13.49
C ASP A 187 33.66 -36.16 12.86
N GLY A 188 33.04 -36.69 11.81
CA GLY A 188 32.04 -35.93 11.08
C GLY A 188 30.62 -36.24 11.54
N TYR A 189 30.46 -36.43 12.84
CA TYR A 189 29.14 -36.67 13.42
C TYR A 189 28.92 -35.75 14.61
N ARG A 190 30.01 -35.38 15.26
CA ARG A 190 29.99 -34.53 16.44
C ARG A 190 29.23 -33.22 16.19
N LEU A 191 29.42 -32.64 15.00
CA LEU A 191 28.79 -31.36 14.68
C LEU A 191 27.28 -31.52 14.50
N THR A 192 26.88 -32.56 13.79
CA THR A 192 25.47 -32.82 13.53
C THR A 192 24.74 -33.17 14.82
N GLN A 193 25.40 -34.00 15.63
CA GLN A 193 24.87 -34.38 16.93
C GLN A 193 24.64 -33.15 17.79
N ARG A 194 25.57 -32.21 17.73
CA ARG A 194 25.45 -30.98 18.50
C ARG A 194 24.35 -30.08 17.96
N ILE A 195 24.17 -30.09 16.64
CA ILE A 195 23.16 -29.26 16.01
C ILE A 195 21.75 -29.72 16.41
N ARG A 196 21.53 -31.03 16.44
CA ARG A 196 20.24 -31.56 16.89
C ARG A 196 20.12 -31.46 18.41
N GLN A 197 21.26 -31.42 19.08
CA GLN A 197 21.32 -31.30 20.53
C GLN A 197 20.76 -29.95 20.97
N LEU A 198 21.09 -28.91 20.20
CA LEU A 198 20.63 -27.56 20.50
C LEU A 198 19.22 -27.32 19.97
N GLY A 199 18.76 -28.25 19.14
CA GLY A 199 17.44 -28.11 18.54
C GLY A 199 17.49 -27.31 17.27
N LEU A 200 17.76 -27.99 16.16
CA LEU A 200 17.89 -27.33 14.87
C LEU A 200 16.52 -26.87 14.36
N THR A 201 16.32 -25.56 14.32
CA THR A 201 15.08 -24.98 13.84
C THR A 201 15.10 -24.77 12.33
N LEU A 202 16.29 -24.89 11.75
CA LEU A 202 16.48 -24.68 10.32
C LEU A 202 17.12 -25.90 9.69
N PRO A 203 16.79 -26.18 8.42
CA PRO A 203 17.31 -27.35 7.71
C PRO A 203 18.79 -27.22 7.36
N VAL A 204 19.51 -28.33 7.48
CA VAL A 204 20.93 -28.34 7.17
C VAL A 204 21.26 -29.46 6.18
N ILE A 205 22.21 -29.18 5.31
CA ILE A 205 22.67 -30.15 4.33
C ILE A 205 24.07 -30.63 4.69
N GLY A 206 24.20 -31.93 4.95
CA GLY A 206 25.49 -32.49 5.28
C GLY A 206 26.18 -33.06 4.06
N VAL A 207 27.09 -32.29 3.51
CA VAL A 207 27.83 -32.75 2.35
C VAL A 207 29.21 -33.25 2.79
N THR A 208 29.33 -34.56 2.87
CA THR A 208 30.53 -35.19 3.39
C THR A 208 31.37 -35.78 2.27
N ALA A 209 32.55 -36.27 2.60
CA ALA A 209 33.42 -36.85 1.59
C ALA A 209 32.99 -38.28 1.26
N ASN A 210 32.35 -38.39 0.09
CA ASN A 210 31.88 -39.66 -0.50
C ASN A 210 31.76 -40.82 0.48
N ALA A 211 30.58 -40.98 1.07
CA ALA A 211 30.30 -42.14 1.90
C ALA A 211 29.60 -43.21 1.07
N LEU A 212 29.55 -42.98 -0.25
CA LEU A 212 28.87 -43.85 -1.20
C LEU A 212 27.36 -43.78 -0.99
N ALA A 213 26.89 -44.29 0.13
CA ALA A 213 25.48 -44.21 0.49
C ALA A 213 25.25 -43.06 1.46
N GLU A 214 25.43 -41.85 0.96
CA GLU A 214 25.27 -40.64 1.78
C GLU A 214 23.85 -40.56 2.35
N GLU A 215 22.89 -41.14 1.62
CA GLU A 215 21.52 -41.20 2.09
C GLU A 215 21.42 -41.97 3.41
N LYS A 216 22.17 -43.05 3.50
CA LYS A 216 22.16 -43.89 4.69
C LYS A 216 22.84 -43.16 5.85
N GLN A 217 23.84 -42.35 5.52
CA GLN A 217 24.51 -41.51 6.51
C GLN A 217 23.51 -40.50 7.08
N ARG A 218 22.74 -39.90 6.17
CA ARG A 218 21.69 -38.95 6.55
C ARG A 218 20.66 -39.60 7.47
N CYS A 219 20.28 -40.84 7.14
CA CYS A 219 19.28 -41.57 7.90
C CYS A 219 19.83 -41.94 9.28
N LEU A 220 21.11 -42.24 9.34
CA LEU A 220 21.74 -42.64 10.60
C LEU A 220 21.79 -41.47 11.58
N GLU A 221 22.18 -40.31 11.08
CA GLU A 221 22.32 -39.12 11.91
C GLU A 221 20.96 -38.51 12.24
N SER A 222 20.16 -38.28 11.21
CA SER A 222 18.88 -37.58 11.34
C SER A 222 19.04 -36.26 12.11
N GLY A 223 20.04 -35.47 11.73
CA GLY A 223 20.26 -34.21 12.42
C GLY A 223 20.45 -33.04 11.47
N MET A 224 20.24 -33.28 10.20
CA MET A 224 20.44 -32.24 9.19
C MET A 224 19.15 -32.02 8.41
N ASP A 225 19.01 -32.78 7.33
CA ASP A 225 17.82 -32.78 6.48
C ASP A 225 18.15 -33.49 5.18
N SER A 226 19.20 -33.02 4.52
CA SER A 226 19.67 -33.64 3.28
C SER A 226 21.17 -33.91 3.36
N CYS A 227 21.67 -34.71 2.43
CA CYS A 227 23.09 -35.07 2.41
C CYS A 227 23.59 -35.19 0.97
N LEU A 228 24.86 -34.85 0.77
CA LEU A 228 25.51 -35.01 -0.52
C LEU A 228 26.99 -35.26 -0.31
N SER A 229 27.74 -35.37 -1.40
CA SER A 229 29.18 -35.61 -1.31
C SER A 229 29.95 -34.35 -1.72
N LYS A 230 31.11 -34.16 -1.09
CA LYS A 230 31.93 -32.96 -1.28
C LYS A 230 32.23 -32.64 -2.76
N PRO A 231 32.52 -33.63 -3.64
CA PRO A 231 32.63 -33.39 -5.08
C PRO A 231 31.35 -32.79 -5.66
N VAL A 232 31.25 -31.46 -5.58
CA VAL A 232 30.08 -30.73 -6.02
C VAL A 232 30.47 -29.69 -7.07
N THR A 233 29.76 -29.71 -8.19
CA THR A 233 30.01 -28.74 -9.26
C THR A 233 29.20 -27.46 -9.04
N LEU A 234 29.45 -26.44 -9.86
CA LEU A 234 28.82 -25.13 -9.69
C LEU A 234 27.30 -25.23 -9.82
N ASP A 235 26.82 -26.02 -10.78
CA ASP A 235 25.38 -26.15 -10.98
C ASP A 235 24.74 -26.88 -9.81
N VAL A 236 25.52 -27.73 -9.17
CA VAL A 236 25.03 -28.53 -8.05
C VAL A 236 24.80 -27.64 -6.83
N ILE A 237 25.81 -26.85 -6.45
CA ILE A 237 25.68 -25.96 -5.30
C ILE A 237 24.59 -24.92 -5.56
N LYS A 238 24.51 -24.45 -6.81
CA LYS A 238 23.47 -23.52 -7.23
C LYS A 238 22.09 -24.15 -7.03
N GLN A 239 21.95 -25.40 -7.45
CA GLN A 239 20.70 -26.11 -7.36
C GLN A 239 20.34 -26.39 -5.90
N THR A 240 21.35 -26.61 -5.07
CA THR A 240 21.13 -26.84 -3.64
C THR A 240 20.53 -25.60 -2.98
N LEU A 241 21.14 -24.46 -3.26
CA LEU A 241 20.65 -23.19 -2.73
C LEU A 241 19.25 -22.89 -3.25
N THR A 242 19.07 -23.03 -4.56
CA THR A 242 17.78 -22.76 -5.19
C THR A 242 16.67 -23.65 -4.64
N LEU A 243 16.98 -24.94 -4.51
CA LEU A 243 16.02 -25.94 -4.03
C LEU A 243 15.48 -25.58 -2.65
N TYR A 244 16.38 -25.16 -1.77
CA TYR A 244 16.00 -24.84 -0.41
C TYR A 244 15.35 -23.46 -0.33
N ALA A 245 15.84 -22.53 -1.14
CA ALA A 245 15.29 -21.18 -1.17
C ALA A 245 13.83 -21.19 -1.62
N GLU A 246 13.54 -21.97 -2.65
CA GLU A 246 12.17 -22.10 -3.14
C GLU A 246 11.32 -22.89 -2.14
N ARG A 247 11.93 -23.84 -1.46
CA ARG A 247 11.23 -24.66 -0.49
C ARG A 247 10.73 -23.81 0.68
N VAL A 248 11.61 -22.99 1.23
CA VAL A 248 11.24 -22.14 2.36
C VAL A 248 10.30 -21.03 1.91
N ARG A 249 10.43 -20.60 0.66
CA ARG A 249 9.56 -19.56 0.10
C ARG A 249 8.10 -20.01 0.10
N LYS A 250 7.84 -21.22 -0.37
CA LYS A 250 6.47 -21.72 -0.47
C LYS A 250 5.96 -22.16 0.90
N SER A 251 6.87 -22.47 1.82
CA SER A 251 6.48 -22.82 3.18
C SER A 251 6.11 -21.56 3.97
N ARG A 252 6.77 -20.46 3.66
CA ARG A 252 6.55 -19.19 4.35
C ARG A 252 5.34 -18.46 3.77
N ASP A 253 5.22 -18.46 2.46
CA ASP A 253 4.09 -17.82 1.79
C ASP A 253 3.07 -18.87 1.35
N SER A 254 1.98 -18.95 2.08
CA SER A 254 0.90 -19.85 1.75
C SER A 254 -0.43 -19.18 2.00
N MET A 1 -8.57 11.31 -12.83
CA MET A 1 -8.44 9.94 -12.28
C MET A 1 -6.98 9.50 -12.32
N GLY A 2 -6.16 10.10 -11.47
CA GLY A 2 -4.76 9.73 -11.41
C GLY A 2 -4.42 9.06 -10.10
N GLY A 3 -3.54 8.08 -10.14
CA GLY A 3 -3.20 7.35 -8.93
C GLY A 3 -1.87 6.63 -9.05
N SER A 4 -0.94 6.97 -8.17
CA SER A 4 0.33 6.28 -8.09
C SER A 4 0.46 5.56 -6.75
N GLY A 5 0.05 6.24 -5.68
CA GLY A 5 0.10 5.64 -4.37
C GLY A 5 1.50 5.53 -3.82
N VAL A 6 1.97 4.30 -3.66
CA VAL A 6 3.31 4.02 -3.11
C VAL A 6 3.44 4.64 -1.72
N GLU A 7 2.70 4.08 -0.78
CA GLU A 7 2.72 4.56 0.60
C GLU A 7 3.95 4.04 1.34
N GLY A 8 3.86 2.81 1.84
CA GLY A 8 4.96 2.22 2.55
C GLY A 8 4.53 1.29 3.65
N LEU A 9 3.51 0.48 3.37
CA LEU A 9 3.05 -0.53 4.33
C LEU A 9 3.68 -1.87 4.01
N SER A 10 3.22 -2.92 4.71
CA SER A 10 3.65 -4.29 4.46
C SER A 10 5.17 -4.42 4.47
N GLY A 11 5.76 -4.42 5.66
CA GLY A 11 7.21 -4.50 5.76
C GLY A 11 7.75 -3.71 6.93
N LYS A 12 6.91 -2.87 7.52
CA LYS A 12 7.30 -2.12 8.72
C LYS A 12 7.48 -3.10 9.87
N ARG A 13 8.50 -2.87 10.69
CA ARG A 13 8.84 -3.80 11.75
C ARG A 13 8.41 -3.28 13.11
N CYS A 14 7.93 -4.17 13.94
CA CYS A 14 7.59 -3.81 15.32
C CYS A 14 8.39 -4.70 16.26
N TRP A 15 9.34 -4.10 16.96
CA TRP A 15 10.18 -4.84 17.87
C TRP A 15 9.58 -4.82 19.26
N LEU A 16 9.55 -5.96 19.91
CA LEU A 16 8.94 -6.06 21.22
C LEU A 16 9.85 -6.78 22.19
N ALA A 17 9.91 -6.25 23.40
CA ALA A 17 10.64 -6.86 24.50
C ALA A 17 9.71 -7.02 25.70
N VAL A 18 8.47 -7.35 25.39
CA VAL A 18 7.47 -7.58 26.42
C VAL A 18 7.51 -9.03 26.86
N ARG A 19 7.84 -9.24 28.12
CA ARG A 19 7.92 -10.59 28.66
C ARG A 19 6.54 -11.06 29.11
N ASN A 20 5.64 -10.10 29.26
CA ASN A 20 4.24 -10.41 29.54
C ASN A 20 3.60 -11.02 28.30
N ALA A 21 3.37 -12.34 28.35
CA ALA A 21 2.87 -13.09 27.20
C ALA A 21 1.51 -12.58 26.75
N SER A 22 0.64 -12.30 27.71
CA SER A 22 -0.69 -11.80 27.40
C SER A 22 -0.59 -10.48 26.63
N LEU A 23 0.33 -9.63 27.08
CA LEU A 23 0.51 -8.31 26.50
C LEU A 23 1.18 -8.40 25.13
N CYS A 24 2.28 -9.14 25.06
CA CYS A 24 3.07 -9.23 23.84
C CYS A 24 2.31 -9.96 22.75
N GLN A 25 1.62 -11.04 23.13
CA GLN A 25 0.86 -11.84 22.16
C GLN A 25 -0.31 -11.05 21.57
N PHE A 26 -0.99 -10.27 22.41
CA PHE A 26 -2.12 -9.48 21.94
C PHE A 26 -1.65 -8.45 20.91
N LEU A 27 -0.57 -7.75 21.23
CA LEU A 27 -0.02 -6.73 20.36
C LEU A 27 0.47 -7.34 19.05
N GLU A 28 1.25 -8.43 19.16
CA GLU A 28 1.83 -9.07 17.98
C GLU A 28 0.76 -9.54 17.00
N THR A 29 -0.31 -10.11 17.52
CA THR A 29 -1.39 -10.61 16.70
C THR A 29 -2.08 -9.46 15.95
N SER A 30 -2.20 -8.33 16.62
CA SER A 30 -2.83 -7.16 16.02
C SER A 30 -1.98 -6.55 14.90
N LEU A 31 -0.68 -6.35 15.19
CA LEU A 31 0.21 -5.71 14.23
C LEU A 31 0.42 -6.59 13.00
N GLN A 32 0.53 -7.90 13.20
CA GLN A 32 0.78 -8.82 12.11
C GLN A 32 -0.46 -8.99 11.21
N ARG A 33 -1.57 -8.41 11.63
CA ARG A 33 -2.80 -8.47 10.86
C ARG A 33 -2.76 -7.45 9.73
N SER A 34 -2.14 -6.32 9.98
CA SER A 34 -2.09 -5.23 9.02
C SER A 34 -0.93 -5.40 8.04
N GLY A 35 0.10 -6.11 8.46
CA GLY A 35 1.28 -6.28 7.63
C GLY A 35 2.53 -5.76 8.31
N ILE A 36 2.43 -5.53 9.60
CA ILE A 36 3.56 -5.11 10.40
C ILE A 36 4.26 -6.33 10.99
N VAL A 37 5.49 -6.57 10.55
CA VAL A 37 6.22 -7.75 10.97
C VAL A 37 6.78 -7.56 12.38
N VAL A 38 6.10 -8.14 13.35
CA VAL A 38 6.55 -8.11 14.73
C VAL A 38 7.72 -9.07 14.92
N THR A 39 8.77 -8.60 15.59
CA THR A 39 9.94 -9.41 15.85
C THR A 39 10.49 -9.14 17.23
N THR A 40 10.77 -10.21 17.96
CA THR A 40 11.36 -10.12 19.28
C THR A 40 12.70 -9.37 19.22
N TYR A 41 12.83 -8.33 20.02
CA TYR A 41 14.07 -7.55 20.02
C TYR A 41 15.09 -8.17 20.96
N GLU A 42 15.77 -9.19 20.46
CA GLU A 42 16.86 -9.82 21.20
C GLU A 42 17.92 -8.77 21.53
N GLY A 43 18.26 -7.97 20.52
CA GLY A 43 19.22 -6.90 20.69
C GLY A 43 19.99 -6.62 19.43
N GLN A 44 19.30 -6.63 18.30
CA GLN A 44 19.94 -6.43 17.01
C GLN A 44 20.24 -4.96 16.75
N GLU A 45 19.29 -4.23 16.19
CA GLU A 45 19.52 -2.84 15.82
C GLU A 45 18.24 -2.02 15.90
N PRO A 46 18.33 -0.78 16.39
CA PRO A 46 17.21 0.15 16.44
C PRO A 46 17.06 0.95 15.16
N THR A 47 15.88 0.87 14.55
CA THR A 47 15.60 1.60 13.33
C THR A 47 14.71 2.81 13.61
N PRO A 48 15.00 3.96 12.97
CA PRO A 48 14.21 5.20 13.15
C PRO A 48 12.79 5.08 12.58
N GLU A 49 12.53 3.99 11.90
CA GLU A 49 11.21 3.71 11.35
C GLU A 49 10.48 2.69 12.20
N ASP A 50 11.21 2.11 13.15
CA ASP A 50 10.71 0.98 13.92
C ASP A 50 10.48 1.38 15.37
N VAL A 51 9.65 0.62 16.05
CA VAL A 51 9.29 0.92 17.42
C VAL A 51 9.66 -0.24 18.36
N LEU A 52 10.00 0.09 19.59
CA LEU A 52 10.33 -0.90 20.60
C LEU A 52 9.34 -0.84 21.74
N ILE A 53 8.54 -1.87 21.88
CA ILE A 53 7.60 -1.96 22.99
C ILE A 53 8.18 -2.85 24.08
N THR A 54 8.62 -2.26 25.19
CA THR A 54 9.30 -3.01 26.23
C THR A 54 8.44 -3.20 27.47
N ASP A 55 8.78 -4.22 28.25
CA ASP A 55 8.11 -4.49 29.51
C ASP A 55 9.02 -4.09 30.69
N GLU A 56 8.46 -3.31 31.61
CA GLU A 56 9.14 -2.85 32.81
C GLU A 56 10.29 -1.89 32.48
N VAL A 57 11.03 -1.50 33.52
CA VAL A 57 12.16 -0.58 33.37
C VAL A 57 13.31 -1.25 32.64
N VAL A 58 13.84 -0.59 31.62
CA VAL A 58 14.92 -1.14 30.83
C VAL A 58 16.13 -0.19 30.84
N SER A 59 17.30 -0.74 30.55
CA SER A 59 18.51 0.05 30.49
C SER A 59 18.64 0.73 29.13
N LYS A 60 18.21 0.04 28.09
CA LYS A 60 18.20 0.58 26.74
C LYS A 60 16.76 0.74 26.29
N LYS A 61 16.32 1.97 26.17
CA LYS A 61 14.97 2.25 25.77
C LYS A 61 14.78 1.97 24.29
N TRP A 62 15.59 2.62 23.45
CA TRP A 62 15.39 2.64 22.01
C TRP A 62 16.20 3.75 21.37
N GLN A 63 16.40 3.65 20.07
CA GLN A 63 17.04 4.70 19.29
C GLN A 63 16.44 4.73 17.90
N GLY A 64 15.12 4.82 17.83
CA GLY A 64 14.43 4.77 16.56
C GLY A 64 13.18 5.64 16.52
N ARG A 65 12.09 5.07 16.01
CA ARG A 65 10.85 5.83 15.85
C ARG A 65 10.22 6.15 17.19
N ALA A 66 9.93 5.12 17.98
CA ALA A 66 9.30 5.30 19.27
C ALA A 66 9.46 4.06 20.14
N VAL A 67 9.59 4.29 21.44
CA VAL A 67 9.66 3.21 22.41
C VAL A 67 8.49 3.32 23.38
N VAL A 68 7.70 2.27 23.47
CA VAL A 68 6.58 2.23 24.39
C VAL A 68 6.92 1.39 25.60
N THR A 69 7.11 2.05 26.73
CA THR A 69 7.47 1.38 27.97
C THR A 69 6.24 1.03 28.79
N PHE A 70 5.95 -0.25 28.92
CA PHE A 70 4.86 -0.71 29.77
C PHE A 70 5.35 -0.81 31.20
N CYS A 71 4.65 -0.15 32.11
CA CYS A 71 5.05 -0.18 33.50
C CYS A 71 4.28 -1.26 34.25
N ARG A 72 4.99 -2.04 35.04
CA ARG A 72 4.37 -3.10 35.81
C ARG A 72 4.44 -2.77 37.30
N ARG A 73 5.63 -2.92 37.87
CA ARG A 73 5.84 -2.56 39.27
C ARG A 73 6.65 -1.27 39.32
N HIS A 74 7.57 -1.14 38.38
CA HIS A 74 8.36 0.07 38.24
C HIS A 74 8.08 0.71 36.89
N ILE A 75 8.30 2.00 36.82
CA ILE A 75 8.15 2.71 35.56
C ILE A 75 9.51 3.10 35.02
N GLY A 76 10.29 3.80 35.84
CA GLY A 76 11.63 4.18 35.46
C GLY A 76 11.64 5.25 34.39
N ILE A 77 11.33 4.84 33.16
CA ILE A 77 11.24 5.75 32.05
C ILE A 77 10.10 6.73 32.28
N PRO A 78 10.39 8.05 32.28
CA PRO A 78 9.38 9.08 32.58
C PRO A 78 8.17 9.00 31.66
N LEU A 79 8.38 9.40 30.40
CA LEU A 79 7.33 9.41 29.37
C LEU A 79 7.86 10.15 28.16
N GLU A 80 6.95 10.73 27.38
CA GLU A 80 7.31 11.64 26.29
C GLU A 80 8.08 12.86 26.79
N LYS A 81 9.30 12.60 27.23
CA LYS A 81 10.23 13.64 27.65
C LYS A 81 11.30 13.80 26.58
N ALA A 82 11.72 12.68 26.01
CA ALA A 82 12.61 12.68 24.87
C ALA A 82 11.80 12.38 23.60
N PRO A 83 12.27 12.86 22.44
CA PRO A 83 11.59 12.62 21.16
C PRO A 83 11.50 11.13 20.82
N GLY A 84 10.37 10.53 21.10
CA GLY A 84 10.17 9.12 20.81
C GLY A 84 9.96 8.29 22.06
N GLU A 85 10.00 8.94 23.21
CA GLU A 85 9.81 8.27 24.49
C GLU A 85 8.33 8.20 24.84
N TRP A 86 7.82 6.99 25.05
CA TRP A 86 6.42 6.81 25.44
C TRP A 86 6.35 5.83 26.61
N VAL A 87 5.39 6.04 27.49
CA VAL A 87 5.17 5.12 28.61
C VAL A 87 3.67 4.86 28.78
N HIS A 88 3.35 3.75 29.43
CA HIS A 88 1.97 3.43 29.76
C HIS A 88 1.89 2.20 30.65
N SER A 89 1.32 2.37 31.82
CA SER A 89 1.06 1.24 32.70
C SER A 89 -0.33 0.68 32.39
N VAL A 90 -0.37 -0.41 31.64
CA VAL A 90 -1.64 -0.98 31.21
C VAL A 90 -1.39 -2.30 30.48
N ALA A 91 -2.41 -3.15 30.43
CA ALA A 91 -2.31 -4.43 29.73
C ALA A 91 -2.67 -4.27 28.25
N ALA A 92 -2.80 -3.01 27.81
CA ALA A 92 -3.09 -2.66 26.42
C ALA A 92 -4.40 -3.29 25.94
N PRO A 93 -5.54 -2.78 26.41
CA PRO A 93 -6.85 -3.27 25.98
C PRO A 93 -7.12 -2.96 24.52
N HIS A 94 -7.15 -1.68 24.17
CA HIS A 94 -7.31 -1.27 22.78
C HIS A 94 -6.43 -0.05 22.45
N GLU A 95 -6.24 0.79 23.45
CA GLU A 95 -5.60 2.10 23.26
C GLU A 95 -4.17 1.99 22.75
N LEU A 96 -3.39 1.09 23.31
CA LEU A 96 -1.98 0.98 22.92
C LEU A 96 -1.84 0.44 21.49
N PRO A 97 -2.46 -0.72 21.15
CA PRO A 97 -2.43 -1.23 19.78
C PRO A 97 -3.00 -0.23 18.78
N ALA A 98 -3.97 0.57 19.22
CA ALA A 98 -4.55 1.62 18.38
C ALA A 98 -3.56 2.74 18.14
N LEU A 99 -2.83 3.11 19.20
CA LEU A 99 -1.79 4.13 19.11
C LEU A 99 -0.73 3.70 18.10
N LEU A 100 -0.33 2.43 18.18
CA LEU A 100 0.68 1.88 17.29
C LEU A 100 0.20 1.90 15.83
N ALA A 101 -1.03 1.41 15.63
CA ALA A 101 -1.62 1.36 14.29
C ALA A 101 -1.77 2.76 13.70
N ARG A 102 -2.20 3.71 14.53
CA ARG A 102 -2.39 5.08 14.09
C ARG A 102 -1.06 5.70 13.66
N ILE A 103 0.01 5.31 14.32
CA ILE A 103 1.34 5.83 14.00
C ILE A 103 1.80 5.31 12.64
N TYR A 104 1.39 4.09 12.30
CA TYR A 104 1.78 3.48 11.04
C TYR A 104 0.71 3.67 9.97
N LEU A 105 -0.35 4.40 10.33
CA LEU A 105 -1.44 4.78 9.40
C LEU A 105 -2.32 3.58 9.03
N ILE A 106 -1.72 2.59 8.36
CA ILE A 106 -2.41 1.41 7.88
C ILE A 106 -3.29 1.73 6.66
N GLU A 107 -4.13 2.76 6.78
CA GLU A 107 -4.91 3.31 5.66
C GLU A 107 -6.07 2.41 5.23
N MET A 108 -5.75 1.15 5.03
CA MET A 108 -6.71 0.18 4.50
C MET A 108 -7.90 0.01 5.43
N GLU A 109 -7.65 -0.43 6.66
CA GLU A 109 -8.70 -0.60 7.64
C GLU A 109 -8.86 0.68 8.45
N SER A 110 -10.06 1.23 8.42
CA SER A 110 -10.32 2.49 9.08
C SER A 110 -11.05 2.27 10.41
N ASP A 111 -10.59 2.96 11.44
CA ASP A 111 -11.25 2.95 12.73
C ASP A 111 -12.50 3.83 12.66
N ASP A 112 -12.46 4.76 11.70
CA ASP A 112 -13.60 5.61 11.34
C ASP A 112 -13.91 6.66 12.40
N PRO A 113 -13.68 7.93 12.06
CA PRO A 113 -14.04 9.07 12.90
C PRO A 113 -15.43 9.62 12.52
N ALA A 114 -16.25 8.75 11.92
CA ALA A 114 -17.58 9.12 11.45
C ALA A 114 -17.50 10.18 10.35
N ASN A 115 -16.64 9.94 9.38
CA ASN A 115 -16.46 10.86 8.27
C ASN A 115 -16.78 10.16 6.96
N ALA A 116 -18.04 10.23 6.56
CA ALA A 116 -18.49 9.59 5.33
C ALA A 116 -18.20 10.48 4.13
N LEU A 117 -17.25 10.07 3.32
CA LEU A 117 -16.87 10.82 2.13
C LEU A 117 -16.07 9.94 1.17
N PRO A 118 -16.68 9.56 0.04
CA PRO A 118 -16.02 8.73 -0.97
C PRO A 118 -15.11 9.54 -1.88
N SER A 119 -13.98 8.96 -2.26
CA SER A 119 -13.06 9.60 -3.19
C SER A 119 -13.76 9.83 -4.54
N THR A 120 -13.93 11.09 -4.91
CA THR A 120 -14.69 11.44 -6.10
C THR A 120 -13.85 12.16 -7.14
N ASP A 121 -13.48 11.42 -8.19
CA ASP A 121 -12.79 12.02 -9.33
C ASP A 121 -13.36 11.44 -10.61
N LYS A 122 -14.07 12.27 -11.37
CA LYS A 122 -14.68 11.84 -12.61
C LYS A 122 -14.43 12.87 -13.70
N ALA A 123 -13.15 13.19 -13.90
CA ALA A 123 -12.77 14.18 -14.90
C ALA A 123 -12.89 13.60 -16.30
N VAL A 124 -12.58 12.32 -16.44
CA VAL A 124 -12.60 11.68 -17.75
C VAL A 124 -13.99 11.12 -18.08
N SER A 125 -14.61 11.68 -19.11
CA SER A 125 -15.89 11.18 -19.62
C SER A 125 -16.07 11.63 -21.07
N ASP A 126 -16.81 10.82 -21.84
CA ASP A 126 -17.16 11.16 -23.22
C ASP A 126 -15.93 11.40 -24.10
N ASN A 127 -15.22 10.32 -24.40
CA ASN A 127 -14.04 10.41 -25.25
C ASN A 127 -14.36 9.92 -26.65
N ASP A 128 -15.28 10.62 -27.31
CA ASP A 128 -15.70 10.29 -28.67
C ASP A 128 -15.31 11.42 -29.61
N ASP A 129 -14.36 11.15 -30.49
CA ASP A 129 -13.85 12.16 -31.40
C ASP A 129 -13.89 11.67 -32.83
N MET A 130 -13.22 10.54 -33.08
CA MET A 130 -13.21 9.94 -34.40
C MET A 130 -14.21 8.79 -34.45
N MET A 131 -15.30 8.99 -35.17
CA MET A 131 -16.37 8.01 -35.23
C MET A 131 -16.51 7.45 -36.63
N ILE A 132 -16.52 6.13 -36.72
CA ILE A 132 -16.66 5.44 -38.00
C ILE A 132 -17.94 4.60 -37.98
N LEU A 133 -18.79 4.79 -38.99
CA LEU A 133 -20.06 4.07 -39.04
C LEU A 133 -20.01 2.95 -40.06
N VAL A 134 -20.42 1.77 -39.64
CA VAL A 134 -20.47 0.62 -40.54
C VAL A 134 -21.91 0.21 -40.76
N VAL A 135 -22.33 0.20 -42.02
CA VAL A 135 -23.68 -0.21 -42.39
C VAL A 135 -23.64 -1.46 -43.24
N ASP A 136 -23.62 -2.61 -42.58
CA ASP A 136 -23.51 -3.89 -43.27
C ASP A 136 -24.82 -4.65 -43.20
N ASP A 137 -25.25 -5.19 -44.33
CA ASP A 137 -26.48 -5.97 -44.38
C ASP A 137 -26.29 -7.34 -43.73
N HIS A 138 -25.03 -7.72 -43.50
CA HIS A 138 -24.72 -8.98 -42.83
C HIS A 138 -24.18 -8.71 -41.43
N PRO A 139 -25.06 -8.71 -40.41
CA PRO A 139 -24.70 -8.38 -39.02
C PRO A 139 -23.43 -9.08 -38.52
N ILE A 140 -23.23 -10.34 -38.92
CA ILE A 140 -22.06 -11.10 -38.45
C ILE A 140 -20.75 -10.50 -38.96
N ASN A 141 -20.73 -10.10 -40.23
CA ASN A 141 -19.55 -9.51 -40.84
C ASN A 141 -19.32 -8.13 -40.23
N ARG A 142 -20.40 -7.39 -40.11
CA ARG A 142 -20.39 -6.06 -39.51
C ARG A 142 -19.80 -6.11 -38.10
N ARG A 143 -20.15 -7.15 -37.34
CA ARG A 143 -19.65 -7.34 -35.99
C ARG A 143 -18.14 -7.57 -36.01
N LEU A 144 -17.68 -8.34 -36.99
CA LEU A 144 -16.27 -8.69 -37.11
C LEU A 144 -15.43 -7.45 -37.42
N LEU A 145 -15.85 -6.68 -38.42
CA LEU A 145 -15.08 -5.51 -38.83
C LEU A 145 -15.20 -4.37 -37.83
N ALA A 146 -16.32 -4.34 -37.11
CA ALA A 146 -16.50 -3.35 -36.05
C ALA A 146 -15.53 -3.63 -34.91
N ASP A 147 -15.22 -4.90 -34.72
CA ASP A 147 -14.24 -5.31 -33.73
C ASP A 147 -12.86 -4.76 -34.10
N GLN A 148 -12.52 -4.91 -35.37
CA GLN A 148 -11.28 -4.35 -35.89
C GLN A 148 -11.27 -2.83 -35.72
N LEU A 149 -12.40 -2.22 -36.01
CA LEU A 149 -12.57 -0.77 -35.90
C LEU A 149 -12.29 -0.30 -34.47
N GLY A 150 -12.83 -1.03 -33.50
CA GLY A 150 -12.63 -0.69 -32.11
C GLY A 150 -11.19 -0.79 -31.69
N SER A 151 -10.51 -1.83 -32.16
CA SER A 151 -9.11 -2.05 -31.83
C SER A 151 -8.21 -1.06 -32.56
N LEU A 152 -8.76 -0.38 -33.56
CA LEU A 152 -8.02 0.64 -34.30
C LEU A 152 -8.06 1.97 -33.56
N GLY A 153 -8.82 2.01 -32.47
CA GLY A 153 -8.89 3.21 -31.66
C GLY A 153 -9.95 4.18 -32.12
N TYR A 154 -10.88 3.69 -32.94
CA TYR A 154 -11.94 4.54 -33.48
C TYR A 154 -13.28 4.12 -32.90
N GLN A 155 -14.14 5.11 -32.66
CA GLN A 155 -15.46 4.86 -32.11
C GLN A 155 -16.37 4.27 -33.19
N CYS A 156 -16.66 2.99 -33.05
CA CYS A 156 -17.42 2.27 -34.05
C CYS A 156 -18.93 2.39 -33.81
N LYS A 157 -19.63 2.91 -34.79
CA LYS A 157 -21.08 2.97 -34.75
C LYS A 157 -21.64 1.95 -35.73
N THR A 158 -22.44 1.03 -35.21
CA THR A 158 -22.92 -0.08 -36.01
C THR A 158 -24.36 0.15 -36.51
N ALA A 159 -24.61 -0.19 -37.76
CA ALA A 159 -25.95 -0.09 -38.33
C ALA A 159 -26.12 -1.15 -39.42
N ASN A 160 -27.36 -1.49 -39.71
CA ASN A 160 -27.66 -2.49 -40.74
C ASN A 160 -29.00 -2.19 -41.41
N ASP A 161 -28.99 -1.18 -42.29
CA ASP A 161 -30.19 -0.77 -43.03
C ASP A 161 -29.88 0.48 -43.85
N GLY A 162 -30.35 0.50 -45.09
CA GLY A 162 -30.10 1.64 -45.96
C GLY A 162 -30.75 2.92 -45.49
N VAL A 163 -32.00 2.83 -45.07
CA VAL A 163 -32.75 4.01 -44.63
C VAL A 163 -32.27 4.47 -43.27
N ASP A 164 -32.09 3.51 -42.36
CA ASP A 164 -31.70 3.82 -41.00
C ASP A 164 -30.29 4.40 -40.95
N ALA A 165 -29.51 4.16 -42.01
CA ALA A 165 -28.20 4.76 -42.14
C ALA A 165 -28.30 6.28 -42.18
N LEU A 166 -29.32 6.77 -42.88
CA LEU A 166 -29.56 8.21 -42.97
C LEU A 166 -30.12 8.73 -41.65
N ASN A 167 -30.91 7.89 -40.99
CA ASN A 167 -31.47 8.22 -39.68
C ASN A 167 -30.34 8.38 -38.65
N VAL A 168 -29.36 7.49 -38.73
CA VAL A 168 -28.20 7.55 -37.85
C VAL A 168 -27.31 8.73 -38.24
N LEU A 169 -27.29 9.06 -39.52
CA LEU A 169 -26.56 10.22 -40.03
C LEU A 169 -27.03 11.50 -39.36
N SER A 170 -28.33 11.58 -39.09
CA SER A 170 -28.90 12.76 -38.45
C SER A 170 -28.74 12.67 -36.92
N LYS A 171 -28.90 11.47 -36.37
CA LYS A 171 -28.76 11.25 -34.93
C LYS A 171 -27.35 11.61 -34.47
N ASN A 172 -26.35 11.04 -35.14
CA ASN A 172 -24.97 11.34 -34.87
C ASN A 172 -24.43 12.21 -35.99
N HIS A 173 -23.31 11.81 -36.59
CA HIS A 173 -22.77 12.48 -37.75
C HIS A 173 -21.72 11.61 -38.42
N ILE A 174 -20.72 11.20 -37.65
CA ILE A 174 -19.69 10.27 -38.13
C ILE A 174 -18.72 10.94 -39.10
N ASP A 175 -17.44 10.60 -38.97
CA ASP A 175 -16.41 11.16 -39.83
C ASP A 175 -16.27 10.34 -41.11
N ILE A 176 -15.99 9.05 -40.96
CA ILE A 176 -15.82 8.16 -42.10
C ILE A 176 -16.97 7.15 -42.14
N VAL A 177 -17.63 7.07 -43.29
CA VAL A 177 -18.75 6.15 -43.44
C VAL A 177 -18.36 4.95 -44.27
N LEU A 178 -18.79 3.77 -43.83
CA LEU A 178 -18.59 2.55 -44.60
C LEU A 178 -19.93 1.88 -44.82
N SER A 179 -20.26 1.62 -46.08
CA SER A 179 -21.51 0.96 -46.40
C SER A 179 -21.23 -0.31 -47.18
N ASP A 180 -21.31 -1.44 -46.50
CA ASP A 180 -21.04 -2.72 -47.10
C ASP A 180 -22.33 -3.51 -47.30
N VAL A 181 -22.64 -3.75 -48.55
CA VAL A 181 -23.88 -4.44 -48.90
C VAL A 181 -23.62 -5.45 -50.00
N ASN A 182 -24.07 -6.68 -49.78
CA ASN A 182 -23.87 -7.75 -50.74
C ASN A 182 -24.92 -8.83 -50.55
N MET A 183 -26.16 -8.44 -50.79
CA MET A 183 -27.30 -9.33 -50.73
C MET A 183 -28.40 -8.77 -51.61
N PRO A 184 -29.42 -9.55 -51.98
CA PRO A 184 -30.59 -9.06 -52.73
C PRO A 184 -31.41 -8.07 -51.90
N ASN A 185 -30.81 -6.92 -51.62
CA ASN A 185 -31.46 -5.86 -50.86
C ASN A 185 -32.43 -5.11 -51.76
N MET A 186 -31.98 -4.85 -52.99
CA MET A 186 -32.79 -4.21 -54.02
C MET A 186 -33.11 -2.76 -53.66
N ASP A 187 -32.43 -2.25 -52.65
CA ASP A 187 -32.63 -0.87 -52.21
C ASP A 187 -31.37 -0.06 -52.46
N GLY A 188 -30.49 -0.60 -53.30
CA GLY A 188 -29.24 0.07 -53.60
C GLY A 188 -29.40 1.14 -54.67
N TYR A 189 -30.50 1.88 -54.60
CA TYR A 189 -30.76 2.97 -55.52
C TYR A 189 -31.33 4.16 -54.74
N ARG A 190 -32.36 3.88 -53.95
CA ARG A 190 -33.00 4.90 -53.15
C ARG A 190 -32.05 5.42 -52.07
N LEU A 191 -31.39 4.50 -51.38
CA LEU A 191 -30.48 4.85 -50.30
C LEU A 191 -29.32 5.69 -50.83
N THR A 192 -28.73 5.25 -51.94
CA THR A 192 -27.61 5.94 -52.54
C THR A 192 -28.01 7.31 -53.06
N GLN A 193 -29.19 7.37 -53.69
CA GLN A 193 -29.69 8.61 -54.26
C GLN A 193 -29.97 9.62 -53.16
N ARG A 194 -30.65 9.20 -52.11
CA ARG A 194 -31.03 10.10 -51.02
C ARG A 194 -29.79 10.58 -50.27
N ILE A 195 -28.76 9.75 -50.19
CA ILE A 195 -27.52 10.11 -49.52
C ILE A 195 -26.87 11.32 -50.20
N ARG A 196 -26.73 11.24 -51.51
CA ARG A 196 -26.10 12.33 -52.26
C ARG A 196 -27.06 13.51 -52.41
N GLN A 197 -28.36 13.22 -52.45
CA GLN A 197 -29.38 14.25 -52.57
C GLN A 197 -29.42 15.12 -51.33
N LEU A 198 -29.29 14.49 -50.17
CA LEU A 198 -29.24 15.21 -48.90
C LEU A 198 -27.96 16.02 -48.81
N GLY A 199 -26.93 15.52 -49.47
CA GLY A 199 -25.65 16.20 -49.48
C GLY A 199 -24.75 15.71 -48.38
N LEU A 200 -24.37 14.44 -48.47
CA LEU A 200 -23.47 13.86 -47.49
C LEU A 200 -22.09 14.49 -47.62
N THR A 201 -21.71 15.27 -46.62
CA THR A 201 -20.46 16.01 -46.65
C THR A 201 -19.32 15.17 -46.09
N LEU A 202 -19.64 13.95 -45.69
CA LEU A 202 -18.64 13.02 -45.19
C LEU A 202 -18.41 11.93 -46.22
N PRO A 203 -17.14 11.57 -46.48
CA PRO A 203 -16.79 10.56 -47.49
C PRO A 203 -17.24 9.16 -47.08
N VAL A 204 -18.00 8.51 -47.94
CA VAL A 204 -18.47 7.18 -47.66
C VAL A 204 -17.86 6.16 -48.62
N ILE A 205 -17.35 5.09 -48.07
CA ILE A 205 -16.75 4.03 -48.86
C ILE A 205 -17.73 2.88 -49.00
N GLY A 206 -18.11 2.58 -50.24
CA GLY A 206 -19.03 1.50 -50.49
C GLY A 206 -18.31 0.21 -50.76
N VAL A 207 -18.51 -0.78 -49.90
CA VAL A 207 -17.80 -2.03 -50.03
C VAL A 207 -18.71 -3.13 -50.57
N THR A 208 -18.19 -3.87 -51.54
CA THR A 208 -18.96 -4.90 -52.22
C THR A 208 -18.09 -6.14 -52.45
N ALA A 209 -18.73 -7.28 -52.67
CA ALA A 209 -18.00 -8.52 -52.93
C ALA A 209 -18.16 -8.94 -54.37
N ASN A 210 -17.06 -8.92 -55.11
CA ASN A 210 -17.05 -9.29 -56.53
C ASN A 210 -17.95 -8.35 -57.33
N ALA A 211 -17.69 -7.06 -57.19
CA ALA A 211 -18.42 -6.06 -57.93
C ALA A 211 -17.55 -5.53 -59.07
N LEU A 212 -17.70 -6.13 -60.24
CA LEU A 212 -16.93 -5.73 -61.40
C LEU A 212 -17.12 -4.24 -61.68
N ALA A 213 -16.01 -3.52 -61.76
CA ALA A 213 -16.03 -2.08 -62.00
C ALA A 213 -16.79 -1.35 -60.90
N GLU A 214 -16.47 -1.68 -59.66
CA GLU A 214 -17.12 -1.06 -58.51
C GLU A 214 -16.76 0.42 -58.43
N GLU A 215 -15.56 0.75 -58.91
CA GLU A 215 -15.12 2.14 -58.99
C GLU A 215 -15.99 2.91 -59.97
N LYS A 216 -16.26 2.28 -61.12
CA LYS A 216 -17.12 2.86 -62.13
C LYS A 216 -18.54 3.04 -61.60
N GLN A 217 -19.03 2.03 -60.89
CA GLN A 217 -20.35 2.06 -60.29
C GLN A 217 -20.47 3.20 -59.28
N ARG A 218 -19.43 3.37 -58.48
CA ARG A 218 -19.41 4.40 -57.46
C ARG A 218 -19.40 5.79 -58.09
N CYS A 219 -18.63 5.96 -59.15
CA CYS A 219 -18.53 7.23 -59.85
C CYS A 219 -19.84 7.55 -60.57
N LEU A 220 -20.52 6.50 -61.02
CA LEU A 220 -21.79 6.66 -61.74
C LEU A 220 -22.85 7.30 -60.84
N GLU A 221 -22.95 6.80 -59.61
CA GLU A 221 -23.90 7.34 -58.65
C GLU A 221 -23.37 8.64 -58.05
N SER A 222 -22.05 8.72 -57.91
CA SER A 222 -21.36 9.88 -57.34
C SER A 222 -22.02 10.32 -56.02
N GLY A 223 -22.30 9.35 -55.17
CA GLY A 223 -22.96 9.65 -53.91
C GLY A 223 -22.16 9.21 -52.71
N MET A 224 -21.41 8.13 -52.86
CA MET A 224 -20.60 7.61 -51.78
C MET A 224 -19.26 8.34 -51.71
N ASP A 225 -18.29 7.87 -52.49
CA ASP A 225 -16.95 8.47 -52.60
C ASP A 225 -15.99 7.45 -53.17
N SER A 226 -15.72 6.42 -52.39
CA SER A 226 -14.78 5.38 -52.78
C SER A 226 -15.42 4.01 -52.65
N CYS A 227 -14.66 2.96 -52.94
CA CYS A 227 -15.19 1.61 -52.91
C CYS A 227 -14.18 0.64 -52.31
N LEU A 228 -14.69 -0.35 -51.59
CA LEU A 228 -13.86 -1.36 -50.96
C LEU A 228 -14.38 -2.74 -51.30
N SER A 229 -13.58 -3.77 -51.02
CA SER A 229 -14.01 -5.14 -51.18
C SER A 229 -14.60 -5.65 -49.86
N LYS A 230 -15.63 -6.50 -49.96
CA LYS A 230 -16.28 -7.06 -48.77
C LYS A 230 -15.30 -7.84 -47.89
N PRO A 231 -14.45 -8.73 -48.47
CA PRO A 231 -13.41 -9.42 -47.70
C PRO A 231 -12.28 -8.48 -47.26
N VAL A 232 -12.64 -7.41 -46.56
CA VAL A 232 -11.69 -6.47 -46.02
C VAL A 232 -10.88 -7.13 -44.91
N THR A 233 -9.57 -7.03 -45.01
CA THR A 233 -8.68 -7.62 -44.02
C THR A 233 -8.26 -6.57 -42.99
N LEU A 234 -7.66 -7.03 -41.90
CA LEU A 234 -7.18 -6.15 -40.83
C LEU A 234 -6.25 -5.07 -41.40
N ASP A 235 -5.32 -5.48 -42.25
CA ASP A 235 -4.36 -4.54 -42.83
C ASP A 235 -5.08 -3.52 -43.69
N VAL A 236 -6.06 -3.98 -44.45
CA VAL A 236 -6.81 -3.12 -45.35
C VAL A 236 -7.61 -2.07 -44.57
N ILE A 237 -8.36 -2.52 -43.56
CA ILE A 237 -9.17 -1.62 -42.76
C ILE A 237 -8.29 -0.67 -41.97
N LYS A 238 -7.10 -1.14 -41.58
CA LYS A 238 -6.16 -0.33 -40.82
C LYS A 238 -5.64 0.84 -41.68
N GLN A 239 -5.20 0.53 -42.89
CA GLN A 239 -4.59 1.52 -43.74
C GLN A 239 -5.61 2.48 -44.33
N THR A 240 -6.74 1.96 -44.78
CA THR A 240 -7.75 2.77 -45.45
C THR A 240 -8.43 3.73 -44.46
N LEU A 241 -8.75 3.23 -43.27
CA LEU A 241 -9.41 4.05 -42.26
C LEU A 241 -8.48 5.14 -41.76
N THR A 242 -7.23 4.78 -41.49
CA THR A 242 -6.25 5.72 -40.99
C THR A 242 -5.89 6.76 -42.05
N LEU A 243 -5.80 6.33 -43.31
CA LEU A 243 -5.50 7.23 -44.41
C LEU A 243 -6.61 8.26 -44.58
N TYR A 244 -7.85 7.79 -44.47
CA TYR A 244 -9.01 8.67 -44.60
C TYR A 244 -9.10 9.62 -43.41
N ALA A 245 -8.83 9.09 -42.22
CA ALA A 245 -8.91 9.88 -40.98
C ALA A 245 -7.99 11.09 -41.01
N GLU A 246 -6.74 10.86 -41.40
CA GLU A 246 -5.77 11.95 -41.48
C GLU A 246 -6.10 12.89 -42.64
N ARG A 247 -6.63 12.31 -43.71
CA ARG A 247 -6.94 13.06 -44.92
C ARG A 247 -8.04 14.09 -44.65
N VAL A 248 -9.12 13.65 -44.02
CA VAL A 248 -10.25 14.51 -43.75
C VAL A 248 -9.92 15.55 -42.68
N ARG A 249 -9.13 15.15 -41.69
CA ARG A 249 -8.81 16.03 -40.59
C ARG A 249 -7.79 17.09 -41.01
N LYS A 250 -6.82 16.72 -41.84
CA LYS A 250 -5.81 17.67 -42.30
C LYS A 250 -6.42 18.69 -43.26
N SER A 251 -7.37 18.23 -44.07
CA SER A 251 -8.07 19.12 -45.00
C SER A 251 -9.04 20.02 -44.25
N ARG A 252 -9.45 19.57 -43.07
CA ARG A 252 -10.32 20.38 -42.22
C ARG A 252 -9.50 21.37 -41.40
N ASP A 253 -8.21 21.06 -41.25
CA ASP A 253 -7.28 21.92 -40.51
C ASP A 253 -7.79 22.17 -39.09
N SER A 254 -8.14 21.10 -38.40
CA SER A 254 -8.62 21.18 -37.03
C SER A 254 -8.20 19.93 -36.27
N MET A 1 -10.05 10.10 7.95
CA MET A 1 -11.27 9.26 8.05
C MET A 1 -10.95 7.83 7.65
N GLY A 2 -11.38 6.88 8.45
CA GLY A 2 -11.16 5.48 8.12
C GLY A 2 -10.14 4.83 9.05
N GLY A 3 -8.88 4.81 8.62
CA GLY A 3 -7.83 4.22 9.43
C GLY A 3 -7.64 2.75 9.14
N SER A 4 -8.14 2.30 8.00
CA SER A 4 -8.03 0.90 7.62
C SER A 4 -7.25 0.76 6.31
N GLY A 5 -6.08 0.14 6.39
CA GLY A 5 -5.25 -0.02 5.23
C GLY A 5 -5.20 -1.45 4.72
N VAL A 6 -5.32 -1.61 3.42
CA VAL A 6 -5.18 -2.91 2.78
C VAL A 6 -3.73 -3.09 2.35
N GLU A 7 -3.11 -1.99 1.97
CA GLU A 7 -1.70 -1.96 1.62
C GLU A 7 -0.98 -0.92 2.45
N GLY A 8 0.17 -0.46 1.99
CA GLY A 8 0.94 0.51 2.75
C GLY A 8 1.75 -0.15 3.83
N LEU A 9 1.08 -0.87 4.72
CA LEU A 9 1.74 -1.64 5.75
C LEU A 9 2.26 -2.94 5.15
N SER A 10 3.50 -2.93 4.70
CA SER A 10 4.06 -4.07 4.01
C SER A 10 5.48 -4.36 4.46
N GLY A 11 5.62 -5.26 5.43
CA GLY A 11 6.92 -5.75 5.82
C GLY A 11 7.60 -4.92 6.89
N LYS A 12 6.89 -3.91 7.39
CA LYS A 12 7.42 -3.07 8.44
C LYS A 12 7.58 -3.88 9.72
N ARG A 13 8.68 -3.67 10.41
CA ARG A 13 8.96 -4.43 11.61
C ARG A 13 8.70 -3.61 12.87
N CYS A 14 8.45 -4.32 13.96
CA CYS A 14 8.29 -3.72 15.27
C CYS A 14 9.00 -4.60 16.29
N TRP A 15 9.85 -3.99 17.10
CA TRP A 15 10.64 -4.73 18.06
C TRP A 15 9.92 -4.81 19.39
N LEU A 16 9.82 -6.02 19.91
CA LEU A 16 9.03 -6.28 21.09
C LEU A 16 9.92 -6.80 22.22
N ALA A 17 9.85 -6.15 23.37
CA ALA A 17 10.60 -6.57 24.54
C ALA A 17 9.66 -6.74 25.73
N VAL A 18 8.61 -7.51 25.51
CA VAL A 18 7.62 -7.77 26.56
C VAL A 18 7.71 -9.24 26.98
N ARG A 19 7.97 -9.47 28.26
CA ARG A 19 8.07 -10.83 28.78
C ARG A 19 6.68 -11.39 29.07
N ASN A 20 5.72 -10.49 29.20
CA ASN A 20 4.33 -10.88 29.41
C ASN A 20 3.73 -11.38 28.11
N ALA A 21 3.66 -12.69 27.95
CA ALA A 21 3.22 -13.31 26.71
C ALA A 21 1.79 -12.93 26.36
N SER A 22 0.95 -12.78 27.36
CA SER A 22 -0.43 -12.37 27.14
C SER A 22 -0.48 -10.95 26.57
N LEU A 23 0.29 -10.06 27.17
CA LEU A 23 0.33 -8.66 26.75
C LEU A 23 1.03 -8.53 25.39
N CYS A 24 2.15 -9.21 25.24
CA CYS A 24 2.93 -9.13 24.01
C CYS A 24 2.17 -9.73 22.84
N GLN A 25 1.50 -10.86 23.07
CA GLN A 25 0.70 -11.50 22.03
C GLN A 25 -0.39 -10.57 21.53
N PHE A 26 -1.03 -9.85 22.46
CA PHE A 26 -2.09 -8.92 22.12
C PHE A 26 -1.60 -7.88 21.11
N LEU A 27 -0.50 -7.23 21.43
CA LEU A 27 0.05 -6.19 20.56
C LEU A 27 0.56 -6.79 19.26
N GLU A 28 1.33 -7.86 19.36
CA GLU A 28 1.98 -8.46 18.21
C GLU A 28 0.96 -8.94 17.17
N THR A 29 -0.14 -9.51 17.66
CA THR A 29 -1.17 -10.03 16.78
C THR A 29 -1.96 -8.88 16.12
N SER A 30 -2.15 -7.80 16.85
CA SER A 30 -2.85 -6.64 16.32
C SER A 30 -2.11 -6.05 15.12
N LEU A 31 -0.78 -6.08 15.17
CA LEU A 31 0.04 -5.54 14.10
C LEU A 31 0.11 -6.49 12.90
N GLN A 32 0.26 -7.79 13.18
CA GLN A 32 0.35 -8.79 12.11
C GLN A 32 -1.02 -9.03 11.46
N ARG A 33 -2.06 -8.40 12.02
CA ARG A 33 -3.38 -8.45 11.44
C ARG A 33 -3.41 -7.72 10.10
N SER A 34 -2.46 -6.83 9.91
CA SER A 34 -2.32 -6.09 8.66
C SER A 34 -1.16 -6.65 7.84
N GLY A 35 -0.06 -5.89 7.76
CA GLY A 35 1.11 -6.33 7.03
C GLY A 35 2.37 -5.99 7.77
N ILE A 36 2.23 -5.87 9.08
CA ILE A 36 3.33 -5.50 9.95
C ILE A 36 3.77 -6.72 10.75
N VAL A 37 5.06 -6.82 11.04
CA VAL A 37 5.58 -7.99 11.75
C VAL A 37 6.29 -7.57 13.04
N VAL A 38 5.96 -8.24 14.13
CA VAL A 38 6.60 -8.00 15.40
C VAL A 38 7.64 -9.07 15.67
N THR A 39 8.72 -8.70 16.36
CA THR A 39 9.83 -9.61 16.56
C THR A 39 10.52 -9.33 17.89
N THR A 40 10.94 -10.40 18.56
CA THR A 40 11.65 -10.30 19.82
C THR A 40 12.94 -9.49 19.66
N TYR A 41 13.03 -8.37 20.36
CA TYR A 41 14.20 -7.52 20.27
C TYR A 41 15.28 -8.00 21.23
N GLU A 42 16.14 -8.87 20.73
CA GLU A 42 17.32 -9.27 21.48
C GLU A 42 18.50 -8.38 21.09
N GLY A 43 19.63 -8.98 20.73
CA GLY A 43 20.78 -8.22 20.30
C GLY A 43 20.68 -7.78 18.85
N GLN A 44 19.64 -7.03 18.54
CA GLN A 44 19.41 -6.56 17.18
C GLN A 44 19.70 -5.07 17.08
N GLU A 45 19.60 -4.53 15.87
CA GLU A 45 19.90 -3.12 15.64
C GLU A 45 18.67 -2.26 15.88
N PRO A 46 18.86 -1.09 16.49
CA PRO A 46 17.78 -0.12 16.69
C PRO A 46 17.63 0.81 15.48
N THR A 47 16.46 0.82 14.88
CA THR A 47 16.22 1.57 13.67
C THR A 47 15.31 2.76 13.92
N PRO A 48 15.64 3.94 13.35
CA PRO A 48 14.82 5.15 13.48
C PRO A 48 13.46 5.03 12.78
N GLU A 49 13.29 3.96 12.03
CA GLU A 49 12.03 3.65 11.39
C GLU A 49 11.29 2.56 12.15
N ASP A 50 11.90 2.07 13.22
CA ASP A 50 11.33 0.94 13.95
C ASP A 50 10.85 1.39 15.33
N VAL A 51 9.83 0.70 15.83
CA VAL A 51 9.23 1.05 17.12
C VAL A 51 9.41 -0.10 18.11
N LEU A 52 9.77 0.24 19.33
CA LEU A 52 9.94 -0.74 20.40
C LEU A 52 8.70 -0.73 21.29
N ILE A 53 8.24 -1.90 21.66
CA ILE A 53 7.19 -2.04 22.66
C ILE A 53 7.72 -2.86 23.82
N THR A 54 7.97 -2.20 24.94
CA THR A 54 8.66 -2.80 26.06
C THR A 54 7.72 -3.11 27.22
N ASP A 55 8.20 -3.94 28.15
CA ASP A 55 7.45 -4.22 29.38
C ASP A 55 8.37 -4.01 30.59
N GLU A 56 7.89 -3.25 31.56
CA GLU A 56 8.62 -2.94 32.79
C GLU A 56 9.88 -2.10 32.50
N VAL A 57 10.61 -1.82 33.57
CA VAL A 57 11.85 -1.08 33.50
C VAL A 57 12.90 -1.82 32.66
N VAL A 58 13.54 -1.07 31.76
CA VAL A 58 14.57 -1.65 30.90
C VAL A 58 15.83 -0.78 30.94
N SER A 59 16.98 -1.39 30.68
CA SER A 59 18.25 -0.67 30.74
C SER A 59 18.69 -0.19 29.35
N LYS A 60 17.74 0.31 28.58
CA LYS A 60 18.02 0.86 27.25
C LYS A 60 17.05 1.99 26.95
N LYS A 61 17.45 2.92 26.10
CA LYS A 61 16.62 4.07 25.78
C LYS A 61 15.92 3.91 24.44
N TRP A 62 16.63 3.31 23.48
CA TRP A 62 16.10 3.07 22.14
C TRP A 62 15.98 4.37 21.33
N GLN A 63 16.90 4.55 20.40
CA GLN A 63 16.87 5.71 19.51
C GLN A 63 16.27 5.33 18.17
N GLY A 64 14.95 5.36 18.09
CA GLY A 64 14.28 4.96 16.87
C GLY A 64 13.02 5.77 16.59
N ARG A 65 12.06 5.13 15.94
CA ARG A 65 10.79 5.77 15.58
C ARG A 65 10.04 6.16 16.85
N ALA A 66 9.84 5.17 17.72
CA ALA A 66 9.17 5.37 18.99
C ALA A 66 9.44 4.19 19.91
N VAL A 67 9.33 4.44 21.20
CA VAL A 67 9.47 3.38 22.20
C VAL A 67 8.35 3.49 23.23
N VAL A 68 7.47 2.51 23.24
CA VAL A 68 6.32 2.52 24.13
C VAL A 68 6.48 1.43 25.19
N THR A 69 6.78 1.85 26.40
CA THR A 69 7.01 0.93 27.50
C THR A 69 5.78 0.80 28.39
N PHE A 70 5.26 -0.42 28.50
CA PHE A 70 4.15 -0.71 29.39
C PHE A 70 4.64 -0.77 30.83
N CYS A 71 3.96 -0.07 31.71
CA CYS A 71 4.29 -0.12 33.12
C CYS A 71 3.25 -0.95 33.86
N ARG A 72 3.73 -1.88 34.67
CA ARG A 72 2.85 -2.73 35.47
C ARG A 72 3.69 -3.44 36.53
N ARG A 73 4.83 -2.86 36.83
CA ARG A 73 5.79 -3.42 37.77
C ARG A 73 6.67 -2.29 38.29
N HIS A 74 7.90 -2.21 37.81
CA HIS A 74 8.76 -1.07 38.11
C HIS A 74 8.97 -0.25 36.85
N ILE A 75 9.12 1.05 37.04
CA ILE A 75 9.32 1.96 35.93
C ILE A 75 10.76 2.44 35.90
N GLY A 76 11.25 2.81 34.73
CA GLY A 76 12.63 3.26 34.60
C GLY A 76 12.78 4.25 33.47
N ILE A 77 12.10 3.98 32.37
CA ILE A 77 12.10 4.87 31.22
C ILE A 77 10.99 5.90 31.38
N PRO A 78 11.31 7.19 31.19
CA PRO A 78 10.32 8.27 31.28
C PRO A 78 9.34 8.24 30.11
N LEU A 79 8.32 9.08 30.18
CA LEU A 79 7.31 9.15 29.14
C LEU A 79 7.70 10.15 28.06
N GLU A 80 6.69 10.71 27.40
CA GLU A 80 6.87 11.69 26.34
C GLU A 80 7.56 12.98 26.81
N LYS A 81 8.84 12.86 27.07
CA LYS A 81 9.70 14.02 27.27
C LYS A 81 10.15 14.51 25.91
N ALA A 82 10.09 13.60 24.95
CA ALA A 82 10.47 13.87 23.58
C ALA A 82 9.53 13.13 22.64
N PRO A 83 9.37 13.59 21.39
CA PRO A 83 8.55 12.90 20.39
C PRO A 83 9.15 11.55 20.01
N GLY A 84 8.93 10.57 20.87
CA GLY A 84 9.47 9.24 20.64
C GLY A 84 9.45 8.41 21.91
N GLU A 85 9.55 9.09 23.05
CA GLU A 85 9.53 8.40 24.34
C GLU A 85 8.10 8.27 24.83
N TRP A 86 7.67 7.03 25.07
CA TRP A 86 6.30 6.78 25.52
C TRP A 86 6.29 5.70 26.59
N VAL A 87 5.48 5.89 27.62
CA VAL A 87 5.19 4.85 28.59
C VAL A 87 3.71 4.86 28.92
N HIS A 88 3.17 3.72 29.32
CA HIS A 88 1.78 3.64 29.73
C HIS A 88 1.57 2.47 30.67
N SER A 89 1.11 2.76 31.86
CA SER A 89 0.82 1.72 32.84
C SER A 89 -0.56 1.14 32.63
N VAL A 90 -0.61 -0.03 32.00
CA VAL A 90 -1.86 -0.74 31.75
C VAL A 90 -1.56 -2.21 31.43
N ALA A 91 -2.60 -2.98 31.14
CA ALA A 91 -2.43 -4.38 30.79
C ALA A 91 -2.85 -4.61 29.35
N ALA A 92 -2.64 -3.59 28.52
CA ALA A 92 -2.96 -3.65 27.09
C ALA A 92 -4.45 -3.93 26.84
N PRO A 93 -5.31 -2.93 27.09
CA PRO A 93 -6.73 -3.02 26.77
C PRO A 93 -6.96 -2.96 25.26
N HIS A 94 -6.69 -1.78 24.67
CA HIS A 94 -6.76 -1.59 23.22
C HIS A 94 -6.48 -0.13 22.85
N GLU A 95 -5.69 0.55 23.66
CA GLU A 95 -5.40 1.95 23.45
C GLU A 95 -4.02 2.11 22.82
N LEU A 96 -3.06 1.36 23.36
CA LEU A 96 -1.69 1.39 22.86
C LEU A 96 -1.59 0.82 21.44
N PRO A 97 -2.20 -0.36 21.15
CA PRO A 97 -2.21 -0.91 19.79
C PRO A 97 -2.84 0.07 18.80
N ALA A 98 -3.83 0.83 19.27
CA ALA A 98 -4.48 1.84 18.45
C ALA A 98 -3.53 2.99 18.16
N LEU A 99 -2.76 3.40 19.17
CA LEU A 99 -1.79 4.47 19.00
C LEU A 99 -0.63 4.01 18.12
N LEU A 100 -0.35 2.71 18.15
CA LEU A 100 0.70 2.16 17.31
C LEU A 100 0.34 2.32 15.84
N ALA A 101 -0.93 2.11 15.51
CA ALA A 101 -1.41 2.31 14.16
C ALA A 101 -1.40 3.80 13.79
N ARG A 102 -1.68 4.64 14.78
CA ARG A 102 -1.70 6.09 14.58
C ARG A 102 -0.28 6.62 14.29
N ILE A 103 0.67 6.21 15.13
CA ILE A 103 2.07 6.59 14.96
C ILE A 103 2.64 5.98 13.68
N TYR A 104 2.13 4.80 13.33
CA TYR A 104 2.54 4.11 12.11
C TYR A 104 2.21 4.94 10.87
N LEU A 105 1.09 5.67 10.95
CA LEU A 105 0.61 6.48 9.84
C LEU A 105 0.37 5.61 8.61
N ILE A 106 -0.71 4.85 8.64
CA ILE A 106 -1.07 3.95 7.56
C ILE A 106 -1.35 4.74 6.28
N GLU A 107 -1.95 5.91 6.46
CA GLU A 107 -2.30 6.80 5.35
C GLU A 107 -3.26 6.10 4.38
N MET A 108 -4.26 5.46 4.95
CA MET A 108 -5.31 4.81 4.18
C MET A 108 -6.65 5.04 4.86
N GLU A 109 -7.68 5.32 4.06
CA GLU A 109 -8.99 5.61 4.62
C GLU A 109 -9.75 4.32 4.96
N SER A 110 -10.67 3.90 4.12
CA SER A 110 -11.48 2.73 4.41
C SER A 110 -12.21 2.20 3.18
N ASP A 111 -12.84 1.06 3.34
CA ASP A 111 -13.68 0.47 2.31
C ASP A 111 -15.02 0.09 2.92
N ASP A 112 -16.08 0.76 2.47
CA ASP A 112 -17.40 0.57 3.08
C ASP A 112 -18.48 0.46 2.01
N PRO A 113 -18.92 -0.76 1.70
CA PRO A 113 -19.97 -1.01 0.70
C PRO A 113 -21.37 -0.76 1.26
N ALA A 114 -21.51 0.27 2.07
CA ALA A 114 -22.78 0.58 2.71
C ALA A 114 -23.73 1.24 1.73
N ASN A 115 -24.56 0.43 1.07
CA ASN A 115 -25.55 0.92 0.12
C ASN A 115 -26.61 -0.15 -0.10
N ALA A 116 -27.85 0.26 -0.29
CA ALA A 116 -28.94 -0.68 -0.47
C ALA A 116 -30.06 -0.07 -1.32
N LEU A 117 -31.01 -0.92 -1.72
CA LEU A 117 -32.18 -0.49 -2.48
C LEU A 117 -33.36 -1.39 -2.17
N PRO A 118 -34.54 -0.81 -1.87
CA PRO A 118 -35.73 -1.57 -1.50
C PRO A 118 -36.47 -2.15 -2.70
N SER A 119 -37.37 -3.10 -2.42
CA SER A 119 -38.21 -3.70 -3.45
C SER A 119 -39.66 -3.37 -3.18
N THR A 120 -40.37 -2.93 -4.22
CA THR A 120 -41.79 -2.57 -4.08
C THR A 120 -42.55 -2.82 -5.37
N ASP A 121 -43.68 -3.53 -5.25
CA ASP A 121 -44.53 -3.79 -6.41
C ASP A 121 -46.00 -3.90 -6.01
N LYS A 122 -46.84 -3.12 -6.66
CA LYS A 122 -48.27 -3.17 -6.43
C LYS A 122 -49.01 -2.92 -7.74
N ALA A 123 -50.25 -3.37 -7.84
CA ALA A 123 -51.04 -3.22 -9.05
C ALA A 123 -52.53 -3.36 -8.78
N VAL A 124 -53.27 -2.29 -9.03
CA VAL A 124 -54.72 -2.34 -8.99
C VAL A 124 -55.26 -2.68 -10.37
N SER A 125 -55.96 -3.78 -10.49
CA SER A 125 -56.44 -4.25 -11.78
C SER A 125 -57.97 -4.28 -11.84
N ASP A 126 -58.54 -3.30 -12.52
CA ASP A 126 -59.98 -3.24 -12.72
C ASP A 126 -60.30 -2.50 -14.02
N ASN A 127 -60.82 -3.22 -15.00
CA ASN A 127 -61.09 -2.65 -16.30
C ASN A 127 -62.54 -2.16 -16.41
N ASP A 128 -63.37 -2.92 -17.13
CA ASP A 128 -64.76 -2.55 -17.34
C ASP A 128 -65.54 -3.73 -17.92
N ASP A 129 -66.86 -3.64 -17.84
CA ASP A 129 -67.73 -4.68 -18.37
C ASP A 129 -68.91 -4.02 -19.07
N MET A 130 -68.62 -3.04 -19.90
CA MET A 130 -69.64 -2.31 -20.64
C MET A 130 -70.13 -3.16 -21.81
N MET A 131 -71.42 -3.45 -21.81
CA MET A 131 -72.01 -4.30 -22.84
C MET A 131 -72.58 -3.47 -23.98
N ILE A 132 -72.07 -3.73 -25.17
CA ILE A 132 -72.56 -3.11 -26.39
C ILE A 132 -73.21 -4.19 -27.25
N LEU A 133 -74.41 -3.92 -27.74
CA LEU A 133 -75.11 -4.87 -28.57
C LEU A 133 -74.87 -4.56 -30.04
N VAL A 134 -74.19 -5.47 -30.71
CA VAL A 134 -73.86 -5.30 -32.11
C VAL A 134 -74.79 -6.15 -32.97
N VAL A 135 -75.72 -5.51 -33.65
CA VAL A 135 -76.66 -6.19 -34.52
C VAL A 135 -76.34 -5.90 -35.97
N ASP A 136 -76.26 -6.94 -36.79
CA ASP A 136 -76.07 -6.78 -38.22
C ASP A 136 -77.01 -7.70 -38.98
N ASP A 137 -77.47 -7.25 -40.13
CA ASP A 137 -78.27 -8.08 -41.02
C ASP A 137 -77.37 -9.14 -41.68
N HIS A 138 -76.07 -8.90 -41.63
CA HIS A 138 -75.08 -9.86 -42.11
C HIS A 138 -74.34 -10.48 -40.92
N PRO A 139 -74.69 -11.73 -40.55
CA PRO A 139 -74.18 -12.39 -39.33
C PRO A 139 -72.65 -12.48 -39.28
N ILE A 140 -72.03 -12.94 -40.37
CA ILE A 140 -70.57 -13.11 -40.40
C ILE A 140 -69.88 -11.75 -40.27
N ASN A 141 -70.50 -10.73 -40.85
CA ASN A 141 -70.00 -9.37 -40.76
C ASN A 141 -69.99 -8.92 -39.31
N ARG A 142 -71.14 -9.12 -38.66
CA ARG A 142 -71.30 -8.73 -37.27
C ARG A 142 -70.31 -9.42 -36.36
N ARG A 143 -70.16 -10.73 -36.52
CA ARG A 143 -69.30 -11.50 -35.65
C ARG A 143 -67.84 -11.07 -35.79
N LEU A 144 -67.47 -10.62 -36.98
CA LEU A 144 -66.08 -10.26 -37.26
C LEU A 144 -65.74 -8.90 -36.65
N LEU A 145 -66.59 -7.90 -36.86
CA LEU A 145 -66.34 -6.59 -36.28
C LEU A 145 -66.59 -6.60 -34.78
N ALA A 146 -67.45 -7.51 -34.33
CA ALA A 146 -67.67 -7.71 -32.90
C ALA A 146 -66.42 -8.29 -32.26
N ASP A 147 -65.67 -9.06 -33.04
CA ASP A 147 -64.39 -9.58 -32.59
C ASP A 147 -63.43 -8.43 -32.35
N GLN A 148 -63.44 -7.47 -33.28
CA GLN A 148 -62.64 -6.25 -33.14
C GLN A 148 -63.08 -5.47 -31.90
N LEU A 149 -64.39 -5.41 -31.69
CA LEU A 149 -64.96 -4.78 -30.50
C LEU A 149 -64.44 -5.47 -29.24
N GLY A 150 -64.24 -6.77 -29.33
CA GLY A 150 -63.69 -7.53 -28.23
C GLY A 150 -62.21 -7.24 -28.02
N SER A 151 -61.49 -7.00 -29.11
CA SER A 151 -60.08 -6.63 -29.03
C SER A 151 -59.92 -5.23 -28.45
N LEU A 152 -61.02 -4.47 -28.45
CA LEU A 152 -61.04 -3.14 -27.85
C LEU A 152 -61.19 -3.24 -26.34
N GLY A 153 -61.53 -4.43 -25.86
CA GLY A 153 -61.68 -4.65 -24.44
C GLY A 153 -63.10 -4.43 -23.95
N TYR A 154 -64.05 -4.48 -24.87
CA TYR A 154 -65.45 -4.27 -24.52
C TYR A 154 -66.24 -5.57 -24.65
N GLN A 155 -67.42 -5.60 -24.05
CA GLN A 155 -68.26 -6.78 -24.10
C GLN A 155 -69.30 -6.65 -25.20
N CYS A 156 -69.12 -7.41 -26.26
CA CYS A 156 -70.02 -7.35 -27.41
C CYS A 156 -71.03 -8.48 -27.35
N LYS A 157 -72.28 -8.15 -27.64
CA LYS A 157 -73.32 -9.17 -27.75
C LYS A 157 -73.84 -9.19 -29.18
N THR A 158 -73.87 -10.36 -29.79
CA THR A 158 -74.21 -10.48 -31.20
C THR A 158 -75.69 -10.80 -31.40
N ALA A 159 -76.31 -10.05 -32.30
CA ALA A 159 -77.70 -10.29 -32.68
C ALA A 159 -77.85 -10.09 -34.19
N ASN A 160 -78.88 -10.69 -34.78
CA ASN A 160 -79.09 -10.57 -36.21
C ASN A 160 -80.58 -10.57 -36.57
N ASP A 161 -81.24 -9.46 -36.23
CA ASP A 161 -82.65 -9.20 -36.57
C ASP A 161 -83.17 -8.07 -35.68
N GLY A 162 -84.39 -7.63 -35.92
CA GLY A 162 -85.00 -6.64 -35.08
C GLY A 162 -85.63 -7.27 -33.86
N VAL A 163 -86.25 -8.43 -34.07
CA VAL A 163 -86.86 -9.16 -32.97
C VAL A 163 -85.77 -9.82 -32.11
N ASP A 164 -84.66 -10.17 -32.76
CA ASP A 164 -83.52 -10.78 -32.06
C ASP A 164 -82.90 -9.77 -31.10
N ALA A 165 -82.64 -8.58 -31.59
CA ALA A 165 -82.03 -7.51 -30.79
C ALA A 165 -82.92 -7.12 -29.61
N LEU A 166 -84.21 -7.02 -29.87
CA LEU A 166 -85.16 -6.64 -28.82
C LEU A 166 -85.31 -7.76 -27.80
N ASN A 167 -85.29 -9.00 -28.28
CA ASN A 167 -85.43 -10.18 -27.42
C ASN A 167 -84.34 -10.21 -26.35
N VAL A 168 -83.10 -10.15 -26.79
CA VAL A 168 -81.96 -10.14 -25.86
C VAL A 168 -82.00 -8.91 -24.97
N LEU A 169 -82.52 -7.81 -25.49
CA LEU A 169 -82.64 -6.57 -24.72
C LEU A 169 -83.60 -6.75 -23.54
N SER A 170 -84.65 -7.52 -23.74
CA SER A 170 -85.62 -7.75 -22.67
C SER A 170 -85.05 -8.74 -21.65
N LYS A 171 -84.13 -9.58 -22.12
CA LYS A 171 -83.49 -10.57 -21.27
C LYS A 171 -82.45 -9.93 -20.36
N ASN A 172 -81.53 -9.19 -20.96
CA ASN A 172 -80.42 -8.59 -20.23
C ASN A 172 -80.22 -7.14 -20.67
N HIS A 173 -79.85 -6.28 -19.73
CA HIS A 173 -79.65 -4.87 -20.02
C HIS A 173 -78.41 -4.64 -20.89
N ILE A 174 -78.54 -3.74 -21.85
CA ILE A 174 -77.43 -3.34 -22.70
C ILE A 174 -77.38 -1.81 -22.77
N ASP A 175 -76.18 -1.25 -22.72
CA ASP A 175 -76.02 0.21 -22.65
C ASP A 175 -76.24 0.85 -24.01
N ILE A 176 -75.44 0.45 -24.99
CA ILE A 176 -75.54 0.99 -26.34
C ILE A 176 -75.90 -0.11 -27.34
N VAL A 177 -76.91 0.15 -28.16
CA VAL A 177 -77.35 -0.82 -29.14
C VAL A 177 -77.31 -0.20 -30.54
N LEU A 178 -76.61 -0.85 -31.45
CA LEU A 178 -76.54 -0.35 -32.83
C LEU A 178 -77.12 -1.39 -33.78
N SER A 179 -77.99 -0.92 -34.67
CA SER A 179 -78.65 -1.80 -35.63
C SER A 179 -78.14 -1.55 -37.03
N ASP A 180 -77.26 -2.42 -37.49
CA ASP A 180 -76.66 -2.33 -38.81
C ASP A 180 -77.49 -3.09 -39.83
N VAL A 181 -78.01 -2.37 -40.82
CA VAL A 181 -78.81 -3.01 -41.86
C VAL A 181 -78.36 -2.57 -43.23
N ASN A 182 -77.88 -3.53 -44.03
CA ASN A 182 -77.56 -3.28 -45.43
C ASN A 182 -78.83 -2.88 -46.16
N MET A 183 -79.78 -3.80 -46.15
CA MET A 183 -81.13 -3.52 -46.57
C MET A 183 -82.08 -4.14 -45.56
N PRO A 184 -82.99 -3.34 -44.97
CA PRO A 184 -83.91 -3.81 -43.91
C PRO A 184 -85.02 -4.72 -44.45
N ASN A 185 -84.63 -5.72 -45.24
CA ASN A 185 -85.56 -6.71 -45.80
C ASN A 185 -86.55 -6.04 -46.75
N MET A 186 -87.61 -5.50 -46.18
CA MET A 186 -88.68 -4.83 -46.91
C MET A 186 -89.70 -4.34 -45.91
N ASP A 187 -89.90 -5.15 -44.88
CA ASP A 187 -90.80 -4.81 -43.79
C ASP A 187 -89.99 -4.34 -42.58
N GLY A 188 -88.83 -3.77 -42.86
CA GLY A 188 -87.90 -3.36 -41.81
C GLY A 188 -88.47 -2.36 -40.83
N TYR A 189 -89.56 -1.70 -41.22
CA TYR A 189 -90.25 -0.75 -40.34
C TYR A 189 -90.71 -1.48 -39.08
N ARG A 190 -90.97 -2.77 -39.23
CA ARG A 190 -91.44 -3.61 -38.14
C ARG A 190 -90.41 -3.64 -37.01
N LEU A 191 -89.13 -3.54 -37.36
CA LEU A 191 -88.05 -3.60 -36.39
C LEU A 191 -88.09 -2.36 -35.49
N THR A 192 -88.22 -1.20 -36.11
CA THR A 192 -88.25 0.06 -35.39
C THR A 192 -89.53 0.20 -34.59
N GLN A 193 -90.63 -0.27 -35.19
CA GLN A 193 -91.93 -0.26 -34.54
C GLN A 193 -91.91 -1.14 -33.30
N ARG A 194 -91.46 -2.38 -33.45
CA ARG A 194 -91.51 -3.36 -32.39
C ARG A 194 -90.67 -2.93 -31.18
N ILE A 195 -89.48 -2.41 -31.43
CA ILE A 195 -88.57 -2.05 -30.34
C ILE A 195 -89.12 -0.86 -29.53
N ARG A 196 -89.68 0.13 -30.22
CA ARG A 196 -90.23 1.30 -29.54
C ARG A 196 -91.57 0.97 -28.87
N GLN A 197 -92.27 -0.01 -29.43
CA GLN A 197 -93.58 -0.42 -28.92
C GLN A 197 -93.43 -1.28 -27.67
N LEU A 198 -92.39 -2.13 -27.65
CA LEU A 198 -92.15 -3.00 -26.52
C LEU A 198 -91.58 -2.21 -25.34
N GLY A 199 -90.82 -1.16 -25.64
CA GLY A 199 -90.31 -0.30 -24.59
C GLY A 199 -88.80 -0.21 -24.59
N LEU A 200 -88.26 0.66 -25.43
CA LEU A 200 -86.82 0.87 -25.48
C LEU A 200 -86.40 1.96 -24.49
N THR A 201 -85.32 1.72 -23.76
CA THR A 201 -84.86 2.67 -22.76
C THR A 201 -83.37 2.94 -22.90
N LEU A 202 -82.83 2.78 -24.10
CA LEU A 202 -81.41 2.92 -24.33
C LEU A 202 -81.15 3.52 -25.71
N PRO A 203 -80.00 4.19 -25.90
CA PRO A 203 -79.65 4.82 -27.18
C PRO A 203 -79.49 3.79 -28.30
N VAL A 204 -80.42 3.80 -29.25
CA VAL A 204 -80.33 2.89 -30.39
C VAL A 204 -79.80 3.63 -31.61
N ILE A 205 -78.61 3.24 -32.04
CA ILE A 205 -77.97 3.83 -33.19
C ILE A 205 -78.36 3.05 -34.45
N GLY A 206 -79.21 3.65 -35.27
CA GLY A 206 -79.61 3.01 -36.51
C GLY A 206 -78.63 3.32 -37.62
N VAL A 207 -78.03 2.29 -38.17
CA VAL A 207 -77.05 2.46 -39.22
C VAL A 207 -77.45 1.65 -40.45
N THR A 208 -77.65 2.35 -41.57
CA THR A 208 -78.11 1.70 -42.78
C THR A 208 -77.11 1.91 -43.92
N ALA A 209 -77.20 1.06 -44.93
CA ALA A 209 -76.38 1.24 -46.12
C ALA A 209 -76.92 2.42 -46.91
N ASN A 210 -76.02 3.23 -47.45
CA ASN A 210 -76.41 4.42 -48.18
C ASN A 210 -77.18 4.04 -49.45
N ALA A 211 -78.49 4.23 -49.40
CA ALA A 211 -79.37 3.81 -50.48
C ALA A 211 -80.07 5.00 -51.11
N LEU A 212 -80.54 5.91 -50.27
CA LEU A 212 -81.31 7.07 -50.73
C LEU A 212 -81.27 8.18 -49.70
N ALA A 213 -82.01 8.00 -48.61
CA ALA A 213 -82.08 8.98 -47.54
C ALA A 213 -82.61 8.33 -46.27
N GLU A 214 -81.95 7.26 -45.84
CA GLU A 214 -82.39 6.51 -44.67
C GLU A 214 -82.25 7.36 -43.41
N GLU A 215 -81.28 8.27 -43.42
CA GLU A 215 -81.11 9.22 -42.33
C GLU A 215 -82.37 10.06 -42.15
N LYS A 216 -83.00 10.40 -43.26
CA LYS A 216 -84.24 11.17 -43.24
C LYS A 216 -85.37 10.34 -42.64
N GLN A 217 -85.42 9.06 -43.01
CA GLN A 217 -86.41 8.15 -42.47
C GLN A 217 -86.22 8.00 -40.95
N ARG A 218 -84.97 7.99 -40.52
CA ARG A 218 -84.65 7.92 -39.10
C ARG A 218 -85.12 9.17 -38.38
N CYS A 219 -84.99 10.32 -39.05
CA CYS A 219 -85.46 11.59 -38.50
C CYS A 219 -86.98 11.59 -38.39
N LEU A 220 -87.64 10.90 -39.32
CA LEU A 220 -89.09 10.74 -39.28
C LEU A 220 -89.50 9.84 -38.12
N GLU A 221 -88.73 8.78 -37.90
CA GLU A 221 -89.01 7.81 -36.86
C GLU A 221 -88.87 8.44 -35.46
N SER A 222 -87.73 9.08 -35.23
CA SER A 222 -87.43 9.75 -33.96
C SER A 222 -87.76 8.88 -32.73
N GLY A 223 -87.33 7.63 -32.74
CA GLY A 223 -87.55 6.77 -31.59
C GLY A 223 -86.30 6.00 -31.17
N MET A 224 -85.48 5.66 -32.15
CA MET A 224 -84.23 4.93 -31.89
C MET A 224 -83.24 5.78 -31.10
N ASP A 225 -82.54 6.67 -31.81
CA ASP A 225 -81.60 7.62 -31.22
C ASP A 225 -80.77 8.27 -32.32
N SER A 226 -79.69 7.60 -32.72
CA SER A 226 -78.74 8.15 -33.66
C SER A 226 -78.81 7.45 -35.01
N CYS A 227 -78.04 7.94 -35.98
CA CYS A 227 -78.02 7.33 -37.30
C CYS A 227 -76.64 7.42 -37.95
N LEU A 228 -76.22 6.34 -38.59
CA LEU A 228 -74.96 6.31 -39.34
C LEU A 228 -75.13 5.46 -40.60
N SER A 229 -74.05 5.26 -41.34
CA SER A 229 -74.09 4.48 -42.56
C SER A 229 -73.27 3.21 -42.42
N LYS A 230 -73.69 2.18 -43.15
CA LYS A 230 -73.09 0.83 -43.09
C LYS A 230 -71.55 0.81 -43.23
N PRO A 231 -70.95 1.62 -44.14
CA PRO A 231 -69.47 1.71 -44.22
C PRO A 231 -68.82 2.22 -42.93
N VAL A 232 -68.80 1.37 -41.92
CA VAL A 232 -68.17 1.68 -40.65
C VAL A 232 -66.87 0.87 -40.51
N THR A 233 -65.76 1.57 -40.28
CA THR A 233 -64.46 0.93 -40.13
C THR A 233 -64.20 0.54 -38.67
N LEU A 234 -63.13 -0.21 -38.46
CA LEU A 234 -62.74 -0.60 -37.10
C LEU A 234 -62.36 0.64 -36.28
N ASP A 235 -61.57 1.52 -36.87
CA ASP A 235 -61.15 2.74 -36.18
C ASP A 235 -62.35 3.62 -35.87
N VAL A 236 -63.25 3.74 -36.84
CA VAL A 236 -64.44 4.56 -36.65
C VAL A 236 -65.38 3.92 -35.62
N ILE A 237 -65.40 2.60 -35.56
CA ILE A 237 -66.17 1.89 -34.55
C ILE A 237 -65.62 2.19 -33.17
N LYS A 238 -64.30 2.26 -33.06
CA LYS A 238 -63.64 2.57 -31.80
C LYS A 238 -63.95 4.01 -31.37
N GLN A 239 -63.85 4.92 -32.32
CA GLN A 239 -64.10 6.34 -32.06
C GLN A 239 -65.54 6.57 -31.61
N THR A 240 -66.49 6.09 -32.41
CA THR A 240 -67.90 6.28 -32.12
C THR A 240 -68.30 5.57 -30.82
N LEU A 241 -67.77 4.37 -30.62
CA LEU A 241 -68.03 3.61 -29.40
C LEU A 241 -67.56 4.39 -28.18
N THR A 242 -66.33 4.89 -28.25
CA THR A 242 -65.73 5.63 -27.16
C THR A 242 -66.52 6.92 -26.88
N LEU A 243 -66.94 7.61 -27.94
CA LEU A 243 -67.68 8.86 -27.81
C LEU A 243 -68.99 8.65 -27.04
N TYR A 244 -69.74 7.61 -27.40
CA TYR A 244 -71.02 7.37 -26.77
C TYR A 244 -70.84 6.71 -25.40
N ALA A 245 -69.80 5.90 -25.26
CA ALA A 245 -69.53 5.22 -24.01
C ALA A 245 -69.13 6.21 -22.93
N GLU A 246 -68.31 7.19 -23.27
CA GLU A 246 -67.92 8.23 -22.33
C GLU A 246 -69.14 9.07 -21.97
N ARG A 247 -70.01 9.29 -22.95
CA ARG A 247 -71.22 10.09 -22.76
C ARG A 247 -72.11 9.47 -21.67
N VAL A 248 -72.34 8.17 -21.78
CA VAL A 248 -73.19 7.48 -20.82
C VAL A 248 -72.46 7.24 -19.51
N ARG A 249 -71.14 7.08 -19.59
CA ARG A 249 -70.32 6.86 -18.41
C ARG A 249 -70.32 8.07 -17.49
N LYS A 250 -70.24 9.27 -18.08
CA LYS A 250 -70.25 10.49 -17.29
C LYS A 250 -71.64 10.76 -16.71
N SER A 251 -72.68 10.34 -17.43
CA SER A 251 -74.05 10.43 -16.92
C SER A 251 -74.26 9.46 -15.75
N ARG A 252 -73.63 8.30 -15.84
CA ARG A 252 -73.72 7.28 -14.79
C ARG A 252 -72.83 7.66 -13.62
N ASP A 253 -71.87 8.53 -13.88
CA ASP A 253 -70.95 9.04 -12.85
C ASP A 253 -70.10 7.91 -12.27
N SER A 254 -69.43 7.19 -13.14
CA SER A 254 -68.55 6.12 -12.72
C SER A 254 -67.16 6.33 -13.30
N MET A 1 -9.09 12.78 -9.78
CA MET A 1 -9.81 13.09 -8.53
C MET A 1 -10.40 11.81 -7.95
N GLY A 2 -10.38 11.71 -6.62
CA GLY A 2 -10.91 10.52 -5.97
C GLY A 2 -9.90 9.90 -5.03
N GLY A 3 -8.63 9.96 -5.40
CA GLY A 3 -7.58 9.42 -4.57
C GLY A 3 -7.38 7.93 -4.77
N SER A 4 -6.63 7.31 -3.86
CA SER A 4 -6.34 5.90 -3.93
C SER A 4 -6.87 5.18 -2.70
N GLY A 5 -7.18 3.90 -2.85
CA GLY A 5 -7.74 3.14 -1.76
C GLY A 5 -6.70 2.41 -0.95
N VAL A 6 -7.05 1.23 -0.46
CA VAL A 6 -6.17 0.46 0.40
C VAL A 6 -5.30 -0.49 -0.42
N GLU A 7 -4.25 -1.01 0.22
CA GLU A 7 -3.39 -2.01 -0.39
C GLU A 7 -2.99 -3.04 0.65
N GLY A 8 -2.09 -2.64 1.54
CA GLY A 8 -1.66 -3.49 2.62
C GLY A 8 -0.69 -2.77 3.54
N LEU A 9 -0.58 -3.23 4.78
CA LEU A 9 0.32 -2.61 5.75
C LEU A 9 1.57 -3.46 5.93
N SER A 10 1.69 -4.49 5.10
CA SER A 10 2.85 -5.37 5.11
C SER A 10 4.05 -4.69 4.46
N GLY A 11 4.62 -3.72 5.16
CA GLY A 11 5.76 -3.03 4.63
C GLY A 11 6.62 -2.36 5.69
N LYS A 12 6.22 -2.49 6.95
CA LYS A 12 6.99 -1.89 8.02
C LYS A 12 7.22 -2.90 9.14
N ARG A 13 8.28 -2.69 9.89
CA ARG A 13 8.69 -3.62 10.92
C ARG A 13 8.43 -3.03 12.31
N CYS A 14 8.26 -3.90 13.28
CA CYS A 14 8.10 -3.48 14.66
C CYS A 14 8.80 -4.48 15.59
N TRP A 15 9.39 -3.97 16.65
CA TRP A 15 10.10 -4.81 17.60
C TRP A 15 9.34 -4.86 18.93
N LEU A 16 9.37 -6.01 19.57
CA LEU A 16 8.72 -6.18 20.85
C LEU A 16 9.62 -6.88 21.84
N ALA A 17 9.69 -6.31 23.03
CA ALA A 17 10.45 -6.89 24.13
C ALA A 17 9.55 -7.02 25.36
N VAL A 18 8.49 -7.79 25.20
CA VAL A 18 7.55 -8.01 26.27
C VAL A 18 7.67 -9.42 26.79
N ARG A 19 7.98 -9.56 28.06
CA ARG A 19 8.19 -10.87 28.68
C ARG A 19 6.85 -11.51 28.99
N ASN A 20 5.85 -10.67 29.23
CA ASN A 20 4.49 -11.16 29.44
C ASN A 20 3.90 -11.65 28.12
N ALA A 21 3.68 -12.96 28.05
CA ALA A 21 3.24 -13.60 26.82
C ALA A 21 1.84 -13.17 26.43
N SER A 22 0.99 -12.95 27.44
CA SER A 22 -0.38 -12.51 27.19
C SER A 22 -0.39 -11.11 26.56
N LEU A 23 0.43 -10.22 27.11
CA LEU A 23 0.53 -8.85 26.63
C LEU A 23 1.24 -8.82 25.28
N CYS A 24 2.33 -9.55 25.16
CA CYS A 24 3.14 -9.54 23.95
C CYS A 24 2.35 -10.13 22.79
N GLN A 25 1.66 -11.25 23.04
CA GLN A 25 0.88 -11.91 22.01
C GLN A 25 -0.25 -11.01 21.50
N PHE A 26 -0.88 -10.30 22.43
CA PHE A 26 -1.96 -9.39 22.08
C PHE A 26 -1.52 -8.38 21.04
N LEU A 27 -0.45 -7.66 21.33
CA LEU A 27 0.05 -6.64 20.43
C LEU A 27 0.62 -7.25 19.15
N GLU A 28 1.46 -8.27 19.31
CA GLU A 28 2.18 -8.86 18.18
C GLU A 28 1.21 -9.50 17.17
N THR A 29 0.17 -10.14 17.66
CA THR A 29 -0.80 -10.78 16.79
C THR A 29 -1.64 -9.74 16.06
N SER A 30 -2.03 -8.68 16.77
CA SER A 30 -2.81 -7.61 16.18
C SER A 30 -2.01 -6.94 15.05
N LEU A 31 -0.71 -6.78 15.26
CA LEU A 31 0.16 -6.19 14.25
C LEU A 31 0.28 -7.13 13.05
N GLN A 32 0.55 -8.39 13.32
CA GLN A 32 0.71 -9.40 12.26
C GLN A 32 -0.57 -9.51 11.42
N ARG A 33 -1.71 -9.20 12.04
CA ARG A 33 -3.00 -9.28 11.37
C ARG A 33 -3.09 -8.28 10.21
N SER A 34 -2.31 -7.22 10.28
CA SER A 34 -2.32 -6.20 9.23
C SER A 34 -1.09 -6.33 8.33
N GLY A 35 -0.32 -7.40 8.52
CA GLY A 35 0.84 -7.64 7.68
C GLY A 35 2.11 -7.05 8.26
N ILE A 36 1.99 -6.44 9.42
CA ILE A 36 3.15 -5.87 10.10
C ILE A 36 4.10 -6.97 10.55
N VAL A 37 5.36 -6.85 10.18
CA VAL A 37 6.35 -7.85 10.56
C VAL A 37 6.95 -7.48 11.92
N VAL A 38 6.54 -8.20 12.94
CA VAL A 38 7.02 -7.96 14.29
C VAL A 38 8.11 -8.97 14.65
N THR A 39 9.13 -8.50 15.35
CA THR A 39 10.23 -9.35 15.79
C THR A 39 10.60 -9.04 17.22
N THR A 40 10.86 -10.09 17.99
CA THR A 40 11.30 -9.95 19.36
C THR A 40 12.72 -9.36 19.40
N TYR A 41 12.93 -8.41 20.30
CA TYR A 41 14.21 -7.73 20.40
C TYR A 41 15.24 -8.59 21.14
N GLU A 42 15.82 -9.53 20.41
CA GLU A 42 16.86 -10.39 20.96
C GLU A 42 18.15 -9.59 21.19
N GLY A 43 18.89 -9.38 20.11
CA GLY A 43 20.13 -8.62 20.19
C GLY A 43 20.45 -7.92 18.90
N GLN A 44 19.56 -7.03 18.48
CA GLN A 44 19.71 -6.32 17.23
C GLN A 44 19.91 -4.83 17.47
N GLU A 45 20.13 -4.09 16.40
CA GLU A 45 20.35 -2.66 16.49
C GLU A 45 19.04 -1.89 16.29
N PRO A 46 18.85 -0.81 17.06
CA PRO A 46 17.68 0.05 16.94
C PRO A 46 17.53 0.64 15.54
N THR A 47 16.33 0.56 14.99
CA THR A 47 16.06 1.09 13.67
C THR A 47 15.24 2.38 13.76
N PRO A 48 15.67 3.43 13.04
CA PRO A 48 15.03 4.76 13.10
C PRO A 48 13.61 4.78 12.56
N GLU A 49 13.24 3.76 11.79
CA GLU A 49 11.89 3.67 11.25
C GLU A 49 11.09 2.61 11.99
N ASP A 50 11.70 2.04 13.02
CA ASP A 50 11.09 0.94 13.75
C ASP A 50 10.80 1.35 15.18
N VAL A 51 9.85 0.67 15.80
CA VAL A 51 9.44 0.99 17.15
C VAL A 51 9.67 -0.19 18.09
N LEU A 52 9.96 0.09 19.35
CA LEU A 52 10.16 -0.95 20.35
C LEU A 52 9.05 -0.90 21.39
N ILE A 53 8.29 -1.98 21.49
CA ILE A 53 7.30 -2.09 22.54
C ILE A 53 7.80 -3.05 23.61
N THR A 54 8.17 -2.50 24.76
CA THR A 54 8.74 -3.31 25.83
C THR A 54 7.86 -3.28 27.08
N ASP A 55 8.08 -4.21 27.99
CA ASP A 55 7.30 -4.28 29.22
C ASP A 55 8.20 -4.15 30.44
N GLU A 56 7.80 -3.25 31.34
CA GLU A 56 8.54 -2.89 32.55
C GLU A 56 9.85 -2.19 32.21
N VAL A 57 10.59 -1.78 33.24
CA VAL A 57 11.82 -1.04 33.06
C VAL A 57 12.97 -1.97 32.72
N VAL A 58 13.19 -2.19 31.43
CA VAL A 58 14.31 -2.98 30.95
C VAL A 58 15.56 -2.12 30.80
N SER A 59 15.37 -0.81 30.98
CA SER A 59 16.47 0.15 30.88
C SER A 59 17.13 0.12 29.50
N LYS A 60 16.32 -0.01 28.46
CA LYS A 60 16.82 0.01 27.10
C LYS A 60 16.56 1.38 26.48
N LYS A 61 17.58 1.93 25.82
CA LYS A 61 17.45 3.23 25.19
C LYS A 61 17.23 3.08 23.70
N TRP A 62 15.99 2.82 23.32
CA TRP A 62 15.62 2.68 21.92
C TRP A 62 15.55 4.05 21.25
N GLN A 63 16.64 4.43 20.61
CA GLN A 63 16.67 5.67 19.86
C GLN A 63 16.34 5.40 18.39
N GLY A 64 15.16 4.86 18.16
CA GLY A 64 14.70 4.61 16.81
C GLY A 64 13.59 5.57 16.42
N ARG A 65 12.48 5.05 15.97
CA ARG A 65 11.32 5.89 15.65
C ARG A 65 10.61 6.28 16.94
N ALA A 66 10.18 5.27 17.68
CA ALA A 66 9.49 5.49 18.94
C ALA A 66 9.61 4.25 19.82
N VAL A 67 9.56 4.44 21.12
CA VAL A 67 9.63 3.33 22.05
C VAL A 67 8.53 3.43 23.09
N VAL A 68 7.73 2.40 23.18
CA VAL A 68 6.64 2.34 24.14
C VAL A 68 7.00 1.39 25.27
N THR A 69 7.13 1.94 26.46
CA THR A 69 7.49 1.16 27.63
C THR A 69 6.30 0.99 28.56
N PHE A 70 5.81 -0.25 28.66
CA PHE A 70 4.79 -0.56 29.64
C PHE A 70 5.42 -0.53 31.03
N CYS A 71 4.63 -0.25 32.04
CA CYS A 71 5.14 -0.24 33.40
C CYS A 71 4.00 -0.44 34.38
N ARG A 72 4.18 -1.32 35.35
CA ARG A 72 3.16 -1.53 36.37
C ARG A 72 3.74 -1.36 37.76
N ARG A 73 5.06 -1.25 37.83
CA ARG A 73 5.74 -1.09 39.11
C ARG A 73 6.58 0.19 39.12
N HIS A 74 7.69 0.16 38.41
CA HIS A 74 8.60 1.29 38.35
C HIS A 74 8.42 2.01 37.04
N ILE A 75 8.24 3.32 37.11
CA ILE A 75 7.91 4.10 35.93
C ILE A 75 9.04 5.08 35.59
N GLY A 76 10.19 4.87 36.22
CA GLY A 76 11.33 5.77 36.00
C GLY A 76 12.04 5.53 34.68
N ILE A 77 11.27 5.33 33.63
CA ILE A 77 11.79 5.22 32.28
C ILE A 77 11.48 6.50 31.51
N PRO A 78 12.37 6.94 30.61
CA PRO A 78 12.10 8.09 29.74
C PRO A 78 10.77 7.94 29.01
N LEU A 79 9.79 8.73 29.43
CA LEU A 79 8.47 8.69 28.81
C LEU A 79 8.30 9.87 27.86
N GLU A 80 7.06 10.26 27.62
CA GLU A 80 6.72 11.36 26.72
C GLU A 80 7.21 12.71 27.23
N LYS A 81 8.02 12.68 28.27
CA LYS A 81 8.80 13.84 28.67
C LYS A 81 9.90 14.08 27.63
N ALA A 82 10.17 13.04 26.86
CA ALA A 82 11.10 13.11 25.74
C ALA A 82 10.37 12.74 24.45
N PRO A 83 10.60 13.50 23.37
CA PRO A 83 9.92 13.26 22.09
C PRO A 83 10.30 11.93 21.45
N GLY A 84 9.34 11.01 21.40
CA GLY A 84 9.58 9.71 20.81
C GLY A 84 9.59 8.61 21.84
N GLU A 85 9.57 9.02 23.11
CA GLU A 85 9.57 8.07 24.20
C GLU A 85 8.20 8.05 24.84
N TRP A 86 7.68 6.86 25.12
CA TRP A 86 6.35 6.71 25.69
C TRP A 86 6.37 5.68 26.82
N VAL A 87 5.51 5.86 27.81
CA VAL A 87 5.26 4.83 28.81
C VAL A 87 3.75 4.66 29.00
N HIS A 88 3.35 3.57 29.63
CA HIS A 88 1.94 3.33 29.91
C HIS A 88 1.74 2.14 30.83
N SER A 89 0.90 2.32 31.83
CA SER A 89 0.58 1.24 32.77
C SER A 89 -0.74 0.59 32.39
N VAL A 90 -0.66 -0.56 31.71
CA VAL A 90 -1.83 -1.33 31.30
C VAL A 90 -1.41 -2.68 30.74
N ALA A 91 -2.39 -3.46 30.32
CA ALA A 91 -2.14 -4.70 29.60
C ALA A 91 -2.53 -4.53 28.13
N ALA A 92 -2.55 -3.27 27.69
CA ALA A 92 -2.92 -2.90 26.32
C ALA A 92 -4.33 -3.37 25.96
N PRO A 93 -5.36 -2.84 26.65
CA PRO A 93 -6.75 -3.24 26.43
C PRO A 93 -7.24 -2.88 25.02
N HIS A 94 -7.10 -1.60 24.64
CA HIS A 94 -7.55 -1.15 23.32
C HIS A 94 -7.12 0.29 23.02
N GLU A 95 -6.04 0.74 23.64
CA GLU A 95 -5.57 2.11 23.40
C GLU A 95 -4.14 2.11 22.88
N LEU A 96 -3.28 1.34 23.53
CA LEU A 96 -1.87 1.28 23.14
C LEU A 96 -1.68 0.84 21.69
N PRO A 97 -2.24 -0.32 21.26
CA PRO A 97 -2.10 -0.77 19.86
C PRO A 97 -2.71 0.24 18.88
N ALA A 98 -3.69 1.01 19.34
CA ALA A 98 -4.30 2.04 18.52
C ALA A 98 -3.32 3.20 18.32
N LEU A 99 -2.65 3.59 19.39
CA LEU A 99 -1.64 4.64 19.32
C LEU A 99 -0.51 4.23 18.39
N LEU A 100 -0.15 2.96 18.42
CA LEU A 100 0.91 2.43 17.57
C LEU A 100 0.54 2.56 16.10
N ALA A 101 -0.66 2.09 15.76
CA ALA A 101 -1.15 2.13 14.39
C ALA A 101 -1.21 3.56 13.87
N ARG A 102 -1.80 4.45 14.66
CA ARG A 102 -1.95 5.85 14.27
C ARG A 102 -0.61 6.59 14.29
N ILE A 103 0.35 6.07 15.03
CA ILE A 103 1.68 6.67 15.10
C ILE A 103 2.43 6.45 13.79
N TYR A 104 2.14 5.34 13.13
CA TYR A 104 2.72 5.06 11.83
C TYR A 104 1.89 5.72 10.72
N LEU A 105 0.60 5.38 10.71
CA LEU A 105 -0.36 5.93 9.75
C LEU A 105 0.16 5.92 8.31
N ILE A 106 0.44 4.73 7.81
CA ILE A 106 0.88 4.57 6.43
C ILE A 106 -0.27 4.00 5.61
N GLU A 107 -0.79 2.88 6.09
CA GLU A 107 -2.01 2.24 5.56
C GLU A 107 -1.85 1.73 4.12
N MET A 108 -0.68 1.95 3.53
CA MET A 108 -0.41 1.51 2.17
C MET A 108 1.09 1.46 1.92
N GLU A 109 1.65 0.27 2.02
CA GLU A 109 3.07 0.07 1.78
C GLU A 109 3.27 -1.13 0.84
N SER A 110 3.03 -2.32 1.37
CA SER A 110 3.03 -3.55 0.57
C SER A 110 4.34 -3.77 -0.18
N ASP A 111 5.46 -3.60 0.51
CA ASP A 111 6.75 -3.96 -0.07
C ASP A 111 7.03 -5.42 0.23
N ASP A 112 6.47 -5.88 1.35
CA ASP A 112 6.68 -7.23 1.87
C ASP A 112 8.15 -7.47 2.25
N PRO A 113 8.62 -6.76 3.30
CA PRO A 113 9.94 -6.98 3.87
C PRO A 113 9.83 -7.91 5.07
N ALA A 114 9.18 -9.05 4.87
CA ALA A 114 8.90 -9.98 5.95
C ALA A 114 10.01 -11.01 6.10
N ASN A 115 11.23 -10.59 5.78
CA ASN A 115 12.40 -11.43 5.99
C ASN A 115 13.08 -11.02 7.29
N ALA A 116 13.31 -11.99 8.15
CA ALA A 116 13.92 -11.73 9.44
C ALA A 116 14.35 -13.04 10.09
N LEU A 117 15.64 -13.36 9.95
CA LEU A 117 16.16 -14.58 10.55
C LEU A 117 16.27 -14.41 12.05
N PRO A 118 15.83 -15.40 12.82
CA PRO A 118 15.87 -15.36 14.28
C PRO A 118 17.29 -15.52 14.81
N SER A 119 17.99 -14.40 14.94
CA SER A 119 19.32 -14.38 15.53
C SER A 119 19.28 -14.92 16.95
N THR A 120 19.58 -16.19 17.11
CA THR A 120 19.46 -16.86 18.38
C THR A 120 20.75 -16.79 19.18
N ASP A 121 20.79 -15.90 20.16
CA ASP A 121 21.92 -15.81 21.07
C ASP A 121 21.80 -16.86 22.16
N LYS A 122 22.86 -17.06 22.92
CA LYS A 122 22.86 -18.03 24.00
C LYS A 122 22.34 -17.38 25.28
N ALA A 123 21.48 -18.10 25.98
CA ALA A 123 20.91 -17.60 27.24
C ALA A 123 22.01 -17.19 28.20
N VAL A 124 22.98 -18.08 28.36
CA VAL A 124 24.17 -17.78 29.12
C VAL A 124 25.23 -17.21 28.19
N SER A 125 25.90 -16.16 28.62
CA SER A 125 26.95 -15.53 27.82
C SER A 125 28.14 -16.46 27.67
N ASP A 126 28.05 -17.36 26.69
CA ASP A 126 29.09 -18.34 26.42
C ASP A 126 29.28 -18.49 24.92
N ASN A 127 30.52 -18.71 24.51
CA ASN A 127 30.84 -18.84 23.10
C ASN A 127 32.00 -19.81 22.89
N ASP A 128 32.34 -20.54 23.93
CA ASP A 128 33.50 -21.41 23.89
C ASP A 128 33.18 -22.81 24.41
N ASP A 129 33.65 -23.80 23.66
CA ASP A 129 33.52 -25.21 24.04
C ASP A 129 34.65 -25.98 23.38
N MET A 130 34.55 -26.11 22.07
CA MET A 130 35.62 -26.71 21.29
C MET A 130 36.34 -25.62 20.50
N MET A 131 37.65 -25.53 20.68
CA MET A 131 38.45 -24.53 20.00
C MET A 131 39.08 -25.13 18.75
N ILE A 132 38.65 -24.63 17.60
CA ILE A 132 39.16 -25.11 16.32
C ILE A 132 39.95 -24.00 15.62
N LEU A 133 41.11 -24.36 15.10
CA LEU A 133 41.93 -23.41 14.37
C LEU A 133 41.77 -23.61 12.87
N VAL A 134 41.32 -22.58 12.18
CA VAL A 134 41.14 -22.65 10.74
C VAL A 134 42.28 -21.92 10.04
N VAL A 135 43.28 -22.68 9.64
CA VAL A 135 44.47 -22.14 9.00
C VAL A 135 44.54 -22.60 7.54
N ASP A 136 44.32 -21.67 6.61
CA ASP A 136 44.38 -22.01 5.19
C ASP A 136 45.36 -21.08 4.48
N ASP A 137 45.84 -21.52 3.33
CA ASP A 137 46.83 -20.78 2.56
C ASP A 137 46.22 -19.56 1.86
N HIS A 138 44.94 -19.63 1.54
CA HIS A 138 44.29 -18.59 0.75
C HIS A 138 43.14 -17.96 1.53
N PRO A 139 43.29 -16.68 1.93
CA PRO A 139 42.30 -15.96 2.76
C PRO A 139 40.84 -16.17 2.33
N ILE A 140 40.61 -16.26 1.03
CA ILE A 140 39.25 -16.46 0.51
C ILE A 140 38.71 -17.83 0.91
N ASN A 141 39.53 -18.86 0.77
CA ASN A 141 39.15 -20.21 1.15
C ASN A 141 39.11 -20.31 2.67
N ARG A 142 40.10 -19.70 3.29
CA ARG A 142 40.24 -19.66 4.74
C ARG A 142 38.97 -19.11 5.40
N ARG A 143 38.44 -18.02 4.87
CA ARG A 143 37.21 -17.43 5.41
C ARG A 143 36.00 -18.29 5.08
N LEU A 144 36.06 -18.98 3.96
CA LEU A 144 34.95 -19.82 3.51
C LEU A 144 34.68 -20.96 4.50
N LEU A 145 35.73 -21.66 4.93
CA LEU A 145 35.57 -22.73 5.91
C LEU A 145 35.24 -22.16 7.28
N ALA A 146 35.78 -20.98 7.55
CA ALA A 146 35.49 -20.30 8.81
C ALA A 146 34.01 -19.92 8.88
N ASP A 147 33.45 -19.61 7.72
CA ASP A 147 32.03 -19.29 7.60
C ASP A 147 31.18 -20.50 7.93
N GLN A 148 31.57 -21.65 7.41
CA GLN A 148 30.88 -22.90 7.64
C GLN A 148 30.96 -23.29 9.12
N LEU A 149 32.14 -23.10 9.70
CA LEU A 149 32.34 -23.35 11.12
C LEU A 149 31.48 -22.39 11.95
N GLY A 150 31.27 -21.20 11.41
CA GLY A 150 30.40 -20.23 12.06
C GLY A 150 28.97 -20.73 12.21
N SER A 151 28.45 -21.35 11.16
CA SER A 151 27.12 -21.93 11.20
C SER A 151 27.06 -23.07 12.22
N LEU A 152 28.18 -23.77 12.38
CA LEU A 152 28.27 -24.85 13.35
C LEU A 152 28.17 -24.30 14.78
N GLY A 153 28.68 -23.09 14.97
CA GLY A 153 28.59 -22.45 16.26
C GLY A 153 29.75 -22.80 17.17
N TYR A 154 30.90 -23.12 16.58
CA TYR A 154 32.07 -23.50 17.34
C TYR A 154 33.17 -22.47 17.17
N GLN A 155 34.19 -22.55 18.02
CA GLN A 155 35.26 -21.56 18.01
C GLN A 155 36.13 -21.74 16.77
N CYS A 156 36.17 -20.70 15.95
CA CYS A 156 36.98 -20.73 14.74
C CYS A 156 37.96 -19.57 14.73
N LYS A 157 39.24 -19.87 14.93
CA LYS A 157 40.28 -18.86 14.87
C LYS A 157 40.91 -18.86 13.48
N THR A 158 40.81 -17.74 12.79
CA THR A 158 41.21 -17.67 11.40
C THR A 158 42.68 -17.29 11.24
N ALA A 159 43.50 -18.25 10.80
CA ALA A 159 44.92 -18.02 10.61
C ALA A 159 45.33 -18.29 9.16
N ASN A 160 46.42 -17.67 8.73
CA ASN A 160 46.89 -17.81 7.36
C ASN A 160 48.41 -17.99 7.30
N ASP A 161 48.86 -19.21 7.58
CA ASP A 161 50.29 -19.55 7.51
C ASP A 161 50.49 -21.05 7.77
N GLY A 162 51.73 -21.45 8.00
CA GLY A 162 52.02 -22.84 8.29
C GLY A 162 52.76 -23.01 9.60
N VAL A 163 53.86 -22.29 9.75
CA VAL A 163 54.69 -22.41 10.95
C VAL A 163 54.00 -21.77 12.14
N ASP A 164 53.20 -20.74 11.88
CA ASP A 164 52.47 -20.05 12.94
C ASP A 164 51.39 -20.95 13.54
N ALA A 165 51.00 -21.98 12.79
CA ALA A 165 50.04 -22.96 13.29
C ALA A 165 50.62 -23.71 14.48
N LEU A 166 51.84 -24.24 14.30
CA LEU A 166 52.56 -24.91 15.39
C LEU A 166 52.76 -23.92 16.55
N ASN A 167 53.06 -22.69 16.18
CA ASN A 167 53.24 -21.61 17.14
C ASN A 167 52.01 -21.47 18.04
N VAL A 168 50.84 -21.56 17.43
CA VAL A 168 49.58 -21.39 18.16
C VAL A 168 49.30 -22.58 19.09
N LEU A 169 49.73 -23.78 18.70
CA LEU A 169 49.52 -24.97 19.53
C LEU A 169 50.36 -24.89 20.80
N SER A 170 51.56 -24.35 20.65
CA SER A 170 52.48 -24.18 21.76
C SER A 170 52.08 -22.96 22.59
N LYS A 171 51.25 -22.11 22.01
CA LYS A 171 50.74 -20.93 22.70
C LYS A 171 49.56 -21.31 23.59
N ASN A 172 48.54 -21.88 22.99
CA ASN A 172 47.34 -22.26 23.71
C ASN A 172 46.85 -23.62 23.21
N HIS A 173 46.19 -24.37 24.07
CA HIS A 173 45.73 -25.70 23.69
C HIS A 173 44.49 -25.62 22.82
N ILE A 174 44.67 -25.87 21.54
CA ILE A 174 43.57 -26.00 20.61
C ILE A 174 43.22 -27.49 20.49
N ASP A 175 41.95 -27.80 20.30
CA ASP A 175 41.51 -29.20 20.28
C ASP A 175 41.72 -29.81 18.91
N ILE A 176 41.19 -29.14 17.88
CA ILE A 176 41.31 -29.63 16.52
C ILE A 176 41.94 -28.57 15.64
N VAL A 177 43.04 -28.91 14.99
CA VAL A 177 43.72 -27.98 14.08
C VAL A 177 43.43 -28.35 12.63
N LEU A 178 42.92 -27.39 11.88
CA LEU A 178 42.68 -27.59 10.45
C LEU A 178 43.70 -26.81 9.65
N SER A 179 44.61 -27.52 9.00
CA SER A 179 45.65 -26.88 8.21
C SER A 179 45.46 -27.20 6.72
N ASP A 180 44.88 -26.26 6.00
CA ASP A 180 44.61 -26.43 4.58
C ASP A 180 45.71 -25.77 3.75
N VAL A 181 46.47 -26.58 3.05
CA VAL A 181 47.58 -26.09 2.25
C VAL A 181 47.22 -26.09 0.77
N ASN A 182 46.94 -24.89 0.25
CA ASN A 182 46.61 -24.72 -1.17
C ASN A 182 47.83 -25.06 -2.04
N MET A 183 49.00 -24.60 -1.61
CA MET A 183 50.21 -24.81 -2.38
C MET A 183 51.39 -25.12 -1.47
N PRO A 184 51.78 -26.41 -1.39
CA PRO A 184 53.00 -26.82 -0.72
C PRO A 184 54.22 -26.45 -1.58
N ASN A 185 54.26 -27.04 -2.78
CA ASN A 185 55.30 -26.75 -3.78
C ASN A 185 56.70 -26.74 -3.17
N MET A 186 57.13 -27.91 -2.69
CA MET A 186 58.48 -28.12 -2.16
C MET A 186 58.64 -27.55 -0.75
N ASP A 187 57.77 -26.64 -0.37
CA ASP A 187 57.80 -26.08 0.98
C ASP A 187 56.81 -26.83 1.86
N GLY A 188 56.86 -26.55 3.15
CA GLY A 188 56.02 -27.25 4.09
C GLY A 188 56.79 -28.28 4.88
N TYR A 189 57.96 -28.65 4.36
CA TYR A 189 58.81 -29.64 5.00
C TYR A 189 59.30 -29.10 6.35
N ARG A 190 59.49 -27.78 6.41
CA ARG A 190 59.88 -27.13 7.64
C ARG A 190 58.71 -27.09 8.62
N LEU A 191 57.50 -27.00 8.08
CA LEU A 191 56.30 -26.95 8.92
C LEU A 191 56.11 -28.27 9.68
N THR A 192 56.16 -29.39 8.96
CA THR A 192 56.02 -30.71 9.58
C THR A 192 57.16 -30.98 10.55
N GLN A 193 58.38 -30.61 10.16
CA GLN A 193 59.54 -30.80 11.01
C GLN A 193 59.40 -29.98 12.29
N ARG A 194 58.92 -28.75 12.16
CA ARG A 194 58.78 -27.85 13.28
C ARG A 194 57.72 -28.35 14.27
N ILE A 195 56.60 -28.82 13.74
CA ILE A 195 55.50 -29.27 14.59
C ILE A 195 55.87 -30.52 15.39
N ARG A 196 56.58 -31.46 14.76
CA ARG A 196 57.00 -32.67 15.44
C ARG A 196 58.16 -32.40 16.39
N GLN A 197 58.98 -31.40 16.06
CA GLN A 197 60.16 -31.08 16.85
C GLN A 197 59.78 -30.41 18.15
N LEU A 198 58.94 -29.38 18.07
CA LEU A 198 58.54 -28.62 19.24
C LEU A 198 57.66 -29.46 20.15
N GLY A 199 56.79 -30.26 19.55
CA GLY A 199 55.93 -31.14 20.31
C GLY A 199 54.46 -30.88 20.06
N LEU A 200 53.96 -31.46 18.98
CA LEU A 200 52.54 -31.39 18.65
C LEU A 200 51.72 -32.00 19.79
N THR A 201 50.69 -31.29 20.24
CA THR A 201 49.95 -31.69 21.43
C THR A 201 48.48 -31.98 21.13
N LEU A 202 48.15 -32.12 19.86
CA LEU A 202 46.76 -32.28 19.45
C LEU A 202 46.65 -32.95 18.08
N PRO A 203 45.46 -33.42 17.69
CA PRO A 203 45.22 -33.94 16.36
C PRO A 203 45.23 -32.84 15.30
N VAL A 204 46.27 -32.81 14.49
CA VAL A 204 46.34 -31.86 13.40
C VAL A 204 45.90 -32.51 12.10
N ILE A 205 44.88 -31.94 11.49
CA ILE A 205 44.36 -32.45 10.25
C ILE A 205 44.82 -31.56 9.10
N GLY A 206 45.77 -32.08 8.33
CA GLY A 206 46.32 -31.32 7.22
C GLY A 206 45.63 -31.64 5.92
N VAL A 207 44.69 -30.80 5.54
CA VAL A 207 44.03 -30.95 4.25
C VAL A 207 44.94 -30.35 3.18
N THR A 208 45.28 -31.16 2.19
CA THR A 208 46.24 -30.76 1.18
C THR A 208 45.60 -30.75 -0.20
N ALA A 209 46.00 -29.79 -1.01
CA ALA A 209 45.50 -29.68 -2.37
C ALA A 209 46.24 -30.62 -3.31
N ASN A 210 45.48 -31.54 -3.91
CA ASN A 210 46.00 -32.44 -4.93
C ASN A 210 47.09 -33.36 -4.38
N ALA A 211 46.76 -34.10 -3.34
CA ALA A 211 47.67 -35.10 -2.80
C ALA A 211 47.19 -36.50 -3.14
N LEU A 212 45.86 -36.69 -3.07
CA LEU A 212 45.20 -37.94 -3.42
C LEU A 212 45.45 -39.00 -2.35
N ALA A 213 46.70 -39.41 -2.21
CA ALA A 213 47.08 -40.35 -1.17
C ALA A 213 47.30 -39.60 0.15
N GLU A 214 46.30 -38.83 0.55
CA GLU A 214 46.37 -38.02 1.76
C GLU A 214 46.56 -38.90 3.00
N GLU A 215 45.93 -40.07 2.98
CA GLU A 215 46.08 -41.05 4.06
C GLU A 215 47.54 -41.51 4.16
N LYS A 216 48.13 -41.80 3.01
CA LYS A 216 49.53 -42.19 2.92
C LYS A 216 50.43 -41.05 3.38
N GLN A 217 50.04 -39.83 3.05
CA GLN A 217 50.77 -38.65 3.46
C GLN A 217 50.81 -38.55 4.98
N ARG A 218 49.67 -38.84 5.61
CA ARG A 218 49.56 -38.82 7.07
C ARG A 218 50.57 -39.77 7.70
N CYS A 219 50.75 -40.93 7.08
CA CYS A 219 51.70 -41.92 7.58
C CYS A 219 53.14 -41.51 7.25
N LEU A 220 53.31 -40.81 6.13
CA LEU A 220 54.63 -40.44 5.66
C LEU A 220 55.27 -39.37 6.55
N GLU A 221 54.55 -38.28 6.78
CA GLU A 221 55.10 -37.19 7.57
C GLU A 221 55.02 -37.48 9.06
N SER A 222 53.87 -37.99 9.50
CA SER A 222 53.64 -38.26 10.93
C SER A 222 53.96 -37.04 11.80
N GLY A 223 53.50 -35.87 11.38
CA GLY A 223 53.78 -34.66 12.14
C GLY A 223 52.51 -33.95 12.54
N MET A 224 51.50 -34.02 11.69
CA MET A 224 50.20 -33.44 11.99
C MET A 224 49.32 -34.47 12.69
N ASP A 225 48.89 -35.46 11.88
CA ASP A 225 48.12 -36.61 12.34
C ASP A 225 47.38 -37.20 11.17
N SER A 226 46.42 -36.45 10.65
CA SER A 226 45.62 -36.89 9.54
C SER A 226 45.80 -35.94 8.36
N CYS A 227 45.32 -36.35 7.19
CA CYS A 227 45.36 -35.51 6.01
C CYS A 227 44.12 -35.73 5.17
N LEU A 228 43.53 -34.63 4.73
CA LEU A 228 42.30 -34.70 3.95
C LEU A 228 42.53 -34.03 2.60
N SER A 229 41.58 -34.21 1.70
CA SER A 229 41.65 -33.58 0.40
C SER A 229 41.09 -32.15 0.46
N LYS A 230 41.60 -31.27 -0.39
CA LYS A 230 41.16 -29.87 -0.41
C LYS A 230 39.65 -29.71 -0.67
N PRO A 231 39.04 -30.50 -1.59
CA PRO A 231 37.58 -30.50 -1.78
C PRO A 231 36.82 -31.00 -0.54
N VAL A 232 36.77 -30.18 0.50
CA VAL A 232 35.99 -30.49 1.68
C VAL A 232 34.68 -29.71 1.66
N THR A 233 33.57 -30.45 1.56
CA THR A 233 32.25 -29.85 1.52
C THR A 233 31.71 -29.59 2.93
N LEU A 234 30.53 -29.00 3.02
CA LEU A 234 29.87 -28.74 4.30
C LEU A 234 29.69 -30.05 5.07
N ASP A 235 29.21 -31.08 4.39
CA ASP A 235 28.97 -32.37 5.04
C ASP A 235 30.28 -33.00 5.48
N VAL A 236 31.30 -32.89 4.65
CA VAL A 236 32.61 -33.48 4.96
C VAL A 236 33.22 -32.80 6.18
N ILE A 237 33.21 -31.47 6.20
CA ILE A 237 33.76 -30.72 7.32
C ILE A 237 32.93 -30.98 8.58
N LYS A 238 31.63 -31.21 8.38
CA LYS A 238 30.73 -31.54 9.48
C LYS A 238 31.10 -32.88 10.08
N GLN A 239 31.29 -33.88 9.23
CA GLN A 239 31.67 -35.22 9.68
C GLN A 239 33.01 -35.18 10.41
N THR A 240 33.98 -34.52 9.80
CA THR A 240 35.32 -34.42 10.36
C THR A 240 35.28 -33.73 11.74
N LEU A 241 34.65 -32.56 11.79
CA LEU A 241 34.60 -31.80 13.04
C LEU A 241 33.85 -32.54 14.12
N THR A 242 32.69 -33.08 13.78
CA THR A 242 31.85 -33.79 14.75
C THR A 242 32.55 -35.04 15.28
N LEU A 243 33.05 -35.87 14.38
CA LEU A 243 33.66 -37.15 14.76
C LEU A 243 34.95 -36.92 15.56
N TYR A 244 35.71 -35.89 15.22
CA TYR A 244 36.95 -35.62 15.93
C TYR A 244 36.68 -34.98 17.28
N ALA A 245 35.67 -34.11 17.33
CA ALA A 245 35.28 -33.45 18.58
C ALA A 245 34.75 -34.47 19.57
N GLU A 246 34.02 -35.45 19.09
CA GLU A 246 33.52 -36.51 19.96
C GLU A 246 34.65 -37.48 20.32
N ARG A 247 35.62 -37.63 19.44
CA ARG A 247 36.77 -38.52 19.67
C ARG A 247 37.62 -37.98 20.83
N VAL A 248 37.93 -36.69 20.80
CA VAL A 248 38.69 -36.08 21.89
C VAL A 248 37.85 -36.06 23.16
N ARG A 249 36.54 -35.98 22.97
CA ARG A 249 35.59 -36.05 24.08
C ARG A 249 35.62 -37.43 24.74
N LYS A 250 36.02 -38.46 23.98
CA LYS A 250 36.15 -39.82 24.53
C LYS A 250 37.38 -39.91 25.42
N SER A 251 38.48 -39.33 24.95
CA SER A 251 39.72 -39.31 25.72
C SER A 251 39.54 -38.49 27.00
N ARG A 252 38.68 -37.48 26.94
CA ARG A 252 38.31 -36.69 28.11
C ARG A 252 37.27 -37.43 28.95
N ASP A 253 36.61 -38.38 28.31
CA ASP A 253 35.61 -39.24 28.95
C ASP A 253 34.31 -38.48 29.21
N SER A 254 34.16 -37.96 30.41
CA SER A 254 32.96 -37.24 30.80
C SER A 254 33.30 -36.19 31.84
N MET A 1 4.77 -9.29 -14.84
CA MET A 1 5.13 -9.83 -13.50
C MET A 1 6.10 -8.87 -12.82
N GLY A 2 6.23 -9.00 -11.50
CA GLY A 2 7.08 -8.10 -10.75
C GLY A 2 6.43 -6.73 -10.59
N GLY A 3 5.28 -6.70 -9.95
CA GLY A 3 4.58 -5.45 -9.75
C GLY A 3 4.61 -5.00 -8.31
N SER A 4 5.16 -3.82 -8.07
CA SER A 4 5.28 -3.27 -6.74
C SER A 4 3.89 -3.04 -6.12
N GLY A 5 3.07 -2.26 -6.80
CA GLY A 5 1.73 -1.98 -6.30
C GLY A 5 1.77 -1.05 -5.11
N VAL A 6 0.87 -1.29 -4.16
CA VAL A 6 0.79 -0.46 -2.97
C VAL A 6 1.59 -1.05 -1.82
N GLU A 7 2.25 -0.20 -1.05
CA GLU A 7 3.06 -0.63 0.07
C GLU A 7 2.68 0.16 1.32
N GLY A 8 3.67 0.67 2.03
CA GLY A 8 3.42 1.53 3.18
C GLY A 8 3.32 0.76 4.49
N LEU A 9 2.30 -0.07 4.61
CA LEU A 9 2.04 -0.79 5.85
C LEU A 9 2.95 -2.02 5.97
N SER A 10 2.87 -2.89 4.99
CA SER A 10 3.62 -4.14 5.02
C SER A 10 5.12 -3.89 4.95
N GLY A 11 5.86 -4.54 5.85
CA GLY A 11 7.30 -4.44 5.84
C GLY A 11 7.85 -3.58 6.95
N LYS A 12 6.98 -2.83 7.61
CA LYS A 12 7.37 -2.04 8.78
C LYS A 12 7.54 -2.99 9.95
N ARG A 13 8.64 -2.86 10.67
CA ARG A 13 8.96 -3.82 11.70
C ARG A 13 8.55 -3.34 13.08
N CYS A 14 8.27 -4.28 13.97
CA CYS A 14 7.92 -3.96 15.34
C CYS A 14 8.77 -4.78 16.29
N TRP A 15 9.57 -4.10 17.09
CA TRP A 15 10.42 -4.77 18.05
C TRP A 15 9.73 -4.83 19.40
N LEU A 16 9.51 -6.03 19.91
CA LEU A 16 8.82 -6.18 21.16
C LEU A 16 9.66 -6.94 22.17
N ALA A 17 9.72 -6.40 23.38
CA ALA A 17 10.41 -7.02 24.50
C ALA A 17 9.47 -7.14 25.68
N VAL A 18 8.51 -8.03 25.52
CA VAL A 18 7.47 -8.23 26.53
C VAL A 18 7.38 -9.70 26.90
N ARG A 19 7.59 -10.00 28.16
CA ARG A 19 7.61 -11.37 28.64
C ARG A 19 6.24 -11.83 29.11
N ASN A 20 5.31 -10.90 29.19
CA ASN A 20 3.94 -11.23 29.55
C ASN A 20 3.18 -11.69 28.31
N ALA A 21 2.80 -12.97 28.30
CA ALA A 21 2.19 -13.61 27.16
C ALA A 21 0.91 -12.91 26.70
N SER A 22 0.06 -12.55 27.65
CA SER A 22 -1.20 -11.89 27.33
C SER A 22 -0.93 -10.53 26.68
N LEU A 23 -0.01 -9.78 27.28
CA LEU A 23 0.34 -8.46 26.80
C LEU A 23 1.05 -8.54 25.44
N CYS A 24 2.07 -9.38 25.35
CA CYS A 24 2.89 -9.46 24.16
C CYS A 24 2.09 -10.01 22.97
N GLN A 25 1.33 -11.07 23.21
CA GLN A 25 0.59 -11.71 22.14
C GLN A 25 -0.49 -10.78 21.59
N PHE A 26 -1.13 -10.01 22.47
CA PHE A 26 -2.18 -9.10 22.05
C PHE A 26 -1.63 -8.06 21.06
N LEU A 27 -0.49 -7.46 21.41
CA LEU A 27 0.13 -6.47 20.55
C LEU A 27 0.61 -7.10 19.26
N GLU A 28 1.33 -8.22 19.39
CA GLU A 28 1.95 -8.87 18.23
C GLU A 28 0.90 -9.33 17.22
N THR A 29 -0.23 -9.82 17.71
CA THR A 29 -1.31 -10.27 16.83
C THR A 29 -1.94 -9.09 16.10
N SER A 30 -2.08 -7.98 16.79
CA SER A 30 -2.68 -6.79 16.20
C SER A 30 -1.75 -6.16 15.16
N LEU A 31 -0.44 -6.35 15.34
CA LEU A 31 0.54 -5.82 14.42
C LEU A 31 0.66 -6.71 13.17
N GLN A 32 0.70 -8.02 13.40
CA GLN A 32 0.78 -8.97 12.29
C GLN A 32 -0.56 -9.05 11.55
N ARG A 33 -1.57 -8.39 12.12
CA ARG A 33 -2.90 -8.33 11.51
C ARG A 33 -2.85 -7.62 10.17
N SER A 34 -1.91 -6.70 10.02
CA SER A 34 -1.77 -5.96 8.78
C SER A 34 -0.58 -6.47 7.97
N GLY A 35 0.59 -5.91 8.25
CA GLY A 35 1.80 -6.31 7.56
C GLY A 35 3.03 -5.95 8.36
N ILE A 36 2.84 -5.73 9.65
CA ILE A 36 3.93 -5.38 10.53
C ILE A 36 4.75 -6.61 10.91
N VAL A 37 6.05 -6.52 10.73
CA VAL A 37 6.95 -7.63 11.04
C VAL A 37 7.23 -7.68 12.53
N VAL A 38 6.40 -8.41 13.25
CA VAL A 38 6.60 -8.60 14.67
C VAL A 38 7.87 -9.40 14.92
N THR A 39 8.86 -8.77 15.52
CA THR A 39 10.13 -9.42 15.79
C THR A 39 10.54 -9.25 17.24
N THR A 40 10.96 -10.34 17.85
CA THR A 40 11.41 -10.33 19.21
C THR A 40 12.67 -9.48 19.37
N TYR A 41 12.61 -8.51 20.27
CA TYR A 41 13.75 -7.63 20.50
C TYR A 41 14.71 -8.26 21.49
N GLU A 42 15.73 -8.93 20.97
CA GLU A 42 16.75 -9.56 21.80
C GLU A 42 18.05 -8.78 21.71
N GLY A 43 18.12 -7.84 20.78
CA GLY A 43 19.31 -7.03 20.60
C GLY A 43 19.50 -6.64 19.16
N GLN A 44 18.49 -5.99 18.60
CA GLN A 44 18.48 -5.69 17.18
C GLN A 44 18.74 -4.20 16.92
N GLU A 45 18.86 -3.86 15.65
CA GLU A 45 19.14 -2.50 15.24
C GLU A 45 17.92 -1.60 15.36
N PRO A 46 18.12 -0.34 15.80
CA PRO A 46 17.05 0.65 15.89
C PRO A 46 16.81 1.37 14.57
N THR A 47 15.57 1.31 14.09
CA THR A 47 15.19 2.00 12.86
C THR A 47 14.23 3.14 13.17
N PRO A 48 14.42 4.30 12.52
CA PRO A 48 13.62 5.52 12.80
C PRO A 48 12.15 5.40 12.41
N GLU A 49 11.78 4.31 11.76
CA GLU A 49 10.39 4.08 11.38
C GLU A 49 9.78 2.97 12.22
N ASP A 50 10.56 2.41 13.14
CA ASP A 50 10.12 1.28 13.93
C ASP A 50 10.07 1.66 15.41
N VAL A 51 9.28 0.93 16.18
CA VAL A 51 9.11 1.23 17.60
C VAL A 51 9.46 0.02 18.46
N LEU A 52 9.96 0.30 19.66
CA LEU A 52 10.28 -0.74 20.63
C LEU A 52 9.23 -0.75 21.74
N ILE A 53 8.43 -1.80 21.80
CA ILE A 53 7.45 -1.94 22.86
C ILE A 53 7.98 -2.85 23.96
N THR A 54 8.21 -2.30 25.15
CA THR A 54 8.83 -3.05 26.23
C THR A 54 7.87 -3.23 27.39
N ASP A 55 8.00 -4.33 28.11
CA ASP A 55 7.27 -4.52 29.35
C ASP A 55 8.17 -4.18 30.53
N GLU A 56 7.70 -3.23 31.34
CA GLU A 56 8.45 -2.69 32.47
C GLU A 56 9.79 -2.09 32.02
N VAL A 57 10.74 -2.02 32.93
CA VAL A 57 12.01 -1.36 32.67
C VAL A 57 13.02 -2.32 32.05
N VAL A 58 13.78 -1.83 31.08
CA VAL A 58 14.82 -2.61 30.43
C VAL A 58 16.16 -1.88 30.54
N SER A 59 17.24 -2.61 30.36
CA SER A 59 18.58 -2.01 30.42
C SER A 59 18.98 -1.42 29.07
N LYS A 60 18.14 -0.50 28.58
CA LYS A 60 18.39 0.17 27.31
C LYS A 60 17.59 1.46 27.26
N LYS A 61 17.76 2.25 26.20
CA LYS A 61 17.03 3.50 26.08
C LYS A 61 16.28 3.58 24.74
N TRP A 62 16.92 3.08 23.68
CA TRP A 62 16.31 3.05 22.35
C TRP A 62 16.18 4.45 21.73
N GLN A 63 16.07 4.50 20.41
CA GLN A 63 15.77 5.73 19.71
C GLN A 63 14.67 5.47 18.67
N GLY A 64 15.08 5.01 17.49
CA GLY A 64 14.14 4.65 16.44
C GLY A 64 13.10 5.72 16.18
N ARG A 65 11.85 5.30 16.03
CA ARG A 65 10.75 6.24 15.94
C ARG A 65 10.28 6.63 17.33
N ALA A 66 10.04 5.62 18.15
CA ALA A 66 9.60 5.81 19.52
C ALA A 66 9.72 4.51 20.29
N VAL A 67 9.78 4.62 21.61
CA VAL A 67 9.77 3.46 22.48
C VAL A 67 8.57 3.53 23.42
N VAL A 68 7.79 2.47 23.46
CA VAL A 68 6.60 2.42 24.29
C VAL A 68 6.79 1.42 25.43
N THR A 69 7.01 1.95 26.61
CA THR A 69 7.23 1.13 27.78
C THR A 69 5.95 0.99 28.60
N PHE A 70 5.55 -0.24 28.86
CA PHE A 70 4.41 -0.52 29.71
C PHE A 70 4.83 -0.49 31.17
N CYS A 71 4.36 0.48 31.92
CA CYS A 71 4.75 0.59 33.32
C CYS A 71 3.73 -0.10 34.21
N ARG A 72 4.21 -0.90 35.14
CA ARG A 72 3.32 -1.57 36.07
C ARG A 72 3.63 -1.14 37.50
N ARG A 73 4.91 -1.17 37.86
CA ARG A 73 5.31 -0.81 39.21
C ARG A 73 6.56 0.07 39.22
N HIS A 74 7.31 0.07 38.13
CA HIS A 74 8.52 0.89 38.06
C HIS A 74 8.65 1.57 36.70
N ILE A 75 9.17 2.79 36.70
CA ILE A 75 9.32 3.56 35.47
C ILE A 75 10.77 3.98 35.28
N GLY A 76 11.54 3.12 34.63
CA GLY A 76 12.91 3.46 34.31
C GLY A 76 12.99 4.22 33.00
N ILE A 77 12.11 3.87 32.09
CA ILE A 77 11.97 4.61 30.84
C ILE A 77 10.81 5.59 30.98
N PRO A 78 11.09 6.89 30.92
CA PRO A 78 10.09 7.93 31.16
C PRO A 78 9.15 8.15 29.97
N LEU A 79 8.24 9.12 30.13
CA LEU A 79 7.29 9.46 29.09
C LEU A 79 7.88 10.49 28.13
N GLU A 80 7.01 11.17 27.38
CA GLU A 80 7.41 12.16 26.37
C GLU A 80 8.10 13.39 26.96
N LYS A 81 9.23 13.15 27.58
CA LYS A 81 10.14 14.21 27.98
C LYS A 81 11.35 14.16 27.07
N ALA A 82 11.29 13.22 26.15
CA ALA A 82 12.32 13.01 25.15
C ALA A 82 11.64 12.87 23.79
N PRO A 83 12.40 12.99 22.68
CA PRO A 83 11.84 13.01 21.33
C PRO A 83 10.97 11.80 20.97
N GLY A 84 11.09 10.71 21.72
CA GLY A 84 10.33 9.52 21.38
C GLY A 84 10.14 8.57 22.55
N GLU A 85 10.01 9.11 23.75
CA GLU A 85 9.80 8.29 24.94
C GLU A 85 8.32 8.23 25.27
N TRP A 86 7.77 7.03 25.33
CA TRP A 86 6.36 6.85 25.62
C TRP A 86 6.16 5.79 26.70
N VAL A 87 5.14 5.96 27.53
CA VAL A 87 4.81 4.98 28.56
C VAL A 87 3.30 4.80 28.65
N HIS A 88 2.88 3.63 29.11
CA HIS A 88 1.47 3.38 29.38
C HIS A 88 1.30 2.29 30.41
N SER A 89 0.55 2.58 31.45
CA SER A 89 0.32 1.62 32.50
C SER A 89 -0.99 0.86 32.25
N VAL A 90 -0.86 -0.34 31.72
CA VAL A 90 -2.00 -1.21 31.42
C VAL A 90 -1.53 -2.63 31.12
N ALA A 91 -2.44 -3.48 30.71
CA ALA A 91 -2.10 -4.83 30.30
C ALA A 91 -2.61 -5.11 28.89
N ALA A 92 -2.32 -4.17 27.99
CA ALA A 92 -2.69 -4.28 26.57
C ALA A 92 -4.19 -4.52 26.38
N PRO A 93 -5.04 -3.56 26.75
CA PRO A 93 -6.49 -3.65 26.53
C PRO A 93 -6.83 -3.57 25.04
N HIS A 94 -6.51 -2.44 24.40
CA HIS A 94 -6.74 -2.24 22.98
C HIS A 94 -6.36 -0.82 22.52
N GLU A 95 -5.69 -0.07 23.38
CA GLU A 95 -5.36 1.32 23.09
C GLU A 95 -3.97 1.42 22.47
N LEU A 96 -3.03 0.66 23.02
CA LEU A 96 -1.66 0.66 22.53
C LEU A 96 -1.57 0.17 21.09
N PRO A 97 -2.20 -0.99 20.75
CA PRO A 97 -2.24 -1.46 19.36
C PRO A 97 -2.83 -0.42 18.41
N ALA A 98 -3.76 0.38 18.93
CA ALA A 98 -4.37 1.44 18.15
C ALA A 98 -3.39 2.58 17.91
N LEU A 99 -2.70 2.98 18.98
CA LEU A 99 -1.68 4.03 18.89
C LEU A 99 -0.56 3.59 17.93
N LEU A 100 -0.22 2.31 17.98
CA LEU A 100 0.83 1.76 17.13
C LEU A 100 0.41 1.80 15.67
N ALA A 101 -0.84 1.43 15.40
CA ALA A 101 -1.37 1.49 14.05
C ALA A 101 -1.40 2.93 13.55
N ARG A 102 -1.74 3.84 14.45
CA ARG A 102 -1.78 5.27 14.13
C ARG A 102 -0.38 5.80 13.81
N ILE A 103 0.59 5.39 14.62
CA ILE A 103 1.95 5.86 14.48
C ILE A 103 2.62 5.31 13.22
N TYR A 104 2.10 4.21 12.70
CA TYR A 104 2.60 3.64 11.46
C TYR A 104 1.92 4.31 10.26
N LEU A 105 1.03 5.26 10.58
CA LEU A 105 0.40 6.14 9.60
C LEU A 105 -0.56 5.39 8.68
N ILE A 106 -1.70 4.98 9.22
CA ILE A 106 -2.77 4.43 8.41
C ILE A 106 -3.79 5.52 8.12
N GLU A 107 -4.46 5.97 9.18
CA GLU A 107 -5.32 7.15 9.13
C GLU A 107 -6.34 7.10 7.99
N MET A 108 -7.07 6.02 7.90
CA MET A 108 -8.14 5.90 6.91
C MET A 108 -9.26 5.00 7.43
N GLU A 109 -10.46 5.53 7.44
CA GLU A 109 -11.62 4.77 7.90
C GLU A 109 -12.90 5.29 7.24
N SER A 110 -13.85 4.40 7.03
CA SER A 110 -15.13 4.78 6.46
C SER A 110 -16.07 5.31 7.56
N ASP A 111 -15.83 6.55 7.96
CA ASP A 111 -16.61 7.17 9.03
C ASP A 111 -17.41 8.34 8.49
N ASP A 112 -18.73 8.16 8.39
CA ASP A 112 -19.61 9.21 7.91
C ASP A 112 -20.93 9.20 8.66
N PRO A 113 -20.97 9.88 9.82
CA PRO A 113 -22.16 9.95 10.67
C PRO A 113 -23.26 10.81 10.06
N ALA A 114 -24.49 10.33 10.14
CA ALA A 114 -25.64 11.05 9.60
C ALA A 114 -26.32 11.88 10.69
N ASN A 115 -26.82 13.04 10.29
CA ASN A 115 -27.49 13.94 11.22
C ASN A 115 -28.60 14.70 10.51
N ALA A 116 -29.71 14.95 11.20
CA ALA A 116 -30.83 15.65 10.62
C ALA A 116 -31.34 16.74 11.55
N LEU A 117 -30.99 17.98 11.26
CA LEU A 117 -31.45 19.13 12.03
C LEU A 117 -32.04 20.19 11.09
N PRO A 118 -33.33 20.05 10.76
CA PRO A 118 -34.01 20.95 9.83
C PRO A 118 -34.56 22.21 10.48
N SER A 119 -34.86 23.21 9.66
CA SER A 119 -35.45 24.46 10.11
C SER A 119 -36.64 24.80 9.21
N THR A 120 -37.73 25.26 9.81
CA THR A 120 -38.93 25.58 9.04
C THR A 120 -39.63 26.83 9.57
N ASP A 121 -39.68 27.85 8.71
CA ASP A 121 -40.34 29.11 9.05
C ASP A 121 -41.25 29.52 7.90
N LYS A 122 -42.53 29.63 8.19
CA LYS A 122 -43.52 29.98 7.18
C LYS A 122 -44.40 31.12 7.67
N ALA A 123 -44.05 32.34 7.31
CA ALA A 123 -44.82 33.50 7.71
C ALA A 123 -45.24 34.33 6.49
N VAL A 124 -46.50 34.22 6.11
CA VAL A 124 -47.04 34.97 4.99
C VAL A 124 -48.44 35.50 5.32
N SER A 125 -48.74 36.70 4.88
CA SER A 125 -50.05 37.28 5.14
C SER A 125 -50.59 38.02 3.92
N ASP A 126 -51.70 37.54 3.39
CA ASP A 126 -52.40 38.22 2.31
C ASP A 126 -53.21 39.38 2.90
N ASN A 127 -53.32 40.48 2.18
CA ASN A 127 -53.84 41.71 2.78
C ASN A 127 -54.71 42.53 1.83
N ASP A 128 -54.09 43.05 0.76
CA ASP A 128 -54.73 44.05 -0.09
C ASP A 128 -55.93 43.50 -0.87
N ASP A 129 -57.06 44.17 -0.71
CA ASP A 129 -58.28 43.87 -1.45
C ASP A 129 -59.24 45.05 -1.36
N MET A 130 -59.13 45.96 -2.30
CA MET A 130 -60.01 47.13 -2.36
C MET A 130 -60.84 47.08 -3.64
N MET A 131 -62.15 47.06 -3.48
CA MET A 131 -63.05 46.84 -4.60
C MET A 131 -63.56 48.16 -5.19
N ILE A 132 -63.24 48.39 -6.46
CA ILE A 132 -63.69 49.57 -7.19
C ILE A 132 -64.60 49.14 -8.33
N LEU A 133 -65.71 49.85 -8.50
CA LEU A 133 -66.67 49.52 -9.54
C LEU A 133 -66.81 50.64 -10.55
N VAL A 134 -66.69 50.28 -11.82
CA VAL A 134 -66.80 51.22 -12.91
C VAL A 134 -68.09 50.98 -13.70
N VAL A 135 -69.02 51.91 -13.59
CA VAL A 135 -70.31 51.79 -14.27
C VAL A 135 -70.44 52.86 -15.33
N ASP A 136 -70.24 52.50 -16.58
CA ASP A 136 -70.37 53.45 -17.68
C ASP A 136 -71.67 53.20 -18.43
N ASP A 137 -72.15 54.22 -19.12
CA ASP A 137 -73.36 54.13 -19.93
C ASP A 137 -73.01 53.70 -21.35
N HIS A 138 -71.75 53.92 -21.73
CA HIS A 138 -71.28 53.60 -23.07
C HIS A 138 -70.29 52.44 -23.04
N PRO A 139 -70.58 51.36 -23.77
CA PRO A 139 -69.80 50.11 -23.73
C PRO A 139 -68.29 50.31 -23.96
N ILE A 140 -67.93 51.12 -24.95
CA ILE A 140 -66.52 51.30 -25.28
C ILE A 140 -65.80 52.11 -24.22
N ASN A 141 -66.46 53.15 -23.70
CA ASN A 141 -65.88 53.96 -22.64
C ASN A 141 -65.76 53.14 -21.36
N ARG A 142 -66.76 52.30 -21.14
CA ARG A 142 -66.78 51.38 -20.02
C ARG A 142 -65.52 50.52 -19.99
N ARG A 143 -65.13 50.02 -21.17
CA ARG A 143 -63.92 49.23 -21.27
C ARG A 143 -62.69 50.07 -20.95
N LEU A 144 -62.72 51.32 -21.38
CA LEU A 144 -61.59 52.21 -21.20
C LEU A 144 -61.25 52.43 -19.72
N LEU A 145 -62.26 52.75 -18.91
CA LEU A 145 -62.03 52.96 -17.48
C LEU A 145 -61.72 51.64 -16.78
N ALA A 146 -62.36 50.57 -17.23
CA ALA A 146 -62.15 49.26 -16.66
C ALA A 146 -60.71 48.80 -16.84
N ASP A 147 -60.15 49.09 -18.01
CA ASP A 147 -58.78 48.74 -18.32
C ASP A 147 -57.81 49.58 -17.50
N GLN A 148 -58.10 50.89 -17.40
CA GLN A 148 -57.31 51.80 -16.58
C GLN A 148 -57.24 51.30 -15.14
N LEU A 149 -58.39 50.96 -14.59
CA LEU A 149 -58.48 50.44 -13.24
C LEU A 149 -57.68 49.14 -13.10
N GLY A 150 -57.75 48.29 -14.12
CA GLY A 150 -57.02 47.04 -14.11
C GLY A 150 -55.52 47.25 -14.20
N SER A 151 -55.12 48.38 -14.75
CA SER A 151 -53.71 48.70 -14.87
C SER A 151 -53.20 49.37 -13.58
N LEU A 152 -54.11 50.03 -12.87
CA LEU A 152 -53.77 50.70 -11.62
C LEU A 152 -53.39 49.69 -10.54
N GLY A 153 -54.00 48.52 -10.61
CA GLY A 153 -53.68 47.47 -9.65
C GLY A 153 -54.66 47.42 -8.50
N TYR A 154 -55.94 47.36 -8.83
CA TYR A 154 -57.00 47.28 -7.83
C TYR A 154 -57.99 46.19 -8.22
N GLN A 155 -58.95 45.91 -7.35
CA GLN A 155 -60.01 44.97 -7.66
C GLN A 155 -61.06 45.66 -8.52
N CYS A 156 -61.11 45.31 -9.80
CA CYS A 156 -61.99 45.97 -10.73
C CYS A 156 -63.29 45.21 -10.94
N LYS A 157 -64.41 45.91 -10.81
CA LYS A 157 -65.71 45.35 -11.15
C LYS A 157 -66.39 46.28 -12.16
N THR A 158 -66.76 45.74 -13.31
CA THR A 158 -67.32 46.57 -14.36
C THR A 158 -68.80 46.28 -14.59
N ALA A 159 -69.54 47.33 -14.91
CA ALA A 159 -70.95 47.21 -15.26
C ALA A 159 -71.32 48.29 -16.27
N ASN A 160 -72.31 48.00 -17.10
CA ASN A 160 -72.77 48.95 -18.11
C ASN A 160 -74.28 49.09 -18.07
N ASP A 161 -74.78 49.79 -17.05
CA ASP A 161 -76.21 49.99 -16.85
C ASP A 161 -76.48 50.63 -15.50
N GLY A 162 -77.51 51.46 -15.43
CA GLY A 162 -77.90 52.06 -14.18
C GLY A 162 -78.61 51.06 -13.28
N VAL A 163 -79.38 50.17 -13.90
CA VAL A 163 -80.08 49.13 -13.17
C VAL A 163 -79.09 48.12 -12.60
N ASP A 164 -78.02 47.88 -13.35
CA ASP A 164 -76.99 46.95 -12.91
C ASP A 164 -76.19 47.53 -11.74
N ALA A 165 -76.08 48.85 -11.72
CA ALA A 165 -75.42 49.54 -10.62
C ALA A 165 -76.19 49.34 -9.33
N LEU A 166 -77.52 49.37 -9.42
CA LEU A 166 -78.38 49.10 -8.28
C LEU A 166 -78.25 47.64 -7.86
N ASN A 167 -78.19 46.76 -8.85
CA ASN A 167 -78.06 45.32 -8.63
C ASN A 167 -76.79 45.00 -7.85
N VAL A 168 -75.66 45.50 -8.33
CA VAL A 168 -74.38 45.25 -7.68
C VAL A 168 -74.34 45.90 -6.29
N LEU A 169 -75.04 47.02 -6.14
CA LEU A 169 -75.10 47.73 -4.86
C LEU A 169 -75.80 46.89 -3.79
N SER A 170 -76.77 46.11 -4.21
CA SER A 170 -77.53 45.30 -3.26
C SER A 170 -76.88 43.94 -3.04
N LYS A 171 -75.98 43.58 -3.95
CA LYS A 171 -75.29 42.29 -3.89
C LYS A 171 -73.93 42.40 -3.19
N ASN A 172 -73.33 43.57 -3.25
CA ASN A 172 -72.00 43.77 -2.70
C ASN A 172 -71.85 45.18 -2.14
N HIS A 173 -70.90 45.36 -1.24
CA HIS A 173 -70.61 46.68 -0.69
C HIS A 173 -69.56 47.38 -1.54
N ILE A 174 -68.69 46.60 -2.19
CA ILE A 174 -67.61 47.14 -2.98
C ILE A 174 -66.75 48.05 -2.10
N ASP A 175 -66.36 49.21 -2.59
CA ASP A 175 -65.76 50.23 -1.75
C ASP A 175 -65.90 51.60 -2.41
N ILE A 176 -65.49 51.68 -3.66
CA ILE A 176 -65.58 52.92 -4.43
C ILE A 176 -66.40 52.69 -5.69
N VAL A 177 -67.45 53.46 -5.88
CA VAL A 177 -68.28 53.32 -7.06
C VAL A 177 -68.26 54.60 -7.88
N LEU A 178 -67.98 54.47 -9.17
CA LEU A 178 -67.99 55.63 -10.06
C LEU A 178 -68.79 55.32 -11.31
N SER A 179 -69.64 56.24 -11.72
CA SER A 179 -70.50 56.05 -12.88
C SER A 179 -70.29 57.16 -13.90
N ASP A 180 -70.01 56.77 -15.14
CA ASP A 180 -69.75 57.70 -16.22
C ASP A 180 -70.88 57.68 -17.24
N VAL A 181 -71.52 58.83 -17.42
CA VAL A 181 -72.68 58.92 -18.31
C VAL A 181 -72.43 59.94 -19.43
N ASN A 182 -72.71 59.55 -20.66
CA ASN A 182 -72.54 60.44 -21.81
C ASN A 182 -73.85 60.63 -22.55
N MET A 183 -74.89 61.01 -21.83
CA MET A 183 -76.19 61.24 -22.42
C MET A 183 -76.84 62.47 -21.80
N PRO A 184 -76.97 63.56 -22.59
CA PRO A 184 -77.59 64.81 -22.13
C PRO A 184 -79.06 64.63 -21.79
N ASN A 185 -79.80 64.01 -22.71
CA ASN A 185 -81.21 63.74 -22.52
C ASN A 185 -81.41 62.25 -22.31
N MET A 186 -81.74 61.86 -21.08
CA MET A 186 -81.86 60.46 -20.74
C MET A 186 -82.75 60.28 -19.52
N ASP A 187 -82.85 59.06 -19.05
CA ASP A 187 -83.52 58.78 -17.79
C ASP A 187 -82.55 58.07 -16.86
N GLY A 188 -83.07 57.38 -15.86
CA GLY A 188 -82.22 56.82 -14.83
C GLY A 188 -82.41 57.57 -13.53
N TYR A 189 -83.41 58.43 -13.52
CA TYR A 189 -83.76 59.18 -12.32
C TYR A 189 -84.28 58.20 -11.27
N ARG A 190 -84.85 57.10 -11.76
CA ARG A 190 -85.29 56.01 -10.91
C ARG A 190 -84.09 55.37 -10.20
N LEU A 191 -82.94 55.39 -10.86
CA LEU A 191 -81.73 54.77 -10.32
C LEU A 191 -81.24 55.54 -9.10
N THR A 192 -81.20 56.86 -9.19
CA THR A 192 -80.76 57.70 -8.08
C THR A 192 -81.72 57.58 -6.90
N GLN A 193 -83.01 57.61 -7.20
CA GLN A 193 -84.04 57.50 -6.18
C GLN A 193 -83.98 56.14 -5.49
N ARG A 194 -83.97 55.09 -6.30
CA ARG A 194 -84.04 53.72 -5.79
C ARG A 194 -82.72 53.30 -5.12
N ILE A 195 -81.60 53.86 -5.55
CA ILE A 195 -80.32 53.51 -4.96
C ILE A 195 -80.20 54.09 -3.54
N ARG A 196 -80.71 55.31 -3.35
CA ARG A 196 -80.72 55.93 -2.04
C ARG A 196 -81.83 55.31 -1.18
N GLN A 197 -82.84 54.78 -1.86
CA GLN A 197 -83.97 54.13 -1.20
C GLN A 197 -83.57 52.74 -0.73
N LEU A 198 -82.68 52.11 -1.47
CA LEU A 198 -82.21 50.77 -1.16
C LEU A 198 -81.27 50.81 0.04
N GLY A 199 -80.31 51.71 0.00
CA GLY A 199 -79.36 51.82 1.08
C GLY A 199 -77.94 51.92 0.58
N LEU A 200 -77.64 52.99 -0.13
CA LEU A 200 -76.29 53.26 -0.59
C LEU A 200 -75.49 53.92 0.52
N THR A 201 -74.52 53.19 1.06
CA THR A 201 -73.70 53.69 2.15
C THR A 201 -72.24 53.81 1.73
N LEU A 202 -72.04 54.13 0.46
CA LEU A 202 -70.70 54.24 -0.09
C LEU A 202 -70.64 55.41 -1.07
N PRO A 203 -69.46 56.04 -1.18
CA PRO A 203 -69.28 57.22 -2.03
C PRO A 203 -69.35 56.89 -3.52
N VAL A 204 -70.15 57.66 -4.25
CA VAL A 204 -70.26 57.50 -5.69
C VAL A 204 -69.69 58.71 -6.41
N ILE A 205 -68.81 58.46 -7.36
CA ILE A 205 -68.26 59.52 -8.17
C ILE A 205 -69.00 59.58 -9.51
N GLY A 206 -69.74 60.65 -9.70
CA GLY A 206 -70.53 60.78 -10.90
C GLY A 206 -69.81 61.58 -11.96
N VAL A 207 -69.24 60.88 -12.93
CA VAL A 207 -68.54 61.54 -14.02
C VAL A 207 -69.49 61.67 -15.21
N THR A 208 -69.59 62.89 -15.72
CA THR A 208 -70.51 63.18 -16.81
C THR A 208 -69.83 64.03 -17.87
N ALA A 209 -70.47 64.18 -19.02
CA ALA A 209 -69.93 65.01 -20.08
C ALA A 209 -71.05 65.77 -20.80
N ASN A 210 -71.15 67.05 -20.50
CA ASN A 210 -72.03 67.98 -21.20
C ASN A 210 -73.51 67.56 -21.15
N ALA A 211 -74.11 67.74 -19.99
CA ALA A 211 -75.55 67.59 -19.85
C ALA A 211 -76.16 68.93 -19.42
N LEU A 212 -75.27 69.90 -19.21
CA LEU A 212 -75.64 71.28 -18.88
C LEU A 212 -76.17 71.43 -17.46
N ALA A 213 -77.21 70.69 -17.14
CA ALA A 213 -77.91 70.84 -15.87
C ALA A 213 -77.35 69.92 -14.79
N GLU A 214 -76.19 69.32 -15.06
CA GLU A 214 -75.61 68.33 -14.15
C GLU A 214 -75.26 68.95 -12.80
N GLU A 215 -74.81 70.20 -12.84
CA GLU A 215 -74.39 70.90 -11.62
C GLU A 215 -75.54 70.99 -10.61
N LYS A 216 -76.61 71.68 -11.00
CA LYS A 216 -77.74 71.87 -10.11
C LYS A 216 -78.49 70.56 -9.87
N GLN A 217 -78.45 69.66 -10.86
CA GLN A 217 -79.08 68.37 -10.71
C GLN A 217 -78.42 67.58 -9.59
N ARG A 218 -77.09 67.60 -9.57
CA ARG A 218 -76.31 66.90 -8.55
C ARG A 218 -76.67 67.42 -7.17
N CYS A 219 -76.87 68.73 -7.07
CA CYS A 219 -77.30 69.34 -5.81
C CYS A 219 -78.67 68.83 -5.39
N LEU A 220 -79.52 68.57 -6.38
CA LEU A 220 -80.88 68.09 -6.12
C LEU A 220 -80.87 66.65 -5.62
N GLU A 221 -80.20 65.77 -6.36
CA GLU A 221 -80.21 64.35 -6.04
C GLU A 221 -79.37 64.05 -4.80
N SER A 222 -78.14 64.56 -4.81
CA SER A 222 -77.17 64.28 -3.75
C SER A 222 -77.07 62.77 -3.48
N GLY A 223 -77.12 61.99 -4.55
CA GLY A 223 -77.08 60.56 -4.42
C GLY A 223 -75.70 59.99 -4.67
N MET A 224 -74.96 60.67 -5.54
CA MET A 224 -73.61 60.24 -5.87
C MET A 224 -72.63 60.67 -4.76
N ASP A 225 -72.01 61.84 -4.97
CA ASP A 225 -71.05 62.44 -4.03
C ASP A 225 -70.16 63.42 -4.80
N SER A 226 -69.15 62.86 -5.46
CA SER A 226 -68.21 63.66 -6.22
C SER A 226 -68.60 63.66 -7.69
N CYS A 227 -67.91 64.45 -8.50
CA CYS A 227 -68.24 64.54 -9.92
C CYS A 227 -66.99 64.72 -10.76
N LEU A 228 -66.94 63.99 -11.86
CA LEU A 228 -65.81 64.08 -12.79
C LEU A 228 -66.34 64.35 -14.20
N SER A 229 -65.44 64.37 -15.17
CA SER A 229 -65.81 64.57 -16.56
C SER A 229 -65.25 63.44 -17.44
N LYS A 230 -66.02 63.05 -18.45
CA LYS A 230 -65.62 61.98 -19.38
C LYS A 230 -64.24 62.24 -20.01
N PRO A 231 -63.93 63.49 -20.44
CA PRO A 231 -62.57 63.86 -20.87
C PRO A 231 -61.58 63.84 -19.70
N VAL A 232 -61.28 62.64 -19.22
CA VAL A 232 -60.40 62.46 -18.08
C VAL A 232 -59.13 61.72 -18.49
N THR A 233 -58.08 61.88 -17.70
CA THR A 233 -56.83 61.19 -17.94
C THR A 233 -56.61 60.11 -16.88
N LEU A 234 -55.72 59.17 -17.17
CA LEU A 234 -55.38 58.13 -16.21
C LEU A 234 -54.78 58.74 -14.95
N ASP A 235 -54.11 59.88 -15.12
CA ASP A 235 -53.50 60.57 -14.00
C ASP A 235 -54.56 61.00 -13.01
N VAL A 236 -55.63 61.59 -13.53
CA VAL A 236 -56.70 62.13 -12.70
C VAL A 236 -57.51 61.02 -12.04
N ILE A 237 -57.84 59.96 -12.79
CA ILE A 237 -58.59 58.84 -12.22
C ILE A 237 -57.76 58.15 -11.15
N LYS A 238 -56.45 58.02 -11.39
CA LYS A 238 -55.54 57.45 -10.43
C LYS A 238 -55.50 58.30 -9.16
N GLN A 239 -55.39 59.61 -9.34
CA GLN A 239 -55.36 60.55 -8.22
C GLN A 239 -56.60 60.41 -7.35
N THR A 240 -57.75 60.44 -7.99
CA THR A 240 -59.02 60.34 -7.29
C THR A 240 -59.17 59.00 -6.58
N LEU A 241 -58.77 57.93 -7.26
CA LEU A 241 -58.84 56.58 -6.69
C LEU A 241 -57.91 56.47 -5.48
N THR A 242 -56.77 57.14 -5.55
CA THR A 242 -55.80 57.14 -4.47
C THR A 242 -56.33 57.90 -3.25
N LEU A 243 -56.92 59.06 -3.49
CA LEU A 243 -57.49 59.87 -2.42
C LEU A 243 -58.62 59.11 -1.72
N TYR A 244 -59.45 58.46 -2.50
CA TYR A 244 -60.56 57.71 -1.94
C TYR A 244 -60.06 56.43 -1.27
N ALA A 245 -58.99 55.87 -1.80
CA ALA A 245 -58.38 54.67 -1.23
C ALA A 245 -57.89 54.93 0.19
N GLU A 246 -57.29 56.10 0.39
CA GLU A 246 -56.81 56.48 1.72
C GLU A 246 -58.00 56.67 2.67
N ARG A 247 -59.11 57.19 2.15
CA ARG A 247 -60.31 57.39 2.95
C ARG A 247 -60.90 56.05 3.39
N VAL A 248 -61.03 55.14 2.45
CA VAL A 248 -61.70 53.88 2.73
C VAL A 248 -60.80 52.94 3.55
N ARG A 249 -59.49 53.02 3.33
CA ARG A 249 -58.55 52.18 4.06
C ARG A 249 -58.48 52.59 5.53
N LYS A 250 -58.61 53.89 5.80
CA LYS A 250 -58.52 54.39 7.17
C LYS A 250 -59.82 54.17 7.93
N SER A 251 -60.95 54.21 7.22
CA SER A 251 -62.24 53.99 7.84
C SER A 251 -62.45 52.52 8.16
N ARG A 252 -61.96 51.66 7.28
CA ARG A 252 -61.99 50.22 7.50
C ARG A 252 -60.88 49.82 8.48
N ASP A 253 -59.89 50.71 8.60
CA ASP A 253 -58.75 50.53 9.51
C ASP A 253 -57.87 49.38 9.07
N SER A 254 -57.03 49.66 8.08
CA SER A 254 -56.08 48.68 7.58
C SER A 254 -54.84 49.40 7.07
N MET A 1 -6.67 -13.80 -7.98
CA MET A 1 -5.79 -13.66 -9.16
C MET A 1 -5.99 -12.28 -9.81
N GLY A 2 -7.24 -11.93 -10.07
CA GLY A 2 -7.55 -10.65 -10.67
C GLY A 2 -7.78 -9.58 -9.62
N GLY A 3 -8.91 -8.87 -9.75
CA GLY A 3 -9.22 -7.80 -8.81
C GLY A 3 -8.18 -6.70 -8.78
N SER A 4 -8.26 -5.83 -7.79
CA SER A 4 -7.29 -4.77 -7.63
C SER A 4 -6.07 -5.26 -6.85
N GLY A 5 -6.31 -6.06 -5.82
CA GLY A 5 -5.23 -6.52 -4.97
C GLY A 5 -4.97 -5.55 -3.84
N VAL A 6 -5.06 -6.05 -2.62
CA VAL A 6 -4.87 -5.21 -1.43
C VAL A 6 -3.71 -5.72 -0.59
N GLU A 7 -2.51 -5.63 -1.14
CA GLU A 7 -1.30 -6.02 -0.42
C GLU A 7 -0.90 -4.91 0.56
N GLY A 8 -0.66 -5.29 1.81
CA GLY A 8 -0.36 -4.33 2.85
C GLY A 8 1.12 -4.24 3.16
N LEU A 9 1.44 -3.81 4.37
CA LEU A 9 2.82 -3.58 4.78
C LEU A 9 3.46 -4.86 5.31
N SER A 10 3.28 -5.94 4.58
CA SER A 10 3.87 -7.23 4.93
C SER A 10 5.39 -7.22 4.72
N GLY A 11 6.07 -6.36 5.47
CA GLY A 11 7.50 -6.22 5.34
C GLY A 11 8.07 -5.34 6.42
N LYS A 12 7.23 -4.40 6.91
CA LYS A 12 7.62 -3.53 8.01
C LYS A 12 7.87 -4.35 9.27
N ARG A 13 8.78 -3.90 10.12
CA ARG A 13 9.11 -4.64 11.33
C ARG A 13 8.75 -3.85 12.57
N CYS A 14 8.36 -4.57 13.62
CA CYS A 14 8.10 -3.99 14.91
C CYS A 14 8.91 -4.74 15.97
N TRP A 15 9.49 -4.00 16.88
CA TRP A 15 10.33 -4.61 17.90
C TRP A 15 9.61 -4.64 19.24
N LEU A 16 9.61 -5.80 19.89
CA LEU A 16 8.91 -5.95 21.15
C LEU A 16 9.76 -6.72 22.16
N ALA A 17 9.76 -6.25 23.40
CA ALA A 17 10.44 -6.91 24.49
C ALA A 17 9.46 -7.13 25.64
N VAL A 18 8.34 -7.74 25.32
CA VAL A 18 7.27 -7.95 26.30
C VAL A 18 7.17 -9.40 26.69
N ARG A 19 7.09 -9.63 27.99
CA ARG A 19 7.03 -10.97 28.53
C ARG A 19 5.62 -11.31 29.00
N ASN A 20 4.77 -10.30 29.06
CA ASN A 20 3.35 -10.51 29.29
C ASN A 20 2.72 -11.05 28.02
N ALA A 21 2.26 -12.29 28.07
CA ALA A 21 1.77 -13.00 26.89
C ALA A 21 0.54 -12.33 26.32
N SER A 22 -0.39 -11.95 27.18
CA SER A 22 -1.61 -11.28 26.74
C SER A 22 -1.29 -9.91 26.16
N LEU A 23 -0.35 -9.22 26.78
CA LEU A 23 0.06 -7.90 26.33
C LEU A 23 0.79 -7.98 25.00
N CYS A 24 1.79 -8.85 24.94
CA CYS A 24 2.61 -8.98 23.74
C CYS A 24 1.78 -9.49 22.57
N GLN A 25 0.92 -10.47 22.84
CA GLN A 25 0.07 -11.04 21.80
C GLN A 25 -0.86 -9.98 21.21
N PHE A 26 -1.38 -9.11 22.06
CA PHE A 26 -2.29 -8.06 21.62
C PHE A 26 -1.63 -7.18 20.56
N LEU A 27 -0.45 -6.65 20.89
CA LEU A 27 0.26 -5.77 19.97
C LEU A 27 0.74 -6.52 18.73
N GLU A 28 1.36 -7.67 18.95
CA GLU A 28 1.97 -8.43 17.85
C GLU A 28 0.94 -8.84 16.80
N THR A 29 -0.24 -9.25 17.25
CA THR A 29 -1.30 -9.68 16.34
C THR A 29 -1.87 -8.49 15.57
N SER A 30 -1.98 -7.35 16.23
CA SER A 30 -2.54 -6.16 15.60
C SER A 30 -1.62 -5.64 14.48
N LEU A 31 -0.31 -5.79 14.65
CA LEU A 31 0.63 -5.37 13.63
C LEU A 31 0.77 -6.42 12.55
N GLN A 32 0.83 -7.70 12.92
CA GLN A 32 0.90 -8.79 11.93
C GLN A 32 -0.38 -8.83 11.11
N ARG A 33 -1.44 -8.26 11.68
CA ARG A 33 -2.72 -8.10 11.01
C ARG A 33 -2.57 -7.25 9.74
N SER A 34 -1.57 -6.37 9.74
CA SER A 34 -1.32 -5.49 8.61
C SER A 34 -0.08 -5.93 7.83
N GLY A 35 0.50 -7.05 8.24
CA GLY A 35 1.65 -7.59 7.55
C GLY A 35 2.95 -7.26 8.25
N ILE A 36 2.86 -6.45 9.29
CA ILE A 36 4.04 -5.99 10.00
C ILE A 36 4.57 -7.10 10.90
N VAL A 37 5.76 -7.58 10.56
CA VAL A 37 6.38 -8.69 11.29
C VAL A 37 6.93 -8.21 12.63
N VAL A 38 6.65 -8.95 13.68
CA VAL A 38 7.14 -8.61 15.00
C VAL A 38 8.39 -9.42 15.32
N THR A 39 9.36 -8.76 15.94
CA THR A 39 10.61 -9.39 16.32
C THR A 39 10.96 -9.00 17.75
N THR A 40 11.38 -9.99 18.52
CA THR A 40 11.81 -9.76 19.88
C THR A 40 13.07 -8.90 19.90
N TYR A 41 12.98 -7.74 20.53
CA TYR A 41 14.11 -6.83 20.59
C TYR A 41 15.05 -7.24 21.72
N GLU A 42 16.06 -8.00 21.37
CA GLU A 42 17.09 -8.39 22.32
C GLU A 42 18.39 -7.64 22.00
N GLY A 43 19.01 -8.03 20.89
CA GLY A 43 20.18 -7.35 20.41
C GLY A 43 20.05 -7.00 18.95
N GLN A 44 19.53 -5.82 18.66
CA GLN A 44 19.28 -5.41 17.30
C GLN A 44 19.45 -3.89 17.14
N GLU A 45 19.57 -3.46 15.89
CA GLU A 45 19.76 -2.05 15.59
C GLU A 45 18.44 -1.29 15.66
N PRO A 46 18.45 -0.08 16.24
CA PRO A 46 17.28 0.78 16.33
C PRO A 46 17.12 1.67 15.10
N THR A 47 15.95 1.62 14.50
CA THR A 47 15.65 2.45 13.33
C THR A 47 14.73 3.61 13.72
N PRO A 48 15.04 4.83 13.23
CA PRO A 48 14.25 6.04 13.53
C PRO A 48 12.82 5.94 13.01
N GLU A 49 12.57 5.02 12.10
CA GLU A 49 11.22 4.82 11.56
C GLU A 49 10.60 3.55 12.14
N ASP A 50 11.22 3.01 13.18
CA ASP A 50 10.75 1.76 13.79
C ASP A 50 10.20 1.99 15.19
N VAL A 51 9.39 1.06 15.66
CA VAL A 51 8.70 1.21 16.94
C VAL A 51 9.01 0.04 17.87
N LEU A 52 9.17 0.35 19.15
CA LEU A 52 9.45 -0.65 20.18
C LEU A 52 8.32 -0.68 21.20
N ILE A 53 7.97 -1.88 21.65
CA ILE A 53 7.05 -2.03 22.78
C ILE A 53 7.76 -2.82 23.88
N THR A 54 7.89 -2.23 25.06
CA THR A 54 8.74 -2.81 26.09
C THR A 54 7.97 -3.17 27.36
N ASP A 55 8.45 -4.19 28.06
CA ASP A 55 7.84 -4.65 29.30
C ASP A 55 8.71 -4.29 30.50
N GLU A 56 8.21 -3.37 31.33
CA GLU A 56 8.93 -2.85 32.50
C GLU A 56 10.27 -2.23 32.11
N VAL A 57 11.24 -2.26 33.02
CA VAL A 57 12.52 -1.61 32.80
C VAL A 57 13.50 -2.50 32.03
N VAL A 58 14.08 -1.95 30.98
CA VAL A 58 15.07 -2.67 30.18
C VAL A 58 16.38 -1.89 30.20
N SER A 59 17.49 -2.54 29.89
CA SER A 59 18.78 -1.87 29.84
C SER A 59 18.95 -1.11 28.52
N LYS A 60 17.86 -0.52 28.05
CA LYS A 60 17.84 0.25 26.82
C LYS A 60 16.65 1.19 26.85
N LYS A 61 16.43 1.88 25.75
CA LYS A 61 15.24 2.69 25.57
C LYS A 61 14.75 2.54 24.16
N TRP A 62 15.55 3.07 23.24
CA TRP A 62 15.25 3.14 21.82
C TRP A 62 16.06 4.26 21.17
N GLN A 63 16.13 4.22 19.85
CA GLN A 63 16.75 5.28 19.08
C GLN A 63 16.00 5.42 17.76
N GLY A 64 14.68 5.51 17.86
CA GLY A 64 13.87 5.50 16.67
C GLY A 64 12.58 6.29 16.82
N ARG A 65 11.53 5.79 16.17
CA ARG A 65 10.25 6.48 16.08
C ARG A 65 9.61 6.65 17.46
N ALA A 66 9.32 5.53 18.11
CA ALA A 66 8.68 5.57 19.42
C ALA A 66 8.83 4.25 20.14
N VAL A 67 8.95 4.32 21.46
CA VAL A 67 9.00 3.14 22.30
C VAL A 67 7.94 3.25 23.38
N VAL A 68 7.06 2.25 23.44
CA VAL A 68 6.01 2.23 24.42
C VAL A 68 6.37 1.26 25.53
N THR A 69 6.94 1.79 26.60
CA THR A 69 7.36 0.99 27.73
C THR A 69 6.24 0.91 28.77
N PHE A 70 5.82 -0.30 29.09
CA PHE A 70 4.77 -0.50 30.08
C PHE A 70 5.37 -0.86 31.42
N CYS A 71 5.44 0.11 32.31
CA CYS A 71 6.05 -0.11 33.61
C CYS A 71 5.05 0.22 34.72
N ARG A 72 4.94 -0.65 35.70
CA ARG A 72 4.01 -0.45 36.80
C ARG A 72 4.64 -0.87 38.12
N ARG A 73 5.45 -1.92 38.10
CA ARG A 73 6.11 -2.38 39.31
C ARG A 73 7.39 -1.59 39.51
N HIS A 74 8.23 -1.55 38.48
CA HIS A 74 9.40 -0.70 38.49
C HIS A 74 9.39 0.21 37.27
N ILE A 75 9.48 1.50 37.51
CA ILE A 75 9.43 2.47 36.43
C ILE A 75 10.75 3.21 36.31
N GLY A 76 11.68 2.62 35.59
CA GLY A 76 12.98 3.24 35.39
C GLY A 76 13.01 4.08 34.13
N ILE A 77 11.94 4.02 33.36
CA ILE A 77 11.82 4.79 32.14
C ILE A 77 10.89 5.98 32.38
N PRO A 78 11.32 7.20 31.99
CA PRO A 78 10.54 8.43 32.23
C PRO A 78 9.16 8.42 31.56
N LEU A 79 9.09 8.97 30.34
CA LEU A 79 7.83 9.06 29.59
C LEU A 79 8.00 10.00 28.40
N GLU A 80 6.88 10.43 27.83
CA GLU A 80 6.87 11.43 26.75
C GLU A 80 7.43 12.78 27.20
N LYS A 81 8.72 12.80 27.44
CA LYS A 81 9.47 14.02 27.69
C LYS A 81 10.73 14.01 26.84
N ALA A 82 10.89 12.93 26.09
CA ALA A 82 12.03 12.75 25.20
C ALA A 82 11.53 12.31 23.83
N PRO A 83 12.34 12.52 22.78
CA PRO A 83 11.95 12.15 21.41
C PRO A 83 11.69 10.66 21.24
N GLY A 84 10.42 10.28 21.25
CA GLY A 84 10.05 8.90 21.01
C GLY A 84 9.90 8.08 22.27
N GLU A 85 9.79 8.75 23.42
CA GLU A 85 9.62 8.03 24.68
C GLU A 85 8.15 8.04 25.10
N TRP A 86 7.58 6.86 25.26
CA TRP A 86 6.20 6.72 25.73
C TRP A 86 6.18 5.73 26.90
N VAL A 87 5.65 6.15 28.04
CA VAL A 87 5.68 5.29 29.22
C VAL A 87 4.38 5.40 30.02
N HIS A 88 3.88 4.25 30.45
CA HIS A 88 2.80 4.21 31.43
C HIS A 88 2.48 2.77 31.80
N SER A 89 1.58 2.62 32.77
CA SER A 89 1.13 1.33 33.20
C SER A 89 -0.20 0.98 32.53
N VAL A 90 -0.14 0.16 31.48
CA VAL A 90 -1.33 -0.22 30.73
C VAL A 90 -1.25 -1.71 30.40
N ALA A 91 -2.38 -2.39 30.48
CA ALA A 91 -2.43 -3.83 30.21
C ALA A 91 -2.71 -4.09 28.72
N ALA A 92 -2.62 -3.03 27.93
CA ALA A 92 -2.89 -3.09 26.49
C ALA A 92 -4.27 -3.69 26.17
N PRO A 93 -5.36 -3.08 26.71
CA PRO A 93 -6.72 -3.54 26.45
C PRO A 93 -7.13 -3.37 24.99
N HIS A 94 -7.06 -2.14 24.48
CA HIS A 94 -7.41 -1.88 23.07
C HIS A 94 -6.83 -0.55 22.57
N GLU A 95 -6.55 0.36 23.48
CA GLU A 95 -6.10 1.70 23.12
C GLU A 95 -4.66 1.68 22.60
N LEU A 96 -3.83 0.79 23.13
CA LEU A 96 -2.43 0.72 22.72
C LEU A 96 -2.29 0.16 21.30
N PRO A 97 -2.88 -1.02 21.00
CA PRO A 97 -2.86 -1.55 19.63
C PRO A 97 -3.46 -0.57 18.63
N ALA A 98 -4.42 0.23 19.09
CA ALA A 98 -5.01 1.28 18.27
C ALA A 98 -4.00 2.40 18.02
N LEU A 99 -3.27 2.78 19.06
CA LEU A 99 -2.24 3.80 18.94
C LEU A 99 -1.17 3.39 17.94
N LEU A 100 -0.77 2.13 18.01
CA LEU A 100 0.26 1.61 17.11
C LEU A 100 -0.22 1.64 15.66
N ALA A 101 -1.52 1.38 15.47
CA ALA A 101 -2.12 1.43 14.14
C ALA A 101 -2.06 2.85 13.58
N ARG A 102 -2.25 3.84 14.44
CA ARG A 102 -2.13 5.23 14.03
C ARG A 102 -0.68 5.58 13.78
N ILE A 103 0.21 4.97 14.55
CA ILE A 103 1.64 5.27 14.49
C ILE A 103 2.22 4.96 13.11
N TYR A 104 1.73 3.92 12.45
CA TYR A 104 2.17 3.64 11.09
C TYR A 104 1.13 4.02 10.06
N LEU A 105 0.32 5.01 10.41
CA LEU A 105 -0.60 5.66 9.48
C LEU A 105 -1.40 4.68 8.63
N ILE A 106 -2.02 3.69 9.27
CA ILE A 106 -2.88 2.78 8.55
C ILE A 106 -4.22 3.46 8.29
N GLU A 107 -4.22 4.29 7.26
CA GLU A 107 -5.36 5.14 6.95
C GLU A 107 -6.37 4.39 6.10
N MET A 108 -6.77 3.21 6.57
CA MET A 108 -7.88 2.50 5.96
C MET A 108 -9.17 3.20 6.34
N GLU A 109 -9.43 3.20 7.65
CA GLU A 109 -10.45 4.04 8.25
C GLU A 109 -11.83 3.82 7.63
N SER A 110 -12.33 2.61 7.73
CA SER A 110 -13.67 2.29 7.29
C SER A 110 -14.68 2.64 8.38
N ASP A 111 -14.43 3.76 9.07
CA ASP A 111 -15.16 4.09 10.30
C ASP A 111 -15.03 2.89 11.24
N ASP A 112 -13.79 2.56 11.54
CA ASP A 112 -13.47 1.36 12.31
C ASP A 112 -13.97 1.49 13.74
N PRO A 113 -14.87 0.59 14.15
CA PRO A 113 -15.43 0.58 15.51
C PRO A 113 -14.40 0.16 16.55
N ALA A 114 -14.87 -0.16 17.76
CA ALA A 114 -14.02 -0.58 18.88
C ALA A 114 -13.23 0.61 19.45
N ASN A 115 -12.72 1.46 18.57
CA ASN A 115 -12.03 2.67 19.01
C ASN A 115 -13.04 3.74 19.39
N ALA A 116 -13.55 3.63 20.60
CA ALA A 116 -14.49 4.61 21.12
C ALA A 116 -13.77 5.58 22.07
N LEU A 117 -12.49 5.78 21.81
CA LEU A 117 -11.68 6.71 22.58
C LEU A 117 -10.91 7.63 21.63
N PRO A 118 -11.60 8.62 21.04
CA PRO A 118 -10.99 9.55 20.07
C PRO A 118 -10.09 10.59 20.74
N SER A 119 -9.75 10.33 21.99
CA SER A 119 -8.87 11.21 22.75
C SER A 119 -7.41 10.95 22.42
N THR A 120 -7.18 10.06 21.45
CA THR A 120 -5.83 9.73 21.00
C THR A 120 -5.30 10.80 20.04
N ASP A 121 -5.33 12.05 20.48
CA ASP A 121 -4.92 13.16 19.65
C ASP A 121 -3.41 13.36 19.72
N LYS A 122 -2.78 13.45 18.56
CA LYS A 122 -1.34 13.63 18.47
C LYS A 122 -0.97 14.31 17.15
N ALA A 123 0.23 14.86 17.10
CA ALA A 123 0.70 15.52 15.89
C ALA A 123 1.26 14.49 14.90
N VAL A 124 0.63 14.41 13.74
CA VAL A 124 1.04 13.44 12.74
C VAL A 124 2.19 13.98 11.89
N SER A 125 3.40 13.82 12.40
CA SER A 125 4.60 14.19 11.66
C SER A 125 5.28 12.93 11.13
N ASP A 126 4.51 11.85 11.06
CA ASP A 126 5.01 10.57 10.58
C ASP A 126 5.12 10.57 9.07
N ASN A 127 6.29 10.90 8.57
CA ASN A 127 6.51 11.01 7.13
C ASN A 127 6.93 9.68 6.51
N ASP A 128 5.99 8.77 6.40
CA ASP A 128 6.21 7.49 5.71
C ASP A 128 5.50 7.54 4.37
N ASP A 129 5.82 8.56 3.59
CA ASP A 129 5.12 8.85 2.34
C ASP A 129 5.84 8.24 1.14
N MET A 130 5.99 6.93 1.17
CA MET A 130 6.61 6.22 0.05
C MET A 130 5.57 5.33 -0.64
N MET A 131 4.95 5.88 -1.66
CA MET A 131 3.92 5.16 -2.40
C MET A 131 4.38 4.89 -3.84
N ILE A 132 4.26 3.63 -4.24
CA ILE A 132 4.67 3.20 -5.57
C ILE A 132 3.51 2.48 -6.27
N LEU A 133 3.32 2.76 -7.54
CA LEU A 133 2.22 2.15 -8.29
C LEU A 133 2.75 1.12 -9.27
N VAL A 134 2.00 0.04 -9.44
CA VAL A 134 2.38 -1.03 -10.32
C VAL A 134 1.24 -1.36 -11.29
N VAL A 135 1.53 -1.20 -12.56
CA VAL A 135 0.58 -1.52 -13.62
C VAL A 135 1.20 -2.55 -14.55
N ASP A 136 0.71 -3.78 -14.48
CA ASP A 136 1.28 -4.85 -15.31
C ASP A 136 0.23 -5.41 -16.26
N ASP A 137 0.73 -5.95 -17.38
CA ASP A 137 -0.09 -6.50 -18.46
C ASP A 137 -0.81 -7.78 -18.04
N HIS A 138 -0.10 -8.67 -17.35
CA HIS A 138 -0.64 -9.98 -17.01
C HIS A 138 -0.56 -10.22 -15.51
N PRO A 139 -1.72 -10.13 -14.84
CA PRO A 139 -1.87 -10.00 -13.36
C PRO A 139 -0.92 -10.84 -12.51
N ILE A 140 -0.43 -11.95 -13.04
CA ILE A 140 0.46 -12.83 -12.28
C ILE A 140 1.75 -12.08 -11.87
N ASN A 141 2.28 -11.27 -12.77
CA ASN A 141 3.50 -10.53 -12.47
C ASN A 141 3.18 -9.39 -11.52
N ARG A 142 2.07 -8.72 -11.78
CA ARG A 142 1.59 -7.62 -10.94
C ARG A 142 1.50 -8.05 -9.48
N ARG A 143 0.87 -9.19 -9.21
CA ARG A 143 0.70 -9.64 -7.83
C ARG A 143 2.04 -10.05 -7.24
N LEU A 144 2.92 -10.61 -8.05
CA LEU A 144 4.19 -11.12 -7.58
C LEU A 144 5.11 -9.97 -7.16
N LEU A 145 5.25 -8.97 -8.02
CA LEU A 145 6.14 -7.85 -7.74
C LEU A 145 5.54 -6.91 -6.69
N ALA A 146 4.21 -6.81 -6.68
CA ALA A 146 3.53 -5.98 -5.67
C ALA A 146 3.67 -6.62 -4.30
N ASP A 147 3.65 -7.94 -4.26
CA ASP A 147 3.85 -8.67 -3.01
C ASP A 147 5.25 -8.40 -2.48
N GLN A 148 6.20 -8.29 -3.40
CA GLN A 148 7.58 -7.96 -3.04
C GLN A 148 7.66 -6.53 -2.53
N LEU A 149 6.91 -5.64 -3.17
CA LEU A 149 6.83 -4.24 -2.75
C LEU A 149 6.30 -4.16 -1.32
N GLY A 150 5.28 -4.95 -1.02
CA GLY A 150 4.74 -5.01 0.33
C GLY A 150 5.77 -5.51 1.32
N SER A 151 6.62 -6.43 0.88
CA SER A 151 7.68 -6.97 1.72
C SER A 151 8.77 -5.94 1.96
N LEU A 152 8.80 -4.91 1.13
CA LEU A 152 9.74 -3.81 1.30
C LEU A 152 9.19 -2.81 2.31
N GLY A 153 7.88 -2.87 2.55
CA GLY A 153 7.26 -2.00 3.54
C GLY A 153 6.80 -0.68 2.95
N TYR A 154 6.44 -0.69 1.68
CA TYR A 154 5.96 0.52 1.02
C TYR A 154 4.53 0.31 0.52
N GLN A 155 3.83 1.41 0.27
CA GLN A 155 2.45 1.33 -0.17
C GLN A 155 2.35 1.20 -1.68
N CYS A 156 1.94 0.02 -2.11
CA CYS A 156 1.80 -0.27 -3.53
C CYS A 156 0.38 -0.01 -4.00
N LYS A 157 0.24 0.33 -5.28
CA LYS A 157 -1.07 0.49 -5.90
C LYS A 157 -1.15 -0.40 -7.14
N THR A 158 -1.95 -1.45 -7.05
CA THR A 158 -1.98 -2.48 -8.09
C THR A 158 -3.07 -2.24 -9.14
N ALA A 159 -2.66 -2.18 -10.40
CA ALA A 159 -3.59 -2.04 -11.51
C ALA A 159 -3.18 -2.96 -12.66
N ASN A 160 -4.15 -3.32 -13.49
CA ASN A 160 -3.90 -4.20 -14.63
C ASN A 160 -4.59 -3.63 -15.87
N ASP A 161 -3.98 -2.58 -16.43
CA ASP A 161 -4.49 -1.91 -17.62
C ASP A 161 -3.71 -0.61 -17.85
N GLY A 162 -3.47 -0.28 -19.11
CA GLY A 162 -2.68 0.90 -19.43
C GLY A 162 -3.41 2.20 -19.13
N VAL A 163 -4.72 2.23 -19.38
CA VAL A 163 -5.51 3.43 -19.12
C VAL A 163 -5.70 3.62 -17.63
N ASP A 164 -5.77 2.52 -16.90
CA ASP A 164 -5.90 2.54 -15.44
C ASP A 164 -4.73 3.29 -14.81
N ALA A 165 -3.58 3.26 -15.47
CA ALA A 165 -2.41 3.99 -15.00
C ALA A 165 -2.67 5.49 -15.03
N LEU A 166 -3.30 5.96 -16.10
CA LEU A 166 -3.64 7.37 -16.23
C LEU A 166 -4.77 7.71 -15.26
N ASN A 167 -5.66 6.75 -15.03
CA ASN A 167 -6.78 6.92 -14.11
C ASN A 167 -6.28 7.14 -12.69
N VAL A 168 -5.42 6.24 -12.22
CA VAL A 168 -4.91 6.31 -10.86
C VAL A 168 -3.98 7.52 -10.68
N LEU A 169 -3.25 7.88 -11.75
CA LEU A 169 -2.35 9.03 -11.71
C LEU A 169 -3.13 10.30 -11.44
N SER A 170 -4.32 10.40 -12.04
CA SER A 170 -5.14 11.58 -11.89
C SER A 170 -5.94 11.53 -10.59
N LYS A 171 -6.10 10.32 -10.05
CA LYS A 171 -6.85 10.12 -8.81
C LYS A 171 -5.97 10.47 -7.60
N ASN A 172 -4.74 9.98 -7.61
CA ASN A 172 -3.78 10.27 -6.56
C ASN A 172 -2.38 10.22 -7.15
N HIS A 173 -1.55 11.16 -6.74
CA HIS A 173 -0.23 11.30 -7.35
C HIS A 173 0.80 10.41 -6.69
N ILE A 174 0.90 9.19 -7.21
CA ILE A 174 1.93 8.25 -6.80
C ILE A 174 3.29 8.75 -7.29
N ASP A 175 4.38 8.36 -6.63
CA ASP A 175 5.68 8.97 -6.90
C ASP A 175 6.47 8.23 -7.98
N ILE A 176 6.34 6.91 -8.03
CA ILE A 176 7.09 6.13 -9.01
C ILE A 176 6.15 5.17 -9.75
N VAL A 177 6.31 5.09 -11.07
CA VAL A 177 5.46 4.24 -11.89
C VAL A 177 6.18 2.97 -12.31
N LEU A 178 5.56 1.83 -12.04
CA LEU A 178 6.04 0.56 -12.56
C LEU A 178 5.16 0.11 -13.71
N SER A 179 5.61 0.34 -14.93
CA SER A 179 4.83 -0.03 -16.11
C SER A 179 5.42 -1.26 -16.78
N ASP A 180 4.86 -2.42 -16.47
CA ASP A 180 5.35 -3.68 -17.00
C ASP A 180 4.37 -4.25 -18.01
N VAL A 181 4.77 -4.27 -19.28
CA VAL A 181 3.89 -4.71 -20.35
C VAL A 181 4.31 -6.06 -20.90
N ASN A 182 3.36 -6.78 -21.48
CA ASN A 182 3.64 -8.05 -22.13
C ASN A 182 3.35 -7.94 -23.61
N MET A 183 2.08 -7.74 -23.97
CA MET A 183 1.69 -7.56 -25.37
C MET A 183 0.19 -7.29 -25.54
N PRO A 184 -0.69 -8.31 -25.32
CA PRO A 184 -2.07 -8.25 -25.79
C PRO A 184 -3.04 -7.61 -24.78
N ASN A 185 -2.70 -6.42 -24.32
CA ASN A 185 -3.60 -5.68 -23.43
C ASN A 185 -3.87 -4.28 -23.99
N MET A 186 -2.97 -3.78 -24.81
CA MET A 186 -3.08 -2.44 -25.36
C MET A 186 -1.99 -2.19 -26.39
N ASP A 187 -1.99 -1.00 -26.97
CA ASP A 187 -0.91 -0.57 -27.83
C ASP A 187 0.30 -0.20 -26.97
N GLY A 188 1.48 -0.71 -27.34
CA GLY A 188 2.66 -0.58 -26.51
C GLY A 188 3.28 0.81 -26.54
N TYR A 189 2.44 1.83 -26.50
CA TYR A 189 2.91 3.22 -26.49
C TYR A 189 1.75 4.17 -26.15
N ARG A 190 0.54 3.62 -26.12
CA ARG A 190 -0.66 4.43 -25.89
C ARG A 190 -0.64 5.08 -24.52
N LEU A 191 -0.25 4.32 -23.50
CA LEU A 191 -0.24 4.83 -22.14
C LEU A 191 0.86 5.89 -21.96
N THR A 192 1.93 5.76 -22.73
CA THR A 192 3.01 6.75 -22.69
C THR A 192 2.56 8.04 -23.35
N GLN A 193 1.89 7.91 -24.49
CA GLN A 193 1.36 9.06 -25.21
C GLN A 193 0.38 9.81 -24.33
N ARG A 194 -0.44 9.07 -23.60
CA ARG A 194 -1.45 9.67 -22.73
C ARG A 194 -0.83 10.27 -21.48
N ILE A 195 0.22 9.63 -20.97
CA ILE A 195 0.88 10.13 -19.75
C ILE A 195 1.70 11.39 -20.06
N ARG A 196 2.32 11.43 -21.24
CA ARG A 196 3.06 12.62 -21.64
C ARG A 196 2.10 13.72 -22.08
N GLN A 197 0.91 13.32 -22.50
CA GLN A 197 -0.14 14.26 -22.86
C GLN A 197 -0.69 14.93 -21.60
N LEU A 198 -0.94 14.13 -20.58
CA LEU A 198 -1.45 14.63 -19.31
C LEU A 198 -0.40 15.47 -18.60
N GLY A 199 0.82 14.97 -18.57
CA GLY A 199 1.90 15.68 -17.92
C GLY A 199 2.59 14.84 -16.87
N LEU A 200 3.27 13.79 -17.32
CA LEU A 200 4.04 12.93 -16.43
C LEU A 200 5.06 13.77 -15.66
N THR A 201 4.97 13.71 -14.33
CA THR A 201 5.84 14.51 -13.48
C THR A 201 6.61 13.62 -12.51
N LEU A 202 6.67 12.34 -12.82
CA LEU A 202 7.31 11.37 -11.95
C LEU A 202 8.02 10.31 -12.79
N PRO A 203 9.24 9.91 -12.38
CA PRO A 203 10.02 8.89 -13.09
C PRO A 203 9.30 7.54 -13.14
N VAL A 204 9.41 6.88 -14.28
CA VAL A 204 8.74 5.60 -14.45
C VAL A 204 9.72 4.54 -14.96
N ILE A 205 9.60 3.34 -14.41
CA ILE A 205 10.42 2.22 -14.81
C ILE A 205 9.72 1.44 -15.92
N GLY A 206 10.31 1.45 -17.11
CA GLY A 206 9.72 0.76 -18.23
C GLY A 206 10.10 -0.71 -18.26
N VAL A 207 9.14 -1.55 -17.93
CA VAL A 207 9.34 -2.99 -17.91
C VAL A 207 8.57 -3.64 -19.05
N THR A 208 9.18 -4.62 -19.69
CA THR A 208 8.50 -5.36 -20.75
C THR A 208 9.03 -6.78 -20.82
N ALA A 209 8.19 -7.71 -21.24
CA ALA A 209 8.66 -9.04 -21.54
C ALA A 209 9.49 -8.96 -22.81
N ASN A 210 10.78 -9.25 -22.69
CA ASN A 210 11.70 -9.09 -23.81
C ASN A 210 11.22 -9.86 -25.02
N ALA A 211 10.72 -9.11 -25.99
CA ALA A 211 10.13 -9.69 -27.16
C ALA A 211 10.87 -9.23 -28.40
N LEU A 212 10.51 -8.03 -28.84
CA LEU A 212 11.03 -7.41 -30.06
C LEU A 212 10.08 -6.31 -30.49
N ALA A 213 10.63 -5.17 -30.90
CA ALA A 213 9.84 -4.05 -31.43
C ALA A 213 9.10 -3.30 -30.34
N GLU A 214 8.36 -4.01 -29.49
CA GLU A 214 7.61 -3.39 -28.40
C GLU A 214 8.56 -2.72 -27.40
N GLU A 215 9.69 -3.38 -27.14
CA GLU A 215 10.71 -2.80 -26.26
C GLU A 215 11.32 -1.59 -26.95
N LYS A 216 11.33 -1.61 -28.28
CA LYS A 216 11.85 -0.52 -29.07
C LYS A 216 10.84 0.62 -29.12
N GLN A 217 9.59 0.33 -28.75
CA GLN A 217 8.57 1.35 -28.61
C GLN A 217 8.80 2.14 -27.32
N ARG A 218 9.24 1.42 -26.29
CA ARG A 218 9.66 2.06 -25.05
C ARG A 218 10.82 3.01 -25.33
N CYS A 219 11.73 2.58 -26.20
CA CYS A 219 12.86 3.40 -26.62
C CYS A 219 12.40 4.53 -27.54
N LEU A 220 11.29 4.31 -28.23
CA LEU A 220 10.73 5.29 -29.15
C LEU A 220 10.18 6.50 -28.38
N GLU A 221 9.46 6.21 -27.30
CA GLU A 221 8.89 7.25 -26.47
C GLU A 221 9.95 7.86 -25.56
N SER A 222 10.71 6.99 -24.88
CA SER A 222 11.72 7.39 -23.90
C SER A 222 11.14 8.35 -22.84
N GLY A 223 9.84 8.25 -22.62
CA GLY A 223 9.18 9.13 -21.68
C GLY A 223 8.98 8.48 -20.33
N MET A 224 9.80 7.50 -20.04
CA MET A 224 9.71 6.77 -18.77
C MET A 224 10.92 7.05 -17.92
N ASP A 225 11.97 6.27 -18.15
CA ASP A 225 13.28 6.42 -17.50
C ASP A 225 14.06 5.12 -17.62
N SER A 226 13.65 4.13 -16.85
CA SER A 226 14.37 2.87 -16.77
C SER A 226 13.88 1.85 -17.79
N CYS A 227 14.58 0.73 -17.87
CA CYS A 227 14.21 -0.36 -18.76
C CYS A 227 14.66 -1.70 -18.18
N LEU A 228 13.70 -2.60 -17.96
CA LEU A 228 14.02 -3.95 -17.51
C LEU A 228 13.08 -4.96 -18.15
N SER A 229 13.35 -6.24 -17.93
CA SER A 229 12.54 -7.31 -18.47
C SER A 229 11.49 -7.74 -17.44
N LYS A 230 10.37 -8.27 -17.93
CA LYS A 230 9.26 -8.72 -17.09
C LYS A 230 9.70 -9.58 -15.89
N PRO A 231 10.55 -10.61 -16.09
CA PRO A 231 11.05 -11.42 -14.98
C PRO A 231 12.03 -10.66 -14.07
N VAL A 232 11.48 -9.73 -13.29
CA VAL A 232 12.28 -8.96 -12.35
C VAL A 232 12.55 -9.77 -11.08
N THR A 233 13.81 -10.02 -10.81
CA THR A 233 14.21 -10.77 -9.63
C THR A 233 14.02 -9.95 -8.35
N LEU A 234 13.88 -10.64 -7.21
CA LEU A 234 13.61 -10.00 -5.93
C LEU A 234 14.69 -8.97 -5.58
N ASP A 235 15.95 -9.33 -5.76
CA ASP A 235 17.03 -8.41 -5.44
C ASP A 235 17.03 -7.23 -6.40
N VAL A 236 16.63 -7.49 -7.64
CA VAL A 236 16.61 -6.47 -8.67
C VAL A 236 15.53 -5.43 -8.39
N ILE A 237 14.30 -5.88 -8.12
CA ILE A 237 13.21 -4.96 -7.82
C ILE A 237 13.54 -4.14 -6.58
N LYS A 238 14.14 -4.80 -5.59
CA LYS A 238 14.54 -4.14 -4.36
C LYS A 238 15.57 -3.04 -4.64
N GLN A 239 16.60 -3.38 -5.41
CA GLN A 239 17.69 -2.45 -5.71
C GLN A 239 17.21 -1.28 -6.54
N THR A 240 16.47 -1.57 -7.61
CA THR A 240 15.97 -0.54 -8.50
C THR A 240 15.04 0.42 -7.78
N LEU A 241 14.14 -0.13 -6.96
CA LEU A 241 13.20 0.68 -6.20
C LEU A 241 13.93 1.55 -5.19
N THR A 242 14.94 0.97 -4.53
CA THR A 242 15.74 1.72 -3.57
C THR A 242 16.48 2.87 -4.24
N LEU A 243 17.06 2.59 -5.40
CA LEU A 243 17.84 3.59 -6.13
C LEU A 243 16.96 4.74 -6.60
N TYR A 244 15.79 4.42 -7.14
CA TYR A 244 14.91 5.45 -7.67
C TYR A 244 14.19 6.19 -6.55
N ALA A 245 13.97 5.51 -5.43
CA ALA A 245 13.37 6.16 -4.26
C ALA A 245 14.33 7.20 -3.69
N GLU A 246 15.62 6.85 -3.65
CA GLU A 246 16.62 7.78 -3.17
C GLU A 246 16.91 8.85 -4.23
N ARG A 247 16.60 8.54 -5.48
CA ARG A 247 16.74 9.51 -6.56
C ARG A 247 15.74 10.66 -6.37
N VAL A 248 14.49 10.32 -6.11
CA VAL A 248 13.47 11.34 -5.88
C VAL A 248 13.66 11.96 -4.50
N ARG A 249 14.16 11.17 -3.55
CA ARG A 249 14.43 11.65 -2.20
C ARG A 249 15.55 12.69 -2.21
N LYS A 250 16.49 12.56 -3.13
CA LYS A 250 17.57 13.53 -3.26
C LYS A 250 17.14 14.68 -4.18
N SER A 251 16.07 14.46 -4.95
CA SER A 251 15.51 15.52 -5.79
C SER A 251 14.80 16.55 -4.90
N ARG A 252 14.01 16.07 -3.96
CA ARG A 252 13.38 16.94 -2.98
C ARG A 252 14.39 17.34 -1.91
N ASP A 253 15.31 16.42 -1.66
CA ASP A 253 16.40 16.60 -0.69
C ASP A 253 15.86 16.59 0.74
N SER A 254 16.04 15.45 1.41
CA SER A 254 15.56 15.24 2.78
C SER A 254 14.02 15.28 2.83
N MET A 1 0.02 4.48 -12.90
CA MET A 1 1.37 4.99 -13.22
C MET A 1 2.10 5.42 -11.96
N GLY A 2 3.36 5.04 -11.84
CA GLY A 2 4.13 5.39 -10.68
C GLY A 2 4.35 4.20 -9.78
N GLY A 3 3.31 3.83 -9.03
CA GLY A 3 3.38 2.67 -8.19
C GLY A 3 2.01 2.19 -7.75
N SER A 4 1.86 1.95 -6.46
CA SER A 4 0.59 1.49 -5.92
C SER A 4 -0.24 2.67 -5.43
N GLY A 5 -1.56 2.53 -5.52
CA GLY A 5 -2.45 3.61 -5.15
C GLY A 5 -3.10 3.38 -3.80
N VAL A 6 -2.33 2.83 -2.87
CA VAL A 6 -2.84 2.51 -1.55
C VAL A 6 -1.70 2.55 -0.53
N GLU A 7 -2.02 2.85 0.72
CA GLU A 7 -1.05 2.80 1.79
C GLU A 7 -1.14 1.47 2.54
N GLY A 8 -0.96 1.50 3.86
CA GLY A 8 -0.95 0.27 4.63
C GLY A 8 0.32 -0.52 4.38
N LEU A 9 1.43 0.03 4.86
CA LEU A 9 2.75 -0.52 4.55
C LEU A 9 3.03 -1.80 5.32
N SER A 10 3.31 -2.84 4.57
CA SER A 10 3.77 -4.11 5.14
C SER A 10 5.29 -4.14 5.10
N GLY A 11 5.90 -3.05 5.56
CA GLY A 11 7.34 -2.92 5.52
C GLY A 11 7.86 -2.16 6.71
N LYS A 12 7.34 -2.49 7.88
CA LYS A 12 7.75 -1.88 9.12
C LYS A 12 7.97 -2.95 10.17
N ARG A 13 8.96 -2.77 11.02
CA ARG A 13 9.28 -3.77 12.03
C ARG A 13 8.76 -3.36 13.39
N CYS A 14 8.48 -4.34 14.22
CA CYS A 14 8.06 -4.10 15.59
C CYS A 14 8.88 -4.98 16.53
N TRP A 15 9.71 -4.35 17.34
CA TRP A 15 10.52 -5.06 18.31
C TRP A 15 9.79 -5.11 19.64
N LEU A 16 9.53 -6.31 20.12
CA LEU A 16 8.78 -6.47 21.36
C LEU A 16 9.51 -7.38 22.34
N ALA A 17 9.62 -6.91 23.57
CA ALA A 17 10.23 -7.66 24.64
C ALA A 17 9.28 -7.72 25.83
N VAL A 18 8.16 -8.40 25.65
CA VAL A 18 7.16 -8.51 26.70
C VAL A 18 7.05 -9.96 27.17
N ARG A 19 7.11 -10.15 28.47
CA ARG A 19 7.07 -11.49 29.04
C ARG A 19 5.64 -12.02 29.13
N ASN A 20 4.67 -11.13 28.96
CA ASN A 20 3.27 -11.51 28.98
C ASN A 20 2.81 -11.94 27.58
N ALA A 21 2.31 -13.16 27.48
CA ALA A 21 1.92 -13.74 26.20
C ALA A 21 0.66 -13.07 25.68
N SER A 22 -0.23 -12.70 26.59
CA SER A 22 -1.46 -12.00 26.23
C SER A 22 -1.12 -10.69 25.53
N LEU A 23 -0.31 -9.89 26.21
CA LEU A 23 0.11 -8.59 25.71
C LEU A 23 0.90 -8.74 24.41
N CYS A 24 1.88 -9.62 24.43
CA CYS A 24 2.75 -9.84 23.28
C CYS A 24 1.95 -10.25 22.05
N GLN A 25 1.15 -11.29 22.21
CA GLN A 25 0.41 -11.87 21.08
C GLN A 25 -0.63 -10.88 20.53
N PHE A 26 -1.36 -10.22 21.41
CA PHE A 26 -2.42 -9.31 20.98
C PHE A 26 -1.87 -8.23 20.05
N LEU A 27 -0.78 -7.61 20.47
CA LEU A 27 -0.17 -6.55 19.68
C LEU A 27 0.42 -7.09 18.38
N GLU A 28 1.20 -8.17 18.50
CA GLU A 28 1.93 -8.70 17.35
C GLU A 28 0.99 -9.16 16.24
N THR A 29 -0.10 -9.84 16.61
CA THR A 29 -1.05 -10.33 15.63
C THR A 29 -1.81 -9.18 14.97
N SER A 30 -2.13 -8.16 15.75
CA SER A 30 -2.84 -7.00 15.23
C SER A 30 -1.96 -6.21 14.27
N LEU A 31 -0.67 -6.12 14.58
CA LEU A 31 0.27 -5.36 13.76
C LEU A 31 0.61 -6.13 12.48
N GLN A 32 0.76 -7.45 12.61
CA GLN A 32 1.09 -8.29 11.47
C GLN A 32 -0.13 -8.48 10.55
N ARG A 33 -1.26 -7.94 10.97
CA ARG A 33 -2.46 -7.94 10.14
C ARG A 33 -2.23 -7.13 8.87
N SER A 34 -1.61 -5.96 9.04
CA SER A 34 -1.23 -5.13 7.91
C SER A 34 0.06 -5.64 7.30
N GLY A 35 1.15 -5.49 8.03
CA GLY A 35 2.42 -6.01 7.60
C GLY A 35 3.55 -5.57 8.50
N ILE A 36 3.22 -5.28 9.75
CA ILE A 36 4.23 -4.90 10.72
C ILE A 36 4.87 -6.15 11.32
N VAL A 37 5.95 -6.58 10.69
CA VAL A 37 6.64 -7.80 11.10
C VAL A 37 7.29 -7.65 12.48
N VAL A 38 6.87 -8.49 13.40
CA VAL A 38 7.34 -8.44 14.76
C VAL A 38 8.57 -9.33 14.95
N THR A 39 9.45 -8.92 15.84
CA THR A 39 10.66 -9.68 16.15
C THR A 39 10.99 -9.57 17.62
N THR A 40 11.39 -10.69 18.21
CA THR A 40 11.82 -10.73 19.59
C THR A 40 13.02 -9.81 19.81
N TYR A 41 12.82 -8.72 20.54
CA TYR A 41 13.91 -7.82 20.82
C TYR A 41 14.75 -8.35 21.97
N GLU A 42 15.78 -9.09 21.61
CA GLU A 42 16.71 -9.64 22.60
C GLU A 42 17.93 -8.73 22.71
N GLY A 43 18.27 -8.09 21.60
CA GLY A 43 19.40 -7.19 21.57
C GLY A 43 19.83 -6.92 20.14
N GLN A 44 18.90 -6.42 19.35
CA GLN A 44 19.11 -6.26 17.91
C GLN A 44 19.42 -4.82 17.56
N GLU A 45 18.95 -4.39 16.39
CA GLU A 45 19.27 -3.08 15.83
C GLU A 45 18.09 -2.14 15.94
N PRO A 46 18.29 -0.97 16.57
CA PRO A 46 17.26 0.06 16.66
C PRO A 46 17.13 0.86 15.36
N THR A 47 15.94 0.88 14.79
CA THR A 47 15.68 1.63 13.58
C THR A 47 14.62 2.70 13.82
N PRO A 48 14.78 3.90 13.21
CA PRO A 48 13.82 5.00 13.34
C PRO A 48 12.45 4.70 12.73
N GLU A 49 12.32 3.52 12.16
CA GLU A 49 11.05 3.07 11.58
C GLU A 49 10.37 2.08 12.51
N ASP A 50 11.09 1.67 13.52
CA ASP A 50 10.66 0.58 14.38
C ASP A 50 10.34 1.08 15.77
N VAL A 51 9.46 0.37 16.45
CA VAL A 51 9.08 0.72 17.81
C VAL A 51 9.47 -0.40 18.77
N LEU A 52 9.80 -0.02 20.00
CA LEU A 52 10.19 -0.97 21.03
C LEU A 52 9.09 -1.10 22.07
N ILE A 53 8.35 -2.19 22.03
CA ILE A 53 7.31 -2.44 23.01
C ILE A 53 7.81 -3.40 24.08
N THR A 54 7.97 -2.90 25.29
CA THR A 54 8.54 -3.71 26.36
C THR A 54 7.61 -3.77 27.57
N ASP A 55 7.76 -4.81 28.37
CA ASP A 55 7.11 -4.86 29.67
C ASP A 55 8.18 -4.71 30.75
N GLU A 56 7.91 -3.79 31.68
CA GLU A 56 8.89 -3.31 32.64
C GLU A 56 9.90 -2.38 31.95
N VAL A 57 10.47 -1.46 32.73
CA VAL A 57 11.40 -0.49 32.20
C VAL A 57 12.73 -1.17 31.84
N VAL A 58 13.12 -1.01 30.59
CA VAL A 58 14.35 -1.60 30.10
C VAL A 58 15.46 -0.56 30.03
N SER A 59 16.69 -1.03 30.10
CA SER A 59 17.85 -0.16 30.03
C SER A 59 18.19 0.15 28.57
N LYS A 60 17.40 1.01 27.96
CA LYS A 60 17.57 1.30 26.54
C LYS A 60 17.03 2.70 26.19
N LYS A 61 17.87 3.50 25.55
CA LYS A 61 17.43 4.75 24.98
C LYS A 61 17.04 4.53 23.52
N TRP A 62 15.84 4.03 23.30
CA TRP A 62 15.36 3.71 21.97
C TRP A 62 15.15 4.98 21.15
N GLN A 63 16.11 5.29 20.29
CA GLN A 63 16.04 6.45 19.43
C GLN A 63 15.54 6.04 18.05
N GLY A 64 14.45 5.28 18.04
CA GLY A 64 13.86 4.83 16.80
C GLY A 64 12.61 5.62 16.48
N ARG A 65 11.53 4.92 16.13
CA ARG A 65 10.27 5.58 15.88
C ARG A 65 9.58 5.92 17.19
N ALA A 66 9.46 4.92 18.06
CA ALA A 66 8.84 5.09 19.36
C ALA A 66 9.13 3.91 20.25
N VAL A 67 9.03 4.10 21.55
CA VAL A 67 9.22 3.02 22.51
C VAL A 67 8.10 3.07 23.56
N VAL A 68 7.37 1.98 23.68
CA VAL A 68 6.26 1.90 24.61
C VAL A 68 6.56 0.88 25.70
N THR A 69 6.68 1.35 26.92
CA THR A 69 7.00 0.50 28.04
C THR A 69 5.81 0.37 29.01
N PHE A 70 5.34 -0.85 29.17
CA PHE A 70 4.28 -1.17 30.13
C PHE A 70 4.90 -1.37 31.50
N CYS A 71 4.87 -0.36 32.33
CA CYS A 71 5.58 -0.43 33.60
C CYS A 71 4.79 0.20 34.74
N ARG A 72 4.87 -0.43 35.90
CA ARG A 72 4.26 0.12 37.10
C ARG A 72 5.33 0.69 38.01
N ARG A 73 6.53 0.12 37.96
CA ARG A 73 7.66 0.61 38.73
C ARG A 73 8.35 1.75 37.99
N HIS A 74 8.67 1.50 36.72
CA HIS A 74 9.30 2.49 35.81
C HIS A 74 10.47 3.23 36.45
N ILE A 75 11.64 2.64 36.31
CA ILE A 75 12.86 3.21 36.86
C ILE A 75 13.40 4.35 36.00
N GLY A 76 13.98 4.02 34.86
CA GLY A 76 14.69 5.01 34.06
C GLY A 76 14.03 5.36 32.74
N ILE A 77 12.82 4.85 32.51
CA ILE A 77 12.10 5.20 31.29
C ILE A 77 10.97 6.18 31.62
N PRO A 78 11.09 7.40 31.07
CA PRO A 78 10.08 8.44 31.22
C PRO A 78 9.03 8.40 30.10
N LEU A 79 8.19 9.43 30.04
CA LEU A 79 7.18 9.53 29.00
C LEU A 79 7.68 10.39 27.85
N GLU A 80 6.76 10.94 27.06
CA GLU A 80 7.07 11.77 25.89
C GLU A 80 7.74 13.09 26.27
N LYS A 81 8.89 12.98 26.88
CA LYS A 81 9.79 14.09 27.09
C LYS A 81 11.11 13.73 26.43
N ALA A 82 10.99 12.81 25.48
CA ALA A 82 12.12 12.23 24.78
C ALA A 82 11.68 11.87 23.35
N PRO A 83 12.59 11.39 22.48
CA PRO A 83 12.27 11.05 21.09
C PRO A 83 11.36 9.82 20.94
N GLY A 84 10.15 9.92 21.48
CA GLY A 84 9.16 8.86 21.28
C GLY A 84 9.00 7.92 22.46
N GLU A 85 9.39 8.38 23.64
CA GLU A 85 9.24 7.57 24.85
C GLU A 85 7.80 7.62 25.36
N TRP A 86 7.19 6.45 25.52
CA TRP A 86 5.82 6.35 26.03
C TRP A 86 5.74 5.35 27.17
N VAL A 87 5.41 5.83 28.36
CA VAL A 87 5.20 4.95 29.50
C VAL A 87 3.71 4.78 29.77
N HIS A 88 3.30 3.54 30.02
CA HIS A 88 1.90 3.25 30.30
C HIS A 88 1.78 2.03 31.19
N SER A 89 0.95 2.13 32.23
CA SER A 89 0.66 0.99 33.07
C SER A 89 -0.69 0.38 32.68
N VAL A 90 -0.63 -0.70 31.91
CA VAL A 90 -1.83 -1.41 31.45
C VAL A 90 -1.44 -2.78 30.93
N ALA A 91 -2.43 -3.54 30.49
CA ALA A 91 -2.19 -4.84 29.87
C ALA A 91 -2.55 -4.79 28.39
N ALA A 92 -2.41 -3.59 27.82
CA ALA A 92 -2.73 -3.35 26.40
C ALA A 92 -4.19 -3.71 26.10
N PRO A 93 -5.15 -2.90 26.61
CA PRO A 93 -6.57 -3.15 26.42
C PRO A 93 -7.05 -2.77 25.02
N HIS A 94 -7.61 -1.56 24.90
CA HIS A 94 -8.13 -1.11 23.61
C HIS A 94 -7.50 0.22 23.17
N GLU A 95 -6.57 0.71 23.97
CA GLU A 95 -5.97 2.01 23.71
C GLU A 95 -4.58 1.89 23.12
N LEU A 96 -3.76 1.03 23.71
CA LEU A 96 -2.39 0.85 23.25
C LEU A 96 -2.33 0.30 21.83
N PRO A 97 -3.05 -0.80 21.51
CA PRO A 97 -3.03 -1.36 20.15
C PRO A 97 -3.55 -0.37 19.13
N ALA A 98 -4.47 0.49 19.57
CA ALA A 98 -5.01 1.54 18.73
C ALA A 98 -3.94 2.59 18.44
N LEU A 99 -3.22 3.01 19.48
CA LEU A 99 -2.16 4.00 19.33
C LEU A 99 -1.04 3.47 18.45
N LEU A 100 -0.77 2.18 18.56
CA LEU A 100 0.28 1.55 17.77
C LEU A 100 -0.07 1.59 16.29
N ALA A 101 -1.30 1.23 15.96
CA ALA A 101 -1.77 1.24 14.58
C ALA A 101 -1.83 2.67 14.04
N ARG A 102 -2.16 3.61 14.92
CA ARG A 102 -2.25 5.01 14.56
C ARG A 102 -0.87 5.60 14.29
N ILE A 103 0.11 5.16 15.07
CA ILE A 103 1.48 5.65 14.95
C ILE A 103 2.12 5.16 13.64
N TYR A 104 1.71 3.97 13.20
CA TYR A 104 2.22 3.40 11.97
C TYR A 104 1.43 3.91 10.77
N LEU A 105 0.44 4.76 11.05
CA LEU A 105 -0.41 5.37 10.03
C LEU A 105 -1.11 4.31 9.18
N ILE A 106 -1.65 3.30 9.84
CA ILE A 106 -2.39 2.25 9.15
C ILE A 106 -3.73 2.79 8.65
N GLU A 107 -4.38 3.60 9.50
CA GLU A 107 -5.60 4.32 9.16
C GLU A 107 -6.82 3.40 9.06
N MET A 108 -6.58 2.13 8.86
CA MET A 108 -7.64 1.14 8.84
C MET A 108 -8.17 0.93 10.25
N GLU A 109 -7.28 1.06 11.22
CA GLU A 109 -7.64 0.89 12.61
C GLU A 109 -7.57 2.21 13.37
N SER A 110 -7.44 3.30 12.63
CA SER A 110 -7.49 4.63 13.22
C SER A 110 -8.93 5.06 13.40
N ASP A 111 -9.54 4.58 14.49
CA ASP A 111 -10.97 4.76 14.71
C ASP A 111 -11.29 6.15 15.28
N ASP A 112 -10.80 7.17 14.58
CA ASP A 112 -11.06 8.54 14.98
C ASP A 112 -11.54 9.35 13.78
N PRO A 113 -12.85 9.40 13.56
CA PRO A 113 -13.45 10.17 12.47
C PRO A 113 -13.57 11.65 12.82
N ALA A 114 -12.45 12.25 13.22
CA ALA A 114 -12.42 13.62 13.73
C ALA A 114 -13.31 13.73 14.96
N ASN A 115 -12.86 13.06 16.02
CA ASN A 115 -13.61 12.93 17.27
C ASN A 115 -14.21 14.26 17.74
N ALA A 116 -13.36 15.24 18.04
CA ALA A 116 -13.83 16.51 18.56
C ALA A 116 -13.04 17.68 18.02
N LEU A 117 -11.73 17.62 18.14
CA LEU A 117 -10.88 18.76 17.78
C LEU A 117 -10.00 18.42 16.58
N PRO A 118 -10.10 19.21 15.50
CA PRO A 118 -9.20 19.10 14.35
C PRO A 118 -7.74 19.29 14.78
N SER A 119 -7.51 20.35 15.57
CA SER A 119 -6.21 20.62 16.20
C SER A 119 -5.14 21.06 15.19
N THR A 120 -4.86 20.22 14.21
CA THR A 120 -3.77 20.47 13.27
C THR A 120 -4.17 21.43 12.16
N ASP A 121 -4.00 22.72 12.40
CA ASP A 121 -4.23 23.73 11.39
C ASP A 121 -2.92 24.01 10.65
N LYS A 122 -3.02 24.65 9.48
CA LYS A 122 -1.85 24.97 8.68
C LYS A 122 -1.15 26.21 9.23
N ALA A 123 -1.87 27.34 9.22
CA ALA A 123 -1.37 28.60 9.77
C ALA A 123 -0.10 29.07 9.06
N VAL A 124 -0.28 29.84 8.00
CA VAL A 124 0.85 30.38 7.25
C VAL A 124 1.11 31.83 7.61
N SER A 125 2.38 32.18 7.79
CA SER A 125 2.76 33.52 8.20
C SER A 125 3.86 34.06 7.31
N ASP A 126 3.47 34.79 6.26
CA ASP A 126 4.42 35.37 5.33
C ASP A 126 4.97 36.69 5.87
N ASN A 127 5.86 36.60 6.86
CA ASN A 127 6.48 37.78 7.47
C ASN A 127 7.96 37.84 7.12
N ASP A 128 8.39 36.92 6.26
CA ASP A 128 9.79 36.83 5.86
C ASP A 128 9.96 37.44 4.47
N ASP A 129 10.58 38.62 4.40
CA ASP A 129 10.67 39.34 3.13
C ASP A 129 12.10 39.78 2.81
N MET A 130 12.87 40.15 3.82
CA MET A 130 14.21 40.64 3.60
C MET A 130 15.23 39.89 4.45
N MET A 131 16.00 39.03 3.81
CA MET A 131 16.96 38.21 4.53
C MET A 131 18.36 38.81 4.47
N ILE A 132 18.81 39.31 5.62
CA ILE A 132 20.15 39.84 5.77
C ILE A 132 20.98 38.88 6.60
N LEU A 133 22.20 38.63 6.19
CA LEU A 133 23.05 37.66 6.87
C LEU A 133 24.13 38.38 7.67
N VAL A 134 24.16 38.11 8.97
CA VAL A 134 25.13 38.73 9.85
C VAL A 134 26.09 37.69 10.39
N VAL A 135 27.34 37.78 9.96
CA VAL A 135 28.37 36.83 10.39
C VAL A 135 29.46 37.56 11.15
N ASP A 136 29.80 37.05 12.32
CA ASP A 136 30.93 37.56 13.09
C ASP A 136 31.75 36.39 13.61
N ASP A 137 33.05 36.54 13.62
CA ASP A 137 33.94 35.54 14.20
C ASP A 137 33.71 35.46 15.72
N HIS A 138 33.04 36.48 16.26
CA HIS A 138 32.58 36.47 17.65
C HIS A 138 31.05 36.53 17.67
N PRO A 139 30.39 35.40 17.97
CA PRO A 139 28.93 35.29 17.90
C PRO A 139 28.19 36.30 18.77
N ILE A 140 28.74 36.60 19.94
CA ILE A 140 28.12 37.52 20.89
C ILE A 140 27.88 38.90 20.26
N ASN A 141 28.90 39.40 19.57
CA ASN A 141 28.82 40.69 18.91
C ASN A 141 27.78 40.66 17.81
N ARG A 142 27.75 39.56 17.08
CA ARG A 142 26.85 39.42 15.95
C ARG A 142 25.39 39.42 16.39
N ARG A 143 25.07 38.65 17.42
CA ARG A 143 23.70 38.58 17.92
C ARG A 143 23.25 39.92 18.50
N LEU A 144 24.21 40.67 19.02
CA LEU A 144 23.92 41.97 19.62
C LEU A 144 23.43 42.96 18.56
N LEU A 145 24.20 43.12 17.49
CA LEU A 145 23.81 44.03 16.42
C LEU A 145 22.64 43.46 15.63
N ALA A 146 22.53 42.14 15.60
CA ALA A 146 21.40 41.47 14.96
C ALA A 146 20.10 41.80 15.72
N ASP A 147 20.23 41.96 17.02
CA ASP A 147 19.10 42.37 17.85
C ASP A 147 18.64 43.76 17.46
N GLN A 148 19.60 44.65 17.23
CA GLN A 148 19.30 46.00 16.76
C GLN A 148 18.67 45.95 15.36
N LEU A 149 19.19 45.06 14.52
CA LEU A 149 18.66 44.86 13.18
C LEU A 149 17.21 44.39 13.25
N GLY A 150 16.90 43.59 14.27
CA GLY A 150 15.55 43.14 14.49
C GLY A 150 14.60 44.29 14.76
N SER A 151 15.07 45.28 15.51
CA SER A 151 14.30 46.47 15.79
C SER A 151 14.17 47.34 14.53
N LEU A 152 15.10 47.18 13.60
CA LEU A 152 15.07 47.93 12.35
C LEU A 152 14.07 47.35 11.37
N GLY A 153 13.72 46.07 11.56
CA GLY A 153 12.69 45.46 10.75
C GLY A 153 13.24 44.56 9.66
N TYR A 154 14.51 44.24 9.72
CA TYR A 154 15.12 43.36 8.75
C TYR A 154 15.36 41.98 9.36
N GLN A 155 15.08 40.93 8.59
CA GLN A 155 15.28 39.57 9.07
C GLN A 155 16.76 39.25 9.13
N CYS A 156 17.24 38.91 10.31
CA CYS A 156 18.67 38.70 10.51
C CYS A 156 19.00 37.23 10.69
N LYS A 157 19.94 36.73 9.90
CA LYS A 157 20.43 35.38 10.04
C LYS A 157 21.83 35.41 10.65
N THR A 158 21.95 34.93 11.88
CA THR A 158 23.20 35.02 12.61
C THR A 158 24.06 33.78 12.38
N ALA A 159 25.28 34.00 11.93
CA ALA A 159 26.21 32.91 11.66
C ALA A 159 27.56 33.17 12.31
N ASN A 160 28.17 32.12 12.82
CA ASN A 160 29.49 32.21 13.42
C ASN A 160 30.44 31.23 12.74
N ASP A 161 30.85 31.58 11.52
CA ASP A 161 31.80 30.80 10.73
C ASP A 161 31.79 31.27 9.29
N GLY A 162 32.94 31.20 8.64
CA GLY A 162 33.05 31.61 7.26
C GLY A 162 32.37 30.63 6.32
N VAL A 163 32.55 29.34 6.57
CA VAL A 163 31.99 28.31 5.71
C VAL A 163 30.49 28.20 5.94
N ASP A 164 30.06 28.41 7.18
CA ASP A 164 28.65 28.31 7.53
C ASP A 164 27.84 29.38 6.82
N ALA A 165 28.48 30.50 6.50
CA ALA A 165 27.83 31.57 5.75
C ALA A 165 27.41 31.07 4.37
N LEU A 166 28.25 30.25 3.76
CA LEU A 166 27.95 29.64 2.47
C LEU A 166 26.90 28.54 2.66
N ASN A 167 26.95 27.87 3.79
CA ASN A 167 26.00 26.81 4.11
C ASN A 167 24.56 27.35 4.14
N VAL A 168 24.34 28.39 4.92
CA VAL A 168 23.01 29.00 5.03
C VAL A 168 22.60 29.64 3.71
N LEU A 169 23.58 30.15 2.96
CA LEU A 169 23.32 30.72 1.64
C LEU A 169 22.79 29.65 0.68
N SER A 170 23.36 28.45 0.78
CA SER A 170 22.94 27.35 -0.08
C SER A 170 21.59 26.80 0.36
N LYS A 171 21.30 26.94 1.64
CA LYS A 171 20.04 26.47 2.21
C LYS A 171 18.87 27.31 1.69
N ASN A 172 18.97 28.61 1.92
CA ASN A 172 17.93 29.53 1.47
C ASN A 172 18.52 30.54 0.50
N HIS A 173 18.71 31.77 0.96
CA HIS A 173 19.30 32.84 0.18
C HIS A 173 19.33 34.11 1.02
N ILE A 174 20.25 35.00 0.69
CA ILE A 174 20.41 36.27 1.40
C ILE A 174 20.75 37.37 0.41
N ASP A 175 20.31 38.60 0.69
CA ASP A 175 20.58 39.72 -0.21
C ASP A 175 21.81 40.50 0.23
N ILE A 176 21.86 40.86 1.49
CA ILE A 176 22.97 41.66 2.03
C ILE A 176 23.79 40.81 3.00
N VAL A 177 25.08 40.71 2.74
CA VAL A 177 25.96 39.91 3.58
C VAL A 177 26.90 40.79 4.37
N LEU A 178 26.91 40.62 5.68
CA LEU A 178 27.86 41.29 6.55
C LEU A 178 28.83 40.28 7.12
N SER A 179 30.02 40.20 6.56
CA SER A 179 31.00 39.20 6.98
C SER A 179 32.11 39.84 7.79
N ASP A 180 32.03 39.68 9.11
CA ASP A 180 33.01 40.24 10.02
C ASP A 180 34.10 39.21 10.31
N VAL A 181 35.28 39.44 9.74
CA VAL A 181 36.35 38.46 9.80
C VAL A 181 37.55 38.97 10.59
N ASN A 182 37.78 38.36 11.74
CA ASN A 182 38.99 38.62 12.53
C ASN A 182 39.78 37.33 12.68
N MET A 183 39.07 36.25 12.99
CA MET A 183 39.68 34.93 13.20
C MET A 183 40.22 34.33 11.90
N PRO A 184 39.43 34.27 10.81
CA PRO A 184 39.90 33.71 9.53
C PRO A 184 41.12 34.45 8.99
N ASN A 185 42.28 33.83 9.12
CA ASN A 185 43.53 34.40 8.64
C ASN A 185 44.08 33.54 7.50
N MET A 186 44.23 32.25 7.77
CA MET A 186 44.73 31.32 6.77
C MET A 186 43.58 30.66 6.04
N ASP A 187 42.42 30.64 6.70
CA ASP A 187 41.23 30.03 6.12
C ASP A 187 40.46 31.03 5.27
N GLY A 188 41.02 32.23 5.14
CA GLY A 188 40.40 33.28 4.33
C GLY A 188 40.63 33.06 2.86
N TYR A 189 40.58 31.80 2.45
CA TYR A 189 40.77 31.42 1.06
C TYR A 189 39.73 30.37 0.68
N ARG A 190 39.49 29.43 1.59
CA ARG A 190 38.53 28.36 1.35
C ARG A 190 37.12 28.91 1.29
N LEU A 191 36.76 29.74 2.25
CA LEU A 191 35.42 30.31 2.29
C LEU A 191 35.19 31.23 1.10
N THR A 192 36.19 32.06 0.78
CA THR A 192 36.10 32.99 -0.33
C THR A 192 35.95 32.24 -1.65
N GLN A 193 36.75 31.20 -1.81
CA GLN A 193 36.70 30.37 -2.99
C GLN A 193 35.34 29.66 -3.09
N ARG A 194 34.85 29.18 -1.96
CA ARG A 194 33.61 28.40 -1.92
C ARG A 194 32.38 29.24 -2.29
N ILE A 195 32.32 30.47 -1.79
CA ILE A 195 31.17 31.33 -2.09
C ILE A 195 31.16 31.74 -3.56
N ARG A 196 32.33 32.09 -4.09
CA ARG A 196 32.44 32.44 -5.50
C ARG A 196 32.22 31.21 -6.37
N GLN A 197 32.47 30.03 -5.78
CA GLN A 197 32.25 28.76 -6.46
C GLN A 197 30.76 28.49 -6.60
N LEU A 198 30.02 28.78 -5.54
CA LEU A 198 28.58 28.59 -5.53
C LEU A 198 27.91 29.62 -6.42
N GLY A 199 28.50 30.81 -6.48
CA GLY A 199 27.98 31.87 -7.31
C GLY A 199 27.51 33.04 -6.49
N LEU A 200 28.42 33.95 -6.20
CA LEU A 200 28.10 35.15 -5.46
C LEU A 200 27.12 36.02 -6.25
N THR A 201 25.89 36.08 -5.78
CA THR A 201 24.87 36.93 -6.38
C THR A 201 24.36 37.92 -5.34
N LEU A 202 25.14 38.07 -4.28
CA LEU A 202 24.78 38.92 -3.17
C LEU A 202 26.01 39.69 -2.71
N PRO A 203 25.94 41.02 -2.67
CA PRO A 203 27.07 41.87 -2.28
C PRO A 203 27.56 41.56 -0.87
N VAL A 204 28.84 41.21 -0.76
CA VAL A 204 29.41 40.89 0.53
C VAL A 204 30.17 42.07 1.09
N ILE A 205 29.61 42.70 2.11
CA ILE A 205 30.27 43.78 2.79
C ILE A 205 31.22 43.20 3.83
N GLY A 206 32.46 43.00 3.43
CA GLY A 206 33.42 42.38 4.30
C GLY A 206 34.06 43.36 5.24
N VAL A 207 33.93 43.09 6.52
CA VAL A 207 34.52 43.94 7.53
C VAL A 207 35.66 43.20 8.21
N THR A 208 36.87 43.72 8.07
CA THR A 208 38.05 43.02 8.52
C THR A 208 38.65 43.67 9.77
N ALA A 209 39.26 42.84 10.59
CA ALA A 209 39.96 43.32 11.77
C ALA A 209 41.42 43.61 11.45
N ASN A 210 41.90 44.77 11.91
CA ASN A 210 43.28 45.19 11.70
C ASN A 210 43.63 45.17 10.22
N ALA A 211 42.72 45.67 9.40
CA ALA A 211 42.95 45.75 7.96
C ALA A 211 43.52 47.12 7.61
N LEU A 212 44.85 47.19 7.56
CA LEU A 212 45.57 48.43 7.25
C LEU A 212 45.03 49.08 5.99
N ALA A 213 44.93 48.29 4.93
CA ALA A 213 44.37 48.77 3.68
C ALA A 213 43.25 47.85 3.21
N GLU A 214 42.04 48.14 3.67
CA GLU A 214 40.88 47.30 3.38
C GLU A 214 40.66 47.17 1.86
N GLU A 215 40.97 48.24 1.15
CA GLU A 215 40.85 48.27 -0.30
C GLU A 215 41.72 47.18 -0.95
N LYS A 216 43.01 47.21 -0.66
CA LYS A 216 43.94 46.23 -1.20
C LYS A 216 43.63 44.83 -0.66
N GLN A 217 43.07 44.77 0.54
CA GLN A 217 42.65 43.50 1.12
C GLN A 217 41.57 42.87 0.25
N ARG A 218 40.60 43.70 -0.17
CA ARG A 218 39.55 43.24 -1.07
C ARG A 218 40.15 42.90 -2.43
N CYS A 219 41.14 43.68 -2.87
CA CYS A 219 41.81 43.42 -4.13
C CYS A 219 42.45 42.04 -4.13
N LEU A 220 42.98 41.63 -2.98
CA LEU A 220 43.65 40.35 -2.86
C LEU A 220 42.67 39.18 -2.98
N GLU A 221 41.59 39.22 -2.21
CA GLU A 221 40.65 38.10 -2.16
C GLU A 221 39.74 38.09 -3.40
N SER A 222 39.26 39.28 -3.79
CA SER A 222 38.36 39.43 -4.93
C SER A 222 37.13 38.51 -4.81
N GLY A 223 36.45 38.58 -3.68
CA GLY A 223 35.27 37.75 -3.48
C GLY A 223 34.13 38.48 -2.78
N MET A 224 34.46 39.39 -1.87
CA MET A 224 33.45 40.06 -1.05
C MET A 224 32.68 41.14 -1.82
N ASP A 225 33.16 42.39 -1.72
CA ASP A 225 32.62 43.55 -2.45
C ASP A 225 33.09 44.83 -1.78
N SER A 226 32.52 45.12 -0.62
CA SER A 226 32.87 46.32 0.13
C SER A 226 33.74 45.95 1.33
N CYS A 227 34.27 46.96 2.03
CA CYS A 227 35.14 46.69 3.17
C CYS A 227 34.88 47.68 4.31
N LEU A 228 34.84 47.15 5.53
CA LEU A 228 34.66 47.96 6.72
C LEU A 228 35.67 47.54 7.80
N SER A 229 35.63 48.24 8.93
CA SER A 229 36.51 47.93 10.05
C SER A 229 35.73 47.21 11.14
N LYS A 230 36.38 46.24 11.81
CA LYS A 230 35.73 45.40 12.83
C LYS A 230 34.93 46.20 13.88
N PRO A 231 35.46 47.34 14.41
CA PRO A 231 34.70 48.20 15.33
C PRO A 231 33.50 48.88 14.66
N VAL A 232 32.50 48.08 14.30
CA VAL A 232 31.27 48.60 13.72
C VAL A 232 30.27 48.97 14.80
N THR A 233 30.03 50.26 14.96
CA THR A 233 29.04 50.75 15.92
C THR A 233 27.64 50.65 15.32
N LEU A 234 26.61 50.81 16.15
CA LEU A 234 25.21 50.69 15.70
C LEU A 234 24.92 51.61 14.53
N ASP A 235 25.48 52.82 14.54
CA ASP A 235 25.22 53.79 13.49
C ASP A 235 25.85 53.34 12.18
N VAL A 236 26.87 52.50 12.27
CA VAL A 236 27.54 51.97 11.09
C VAL A 236 26.71 50.87 10.46
N ILE A 237 26.14 49.99 11.29
CA ILE A 237 25.27 48.93 10.78
C ILE A 237 24.01 49.54 10.18
N LYS A 238 23.51 50.60 10.81
CA LYS A 238 22.31 51.27 10.36
C LYS A 238 22.47 51.82 8.95
N GLN A 239 23.57 52.54 8.71
CA GLN A 239 23.78 53.18 7.41
C GLN A 239 24.10 52.17 6.32
N THR A 240 25.04 51.27 6.58
CA THR A 240 25.50 50.34 5.56
C THR A 240 24.41 49.35 5.16
N LEU A 241 23.68 48.82 6.14
CA LEU A 241 22.62 47.87 5.84
C LEU A 241 21.49 48.54 5.07
N THR A 242 21.03 49.67 5.58
CA THR A 242 19.93 50.40 4.95
C THR A 242 20.30 50.84 3.53
N LEU A 243 21.49 51.41 3.38
CA LEU A 243 21.94 51.90 2.08
C LEU A 243 22.06 50.77 1.07
N TYR A 244 22.70 49.68 1.46
CA TYR A 244 22.91 48.56 0.55
C TYR A 244 21.60 47.86 0.22
N ALA A 245 20.74 47.69 1.22
CA ALA A 245 19.45 47.03 1.03
C ALA A 245 18.54 47.85 0.13
N GLU A 246 18.55 49.16 0.33
CA GLU A 246 17.74 50.04 -0.50
C GLU A 246 18.31 50.10 -1.90
N ARG A 247 19.62 50.02 -2.01
CA ARG A 247 20.29 50.09 -3.30
C ARG A 247 19.96 48.89 -4.18
N VAL A 248 19.85 47.71 -3.58
CA VAL A 248 19.58 46.50 -4.35
C VAL A 248 18.11 46.42 -4.74
N ARG A 249 17.24 46.91 -3.87
CA ARG A 249 15.81 46.92 -4.18
C ARG A 249 15.50 48.00 -5.21
N LYS A 250 16.38 48.99 -5.32
CA LYS A 250 16.29 49.99 -6.38
C LYS A 250 16.56 49.33 -7.73
N SER A 251 17.68 48.62 -7.80
CA SER A 251 18.11 47.97 -9.02
C SER A 251 17.12 46.88 -9.45
N ARG A 252 16.67 46.07 -8.50
CA ARG A 252 15.69 45.03 -8.78
C ARG A 252 14.35 45.64 -9.14
N ASP A 253 13.78 46.39 -8.20
CA ASP A 253 12.52 47.13 -8.40
C ASP A 253 11.29 46.22 -8.45
N SER A 254 11.45 45.03 -9.00
CA SER A 254 10.36 44.08 -9.11
C SER A 254 10.88 42.66 -8.97
N MET A 1 -0.63 17.65 3.72
CA MET A 1 -1.80 18.42 4.21
C MET A 1 -3.09 17.82 3.68
N GLY A 2 -3.84 17.19 4.57
CA GLY A 2 -5.09 16.58 4.19
C GLY A 2 -5.38 15.33 5.00
N GLY A 3 -6.60 14.82 4.88
CA GLY A 3 -6.99 13.65 5.65
C GLY A 3 -6.50 12.36 5.02
N SER A 4 -5.19 12.21 4.91
CA SER A 4 -4.61 11.02 4.33
C SER A 4 -4.26 10.02 5.43
N GLY A 5 -4.48 8.73 5.14
CA GLY A 5 -4.19 7.70 6.11
C GLY A 5 -4.01 6.35 5.47
N VAL A 6 -5.13 5.72 5.08
CA VAL A 6 -5.12 4.40 4.47
C VAL A 6 -4.46 3.39 5.39
N GLU A 7 -5.17 3.04 6.46
CA GLU A 7 -4.63 2.17 7.49
C GLU A 7 -4.57 0.71 7.06
N GLY A 8 -3.67 0.40 6.15
CA GLY A 8 -3.39 -0.98 5.81
C GLY A 8 -2.38 -1.57 6.76
N LEU A 9 -1.26 -0.88 6.90
CA LEU A 9 -0.22 -1.21 7.88
C LEU A 9 0.41 -2.57 7.61
N SER A 10 1.05 -2.71 6.46
CA SER A 10 1.78 -3.92 6.12
C SER A 10 3.21 -3.59 5.70
N GLY A 11 4.15 -4.47 6.03
CA GLY A 11 5.50 -4.34 5.51
C GLY A 11 6.53 -3.92 6.55
N LYS A 12 6.12 -3.05 7.47
CA LYS A 12 7.05 -2.50 8.44
C LYS A 12 7.41 -3.51 9.53
N ARG A 13 8.57 -3.32 10.15
CA ARG A 13 9.03 -4.19 11.23
C ARG A 13 8.71 -3.55 12.58
N CYS A 14 8.46 -4.37 13.59
CA CYS A 14 8.20 -3.89 14.93
C CYS A 14 8.99 -4.69 15.95
N TRP A 15 9.67 -4.01 16.85
CA TRP A 15 10.50 -4.68 17.85
C TRP A 15 9.83 -4.65 19.21
N LEU A 16 9.65 -5.82 19.80
CA LEU A 16 9.01 -5.92 21.10
C LEU A 16 9.93 -6.56 22.12
N ALA A 17 9.92 -6.01 23.32
CA ALA A 17 10.67 -6.55 24.43
C ALA A 17 9.72 -6.82 25.60
N VAL A 18 8.86 -7.79 25.39
CA VAL A 18 7.84 -8.14 26.39
C VAL A 18 7.98 -9.60 26.78
N ARG A 19 8.17 -9.85 28.07
CA ARG A 19 8.24 -11.21 28.58
C ARG A 19 6.83 -11.69 28.91
N ASN A 20 5.95 -10.73 29.17
CA ASN A 20 4.56 -11.02 29.46
C ASN A 20 3.86 -11.57 28.22
N ALA A 21 3.62 -12.88 28.20
CA ALA A 21 3.11 -13.58 27.03
C ALA A 21 1.74 -13.05 26.61
N SER A 22 0.86 -12.81 27.57
CA SER A 22 -0.45 -12.30 27.29
C SER A 22 -0.37 -10.91 26.66
N LEU A 23 0.56 -10.10 27.18
CA LEU A 23 0.74 -8.74 26.72
C LEU A 23 1.39 -8.70 25.34
N CYS A 24 2.49 -9.43 25.18
CA CYS A 24 3.21 -9.44 23.92
C CYS A 24 2.36 -10.03 22.82
N GLN A 25 1.63 -11.10 23.13
CA GLN A 25 0.78 -11.76 22.15
C GLN A 25 -0.32 -10.83 21.66
N PHE A 26 -0.91 -10.06 22.57
CA PHE A 26 -1.96 -9.12 22.19
C PHE A 26 -1.45 -8.14 21.14
N LEU A 27 -0.29 -7.56 21.39
CA LEU A 27 0.29 -6.59 20.50
C LEU A 27 0.71 -7.22 19.17
N GLU A 28 1.42 -8.34 19.24
CA GLU A 28 1.97 -8.96 18.04
C GLU A 28 0.88 -9.40 17.07
N THR A 29 -0.17 -10.02 17.61
CA THR A 29 -1.27 -10.50 16.78
C THR A 29 -1.99 -9.33 16.11
N SER A 30 -2.16 -8.24 16.86
CA SER A 30 -2.83 -7.05 16.33
C SER A 30 -2.02 -6.41 15.19
N LEU A 31 -0.70 -6.51 15.26
CA LEU A 31 0.15 -5.91 14.25
C LEU A 31 0.27 -6.81 13.02
N GLN A 32 0.53 -8.10 13.26
CA GLN A 32 0.73 -9.05 12.18
C GLN A 32 -0.57 -9.31 11.42
N ARG A 33 -1.71 -9.10 12.08
CA ARG A 33 -3.01 -9.26 11.45
C ARG A 33 -3.18 -8.26 10.31
N SER A 34 -2.56 -7.09 10.47
CA SER A 34 -2.63 -6.06 9.46
C SER A 34 -1.53 -6.26 8.40
N GLY A 35 -0.31 -6.44 8.86
CA GLY A 35 0.79 -6.68 7.94
C GLY A 35 2.13 -6.26 8.50
N ILE A 36 2.11 -5.62 9.66
CA ILE A 36 3.33 -5.23 10.34
C ILE A 36 3.99 -6.45 10.97
N VAL A 37 5.15 -6.82 10.47
CA VAL A 37 5.83 -8.01 10.95
C VAL A 37 6.44 -7.77 12.33
N VAL A 38 5.92 -8.48 13.30
CA VAL A 38 6.37 -8.37 14.68
C VAL A 38 7.56 -9.28 14.93
N THR A 39 8.55 -8.76 15.63
CA THR A 39 9.73 -9.53 15.99
C THR A 39 10.25 -9.13 17.35
N THR A 40 10.62 -10.11 18.16
CA THR A 40 11.25 -9.85 19.42
C THR A 40 12.55 -9.10 19.20
N TYR A 41 12.70 -7.94 19.86
CA TYR A 41 13.90 -7.14 19.71
C TYR A 41 15.14 -7.96 20.05
N GLU A 42 15.07 -8.68 21.18
CA GLU A 42 16.15 -9.55 21.62
C GLU A 42 17.46 -8.79 21.68
N GLY A 43 18.37 -9.08 20.75
CA GLY A 43 19.62 -8.36 20.69
C GLY A 43 19.88 -7.86 19.28
N GLN A 44 18.83 -7.42 18.61
CA GLN A 44 18.93 -6.95 17.24
C GLN A 44 19.36 -5.49 17.17
N GLU A 45 19.32 -4.93 15.97
CA GLU A 45 19.72 -3.54 15.76
C GLU A 45 18.53 -2.61 15.89
N PRO A 46 18.66 -1.58 16.74
CA PRO A 46 17.63 -0.55 16.89
C PRO A 46 17.57 0.37 15.67
N THR A 47 16.41 0.47 15.06
CA THR A 47 16.24 1.32 13.88
C THR A 47 15.51 2.61 14.26
N PRO A 48 16.00 3.76 13.77
CA PRO A 48 15.40 5.08 14.03
C PRO A 48 14.07 5.26 13.29
N GLU A 49 13.63 4.21 12.61
CA GLU A 49 12.37 4.21 11.87
C GLU A 49 11.35 3.32 12.55
N ASP A 50 11.83 2.51 13.48
CA ASP A 50 11.01 1.48 14.11
C ASP A 50 10.79 1.77 15.57
N VAL A 51 9.84 1.08 16.17
CA VAL A 51 9.46 1.34 17.55
C VAL A 51 9.73 0.13 18.45
N LEU A 52 10.04 0.41 19.71
CA LEU A 52 10.23 -0.63 20.72
C LEU A 52 9.03 -0.68 21.64
N ILE A 53 8.28 -1.76 21.59
CA ILE A 53 7.17 -1.96 22.50
C ILE A 53 7.61 -2.84 23.67
N THR A 54 7.65 -2.27 24.86
CA THR A 54 8.26 -2.93 26.00
C THR A 54 7.23 -3.25 27.08
N ASP A 55 7.59 -4.12 28.02
CA ASP A 55 6.79 -4.32 29.22
C ASP A 55 7.67 -4.11 30.46
N GLU A 56 7.25 -3.19 31.32
CA GLU A 56 8.04 -2.75 32.48
C GLU A 56 9.36 -2.11 32.06
N VAL A 57 10.11 -1.62 33.04
CA VAL A 57 11.36 -0.91 32.79
C VAL A 57 12.44 -1.86 32.28
N VAL A 58 13.11 -1.45 31.20
CA VAL A 58 14.19 -2.23 30.61
C VAL A 58 15.49 -1.43 30.62
N SER A 59 16.61 -2.10 30.41
CA SER A 59 17.92 -1.44 30.40
C SER A 59 18.27 -0.94 29.00
N LYS A 60 17.35 -0.22 28.37
CA LYS A 60 17.56 0.31 27.04
C LYS A 60 16.73 1.58 26.84
N LYS A 61 17.37 2.62 26.32
CA LYS A 61 16.69 3.88 26.08
C LYS A 61 16.09 3.92 24.67
N TRP A 62 16.59 3.03 23.81
CA TRP A 62 16.08 2.87 22.44
C TRP A 62 16.37 4.10 21.58
N GLN A 63 17.45 4.03 20.81
CA GLN A 63 17.75 5.07 19.85
C GLN A 63 17.04 4.79 18.53
N GLY A 64 15.73 4.70 18.60
CA GLY A 64 14.94 4.42 17.43
C GLY A 64 13.96 5.53 17.12
N ARG A 65 12.81 5.17 16.57
CA ARG A 65 11.78 6.16 16.27
C ARG A 65 11.05 6.55 17.55
N ALA A 66 10.45 5.56 18.19
CA ALA A 66 9.70 5.77 19.42
C ALA A 66 9.70 4.50 20.25
N VAL A 67 9.52 4.66 21.54
CA VAL A 67 9.44 3.52 22.44
C VAL A 67 8.19 3.63 23.30
N VAL A 68 7.41 2.56 23.31
CA VAL A 68 6.17 2.53 24.07
C VAL A 68 6.25 1.44 25.12
N THR A 69 6.46 1.86 26.36
CA THR A 69 6.69 0.92 27.44
C THR A 69 5.42 0.73 28.29
N PHE A 70 5.00 -0.52 28.42
CA PHE A 70 3.91 -0.88 29.30
C PHE A 70 4.41 -0.96 30.73
N CYS A 71 4.58 0.19 31.36
CA CYS A 71 5.21 0.26 32.65
C CYS A 71 4.20 0.54 33.75
N ARG A 72 4.29 -0.22 34.83
CA ARG A 72 3.46 0.02 36.00
C ARG A 72 4.35 0.50 37.14
N ARG A 73 5.62 0.15 37.07
CA ARG A 73 6.59 0.63 38.04
C ARG A 73 7.45 1.73 37.43
N HIS A 74 8.33 1.34 36.50
CA HIS A 74 9.23 2.26 35.80
C HIS A 74 10.27 2.89 36.74
N ILE A 75 11.53 2.79 36.32
CA ILE A 75 12.63 3.40 37.05
C ILE A 75 13.46 4.25 36.10
N GLY A 76 14.33 3.59 35.34
CA GLY A 76 15.13 4.28 34.36
C GLY A 76 14.37 4.51 33.06
N ILE A 77 13.34 3.70 32.85
CA ILE A 77 12.48 3.86 31.68
C ILE A 77 11.71 5.17 31.79
N PRO A 78 11.52 5.87 30.67
CA PRO A 78 10.92 7.18 30.64
C PRO A 78 9.40 7.15 30.46
N LEU A 79 8.90 8.13 29.71
CA LEU A 79 7.47 8.29 29.45
C LEU A 79 7.32 9.45 28.50
N GLU A 80 6.08 9.88 28.25
CA GLU A 80 5.80 11.04 27.42
C GLU A 80 6.32 12.36 28.03
N LYS A 81 7.59 12.38 28.39
CA LYS A 81 8.25 13.61 28.77
C LYS A 81 8.85 14.23 27.52
N ALA A 82 9.03 13.37 26.52
CA ALA A 82 9.47 13.78 25.20
C ALA A 82 8.58 13.10 24.16
N PRO A 83 8.49 13.65 22.94
CA PRO A 83 7.57 13.16 21.91
C PRO A 83 7.91 11.77 21.37
N GLY A 84 9.04 11.21 21.80
CA GLY A 84 9.48 9.92 21.29
C GLY A 84 9.42 8.83 22.33
N GLU A 85 9.08 9.21 23.55
CA GLU A 85 9.00 8.28 24.65
C GLU A 85 7.58 8.23 25.19
N TRP A 86 7.02 7.04 25.24
CA TRP A 86 5.65 6.85 25.70
C TRP A 86 5.59 5.76 26.75
N VAL A 87 4.68 5.89 27.70
CA VAL A 87 4.54 4.90 28.76
C VAL A 87 3.07 4.70 29.11
N HIS A 88 2.70 3.48 29.46
CA HIS A 88 1.33 3.19 29.85
C HIS A 88 1.27 1.94 30.71
N SER A 89 0.50 2.00 31.78
CA SER A 89 0.27 0.86 32.63
C SER A 89 -1.04 0.18 32.28
N VAL A 90 -0.96 -0.91 31.53
CA VAL A 90 -2.13 -1.68 31.10
C VAL A 90 -1.70 -3.05 30.63
N ALA A 91 -2.63 -3.81 30.08
CA ALA A 91 -2.34 -5.14 29.55
C ALA A 91 -2.62 -5.18 28.05
N ALA A 92 -2.27 -4.09 27.36
CA ALA A 92 -2.48 -3.97 25.92
C ALA A 92 -3.95 -4.13 25.54
N PRO A 93 -4.84 -3.24 26.04
CA PRO A 93 -6.28 -3.34 25.80
C PRO A 93 -6.62 -3.10 24.33
N HIS A 94 -6.38 -1.89 23.86
CA HIS A 94 -6.64 -1.55 22.45
C HIS A 94 -6.10 -0.17 22.08
N GLU A 95 -5.81 0.66 23.08
CA GLU A 95 -5.43 2.04 22.82
C GLU A 95 -3.99 2.14 22.31
N LEU A 96 -3.12 1.27 22.82
CA LEU A 96 -1.71 1.30 22.42
C LEU A 96 -1.52 0.74 21.00
N PRO A 97 -2.07 -0.46 20.67
CA PRO A 97 -2.01 -0.99 19.30
C PRO A 97 -2.63 -0.02 18.28
N ALA A 98 -3.66 0.70 18.70
CA ALA A 98 -4.29 1.70 17.84
C ALA A 98 -3.37 2.90 17.63
N LEU A 99 -2.77 3.36 18.71
CA LEU A 99 -1.84 4.48 18.66
C LEU A 99 -0.63 4.13 17.78
N LEU A 100 -0.15 2.90 17.90
CA LEU A 100 0.99 2.45 17.14
C LEU A 100 0.68 2.41 15.65
N ALA A 101 -0.56 2.07 15.32
CA ALA A 101 -1.02 2.08 13.94
C ALA A 101 -0.90 3.47 13.34
N ARG A 102 -1.29 4.46 14.15
CA ARG A 102 -1.22 5.85 13.75
C ARG A 102 0.24 6.33 13.70
N ILE A 103 1.07 5.77 14.57
CA ILE A 103 2.48 6.12 14.62
C ILE A 103 3.20 5.68 13.35
N TYR A 104 2.94 4.44 12.92
CA TYR A 104 3.61 3.89 11.75
C TYR A 104 3.06 4.49 10.46
N LEU A 105 1.73 4.60 10.40
CA LEU A 105 1.05 5.16 9.23
C LEU A 105 1.53 4.52 7.93
N ILE A 106 1.31 3.22 7.81
CA ILE A 106 1.67 2.50 6.61
C ILE A 106 0.46 2.37 5.70
N GLU A 107 0.48 3.12 4.61
CA GLU A 107 -0.62 3.14 3.66
C GLU A 107 -0.46 2.00 2.67
N MET A 108 0.70 1.39 2.70
CA MET A 108 0.99 0.22 1.89
C MET A 108 0.24 -0.98 2.45
N GLU A 109 -0.68 -1.52 1.66
CA GLU A 109 -1.51 -2.64 2.09
C GLU A 109 -0.99 -3.94 1.52
N SER A 110 -1.43 -5.05 2.09
CA SER A 110 -0.98 -6.37 1.68
C SER A 110 -1.93 -6.99 0.67
N ASP A 111 -1.59 -8.20 0.25
CA ASP A 111 -2.48 -9.03 -0.55
C ASP A 111 -2.99 -10.15 0.35
N ASP A 112 -4.24 -10.55 0.17
CA ASP A 112 -4.84 -11.54 1.07
C ASP A 112 -4.95 -12.89 0.39
N PRO A 113 -4.14 -13.86 0.84
CA PRO A 113 -4.18 -15.24 0.33
C PRO A 113 -5.34 -16.03 0.91
N ALA A 114 -6.22 -16.52 0.04
CA ALA A 114 -7.38 -17.29 0.46
C ALA A 114 -7.15 -18.77 0.18
N ASN A 115 -7.75 -19.64 1.01
CA ASN A 115 -7.59 -21.08 0.85
C ASN A 115 -8.67 -21.83 1.60
N ALA A 116 -9.27 -22.81 0.93
CA ALA A 116 -10.30 -23.65 1.53
C ALA A 116 -10.15 -25.09 1.05
N LEU A 117 -10.57 -26.05 1.86
CA LEU A 117 -10.40 -27.46 1.52
C LEU A 117 -11.61 -28.29 1.98
N PRO A 118 -12.56 -28.55 1.07
CA PRO A 118 -13.69 -29.43 1.36
C PRO A 118 -13.39 -30.89 1.02
N SER A 119 -13.36 -31.74 2.04
CA SER A 119 -13.01 -33.14 1.85
C SER A 119 -14.00 -34.06 2.58
N THR A 120 -14.40 -35.14 1.91
CA THR A 120 -15.35 -36.08 2.48
C THR A 120 -14.89 -37.52 2.27
N ASP A 121 -15.46 -38.44 3.04
CA ASP A 121 -15.12 -39.86 2.92
C ASP A 121 -16.37 -40.71 2.84
N LYS A 122 -16.24 -41.90 2.27
CA LYS A 122 -17.35 -42.82 2.12
C LYS A 122 -16.93 -44.24 2.50
N ALA A 123 -17.86 -44.99 3.07
CA ALA A 123 -17.58 -46.36 3.50
C ALA A 123 -18.64 -47.32 2.96
N VAL A 124 -18.21 -48.54 2.65
CA VAL A 124 -19.11 -49.55 2.10
C VAL A 124 -18.56 -50.95 2.42
N SER A 125 -19.43 -51.85 2.82
CA SER A 125 -19.04 -53.23 3.10
C SER A 125 -20.13 -54.20 2.63
N ASP A 126 -19.73 -55.44 2.34
CA ASP A 126 -20.67 -56.46 1.89
C ASP A 126 -20.21 -57.83 2.33
N ASN A 127 -20.94 -58.87 1.93
CA ASN A 127 -20.62 -60.24 2.31
C ASN A 127 -21.15 -61.22 1.27
N ASP A 128 -22.40 -61.67 1.46
CA ASP A 128 -23.01 -62.69 0.59
C ASP A 128 -22.13 -63.94 0.54
N ASP A 129 -22.19 -64.73 1.59
CA ASP A 129 -21.39 -65.94 1.67
C ASP A 129 -22.11 -67.03 2.45
N MET A 130 -23.01 -67.73 1.77
CA MET A 130 -23.71 -68.87 2.35
C MET A 130 -23.17 -70.16 1.74
N MET A 131 -22.93 -71.16 2.57
CA MET A 131 -22.29 -72.38 2.11
C MET A 131 -23.21 -73.59 2.25
N ILE A 132 -23.42 -74.27 1.13
CA ILE A 132 -24.26 -75.46 1.07
C ILE A 132 -23.42 -76.67 0.66
N LEU A 133 -23.66 -77.80 1.30
CA LEU A 133 -22.92 -79.02 0.99
C LEU A 133 -23.81 -79.99 0.21
N VAL A 134 -23.36 -80.36 -0.98
CA VAL A 134 -24.06 -81.35 -1.80
C VAL A 134 -23.34 -82.69 -1.73
N VAL A 135 -23.87 -83.59 -0.93
CA VAL A 135 -23.28 -84.91 -0.76
C VAL A 135 -24.15 -85.96 -1.41
N ASP A 136 -23.67 -86.57 -2.48
CA ASP A 136 -24.41 -87.61 -3.16
C ASP A 136 -23.59 -88.89 -3.17
N ASP A 137 -24.26 -90.01 -3.03
CA ASP A 137 -23.60 -91.31 -2.99
C ASP A 137 -23.25 -91.77 -4.41
N HIS A 138 -23.93 -91.21 -5.40
CA HIS A 138 -23.65 -91.53 -6.80
C HIS A 138 -23.10 -90.30 -7.52
N PRO A 139 -21.80 -90.33 -7.87
CA PRO A 139 -21.09 -89.17 -8.45
C PRO A 139 -21.79 -88.53 -9.66
N ILE A 140 -22.40 -89.33 -10.52
CA ILE A 140 -23.07 -88.79 -11.70
C ILE A 140 -24.26 -87.91 -11.29
N ASN A 141 -24.97 -88.35 -10.26
CA ASN A 141 -26.10 -87.58 -9.75
C ASN A 141 -25.60 -86.38 -8.99
N ARG A 142 -24.51 -86.57 -8.27
CA ARG A 142 -23.85 -85.49 -7.55
C ARG A 142 -23.51 -84.35 -8.49
N ARG A 143 -22.97 -84.70 -9.64
CA ARG A 143 -22.63 -83.70 -10.66
C ARG A 143 -23.86 -82.92 -11.09
N LEU A 144 -24.98 -83.62 -11.25
CA LEU A 144 -26.22 -82.98 -11.66
C LEU A 144 -26.67 -81.90 -10.68
N LEU A 145 -26.74 -82.23 -9.39
CA LEU A 145 -27.20 -81.26 -8.39
C LEU A 145 -26.15 -80.19 -8.13
N ALA A 146 -24.88 -80.55 -8.26
CA ALA A 146 -23.79 -79.60 -8.03
C ALA A 146 -23.82 -78.50 -9.08
N ASP A 147 -24.14 -78.89 -10.30
CA ASP A 147 -24.23 -77.93 -11.41
C ASP A 147 -25.42 -76.99 -11.19
N GLN A 148 -26.53 -77.56 -10.73
CA GLN A 148 -27.73 -76.79 -10.44
C GLN A 148 -27.46 -75.77 -9.34
N LEU A 149 -26.89 -76.24 -8.23
CA LEU A 149 -26.55 -75.36 -7.10
C LEU A 149 -25.57 -74.29 -7.54
N GLY A 150 -24.67 -74.64 -8.44
CA GLY A 150 -23.72 -73.67 -8.97
C GLY A 150 -24.41 -72.55 -9.72
N SER A 151 -25.49 -72.89 -10.40
CA SER A 151 -26.26 -71.92 -11.15
C SER A 151 -27.13 -71.08 -10.21
N LEU A 152 -27.49 -71.66 -9.07
CA LEU A 152 -28.26 -70.97 -8.05
C LEU A 152 -27.50 -69.77 -7.49
N GLY A 153 -26.18 -69.91 -7.43
CA GLY A 153 -25.34 -68.79 -6.99
C GLY A 153 -24.97 -68.88 -5.52
N TYR A 154 -24.94 -70.09 -4.99
CA TYR A 154 -24.52 -70.31 -3.60
C TYR A 154 -23.20 -71.05 -3.57
N GLN A 155 -22.45 -70.90 -2.49
CA GLN A 155 -21.17 -71.58 -2.35
C GLN A 155 -21.41 -73.07 -2.19
N CYS A 156 -20.90 -73.84 -3.12
CA CYS A 156 -21.17 -75.27 -3.15
C CYS A 156 -19.94 -76.07 -2.74
N LYS A 157 -20.13 -76.94 -1.76
CA LYS A 157 -19.09 -77.89 -1.38
C LYS A 157 -19.57 -79.28 -1.76
N THR A 158 -18.68 -80.11 -2.27
CA THR A 158 -19.10 -81.42 -2.78
C THR A 158 -18.44 -82.55 -2.00
N ALA A 159 -19.19 -83.63 -1.82
CA ALA A 159 -18.67 -84.81 -1.12
C ALA A 159 -19.32 -86.09 -1.66
N ASN A 160 -18.57 -87.18 -1.60
CA ASN A 160 -19.08 -88.49 -1.98
C ASN A 160 -18.69 -89.52 -0.91
N ASP A 161 -19.39 -89.45 0.22
CA ASP A 161 -19.15 -90.32 1.39
C ASP A 161 -19.87 -89.73 2.60
N GLY A 162 -19.92 -90.49 3.68
CA GLY A 162 -20.57 -90.03 4.88
C GLY A 162 -19.59 -89.34 5.83
N VAL A 163 -18.46 -89.98 6.06
CA VAL A 163 -17.45 -89.44 6.97
C VAL A 163 -16.76 -88.23 6.34
N ASP A 164 -16.66 -88.24 5.02
CA ASP A 164 -16.01 -87.15 4.29
C ASP A 164 -16.79 -85.85 4.46
N ALA A 165 -18.10 -85.96 4.52
CA ALA A 165 -18.96 -84.80 4.71
C ALA A 165 -18.78 -84.22 6.10
N LEU A 166 -18.51 -85.09 7.07
CA LEU A 166 -18.29 -84.65 8.44
C LEU A 166 -16.92 -84.00 8.58
N ASN A 167 -15.96 -84.46 7.79
CA ASN A 167 -14.61 -83.90 7.81
C ASN A 167 -14.61 -82.44 7.39
N VAL A 168 -15.31 -82.13 6.29
CA VAL A 168 -15.41 -80.75 5.84
C VAL A 168 -16.25 -79.92 6.81
N LEU A 169 -17.22 -80.57 7.45
CA LEU A 169 -18.09 -79.90 8.42
C LEU A 169 -17.28 -79.34 9.59
N SER A 170 -16.23 -80.05 9.98
CA SER A 170 -15.38 -79.60 11.08
C SER A 170 -14.39 -78.54 10.60
N LYS A 171 -13.95 -78.68 9.35
CA LYS A 171 -13.01 -77.75 8.75
C LYS A 171 -13.66 -76.37 8.59
N ASN A 172 -14.88 -76.36 8.08
CA ASN A 172 -15.64 -75.14 7.93
C ASN A 172 -17.11 -75.44 8.18
N HIS A 173 -17.74 -74.65 9.04
CA HIS A 173 -19.14 -74.88 9.40
C HIS A 173 -20.07 -74.55 8.23
N ILE A 174 -20.30 -75.54 7.39
CA ILE A 174 -21.27 -75.40 6.31
C ILE A 174 -22.67 -75.25 6.90
N ASP A 175 -23.46 -74.36 6.30
CA ASP A 175 -24.76 -74.00 6.85
C ASP A 175 -25.78 -75.12 6.64
N ILE A 176 -26.02 -75.46 5.38
CA ILE A 176 -27.00 -76.51 5.07
C ILE A 176 -26.31 -77.67 4.37
N VAL A 177 -26.54 -78.88 4.88
CA VAL A 177 -25.95 -80.07 4.28
C VAL A 177 -27.03 -80.97 3.71
N LEU A 178 -26.91 -81.33 2.45
CA LEU A 178 -27.88 -82.21 1.80
C LEU A 178 -27.24 -83.56 1.55
N SER A 179 -27.85 -84.60 2.10
CA SER A 179 -27.37 -85.96 1.89
C SER A 179 -28.30 -86.70 0.95
N ASP A 180 -27.94 -86.73 -0.32
CA ASP A 180 -28.73 -87.42 -1.33
C ASP A 180 -28.13 -88.80 -1.59
N VAL A 181 -28.84 -89.82 -1.17
CA VAL A 181 -28.34 -91.18 -1.24
C VAL A 181 -29.25 -92.07 -2.06
N ASN A 182 -28.64 -92.83 -2.97
CA ASN A 182 -29.36 -93.86 -3.70
C ASN A 182 -29.08 -95.21 -3.06
N MET A 183 -28.48 -95.15 -1.87
CA MET A 183 -28.14 -96.33 -1.10
C MET A 183 -29.40 -97.01 -0.60
N PRO A 184 -29.46 -98.35 -0.67
CA PRO A 184 -30.60 -99.14 -0.20
C PRO A 184 -30.68 -99.19 1.34
N ASN A 185 -31.03 -100.35 1.86
CA ASN A 185 -31.29 -100.53 3.28
C ASN A 185 -29.99 -100.80 4.06
N MET A 186 -30.04 -100.54 5.36
CA MET A 186 -28.98 -100.91 6.32
C MET A 186 -27.86 -99.89 6.37
N ASP A 187 -27.27 -99.60 5.23
CA ASP A 187 -26.11 -98.70 5.19
C ASP A 187 -26.56 -97.25 5.09
N GLY A 188 -25.90 -96.39 5.85
CA GLY A 188 -26.27 -94.99 5.90
C GLY A 188 -26.61 -94.56 7.31
N TYR A 189 -26.67 -95.54 8.21
CA TYR A 189 -27.02 -95.28 9.60
C TYR A 189 -25.77 -94.86 10.37
N ARG A 190 -24.64 -95.40 9.94
CA ARG A 190 -23.35 -95.07 10.54
C ARG A 190 -23.13 -93.56 10.48
N LEU A 191 -23.65 -92.94 9.43
CA LEU A 191 -23.52 -91.50 9.24
C LEU A 191 -24.30 -90.74 10.31
N THR A 192 -25.57 -91.09 10.48
CA THR A 192 -26.43 -90.42 11.45
C THR A 192 -25.91 -90.61 12.87
N GLN A 193 -25.54 -91.85 13.20
CA GLN A 193 -25.00 -92.17 14.51
C GLN A 193 -23.76 -91.32 14.81
N ARG A 194 -22.90 -91.16 13.82
CA ARG A 194 -21.68 -90.39 14.00
C ARG A 194 -21.97 -88.90 14.08
N ILE A 195 -22.91 -88.43 13.27
CA ILE A 195 -23.22 -87.00 13.20
C ILE A 195 -23.91 -86.53 14.49
N ARG A 196 -24.76 -87.38 15.06
CA ARG A 196 -25.43 -87.04 16.31
C ARG A 196 -24.47 -87.14 17.48
N GLN A 197 -23.47 -88.01 17.35
CA GLN A 197 -22.47 -88.18 18.40
C GLN A 197 -21.45 -87.05 18.36
N LEU A 198 -21.25 -86.49 17.17
CA LEU A 198 -20.30 -85.39 16.99
C LEU A 198 -20.92 -84.06 17.40
N GLY A 199 -22.23 -84.06 17.62
CA GLY A 199 -22.92 -82.86 18.05
C GLY A 199 -23.33 -81.99 16.89
N LEU A 200 -24.12 -82.56 15.98
CA LEU A 200 -24.62 -81.84 14.83
C LEU A 200 -25.42 -80.61 15.28
N THR A 201 -25.18 -79.48 14.64
CA THR A 201 -25.87 -78.25 14.97
C THR A 201 -26.19 -77.46 13.70
N LEU A 202 -26.79 -78.15 12.74
CA LEU A 202 -27.11 -77.56 11.46
C LEU A 202 -28.22 -78.36 10.78
N PRO A 203 -29.02 -77.71 9.95
CA PRO A 203 -30.10 -78.37 9.21
C PRO A 203 -29.54 -79.24 8.08
N VAL A 204 -29.69 -80.55 8.21
CA VAL A 204 -29.26 -81.44 7.17
C VAL A 204 -30.46 -82.17 6.57
N ILE A 205 -30.54 -82.15 5.24
CA ILE A 205 -31.67 -82.73 4.52
C ILE A 205 -31.35 -84.14 4.07
N GLY A 206 -32.10 -85.10 4.59
CA GLY A 206 -31.92 -86.47 4.18
C GLY A 206 -32.82 -86.85 3.03
N VAL A 207 -32.24 -86.97 1.85
CA VAL A 207 -32.97 -87.39 0.68
C VAL A 207 -32.47 -88.75 0.22
N THR A 208 -33.36 -89.71 0.06
CA THR A 208 -32.98 -91.07 -0.26
C THR A 208 -34.00 -91.70 -1.20
N ALA A 209 -33.63 -92.82 -1.82
CA ALA A 209 -34.55 -93.47 -2.76
C ALA A 209 -34.89 -94.88 -2.31
N ASN A 210 -36.10 -95.03 -1.77
CA ASN A 210 -36.69 -96.32 -1.45
C ASN A 210 -35.78 -97.19 -0.58
N ALA A 211 -35.36 -96.67 0.56
CA ALA A 211 -34.58 -97.44 1.51
C ALA A 211 -35.49 -98.05 2.57
N LEU A 212 -36.60 -98.64 2.11
CA LEU A 212 -37.60 -99.24 2.99
C LEU A 212 -38.27 -98.19 3.87
N ALA A 213 -37.97 -98.21 5.17
CA ALA A 213 -38.59 -97.28 6.11
C ALA A 213 -37.68 -96.09 6.38
N GLU A 214 -36.93 -95.71 5.34
CA GLU A 214 -35.93 -94.64 5.44
C GLU A 214 -36.52 -93.35 6.03
N GLU A 215 -37.68 -92.94 5.52
CA GLU A 215 -38.30 -91.70 5.96
C GLU A 215 -38.69 -91.76 7.42
N LYS A 216 -39.15 -92.93 7.87
CA LYS A 216 -39.53 -93.12 9.25
C LYS A 216 -38.28 -93.13 10.15
N GLN A 217 -37.25 -93.81 9.68
CA GLN A 217 -35.99 -93.90 10.42
C GLN A 217 -35.38 -92.52 10.61
N ARG A 218 -35.45 -91.69 9.56
CA ARG A 218 -34.93 -90.33 9.61
C ARG A 218 -35.64 -89.53 10.69
N CYS A 219 -36.96 -89.65 10.75
CA CYS A 219 -37.75 -88.96 11.75
C CYS A 219 -37.42 -89.48 13.15
N LEU A 220 -37.33 -90.80 13.28
CA LEU A 220 -37.03 -91.44 14.56
C LEU A 220 -35.67 -90.99 15.10
N GLU A 221 -34.68 -90.92 14.23
CA GLU A 221 -33.34 -90.49 14.61
C GLU A 221 -33.34 -89.02 14.99
N SER A 222 -34.05 -88.21 14.18
CA SER A 222 -34.06 -86.76 14.35
C SER A 222 -32.65 -86.18 14.43
N GLY A 223 -31.73 -86.81 13.71
CA GLY A 223 -30.36 -86.34 13.67
C GLY A 223 -30.03 -85.66 12.37
N MET A 224 -31.06 -85.13 11.72
CA MET A 224 -30.90 -84.48 10.42
C MET A 224 -31.61 -83.13 10.41
N ASP A 225 -32.85 -83.16 9.91
CA ASP A 225 -33.75 -82.00 9.89
C ASP A 225 -34.91 -82.28 8.96
N SER A 226 -34.60 -82.43 7.68
CA SER A 226 -35.63 -82.66 6.68
C SER A 226 -35.47 -84.05 6.05
N CYS A 227 -36.51 -84.49 5.34
CA CYS A 227 -36.49 -85.78 4.69
C CYS A 227 -37.29 -85.74 3.40
N LEU A 228 -36.73 -86.32 2.34
CA LEU A 228 -37.41 -86.38 1.05
C LEU A 228 -36.88 -87.55 0.23
N SER A 229 -37.34 -87.67 -1.00
CA SER A 229 -36.93 -88.75 -1.87
C SER A 229 -35.98 -88.24 -2.97
N LYS A 230 -35.14 -89.16 -3.47
CA LYS A 230 -34.17 -88.84 -4.53
C LYS A 230 -34.83 -88.16 -5.76
N PRO A 231 -36.00 -88.65 -6.23
CA PRO A 231 -36.76 -87.95 -7.29
C PRO A 231 -37.30 -86.60 -6.80
N VAL A 232 -36.41 -85.62 -6.71
CA VAL A 232 -36.78 -84.29 -6.26
C VAL A 232 -36.78 -83.32 -7.44
N THR A 233 -37.58 -82.28 -7.36
CA THR A 233 -37.66 -81.28 -8.41
C THR A 233 -36.75 -80.10 -8.11
N LEU A 234 -36.24 -79.47 -9.17
CA LEU A 234 -35.33 -78.33 -9.05
C LEU A 234 -35.93 -77.20 -8.20
N ASP A 235 -37.23 -76.99 -8.36
CA ASP A 235 -37.93 -75.93 -7.64
C ASP A 235 -38.01 -76.26 -6.15
N VAL A 236 -37.99 -77.55 -5.83
CA VAL A 236 -38.06 -78.00 -4.46
C VAL A 236 -36.72 -77.81 -3.76
N ILE A 237 -35.63 -78.30 -4.37
CA ILE A 237 -34.30 -78.14 -3.80
C ILE A 237 -33.98 -76.65 -3.62
N LYS A 238 -34.44 -75.85 -4.57
CA LYS A 238 -34.22 -74.41 -4.54
C LYS A 238 -34.95 -73.77 -3.37
N GLN A 239 -36.22 -74.12 -3.19
CA GLN A 239 -37.04 -73.52 -2.14
C GLN A 239 -36.49 -73.86 -0.74
N THR A 240 -36.07 -75.10 -0.55
CA THR A 240 -35.54 -75.52 0.74
C THR A 240 -34.19 -74.88 1.01
N LEU A 241 -33.38 -74.77 -0.03
CA LEU A 241 -32.06 -74.16 0.07
C LEU A 241 -32.17 -72.69 0.45
N THR A 242 -32.94 -71.95 -0.35
CA THR A 242 -33.12 -70.52 -0.14
C THR A 242 -33.77 -70.24 1.24
N LEU A 243 -34.76 -71.04 1.60
CA LEU A 243 -35.48 -70.85 2.86
C LEU A 243 -34.58 -71.14 4.06
N TYR A 244 -33.76 -72.18 3.96
CA TYR A 244 -32.89 -72.56 5.07
C TYR A 244 -31.69 -71.63 5.17
N ALA A 245 -31.29 -71.06 4.04
CA ALA A 245 -30.22 -70.07 4.02
C ALA A 245 -30.65 -68.83 4.80
N GLU A 246 -31.87 -68.40 4.59
CA GLU A 246 -32.39 -67.25 5.31
C GLU A 246 -32.71 -67.63 6.75
N ARG A 247 -32.90 -68.92 7.01
CA ARG A 247 -33.15 -69.42 8.35
C ARG A 247 -31.90 -69.25 9.21
N VAL A 248 -30.74 -69.66 8.69
CA VAL A 248 -29.49 -69.51 9.42
C VAL A 248 -29.06 -68.06 9.44
N ARG A 249 -29.36 -67.35 8.35
CA ARG A 249 -29.07 -65.93 8.24
C ARG A 249 -29.77 -65.15 9.37
N LYS A 250 -31.05 -65.43 9.56
CA LYS A 250 -31.81 -64.76 10.60
C LYS A 250 -31.47 -65.29 11.98
N SER A 251 -30.87 -66.48 12.03
CA SER A 251 -30.41 -67.04 13.30
C SER A 251 -29.17 -66.28 13.78
N ARG A 252 -28.50 -65.62 12.85
CA ARG A 252 -27.37 -64.77 13.17
C ARG A 252 -27.83 -63.32 13.31
N ASP A 253 -28.88 -62.97 12.56
CA ASP A 253 -29.38 -61.60 12.53
C ASP A 253 -30.24 -61.27 13.74
N SER A 254 -31.15 -62.17 14.09
CA SER A 254 -32.06 -61.91 15.20
C SER A 254 -31.57 -62.59 16.47
N MET A 1 1.32 -10.36 -17.27
CA MET A 1 1.02 -10.36 -15.81
C MET A 1 2.32 -10.34 -15.02
N GLY A 2 2.22 -10.21 -13.72
CA GLY A 2 3.41 -10.19 -12.89
C GLY A 2 3.66 -8.84 -12.29
N GLY A 3 2.59 -8.14 -11.98
CA GLY A 3 2.68 -6.83 -11.37
C GLY A 3 1.66 -6.65 -10.27
N SER A 4 2.13 -6.22 -9.11
CA SER A 4 1.25 -6.01 -7.97
C SER A 4 1.69 -4.77 -7.19
N GLY A 5 0.91 -3.70 -7.33
CA GLY A 5 1.23 -2.45 -6.65
C GLY A 5 0.79 -2.45 -5.21
N VAL A 6 1.44 -3.26 -4.39
CA VAL A 6 1.15 -3.31 -2.97
C VAL A 6 1.98 -2.27 -2.23
N GLU A 7 1.46 -1.06 -2.13
CA GLU A 7 2.15 0.02 -1.47
C GLU A 7 1.29 0.62 -0.37
N GLY A 8 1.89 0.84 0.79
CA GLY A 8 1.18 1.44 1.90
C GLY A 8 1.51 0.78 3.21
N LEU A 9 1.32 -0.53 3.26
CA LEU A 9 1.60 -1.31 4.46
C LEU A 9 2.56 -2.45 4.15
N SER A 10 2.55 -3.47 5.01
CA SER A 10 3.38 -4.66 4.82
C SER A 10 4.86 -4.30 4.67
N GLY A 11 5.48 -3.90 5.77
CA GLY A 11 6.87 -3.50 5.72
C GLY A 11 7.35 -2.87 7.00
N LYS A 12 6.41 -2.32 7.77
CA LYS A 12 6.76 -1.67 9.03
C LYS A 12 7.08 -2.74 10.08
N ARG A 13 8.14 -2.52 10.83
CA ARG A 13 8.62 -3.49 11.79
C ARG A 13 8.18 -3.15 13.20
N CYS A 14 8.11 -4.18 14.04
CA CYS A 14 7.78 -4.01 15.45
C CYS A 14 8.69 -4.87 16.30
N TRP A 15 9.33 -4.26 17.28
CA TRP A 15 10.19 -4.98 18.20
C TRP A 15 9.50 -5.08 19.56
N LEU A 16 9.21 -6.28 20.01
CA LEU A 16 8.55 -6.45 21.29
C LEU A 16 9.40 -7.29 22.23
N ALA A 17 9.69 -6.71 23.39
CA ALA A 17 10.43 -7.39 24.44
C ALA A 17 9.58 -7.41 25.71
N VAL A 18 8.51 -8.19 25.66
CA VAL A 18 7.58 -8.30 26.78
C VAL A 18 7.55 -9.73 27.30
N ARG A 19 7.75 -9.88 28.60
CA ARG A 19 7.71 -11.20 29.23
C ARG A 19 6.29 -11.72 29.31
N ASN A 20 5.35 -10.81 29.54
CA ASN A 20 3.93 -11.15 29.58
C ASN A 20 3.46 -11.67 28.22
N ALA A 21 3.13 -12.95 28.19
CA ALA A 21 2.76 -13.62 26.95
C ALA A 21 1.46 -13.08 26.39
N SER A 22 0.52 -12.77 27.26
CA SER A 22 -0.75 -12.22 26.82
C SER A 22 -0.55 -10.82 26.25
N LEU A 23 0.34 -10.06 26.89
CA LEU A 23 0.64 -8.70 26.46
C LEU A 23 1.35 -8.71 25.11
N CYS A 24 2.40 -9.51 24.99
CA CYS A 24 3.18 -9.57 23.76
C CYS A 24 2.36 -10.17 22.63
N GLN A 25 1.55 -11.18 22.95
CA GLN A 25 0.68 -11.80 21.97
C GLN A 25 -0.37 -10.82 21.46
N PHE A 26 -0.89 -9.99 22.36
CA PHE A 26 -1.91 -9.01 22.01
C PHE A 26 -1.40 -8.08 20.91
N LEU A 27 -0.25 -7.45 21.15
CA LEU A 27 0.32 -6.53 20.19
C LEU A 27 0.70 -7.27 18.90
N GLU A 28 1.41 -8.39 19.04
CA GLU A 28 1.93 -9.11 17.89
C GLU A 28 0.82 -9.56 16.95
N THR A 29 -0.26 -10.09 17.50
CA THR A 29 -1.36 -10.59 16.69
C THR A 29 -2.14 -9.45 16.03
N SER A 30 -2.32 -8.36 16.77
CA SER A 30 -3.06 -7.21 16.26
C SER A 30 -2.29 -6.51 15.14
N LEU A 31 -0.97 -6.45 15.28
CA LEU A 31 -0.14 -5.75 14.32
C LEU A 31 0.14 -6.60 13.07
N GLN A 32 0.44 -7.88 13.28
CA GLN A 32 0.81 -8.75 12.16
C GLN A 32 -0.34 -8.89 11.17
N ARG A 33 -1.57 -8.79 11.65
CA ARG A 33 -2.75 -8.91 10.81
C ARG A 33 -2.88 -7.70 9.87
N SER A 34 -2.18 -6.62 10.21
CA SER A 34 -2.25 -5.39 9.43
C SER A 34 -1.05 -5.28 8.48
N GLY A 35 -0.15 -6.26 8.55
CA GLY A 35 1.01 -6.24 7.68
C GLY A 35 2.26 -5.75 8.37
N ILE A 36 2.20 -5.69 9.69
CA ILE A 36 3.36 -5.31 10.49
C ILE A 36 4.16 -6.54 10.86
N VAL A 37 5.46 -6.49 10.61
CA VAL A 37 6.34 -7.62 10.89
C VAL A 37 6.80 -7.58 12.34
N VAL A 38 6.07 -8.29 13.18
CA VAL A 38 6.33 -8.32 14.61
C VAL A 38 7.42 -9.34 14.94
N THR A 39 8.47 -8.86 15.58
CA THR A 39 9.58 -9.72 15.96
C THR A 39 9.94 -9.51 17.42
N THR A 40 10.41 -10.57 18.06
CA THR A 40 10.80 -10.50 19.46
C THR A 40 12.16 -9.83 19.62
N TYR A 41 12.17 -8.72 20.34
CA TYR A 41 13.39 -7.95 20.55
C TYR A 41 14.22 -8.57 21.67
N GLU A 42 15.39 -9.08 21.32
CA GLU A 42 16.30 -9.63 22.30
C GLU A 42 17.51 -8.73 22.47
N GLY A 43 18.02 -8.25 21.35
CA GLY A 43 19.17 -7.36 21.37
C GLY A 43 19.60 -7.01 19.96
N GLN A 44 18.64 -6.62 19.15
CA GLN A 44 18.86 -6.35 17.74
C GLN A 44 19.19 -4.87 17.52
N GLU A 45 19.35 -4.49 16.25
CA GLU A 45 19.66 -3.11 15.92
C GLU A 45 18.39 -2.36 15.52
N PRO A 46 18.18 -1.17 16.08
CA PRO A 46 16.97 -0.38 15.87
C PRO A 46 17.04 0.52 14.64
N THR A 47 16.04 0.41 13.78
CA THR A 47 15.89 1.31 12.65
C THR A 47 15.03 2.51 13.06
N PRO A 48 15.26 3.71 12.48
CA PRO A 48 14.49 4.93 12.80
C PRO A 48 12.99 4.82 12.47
N GLU A 49 12.55 3.65 12.05
CA GLU A 49 11.15 3.40 11.78
C GLU A 49 10.62 2.30 12.70
N ASP A 50 11.52 1.75 13.50
CA ASP A 50 11.19 0.63 14.39
C ASP A 50 10.69 1.13 15.74
N VAL A 51 9.82 0.36 16.35
CA VAL A 51 9.28 0.70 17.66
C VAL A 51 9.61 -0.40 18.67
N LEU A 52 10.02 -0.01 19.87
CA LEU A 52 10.36 -0.95 20.91
C LEU A 52 9.28 -1.01 21.98
N ILE A 53 8.43 -2.01 21.91
CA ILE A 53 7.44 -2.24 22.94
C ILE A 53 7.98 -3.24 23.95
N THR A 54 8.33 -2.75 25.12
CA THR A 54 8.92 -3.60 26.15
C THR A 54 8.18 -3.42 27.47
N ASP A 55 8.32 -4.37 28.37
CA ASP A 55 7.64 -4.28 29.66
C ASP A 55 8.62 -3.94 30.77
N GLU A 56 8.14 -3.17 31.75
CA GLU A 56 8.92 -2.70 32.89
C GLU A 56 10.05 -1.77 32.44
N VAL A 57 11.09 -1.66 33.26
CA VAL A 57 12.20 -0.74 32.97
C VAL A 57 13.10 -1.30 31.88
N VAL A 58 13.33 -0.49 30.86
CA VAL A 58 14.26 -0.85 29.79
C VAL A 58 15.59 -0.10 30.00
N SER A 59 16.69 -0.77 29.69
CA SER A 59 18.01 -0.19 29.86
C SER A 59 18.50 0.47 28.58
N LYS A 60 17.60 1.13 27.86
CA LYS A 60 17.95 1.82 26.63
C LYS A 60 16.92 2.89 26.32
N LYS A 61 17.36 3.98 25.69
CA LYS A 61 16.46 5.07 25.31
C LYS A 61 16.03 4.93 23.85
N TRP A 62 16.34 3.77 23.26
CA TRP A 62 15.95 3.43 21.89
C TRP A 62 16.72 4.28 20.85
N GLN A 63 16.86 3.72 19.66
CA GLN A 63 17.53 4.41 18.56
C GLN A 63 16.72 4.24 17.28
N GLY A 64 15.42 4.49 17.39
CA GLY A 64 14.54 4.26 16.26
C GLY A 64 13.40 5.25 16.20
N ARG A 65 12.23 4.77 15.82
CA ARG A 65 11.04 5.60 15.67
C ARG A 65 10.47 6.01 17.03
N ALA A 66 10.09 5.02 17.82
CA ALA A 66 9.44 5.28 19.12
C ALA A 66 9.62 4.08 20.05
N VAL A 67 9.50 4.33 21.34
CA VAL A 67 9.58 3.29 22.34
C VAL A 67 8.36 3.32 23.25
N VAL A 68 7.76 2.17 23.45
CA VAL A 68 6.60 2.04 24.33
C VAL A 68 6.98 1.25 25.57
N THR A 69 7.29 1.98 26.63
CA THR A 69 7.71 1.38 27.88
C THR A 69 6.51 1.04 28.75
N PHE A 70 6.04 -0.19 28.62
CA PHE A 70 4.90 -0.66 29.39
C PHE A 70 5.37 -1.15 30.76
N CYS A 71 5.53 -0.23 31.69
CA CYS A 71 6.06 -0.58 33.00
C CYS A 71 4.92 -0.85 33.95
N ARG A 72 5.03 -1.94 34.69
CA ARG A 72 3.93 -2.43 35.51
C ARG A 72 3.97 -1.80 36.89
N ARG A 73 5.10 -1.97 37.58
CA ARG A 73 5.22 -1.49 38.94
C ARG A 73 6.41 -0.56 39.09
N HIS A 74 7.48 -0.84 38.35
CA HIS A 74 8.68 -0.03 38.42
C HIS A 74 8.83 0.79 37.16
N ILE A 75 8.58 2.08 37.29
CA ILE A 75 8.72 3.00 36.18
C ILE A 75 9.94 3.88 36.37
N GLY A 76 11.09 3.39 35.91
CA GLY A 76 12.33 4.15 35.99
C GLY A 76 12.60 4.90 34.71
N ILE A 77 11.64 4.86 33.80
CA ILE A 77 11.72 5.55 32.53
C ILE A 77 10.85 6.79 32.58
N PRO A 78 11.30 7.91 31.96
CA PRO A 78 10.53 9.17 31.92
C PRO A 78 9.11 8.99 31.38
N LEU A 79 8.93 9.27 30.08
CA LEU A 79 7.63 9.22 29.39
C LEU A 79 7.64 10.19 28.20
N GLU A 80 6.45 10.53 27.71
CA GLU A 80 6.26 11.48 26.62
C GLU A 80 6.76 12.90 26.95
N LYS A 81 8.01 13.00 27.36
CA LYS A 81 8.68 14.27 27.51
C LYS A 81 9.88 14.29 26.57
N ALA A 82 10.04 13.20 25.85
CA ALA A 82 11.07 13.06 24.84
C ALA A 82 10.43 12.63 23.52
N PRO A 83 11.02 13.00 22.38
CA PRO A 83 10.48 12.68 21.06
C PRO A 83 10.41 11.17 20.82
N GLY A 84 9.22 10.60 20.98
CA GLY A 84 9.03 9.18 20.71
C GLY A 84 9.12 8.34 21.97
N GLU A 85 8.93 8.95 23.12
CA GLU A 85 8.99 8.24 24.38
C GLU A 85 7.60 8.14 25.00
N TRP A 86 7.16 6.93 25.30
CA TRP A 86 5.81 6.70 25.81
C TRP A 86 5.79 5.60 26.88
N VAL A 87 5.62 5.98 28.13
CA VAL A 87 5.48 4.98 29.20
C VAL A 87 4.02 4.84 29.59
N HIS A 88 3.67 3.68 30.17
CA HIS A 88 2.32 3.43 30.65
C HIS A 88 2.24 2.07 31.33
N SER A 89 1.35 1.95 32.30
CA SER A 89 1.08 0.66 32.93
C SER A 89 -0.24 0.09 32.44
N VAL A 90 -0.17 -0.85 31.50
CA VAL A 90 -1.36 -1.51 30.96
C VAL A 90 -0.97 -2.82 30.31
N ALA A 91 -1.95 -3.68 30.07
CA ALA A 91 -1.70 -4.97 29.43
C ALA A 91 -2.12 -4.94 27.96
N ALA A 92 -1.84 -3.82 27.30
CA ALA A 92 -2.11 -3.63 25.88
C ALA A 92 -3.55 -4.01 25.49
N PRO A 93 -4.56 -3.29 26.03
CA PRO A 93 -5.96 -3.59 25.73
C PRO A 93 -6.33 -3.26 24.29
N HIS A 94 -6.39 -1.97 23.94
CA HIS A 94 -6.77 -1.57 22.58
C HIS A 94 -6.17 -0.22 22.19
N GLU A 95 -5.98 0.65 23.15
CA GLU A 95 -5.53 2.02 22.89
C GLU A 95 -4.08 2.06 22.45
N LEU A 96 -3.26 1.15 22.98
CA LEU A 96 -1.84 1.14 22.65
C LEU A 96 -1.64 0.76 21.17
N PRO A 97 -2.16 -0.39 20.70
CA PRO A 97 -2.08 -0.75 19.28
C PRO A 97 -2.72 0.31 18.37
N ALA A 98 -3.68 1.05 18.92
CA ALA A 98 -4.33 2.13 18.18
C ALA A 98 -3.34 3.29 17.97
N LEU A 99 -2.61 3.66 19.01
CA LEU A 99 -1.60 4.70 18.90
C LEU A 99 -0.47 4.24 17.99
N LEU A 100 -0.14 2.95 18.08
CA LEU A 100 0.90 2.37 17.25
C LEU A 100 0.54 2.44 15.77
N ALA A 101 -0.71 2.12 15.45
CA ALA A 101 -1.20 2.22 14.08
C ALA A 101 -1.19 3.67 13.60
N ARG A 102 -1.40 4.59 14.53
CA ARG A 102 -1.39 6.01 14.23
C ARG A 102 0.01 6.48 13.89
N ILE A 103 0.98 6.07 14.72
CA ILE A 103 2.36 6.49 14.54
C ILE A 103 2.99 5.83 13.31
N TYR A 104 2.35 4.77 12.82
CA TYR A 104 2.78 4.12 11.60
C TYR A 104 2.32 4.92 10.37
N LEU A 105 1.49 5.93 10.64
CA LEU A 105 0.99 6.84 9.60
C LEU A 105 0.17 6.10 8.56
N ILE A 106 -0.78 5.30 9.02
CA ILE A 106 -1.68 4.60 8.12
C ILE A 106 -2.72 5.56 7.55
N GLU A 107 -3.19 6.47 8.41
CA GLU A 107 -4.18 7.48 8.04
C GLU A 107 -5.38 6.83 7.35
N MET A 108 -6.16 6.09 8.12
CA MET A 108 -7.26 5.32 7.59
C MET A 108 -8.51 6.19 7.42
N GLU A 109 -8.73 7.10 8.34
CA GLU A 109 -9.92 7.95 8.31
C GLU A 109 -9.78 9.04 7.24
N SER A 110 -10.39 8.81 6.09
CA SER A 110 -10.32 9.73 4.96
C SER A 110 -11.55 10.64 4.93
N ASP A 111 -11.45 11.74 4.20
CA ASP A 111 -12.57 12.66 4.03
C ASP A 111 -12.54 13.28 2.63
N ASP A 112 -13.22 12.63 1.70
CA ASP A 112 -13.28 13.11 0.32
C ASP A 112 -13.91 14.50 0.25
N PRO A 113 -13.18 15.49 -0.31
CA PRO A 113 -13.64 16.87 -0.40
C PRO A 113 -14.66 17.07 -1.52
N ALA A 114 -14.97 18.32 -1.81
CA ALA A 114 -15.88 18.66 -2.90
C ALA A 114 -15.10 19.32 -4.03
N ASN A 115 -15.71 19.38 -5.21
CA ASN A 115 -15.03 19.96 -6.37
C ASN A 115 -15.81 21.16 -6.88
N ALA A 116 -15.10 22.27 -7.06
CA ALA A 116 -15.70 23.49 -7.57
C ALA A 116 -14.74 24.19 -8.51
N LEU A 117 -15.03 24.11 -9.81
CA LEU A 117 -14.16 24.68 -10.82
C LEU A 117 -14.53 26.14 -11.08
N PRO A 118 -13.52 27.01 -11.21
CA PRO A 118 -13.72 28.41 -11.55
C PRO A 118 -14.18 28.60 -12.99
N SER A 119 -14.91 29.66 -13.24
CA SER A 119 -15.32 30.01 -14.58
C SER A 119 -15.14 31.51 -14.80
N THR A 120 -14.66 31.87 -15.98
CA THR A 120 -14.35 33.25 -16.28
C THR A 120 -15.08 33.71 -17.53
N ASP A 121 -16.25 34.31 -17.35
CA ASP A 121 -17.07 34.73 -18.46
C ASP A 121 -17.29 36.24 -18.46
N LYS A 122 -16.85 36.89 -19.53
CA LYS A 122 -17.05 38.32 -19.70
C LYS A 122 -16.61 38.73 -21.10
N ALA A 123 -17.55 39.20 -21.92
CA ALA A 123 -17.24 39.60 -23.29
C ALA A 123 -18.00 40.87 -23.68
N VAL A 124 -17.36 41.67 -24.52
CA VAL A 124 -17.96 42.89 -25.08
C VAL A 124 -17.00 43.50 -26.09
N SER A 125 -17.42 43.55 -27.35
CA SER A 125 -16.55 44.03 -28.42
C SER A 125 -17.36 44.65 -29.56
N ASP A 126 -16.77 45.67 -30.19
CA ASP A 126 -17.30 46.28 -31.42
C ASP A 126 -18.51 47.17 -31.15
N ASN A 127 -18.51 48.32 -31.81
CA ASN A 127 -19.66 49.23 -31.78
C ASN A 127 -19.60 50.17 -32.97
N ASP A 128 -18.40 50.68 -33.25
CA ASP A 128 -18.16 51.62 -34.34
C ASP A 128 -18.77 52.99 -34.05
N ASP A 129 -17.91 53.97 -33.84
CA ASP A 129 -18.34 55.30 -33.44
C ASP A 129 -18.05 56.30 -34.56
N MET A 130 -18.68 56.10 -35.69
CA MET A 130 -18.47 56.99 -36.83
C MET A 130 -19.50 58.10 -36.82
N MET A 131 -19.03 59.33 -36.91
CA MET A 131 -19.92 60.48 -36.84
C MET A 131 -19.76 61.40 -38.04
N ILE A 132 -20.87 61.75 -38.64
CA ILE A 132 -20.90 62.67 -39.76
C ILE A 132 -21.77 63.87 -39.40
N LEU A 133 -21.24 65.07 -39.59
CA LEU A 133 -21.97 66.27 -39.24
C LEU A 133 -22.49 66.97 -40.48
N VAL A 134 -23.75 67.38 -40.42
CA VAL A 134 -24.40 68.02 -41.54
C VAL A 134 -24.69 69.48 -41.24
N VAL A 135 -24.00 70.37 -41.92
CA VAL A 135 -24.18 71.80 -41.72
C VAL A 135 -24.81 72.43 -42.95
N ASP A 136 -26.10 72.68 -42.90
CA ASP A 136 -26.81 73.24 -44.03
C ASP A 136 -27.47 74.56 -43.65
N ASP A 137 -27.37 75.53 -44.54
CA ASP A 137 -27.88 76.88 -44.31
C ASP A 137 -29.39 76.95 -44.39
N HIS A 138 -29.97 76.19 -45.31
CA HIS A 138 -31.41 76.26 -45.57
C HIS A 138 -32.09 74.99 -45.07
N PRO A 139 -32.58 75.03 -43.81
CA PRO A 139 -32.97 73.85 -43.00
C PRO A 139 -33.81 72.79 -43.71
N ILE A 140 -34.55 73.17 -44.75
CA ILE A 140 -35.37 72.21 -45.48
C ILE A 140 -34.51 71.09 -46.04
N ASN A 141 -33.33 71.43 -46.54
CA ASN A 141 -32.43 70.44 -47.11
C ASN A 141 -31.79 69.64 -45.99
N ARG A 142 -31.42 70.33 -44.90
CA ARG A 142 -30.88 69.67 -43.73
C ARG A 142 -31.80 68.56 -43.26
N ARG A 143 -33.11 68.83 -43.31
CA ARG A 143 -34.11 67.83 -42.96
C ARG A 143 -33.96 66.62 -43.88
N LEU A 144 -33.77 66.88 -45.15
CA LEU A 144 -33.73 65.82 -46.15
C LEU A 144 -32.46 64.96 -46.02
N LEU A 145 -31.29 65.59 -45.84
CA LEU A 145 -30.06 64.82 -45.65
C LEU A 145 -30.10 64.08 -44.32
N ALA A 146 -30.67 64.73 -43.31
CA ALA A 146 -30.80 64.12 -41.99
C ALA A 146 -31.78 62.95 -42.05
N ASP A 147 -32.67 62.98 -43.02
CA ASP A 147 -33.61 61.91 -43.26
C ASP A 147 -32.87 60.64 -43.65
N GLN A 148 -32.10 60.74 -44.73
CA GLN A 148 -31.36 59.60 -45.26
C GLN A 148 -30.25 59.16 -44.31
N LEU A 149 -29.54 60.15 -43.75
CA LEU A 149 -28.47 59.88 -42.80
C LEU A 149 -29.00 59.26 -41.52
N GLY A 150 -30.21 59.65 -41.15
CA GLY A 150 -30.84 59.11 -39.96
C GLY A 150 -31.13 57.63 -40.10
N SER A 151 -31.54 57.23 -41.30
CA SER A 151 -31.83 55.83 -41.57
C SER A 151 -30.55 55.00 -41.61
N LEU A 152 -29.52 55.51 -42.28
CA LEU A 152 -28.24 54.81 -42.37
C LEU A 152 -27.12 55.76 -42.77
N GLY A 153 -26.64 56.53 -41.81
CA GLY A 153 -25.53 57.42 -42.06
C GLY A 153 -24.66 57.60 -40.84
N TYR A 154 -24.57 56.53 -40.03
CA TYR A 154 -23.79 56.56 -38.79
C TYR A 154 -24.37 57.60 -37.83
N GLN A 155 -23.55 58.08 -36.90
CA GLN A 155 -24.00 59.08 -35.94
C GLN A 155 -24.06 60.46 -36.60
N CYS A 156 -25.27 60.95 -36.82
CA CYS A 156 -25.47 62.21 -37.51
C CYS A 156 -25.66 63.35 -36.53
N LYS A 157 -24.98 64.47 -36.78
CA LYS A 157 -25.11 65.67 -35.96
C LYS A 157 -25.47 66.86 -36.83
N THR A 158 -26.58 67.50 -36.53
CA THR A 158 -27.07 68.60 -37.34
C THR A 158 -26.59 69.96 -36.83
N ALA A 159 -26.19 70.82 -37.76
CA ALA A 159 -25.77 72.18 -37.44
C ALA A 159 -26.05 73.10 -38.61
N ASN A 160 -26.08 74.41 -38.36
CA ASN A 160 -26.36 75.37 -39.43
C ASN A 160 -25.62 76.69 -39.21
N ASP A 161 -24.31 76.65 -39.46
CA ASP A 161 -23.44 77.82 -39.41
C ASP A 161 -21.99 77.38 -39.58
N GLY A 162 -21.18 78.24 -40.19
CA GLY A 162 -19.79 77.94 -40.40
C GLY A 162 -18.99 78.04 -39.11
N VAL A 163 -19.38 79.01 -38.27
CA VAL A 163 -18.69 79.21 -37.00
C VAL A 163 -19.03 78.10 -36.01
N ASP A 164 -20.25 77.58 -36.13
CA ASP A 164 -20.69 76.49 -35.26
C ASP A 164 -19.96 75.21 -35.61
N ALA A 165 -19.75 74.99 -36.90
CA ALA A 165 -18.99 73.84 -37.37
C ALA A 165 -17.56 73.90 -36.82
N LEU A 166 -16.98 75.09 -36.85
CA LEU A 166 -15.64 75.30 -36.32
C LEU A 166 -15.60 74.95 -34.83
N ASN A 167 -16.63 75.36 -34.12
CA ASN A 167 -16.72 75.10 -32.68
C ASN A 167 -16.81 73.60 -32.40
N VAL A 168 -17.55 72.89 -33.25
CA VAL A 168 -17.74 71.45 -33.07
C VAL A 168 -16.43 70.68 -33.27
N LEU A 169 -15.56 71.15 -34.16
CA LEU A 169 -14.25 70.52 -34.37
C LEU A 169 -13.37 70.77 -33.16
N SER A 170 -13.53 71.95 -32.57
CA SER A 170 -12.72 72.34 -31.42
C SER A 170 -13.28 71.74 -30.13
N LYS A 171 -14.44 71.11 -30.24
CA LYS A 171 -15.05 70.43 -29.10
C LYS A 171 -14.79 68.93 -29.18
N ASN A 172 -14.98 68.36 -30.36
CA ASN A 172 -14.80 66.93 -30.58
C ASN A 172 -13.80 66.68 -31.71
N HIS A 173 -14.30 66.14 -32.82
CA HIS A 173 -13.46 65.86 -33.98
C HIS A 173 -14.34 65.69 -35.21
N ILE A 174 -15.14 64.61 -35.22
CA ILE A 174 -15.98 64.24 -36.36
C ILE A 174 -15.12 63.86 -37.57
N ASP A 175 -15.59 62.94 -38.38
CA ASP A 175 -14.75 62.39 -39.44
C ASP A 175 -14.99 63.08 -40.78
N ILE A 176 -16.23 63.44 -41.06
CA ILE A 176 -16.56 64.06 -42.34
C ILE A 176 -17.51 65.25 -42.13
N VAL A 177 -17.19 66.36 -42.79
CA VAL A 177 -18.02 67.56 -42.73
C VAL A 177 -18.86 67.69 -43.99
N LEU A 178 -20.17 67.79 -43.83
CA LEU A 178 -21.04 68.03 -44.97
C LEU A 178 -21.51 69.48 -44.96
N SER A 179 -20.87 70.30 -45.78
CA SER A 179 -21.20 71.72 -45.83
C SER A 179 -22.20 71.99 -46.96
N ASP A 180 -23.47 72.05 -46.61
CA ASP A 180 -24.54 72.26 -47.57
C ASP A 180 -24.87 73.74 -47.67
N VAL A 181 -24.46 74.35 -48.78
CA VAL A 181 -24.53 75.81 -48.92
C VAL A 181 -25.61 76.24 -49.90
N ASN A 182 -26.37 77.26 -49.53
CA ASN A 182 -27.40 77.84 -50.39
C ASN A 182 -27.82 79.21 -49.89
N MET A 183 -27.02 80.22 -50.20
CA MET A 183 -27.32 81.58 -49.82
C MET A 183 -26.85 82.54 -50.89
N PRO A 184 -27.60 83.63 -51.15
CA PRO A 184 -27.28 84.61 -52.18
C PRO A 184 -26.14 85.55 -51.76
N ASN A 185 -25.14 84.99 -51.10
CA ASN A 185 -24.00 85.76 -50.62
C ASN A 185 -22.75 84.90 -50.70
N MET A 186 -21.72 85.42 -51.35
CA MET A 186 -20.48 84.68 -51.51
C MET A 186 -19.65 84.66 -50.22
N ASP A 187 -20.05 83.79 -49.30
CA ASP A 187 -19.29 83.60 -48.07
C ASP A 187 -18.19 82.57 -48.27
N GLY A 188 -17.81 82.37 -49.54
CA GLY A 188 -16.74 81.46 -49.89
C GLY A 188 -15.38 82.05 -49.56
N TYR A 189 -15.26 82.55 -48.34
CA TYR A 189 -14.03 83.16 -47.87
C TYR A 189 -14.03 83.14 -46.35
N ARG A 190 -15.09 83.71 -45.76
CA ARG A 190 -15.22 83.78 -44.30
C ARG A 190 -15.19 82.38 -43.71
N LEU A 191 -16.02 81.49 -44.24
CA LEU A 191 -16.14 80.15 -43.70
C LEU A 191 -14.89 79.33 -44.00
N THR A 192 -14.51 79.29 -45.28
CA THR A 192 -13.41 78.46 -45.73
C THR A 192 -12.08 78.84 -45.06
N GLN A 193 -11.78 80.13 -45.04
CA GLN A 193 -10.52 80.59 -44.47
C GLN A 193 -10.52 80.41 -42.95
N ARG A 194 -11.62 80.78 -42.31
CA ARG A 194 -11.73 80.69 -40.85
C ARG A 194 -11.58 79.26 -40.37
N ILE A 195 -12.31 78.35 -41.01
CA ILE A 195 -12.32 76.96 -40.59
C ILE A 195 -10.94 76.31 -40.72
N ARG A 196 -10.25 76.60 -41.83
CA ARG A 196 -8.93 76.02 -42.05
C ARG A 196 -7.87 76.71 -41.19
N GLN A 197 -8.10 77.97 -40.87
CA GLN A 197 -7.20 78.76 -40.04
C GLN A 197 -7.21 78.27 -38.59
N LEU A 198 -8.38 77.85 -38.13
CA LEU A 198 -8.55 77.44 -36.74
C LEU A 198 -8.14 75.99 -36.55
N GLY A 199 -7.78 75.30 -37.62
CA GLY A 199 -7.23 73.96 -37.49
C GLY A 199 -8.15 72.86 -37.97
N LEU A 200 -8.99 73.15 -38.96
CA LEU A 200 -9.79 72.11 -39.60
C LEU A 200 -8.88 71.14 -40.33
N THR A 201 -8.80 69.92 -39.84
CA THR A 201 -7.93 68.91 -40.44
C THR A 201 -8.70 67.61 -40.67
N LEU A 202 -9.76 67.71 -41.47
CA LEU A 202 -10.56 66.55 -41.81
C LEU A 202 -11.28 66.80 -43.14
N PRO A 203 -11.59 65.74 -43.90
CA PRO A 203 -12.19 65.84 -45.22
C PRO A 203 -13.53 66.59 -45.21
N VAL A 204 -13.57 67.74 -45.88
CA VAL A 204 -14.80 68.50 -46.00
C VAL A 204 -15.42 68.31 -47.37
N ILE A 205 -16.67 67.90 -47.40
CA ILE A 205 -17.39 67.75 -48.64
C ILE A 205 -18.37 68.90 -48.82
N GLY A 206 -18.00 69.86 -49.65
CA GLY A 206 -18.84 71.01 -49.87
C GLY A 206 -19.90 70.74 -50.91
N VAL A 207 -21.15 70.72 -50.49
CA VAL A 207 -22.26 70.51 -51.39
C VAL A 207 -22.96 71.84 -51.63
N THR A 208 -22.91 72.31 -52.88
CA THR A 208 -23.47 73.59 -53.23
C THR A 208 -24.56 73.43 -54.28
N ALA A 209 -25.50 74.35 -54.30
CA ALA A 209 -26.59 74.27 -55.26
C ALA A 209 -26.12 74.70 -56.65
N ASN A 210 -25.91 73.71 -57.51
CA ASN A 210 -25.49 73.93 -58.90
C ASN A 210 -24.17 74.70 -58.97
N ALA A 211 -23.07 74.00 -58.75
CA ALA A 211 -21.74 74.60 -58.81
C ALA A 211 -21.23 74.63 -60.24
N LEU A 212 -21.92 73.90 -61.12
CA LEU A 212 -21.62 73.85 -62.56
C LEU A 212 -20.37 73.03 -62.84
N ALA A 213 -19.27 73.39 -62.19
CA ALA A 213 -18.02 72.67 -62.30
C ALA A 213 -17.46 72.43 -60.91
N GLU A 214 -18.10 71.52 -60.18
CA GLU A 214 -17.76 71.21 -58.79
C GLU A 214 -16.25 71.03 -58.59
N GLU A 215 -15.64 70.17 -59.41
CA GLU A 215 -14.21 69.89 -59.31
C GLU A 215 -13.37 71.16 -59.45
N LYS A 216 -13.70 71.97 -60.44
CA LYS A 216 -12.98 73.20 -60.72
C LYS A 216 -13.15 74.20 -59.59
N GLN A 217 -14.36 74.23 -59.02
CA GLN A 217 -14.65 75.09 -57.89
C GLN A 217 -13.81 74.69 -56.69
N ARG A 218 -13.50 73.40 -56.61
CA ARG A 218 -12.66 72.87 -55.55
C ARG A 218 -11.23 73.40 -55.68
N CYS A 219 -10.76 73.49 -56.93
CA CYS A 219 -9.43 74.04 -57.19
C CYS A 219 -9.38 75.51 -56.77
N LEU A 220 -10.53 76.17 -56.81
CA LEU A 220 -10.63 77.55 -56.39
C LEU A 220 -10.51 77.68 -54.87
N GLU A 221 -11.26 76.89 -54.12
CA GLU A 221 -11.25 77.00 -52.66
C GLU A 221 -9.97 76.41 -52.06
N SER A 222 -9.63 75.19 -52.47
CA SER A 222 -8.48 74.46 -51.93
C SER A 222 -8.49 74.43 -50.40
N GLY A 223 -9.66 74.24 -49.81
CA GLY A 223 -9.79 74.27 -48.37
C GLY A 223 -10.66 73.16 -47.82
N MET A 224 -11.65 72.72 -48.60
CA MET A 224 -12.59 71.70 -48.13
C MET A 224 -12.02 70.30 -48.32
N ASP A 225 -12.24 69.73 -49.51
CA ASP A 225 -11.71 68.42 -49.90
C ASP A 225 -12.45 67.88 -51.12
N SER A 226 -13.76 67.84 -51.02
CA SER A 226 -14.60 67.35 -52.12
C SER A 226 -15.78 68.28 -52.33
N CYS A 227 -16.53 68.08 -53.40
CA CYS A 227 -17.66 68.94 -53.70
C CYS A 227 -18.76 68.18 -54.44
N LEU A 228 -20.01 68.54 -54.17
CA LEU A 228 -21.15 67.97 -54.86
C LEU A 228 -22.25 69.03 -55.02
N SER A 229 -23.38 68.63 -55.58
CA SER A 229 -24.49 69.54 -55.78
C SER A 229 -25.59 69.29 -54.74
N LYS A 230 -26.24 70.38 -54.31
CA LYS A 230 -27.30 70.32 -53.31
C LYS A 230 -28.43 69.34 -53.68
N PRO A 231 -28.94 69.35 -54.93
CA PRO A 231 -29.93 68.37 -55.38
C PRO A 231 -29.34 66.96 -55.50
N VAL A 232 -29.05 66.36 -54.37
CA VAL A 232 -28.46 65.03 -54.33
C VAL A 232 -29.54 63.95 -54.17
N THR A 233 -29.35 62.84 -54.88
CA THR A 233 -30.28 61.73 -54.82
C THR A 233 -29.85 60.73 -53.76
N LEU A 234 -30.80 59.90 -53.30
CA LEU A 234 -30.55 58.87 -52.29
C LEU A 234 -29.38 57.99 -52.71
N ASP A 235 -29.33 57.61 -53.97
CA ASP A 235 -28.29 56.71 -54.46
C ASP A 235 -26.92 57.38 -54.36
N VAL A 236 -26.90 58.67 -54.63
CA VAL A 236 -25.65 59.41 -54.63
C VAL A 236 -25.17 59.69 -53.22
N ILE A 237 -26.06 60.15 -52.35
CA ILE A 237 -25.69 60.47 -50.98
C ILE A 237 -25.24 59.19 -50.24
N LYS A 238 -25.93 58.09 -50.49
CA LYS A 238 -25.59 56.81 -49.88
C LYS A 238 -24.21 56.37 -50.35
N GLN A 239 -23.99 56.44 -51.66
CA GLN A 239 -22.74 56.00 -52.26
C GLN A 239 -21.57 56.83 -51.77
N THR A 240 -21.72 58.15 -51.80
CA THR A 240 -20.64 59.05 -51.41
C THR A 240 -20.31 58.88 -49.92
N LEU A 241 -21.33 58.81 -49.09
CA LEU A 241 -21.12 58.68 -47.65
C LEU A 241 -20.44 57.36 -47.33
N THR A 242 -20.95 56.28 -47.91
CA THR A 242 -20.39 54.95 -47.69
C THR A 242 -18.95 54.85 -48.19
N LEU A 243 -18.72 55.36 -49.40
CA LEU A 243 -17.39 55.31 -50.01
C LEU A 243 -16.37 56.11 -49.21
N TYR A 244 -16.77 57.30 -48.78
CA TYR A 244 -15.86 58.17 -48.06
C TYR A 244 -15.62 57.67 -46.64
N ALA A 245 -16.63 57.04 -46.06
CA ALA A 245 -16.51 56.48 -44.72
C ALA A 245 -15.59 55.27 -44.74
N GLU A 246 -15.79 54.38 -45.71
CA GLU A 246 -14.95 53.21 -45.84
C GLU A 246 -13.55 53.60 -46.30
N ARG A 247 -13.44 54.75 -46.96
CA ARG A 247 -12.15 55.26 -47.42
C ARG A 247 -11.25 55.60 -46.25
N VAL A 248 -11.78 56.34 -45.28
CA VAL A 248 -11.01 56.71 -44.11
C VAL A 248 -10.83 55.49 -43.21
N ARG A 249 -11.81 54.61 -43.23
CA ARG A 249 -11.75 53.37 -42.46
C ARG A 249 -10.58 52.50 -42.93
N LYS A 250 -10.46 52.30 -44.23
CA LYS A 250 -9.39 51.48 -44.79
C LYS A 250 -8.05 52.21 -44.74
N SER A 251 -8.11 53.52 -44.55
CA SER A 251 -6.89 54.30 -44.36
C SER A 251 -6.39 54.14 -42.92
N ARG A 252 -7.31 53.86 -42.01
CA ARG A 252 -6.95 53.60 -40.62
C ARG A 252 -6.53 52.15 -40.47
N ASP A 253 -7.22 51.27 -41.19
CA ASP A 253 -6.91 49.85 -41.19
C ASP A 253 -6.02 49.51 -42.40
N SER A 254 -6.44 48.53 -43.19
CA SER A 254 -5.72 48.18 -44.41
C SER A 254 -6.71 47.99 -45.55
N MET A 1 -14.07 -14.66 15.78
CA MET A 1 -14.21 -13.77 14.61
C MET A 1 -12.91 -13.04 14.35
N GLY A 2 -12.44 -13.11 13.12
CA GLY A 2 -11.20 -12.45 12.76
C GLY A 2 -11.22 -11.94 11.34
N GLY A 3 -11.62 -10.68 11.18
CA GLY A 3 -11.73 -10.10 9.87
C GLY A 3 -10.48 -9.35 9.48
N SER A 4 -9.49 -10.07 8.99
CA SER A 4 -8.24 -9.48 8.56
C SER A 4 -7.64 -10.25 7.39
N GLY A 5 -7.82 -9.70 6.21
CA GLY A 5 -7.22 -10.28 5.02
C GLY A 5 -6.75 -9.20 4.08
N VAL A 6 -6.00 -8.25 4.62
CA VAL A 6 -5.54 -7.10 3.85
C VAL A 6 -4.12 -6.71 4.24
N GLU A 7 -3.29 -6.43 3.26
CA GLU A 7 -1.95 -5.92 3.50
C GLU A 7 -2.02 -4.41 3.70
N GLY A 8 -2.41 -4.01 4.91
CA GLY A 8 -2.61 -2.60 5.22
C GLY A 8 -1.43 -1.72 4.84
N LEU A 9 -0.23 -2.16 5.19
CA LEU A 9 0.97 -1.41 4.89
C LEU A 9 2.16 -2.35 4.73
N SER A 10 2.34 -3.23 5.71
CA SER A 10 3.42 -4.22 5.69
C SER A 10 4.80 -3.55 5.62
N GLY A 11 5.85 -4.38 5.54
CA GLY A 11 7.20 -3.86 5.37
C GLY A 11 7.72 -3.10 6.56
N LYS A 12 7.07 -3.24 7.70
CA LYS A 12 7.47 -2.54 8.91
C LYS A 12 7.83 -3.55 9.99
N ARG A 13 8.78 -3.19 10.84
CA ARG A 13 9.25 -4.10 11.87
C ARG A 13 8.80 -3.64 13.24
N CYS A 14 8.10 -4.50 13.93
CA CYS A 14 7.69 -4.22 15.30
C CYS A 14 8.60 -4.96 16.26
N TRP A 15 9.36 -4.20 17.02
CA TRP A 15 10.30 -4.78 17.96
C TRP A 15 9.60 -4.96 19.29
N LEU A 16 9.45 -6.20 19.70
CA LEU A 16 8.66 -6.53 20.87
C LEU A 16 9.55 -7.11 21.98
N ALA A 17 9.48 -6.50 23.15
CA ALA A 17 10.22 -6.99 24.30
C ALA A 17 9.28 -7.22 25.48
N VAL A 18 8.12 -7.80 25.19
CA VAL A 18 7.11 -8.04 26.20
C VAL A 18 7.17 -9.47 26.70
N ARG A 19 7.13 -9.63 28.01
CA ARG A 19 7.25 -10.94 28.63
C ARG A 19 5.88 -11.51 28.97
N ASN A 20 4.95 -10.63 29.35
CA ASN A 20 3.59 -11.04 29.67
C ASN A 20 2.85 -11.49 28.41
N ALA A 21 2.36 -12.74 28.44
CA ALA A 21 1.76 -13.36 27.27
C ALA A 21 0.49 -12.65 26.83
N SER A 22 -0.30 -12.19 27.77
CA SER A 22 -1.52 -11.48 27.46
C SER A 22 -1.20 -10.19 26.70
N LEU A 23 -0.21 -9.46 27.20
CA LEU A 23 0.20 -8.21 26.60
C LEU A 23 0.87 -8.43 25.24
N CYS A 24 1.84 -9.35 25.20
CA CYS A 24 2.62 -9.56 23.99
C CYS A 24 1.76 -10.14 22.88
N GLN A 25 1.04 -11.22 23.17
CA GLN A 25 0.20 -11.87 22.15
C GLN A 25 -0.85 -10.92 21.60
N PHE A 26 -1.43 -10.10 22.47
CA PHE A 26 -2.45 -9.15 22.05
C PHE A 26 -1.92 -8.25 20.94
N LEU A 27 -0.81 -7.59 21.22
CA LEU A 27 -0.23 -6.65 20.28
C LEU A 27 0.33 -7.37 19.05
N GLU A 28 1.08 -8.45 19.26
CA GLU A 28 1.76 -9.12 18.16
C GLU A 28 0.76 -9.72 17.17
N THR A 29 -0.28 -10.38 17.67
CA THR A 29 -1.27 -10.99 16.80
C THR A 29 -2.05 -9.94 16.03
N SER A 30 -2.33 -8.82 16.68
CA SER A 30 -3.08 -7.74 16.04
C SER A 30 -2.25 -7.04 14.96
N LEU A 31 -1.02 -6.66 15.31
CA LEU A 31 -0.17 -5.90 14.41
C LEU A 31 0.27 -6.73 13.20
N GLN A 32 0.53 -8.01 13.42
CA GLN A 32 0.96 -8.89 12.33
C GLN A 32 -0.16 -9.07 11.30
N ARG A 33 -1.38 -8.76 11.70
CA ARG A 33 -2.53 -8.84 10.80
C ARG A 33 -2.53 -7.68 9.80
N SER A 34 -1.67 -6.69 10.06
CA SER A 34 -1.55 -5.54 9.18
C SER A 34 -0.28 -5.64 8.31
N GLY A 35 0.37 -6.80 8.38
CA GLY A 35 1.57 -7.02 7.59
C GLY A 35 2.83 -6.61 8.30
N ILE A 36 2.72 -6.37 9.61
CA ILE A 36 3.88 -5.97 10.40
C ILE A 36 4.58 -7.19 10.99
N VAL A 37 5.88 -7.27 10.79
CA VAL A 37 6.65 -8.40 11.30
C VAL A 37 7.16 -8.13 12.70
N VAL A 38 6.68 -8.92 13.65
CA VAL A 38 7.07 -8.78 15.04
C VAL A 38 8.34 -9.57 15.32
N THR A 39 9.27 -8.99 16.06
CA THR A 39 10.54 -9.63 16.35
C THR A 39 10.98 -9.35 17.79
N THR A 40 11.48 -10.38 18.44
CA THR A 40 11.97 -10.27 19.80
C THR A 40 13.20 -9.38 19.85
N TYR A 41 13.11 -8.25 20.54
CA TYR A 41 14.23 -7.33 20.66
C TYR A 41 15.14 -7.74 21.81
N GLU A 42 15.98 -8.72 21.56
CA GLU A 42 16.97 -9.16 22.53
C GLU A 42 18.16 -8.20 22.54
N GLY A 43 18.42 -7.59 21.39
CA GLY A 43 19.50 -6.63 21.29
C GLY A 43 20.15 -6.65 19.92
N GLN A 44 19.42 -6.21 18.90
CA GLN A 44 19.94 -6.17 17.54
C GLN A 44 20.09 -4.72 17.07
N GLU A 45 19.40 -4.37 15.98
CA GLU A 45 19.50 -3.05 15.40
C GLU A 45 18.20 -2.27 15.57
N PRO A 46 18.30 -1.00 15.99
CA PRO A 46 17.15 -0.11 16.11
C PRO A 46 16.88 0.64 14.81
N THR A 47 15.65 0.56 14.31
CA THR A 47 15.29 1.28 13.11
C THR A 47 14.60 2.61 13.48
N PRO A 48 15.13 3.73 12.98
CA PRO A 48 14.58 5.07 13.27
C PRO A 48 13.16 5.24 12.73
N GLU A 49 12.72 4.28 11.93
CA GLU A 49 11.39 4.31 11.35
C GLU A 49 10.47 3.33 12.05
N ASP A 50 11.03 2.54 12.94
CA ASP A 50 10.28 1.47 13.59
C ASP A 50 10.17 1.69 15.08
N VAL A 51 9.29 0.92 15.72
CA VAL A 51 8.95 1.14 17.12
C VAL A 51 9.30 -0.05 18.00
N LEU A 52 9.65 0.25 19.24
CA LEU A 52 9.92 -0.76 20.24
C LEU A 52 8.78 -0.78 21.26
N ILE A 53 8.05 -1.87 21.32
CA ILE A 53 7.04 -2.06 22.34
C ILE A 53 7.62 -2.92 23.44
N THR A 54 7.90 -2.30 24.57
CA THR A 54 8.64 -2.93 25.64
C THR A 54 7.74 -3.37 26.78
N ASP A 55 8.26 -4.29 27.58
CA ASP A 55 7.61 -4.70 28.83
C ASP A 55 8.58 -4.50 29.96
N GLU A 56 8.20 -3.69 30.93
CA GLU A 56 9.08 -3.31 32.04
C GLU A 56 10.27 -2.49 31.52
N VAL A 57 11.27 -2.32 32.36
CA VAL A 57 12.41 -1.47 32.03
C VAL A 57 13.42 -2.22 31.16
N VAL A 58 13.69 -1.65 29.98
CA VAL A 58 14.65 -2.25 29.04
C VAL A 58 16.05 -1.66 29.23
N SER A 59 16.14 -0.64 30.08
CA SER A 59 17.41 0.05 30.35
C SER A 59 18.05 0.56 29.07
N LYS A 60 17.27 1.27 28.26
CA LYS A 60 17.76 1.85 27.02
C LYS A 60 16.87 3.02 26.61
N LYS A 61 17.32 3.81 25.65
CA LYS A 61 16.56 4.96 25.18
C LYS A 61 15.84 4.65 23.87
N TRP A 62 16.44 3.76 23.08
CA TRP A 62 15.89 3.35 21.79
C TRP A 62 15.87 4.52 20.80
N GLN A 63 16.92 4.62 20.00
CA GLN A 63 17.00 5.66 18.99
C GLN A 63 16.25 5.23 17.73
N GLY A 64 14.95 5.06 17.87
CA GLY A 64 14.12 4.67 16.74
C GLY A 64 13.00 5.66 16.51
N ARG A 65 11.90 5.19 15.96
CA ARG A 65 10.75 6.06 15.72
C ARG A 65 10.07 6.39 17.04
N ALA A 66 9.76 5.34 17.80
CA ALA A 66 9.13 5.50 19.11
C ALA A 66 9.29 4.23 19.93
N VAL A 67 9.31 4.39 21.23
CA VAL A 67 9.39 3.27 22.15
C VAL A 67 8.28 3.37 23.19
N VAL A 68 7.39 2.41 23.18
CA VAL A 68 6.26 2.39 24.09
C VAL A 68 6.45 1.31 25.13
N THR A 69 6.81 1.72 26.33
CA THR A 69 7.12 0.80 27.39
C THR A 69 5.93 0.54 28.30
N PHE A 70 5.54 -0.72 28.40
CA PHE A 70 4.51 -1.16 29.31
C PHE A 70 5.14 -1.57 30.63
N CYS A 71 5.29 -0.63 31.54
CA CYS A 71 5.98 -0.92 32.79
C CYS A 71 5.00 -0.90 33.94
N ARG A 72 5.08 -1.90 34.81
CA ARG A 72 4.20 -1.98 35.96
C ARG A 72 4.84 -1.30 37.17
N ARG A 73 5.12 -0.01 37.01
CA ARG A 73 5.71 0.82 38.07
C ARG A 73 7.05 0.26 38.54
N HIS A 74 7.75 -0.40 37.63
CA HIS A 74 9.04 -0.98 37.95
C HIS A 74 10.16 -0.04 37.54
N ILE A 75 10.95 0.38 38.51
CA ILE A 75 12.09 1.27 38.26
C ILE A 75 11.65 2.68 37.88
N GLY A 76 11.08 2.83 36.70
CA GLY A 76 10.60 4.13 36.28
C GLY A 76 11.15 4.56 34.93
N ILE A 77 10.36 4.33 33.88
CA ILE A 77 10.68 4.85 32.55
C ILE A 77 9.77 6.04 32.26
N PRO A 78 10.34 7.18 31.85
CA PRO A 78 9.56 8.39 31.57
C PRO A 78 8.80 8.32 30.25
N LEU A 79 7.93 9.32 30.03
CA LEU A 79 7.10 9.37 28.84
C LEU A 79 7.68 10.36 27.84
N GLU A 80 6.79 10.99 27.06
CA GLU A 80 7.18 11.97 26.04
C GLU A 80 7.81 13.24 26.63
N LYS A 81 8.90 13.06 27.33
CA LYS A 81 9.71 14.16 27.80
C LYS A 81 10.92 14.27 26.87
N ALA A 82 11.14 13.20 26.12
CA ALA A 82 12.16 13.13 25.11
C ALA A 82 11.55 12.59 23.84
N PRO A 83 12.06 12.98 22.66
CA PRO A 83 11.50 12.57 21.37
C PRO A 83 11.54 11.06 21.16
N GLY A 84 10.41 10.41 21.38
CA GLY A 84 10.31 8.99 21.11
C GLY A 84 9.89 8.19 22.33
N GLU A 85 10.00 8.78 23.51
CA GLU A 85 9.70 8.06 24.74
C GLU A 85 8.20 8.03 25.03
N TRP A 86 7.66 6.82 25.23
CA TRP A 86 6.26 6.63 25.57
C TRP A 86 6.15 5.55 26.66
N VAL A 87 5.24 5.71 27.60
CA VAL A 87 5.05 4.69 28.65
C VAL A 87 3.58 4.54 29.02
N HIS A 88 3.25 3.37 29.54
CA HIS A 88 1.92 3.09 30.06
C HIS A 88 1.98 1.87 30.98
N SER A 89 1.26 1.93 32.08
CA SER A 89 1.17 0.78 32.97
C SER A 89 -0.19 0.12 32.82
N VAL A 90 -0.24 -0.96 32.06
CA VAL A 90 -1.47 -1.73 31.81
C VAL A 90 -1.14 -3.01 31.08
N ALA A 91 -2.14 -3.62 30.45
CA ALA A 91 -1.94 -4.84 29.67
C ALA A 91 -2.63 -4.73 28.31
N ALA A 92 -2.11 -3.84 27.46
CA ALA A 92 -2.63 -3.63 26.10
C ALA A 92 -4.15 -3.43 26.08
N PRO A 93 -4.64 -2.30 26.63
CA PRO A 93 -6.06 -2.05 26.79
C PRO A 93 -6.69 -1.40 25.56
N HIS A 94 -6.37 -1.95 24.39
CA HIS A 94 -6.94 -1.52 23.10
C HIS A 94 -6.44 -0.14 22.66
N GLU A 95 -6.14 0.74 23.60
CA GLU A 95 -5.75 2.10 23.28
C GLU A 95 -4.34 2.16 22.68
N LEU A 96 -3.44 1.33 23.17
CA LEU A 96 -2.06 1.38 22.70
C LEU A 96 -1.90 0.84 21.28
N PRO A 97 -2.47 -0.33 20.93
CA PRO A 97 -2.45 -0.82 19.54
C PRO A 97 -3.03 0.23 18.58
N ALA A 98 -4.01 1.00 19.03
CA ALA A 98 -4.57 2.08 18.24
C ALA A 98 -3.54 3.19 18.02
N LEU A 99 -2.83 3.54 19.09
CA LEU A 99 -1.76 4.53 19.03
C LEU A 99 -0.68 4.08 18.06
N LEU A 100 -0.31 2.81 18.14
CA LEU A 100 0.73 2.24 17.29
C LEU A 100 0.35 2.35 15.82
N ALA A 101 -0.89 1.98 15.51
CA ALA A 101 -1.38 2.03 14.13
C ALA A 101 -1.37 3.46 13.60
N ARG A 102 -1.86 4.38 14.42
CA ARG A 102 -1.96 5.78 14.01
C ARG A 102 -0.58 6.43 13.93
N ILE A 103 0.39 5.89 14.67
CA ILE A 103 1.73 6.44 14.69
C ILE A 103 2.50 6.03 13.43
N TYR A 104 2.15 4.88 12.87
CA TYR A 104 2.80 4.40 11.65
C TYR A 104 2.19 5.08 10.43
N LEU A 105 1.01 5.66 10.62
CA LEU A 105 0.32 6.45 9.61
C LEU A 105 0.04 5.63 8.34
N ILE A 106 -1.05 4.88 8.38
CA ILE A 106 -1.44 4.04 7.26
C ILE A 106 -2.57 4.67 6.46
N GLU A 107 -2.26 5.13 5.26
CA GLU A 107 -3.27 5.73 4.38
C GLU A 107 -3.58 4.80 3.23
N MET A 108 -3.06 3.57 3.33
CA MET A 108 -3.22 2.56 2.28
C MET A 108 -2.68 3.08 0.95
N GLU A 109 -3.54 3.14 -0.06
CA GLU A 109 -3.14 3.64 -1.37
C GLU A 109 -4.36 4.16 -2.14
N SER A 110 -4.12 4.97 -3.15
CA SER A 110 -5.18 5.48 -3.99
C SER A 110 -4.67 5.69 -5.41
N ASP A 111 -5.12 4.84 -6.32
CA ASP A 111 -4.65 4.85 -7.69
C ASP A 111 -5.71 5.45 -8.62
N ASP A 112 -5.33 6.53 -9.29
CA ASP A 112 -6.21 7.20 -10.24
C ASP A 112 -5.44 8.28 -11.00
N PRO A 113 -4.75 7.88 -12.07
CA PRO A 113 -3.91 8.79 -12.86
C PRO A 113 -4.72 9.87 -13.58
N ALA A 114 -4.13 11.05 -13.73
CA ALA A 114 -4.75 12.14 -14.46
C ALA A 114 -4.41 12.04 -15.95
N ASN A 115 -5.22 12.69 -16.78
CA ASN A 115 -5.02 12.62 -18.23
C ASN A 115 -4.89 14.01 -18.82
N ALA A 116 -3.71 14.33 -19.34
CA ALA A 116 -3.45 15.63 -19.91
C ALA A 116 -3.16 15.54 -21.41
N LEU A 117 -3.52 16.59 -22.14
CA LEU A 117 -3.28 16.63 -23.57
C LEU A 117 -2.81 18.02 -24.00
N PRO A 118 -1.53 18.15 -24.36
CA PRO A 118 -0.99 19.42 -24.86
C PRO A 118 -1.37 19.70 -26.30
N SER A 119 -1.56 20.97 -26.64
CA SER A 119 -1.91 21.36 -27.99
C SER A 119 -0.79 22.18 -28.63
N THR A 120 -0.44 21.83 -29.85
CA THR A 120 0.62 22.51 -30.57
C THR A 120 0.06 23.61 -31.48
N ASP A 121 0.73 24.75 -31.51
CA ASP A 121 0.34 25.85 -32.40
C ASP A 121 1.44 26.11 -33.42
N LYS A 122 1.09 26.76 -34.53
CA LYS A 122 2.02 26.90 -35.64
C LYS A 122 2.14 28.37 -36.09
N ALA A 123 3.36 28.77 -36.38
CA ALA A 123 3.66 30.08 -36.94
C ALA A 123 4.83 29.95 -37.92
N VAL A 124 5.01 30.94 -38.79
CA VAL A 124 6.06 30.86 -39.80
C VAL A 124 6.59 32.25 -40.14
N SER A 125 7.91 32.34 -40.26
CA SER A 125 8.58 33.56 -40.69
C SER A 125 9.52 33.26 -41.85
N ASP A 126 9.78 34.26 -42.70
CA ASP A 126 10.67 34.09 -43.84
C ASP A 126 11.09 35.44 -44.40
N ASN A 127 12.38 35.60 -44.67
CA ASN A 127 12.90 36.82 -45.27
C ASN A 127 14.34 36.64 -45.75
N ASP A 128 14.51 36.58 -47.06
CA ASP A 128 15.84 36.57 -47.66
C ASP A 128 15.80 37.32 -48.98
N ASP A 129 16.82 38.13 -49.24
CA ASP A 129 16.83 38.97 -50.43
C ASP A 129 18.25 39.40 -50.80
N MET A 130 18.64 40.60 -50.39
CA MET A 130 19.93 41.15 -50.76
C MET A 130 21.02 40.63 -49.81
N MET A 131 21.81 39.69 -50.31
CA MET A 131 22.91 39.12 -49.54
C MET A 131 24.23 39.74 -49.97
N ILE A 132 24.89 40.42 -49.04
CA ILE A 132 26.17 41.05 -49.28
C ILE A 132 27.26 40.37 -48.45
N LEU A 133 28.24 39.80 -49.13
CA LEU A 133 29.34 39.10 -48.46
C LEU A 133 30.51 40.05 -48.27
N VAL A 134 31.04 40.12 -47.06
CA VAL A 134 32.18 40.99 -46.77
C VAL A 134 33.33 40.17 -46.18
N VAL A 135 34.49 40.26 -46.82
CA VAL A 135 35.66 39.49 -46.39
C VAL A 135 36.85 40.40 -46.07
N ASP A 136 37.12 40.56 -44.77
CA ASP A 136 38.17 41.48 -44.32
C ASP A 136 39.37 40.73 -43.77
N ASP A 137 40.51 41.38 -43.82
CA ASP A 137 41.74 40.87 -43.24
C ASP A 137 41.90 41.41 -41.82
N HIS A 138 41.22 42.51 -41.53
CA HIS A 138 41.29 43.15 -40.22
C HIS A 138 39.96 42.99 -39.47
N PRO A 139 39.98 42.32 -38.32
CA PRO A 139 38.77 42.07 -37.52
C PRO A 139 38.10 43.36 -37.04
N ILE A 140 38.92 44.32 -36.62
CA ILE A 140 38.41 45.61 -36.16
C ILE A 140 37.64 46.31 -37.28
N ASN A 141 38.18 46.23 -38.50
CA ASN A 141 37.53 46.83 -39.66
C ASN A 141 36.24 46.10 -39.95
N ARG A 142 36.30 44.77 -39.92
CA ARG A 142 35.15 43.92 -40.17
C ARG A 142 33.97 44.30 -39.29
N ARG A 143 34.19 44.37 -37.99
CA ARG A 143 33.12 44.64 -37.04
C ARG A 143 32.52 46.03 -37.26
N LEU A 144 33.39 47.01 -37.48
CA LEU A 144 32.96 48.40 -37.51
C LEU A 144 32.24 48.76 -38.81
N LEU A 145 32.82 48.41 -39.94
CA LEU A 145 32.24 48.78 -41.22
C LEU A 145 31.02 47.91 -41.55
N ALA A 146 31.03 46.67 -41.06
CA ALA A 146 29.88 45.79 -41.22
C ALA A 146 28.73 46.24 -40.34
N ASP A 147 29.07 46.94 -39.26
CA ASP A 147 28.06 47.56 -38.40
C ASP A 147 27.32 48.62 -39.19
N GLN A 148 28.08 49.44 -39.93
CA GLN A 148 27.51 50.45 -40.80
C GLN A 148 26.66 49.80 -41.89
N LEU A 149 27.14 48.66 -42.40
CA LEU A 149 26.36 47.88 -43.37
C LEU A 149 25.05 47.40 -42.75
N GLY A 150 25.09 47.10 -41.46
CA GLY A 150 23.89 46.71 -40.74
C GLY A 150 22.92 47.87 -40.59
N SER A 151 23.46 49.09 -40.48
CA SER A 151 22.64 50.28 -40.40
C SER A 151 21.92 50.53 -41.73
N LEU A 152 22.50 50.02 -42.81
CA LEU A 152 21.85 50.09 -44.12
C LEU A 152 20.61 49.21 -44.15
N GLY A 153 20.69 48.05 -43.51
CA GLY A 153 19.53 47.17 -43.40
C GLY A 153 19.46 46.15 -44.52
N TYR A 154 20.52 45.37 -44.68
CA TYR A 154 20.54 44.30 -45.68
C TYR A 154 21.15 43.04 -45.07
N GLN A 155 20.96 41.90 -45.71
CA GLN A 155 21.49 40.66 -45.19
C GLN A 155 22.97 40.54 -45.52
N CYS A 156 23.81 40.68 -44.52
CA CYS A 156 25.24 40.68 -44.73
C CYS A 156 25.87 39.43 -44.11
N LYS A 157 26.94 38.95 -44.72
CA LYS A 157 27.69 37.84 -44.16
C LYS A 157 29.13 38.26 -43.93
N THR A 158 29.54 38.25 -42.67
CA THR A 158 30.89 38.68 -42.34
C THR A 158 31.83 37.48 -42.30
N ALA A 159 32.95 37.60 -43.00
CA ALA A 159 33.96 36.58 -42.99
C ALA A 159 35.34 37.19 -42.90
N ASN A 160 36.15 36.67 -42.01
CA ASN A 160 37.55 37.05 -41.93
C ASN A 160 38.40 35.86 -42.35
N ASP A 161 38.40 35.61 -43.65
CA ASP A 161 39.00 34.40 -44.21
C ASP A 161 38.97 34.47 -45.73
N GLY A 162 40.12 34.28 -46.35
CA GLY A 162 40.21 34.37 -47.79
C GLY A 162 39.55 33.19 -48.48
N VAL A 163 40.07 32.00 -48.22
CA VAL A 163 39.54 30.79 -48.85
C VAL A 163 38.07 30.56 -48.53
N ASP A 164 37.64 30.99 -47.34
CA ASP A 164 36.26 30.80 -46.91
C ASP A 164 35.29 31.65 -47.73
N ALA A 165 35.81 32.70 -48.37
CA ALA A 165 34.99 33.53 -49.25
C ALA A 165 34.53 32.72 -50.46
N LEU A 166 35.39 31.83 -50.92
CA LEU A 166 35.06 30.92 -52.00
C LEU A 166 34.08 29.86 -51.51
N ASN A 167 34.30 29.44 -50.26
CA ASN A 167 33.47 28.45 -49.61
C ASN A 167 31.99 28.87 -49.60
N VAL A 168 31.74 30.08 -49.10
CA VAL A 168 30.37 30.59 -49.00
C VAL A 168 29.81 30.96 -50.38
N LEU A 169 30.69 31.42 -51.27
CA LEU A 169 30.28 31.81 -52.62
C LEU A 169 29.71 30.62 -53.38
N SER A 170 30.42 29.50 -53.31
CA SER A 170 30.02 28.30 -54.02
C SER A 170 28.91 27.56 -53.28
N LYS A 171 28.78 27.84 -51.98
CA LYS A 171 27.74 27.24 -51.17
C LYS A 171 26.38 27.85 -51.49
N ASN A 172 26.32 29.17 -51.45
CA ASN A 172 25.08 29.88 -51.72
C ASN A 172 25.20 30.63 -53.05
N HIS A 173 25.70 31.86 -53.01
CA HIS A 173 25.85 32.69 -54.20
C HIS A 173 26.28 34.10 -53.82
N ILE A 174 25.39 34.81 -53.11
CA ILE A 174 25.61 36.21 -52.75
C ILE A 174 25.46 37.11 -53.99
N ASP A 175 24.88 38.29 -53.79
CA ASP A 175 24.61 39.19 -54.91
C ASP A 175 25.82 40.08 -55.20
N ILE A 176 26.42 40.60 -54.14
CA ILE A 176 27.59 41.47 -54.27
C ILE A 176 28.61 41.16 -53.19
N VAL A 177 29.88 41.10 -53.56
CA VAL A 177 30.94 40.78 -52.61
C VAL A 177 31.88 41.97 -52.44
N LEU A 178 32.17 42.32 -51.21
CA LEU A 178 33.15 43.33 -50.90
C LEU A 178 34.34 42.70 -50.20
N SER A 179 35.50 42.79 -50.81
CA SER A 179 36.69 42.19 -50.25
C SER A 179 37.59 43.25 -49.65
N ASP A 180 37.48 43.44 -48.35
CA ASP A 180 38.26 44.44 -47.64
C ASP A 180 39.59 43.84 -47.20
N VAL A 181 40.66 44.20 -47.88
CA VAL A 181 41.96 43.62 -47.59
C VAL A 181 43.01 44.70 -47.34
N ASN A 182 43.90 44.43 -46.40
CA ASN A 182 44.97 45.36 -46.06
C ASN A 182 46.26 44.98 -46.76
N MET A 183 46.21 43.89 -47.53
CA MET A 183 47.38 43.41 -48.26
C MET A 183 47.02 43.11 -49.71
N PRO A 184 46.96 44.14 -50.56
CA PRO A 184 46.59 43.99 -51.96
C PRO A 184 47.80 43.97 -52.89
N ASN A 185 48.71 43.02 -52.68
CA ASN A 185 49.92 42.95 -53.49
C ASN A 185 50.51 41.54 -53.48
N MET A 186 51.36 41.25 -52.51
CA MET A 186 51.98 39.93 -52.41
C MET A 186 50.95 38.90 -51.96
N ASP A 187 50.09 39.30 -51.04
CA ASP A 187 48.98 38.47 -50.62
C ASP A 187 47.68 39.06 -51.14
N GLY A 188 46.57 38.44 -50.79
CA GLY A 188 45.27 38.96 -51.18
C GLY A 188 44.90 38.62 -52.61
N TYR A 189 45.79 38.94 -53.54
CA TYR A 189 45.54 38.78 -54.97
C TYR A 189 45.34 37.31 -55.34
N ARG A 190 45.85 36.41 -54.50
CA ARG A 190 45.67 34.97 -54.72
C ARG A 190 44.20 34.62 -54.55
N LEU A 191 43.51 35.34 -53.68
CA LEU A 191 42.09 35.13 -53.44
C LEU A 191 41.30 35.56 -54.67
N THR A 192 41.58 36.77 -55.15
CA THR A 192 40.89 37.29 -56.33
C THR A 192 41.17 36.43 -57.55
N GLN A 193 42.41 35.97 -57.67
CA GLN A 193 42.80 35.06 -58.73
C GLN A 193 42.00 33.76 -58.63
N ARG A 194 41.91 33.24 -57.41
CA ARG A 194 41.17 32.01 -57.14
C ARG A 194 39.70 32.17 -57.54
N ILE A 195 39.12 33.31 -57.18
CA ILE A 195 37.73 33.61 -57.50
C ILE A 195 37.48 33.55 -59.00
N ARG A 196 38.29 34.28 -59.76
CA ARG A 196 38.13 34.35 -61.21
C ARG A 196 38.48 33.01 -61.87
N GLN A 197 39.38 32.25 -61.26
CA GLN A 197 39.82 30.98 -61.80
C GLN A 197 38.75 29.92 -61.61
N LEU A 198 38.03 30.01 -60.50
CA LEU A 198 36.94 29.08 -60.22
C LEU A 198 35.73 29.44 -61.08
N GLY A 199 35.40 30.72 -61.10
CA GLY A 199 34.28 31.17 -61.89
C GLY A 199 33.39 32.11 -61.13
N LEU A 200 33.69 33.40 -61.19
CA LEU A 200 32.87 34.41 -60.53
C LEU A 200 31.60 34.69 -61.34
N THR A 201 30.54 35.06 -60.64
CA THR A 201 29.26 35.34 -61.29
C THR A 201 28.63 36.61 -60.74
N LEU A 202 29.42 37.39 -60.03
CA LEU A 202 28.92 38.56 -59.33
C LEU A 202 29.99 39.64 -59.26
N PRO A 203 29.57 40.92 -59.15
CA PRO A 203 30.50 42.04 -59.03
C PRO A 203 31.26 42.02 -57.72
N VAL A 204 32.59 42.00 -57.80
CA VAL A 204 33.43 42.02 -56.63
C VAL A 204 34.03 43.41 -56.42
N ILE A 205 33.54 44.10 -55.41
CA ILE A 205 34.04 45.43 -55.08
C ILE A 205 35.08 45.32 -53.97
N GLY A 206 36.34 45.43 -54.37
CA GLY A 206 37.41 45.28 -53.43
C GLY A 206 37.81 46.59 -52.79
N VAL A 207 37.79 46.61 -51.46
CA VAL A 207 38.26 47.76 -50.72
C VAL A 207 39.65 47.45 -50.15
N THR A 208 40.65 48.06 -50.74
CA THR A 208 42.03 47.77 -50.41
C THR A 208 42.67 48.93 -49.64
N ALA A 209 43.55 48.60 -48.71
CA ALA A 209 44.24 49.62 -47.95
C ALA A 209 45.31 50.28 -48.80
N ASN A 210 44.99 51.50 -49.27
CA ASN A 210 45.91 52.34 -50.04
C ASN A 210 46.71 51.56 -51.09
N ALA A 211 46.04 51.15 -52.15
CA ALA A 211 46.71 50.44 -53.24
C ALA A 211 47.42 51.42 -54.15
N LEU A 212 47.09 52.70 -54.00
CA LEU A 212 47.68 53.80 -54.77
C LEU A 212 47.14 53.80 -56.19
N ALA A 213 47.38 52.72 -56.90
CA ALA A 213 46.84 52.53 -58.23
C ALA A 213 45.74 51.49 -58.19
N GLU A 214 44.75 51.73 -57.32
CA GLU A 214 43.63 50.81 -57.10
C GLU A 214 43.05 50.27 -58.41
N GLU A 215 42.82 51.16 -59.36
CA GLU A 215 42.23 50.78 -60.65
C GLU A 215 43.12 49.80 -61.41
N LYS A 216 44.42 50.09 -61.45
CA LYS A 216 45.37 49.25 -62.16
C LYS A 216 45.53 47.91 -61.46
N GLN A 217 45.53 47.95 -60.14
CA GLN A 217 45.61 46.74 -59.32
C GLN A 217 44.42 45.84 -59.62
N ARG A 218 43.23 46.43 -59.66
CA ARG A 218 42.01 45.70 -59.96
C ARG A 218 42.10 45.01 -61.32
N CYS A 219 42.77 45.65 -62.27
CA CYS A 219 42.96 45.08 -63.59
C CYS A 219 43.89 43.87 -63.51
N LEU A 220 44.89 43.95 -62.62
CA LEU A 220 45.83 42.86 -62.42
C LEU A 220 45.13 41.68 -61.73
N GLU A 221 44.16 42.00 -60.87
CA GLU A 221 43.36 40.99 -60.19
C GLU A 221 42.47 40.25 -61.18
N SER A 222 41.93 40.99 -62.15
CA SER A 222 41.10 40.44 -63.24
C SER A 222 39.99 39.51 -62.72
N GLY A 223 39.58 39.71 -61.47
CA GLY A 223 38.56 38.85 -60.89
C GLY A 223 37.69 39.59 -59.90
N MET A 224 37.58 40.90 -60.09
CA MET A 224 36.86 41.75 -59.17
C MET A 224 35.67 42.42 -59.87
N ASP A 225 35.71 43.74 -59.95
CA ASP A 225 34.70 44.54 -60.62
C ASP A 225 35.00 46.01 -60.42
N SER A 226 35.03 46.42 -59.16
CA SER A 226 35.34 47.80 -58.81
C SER A 226 36.29 47.83 -57.62
N CYS A 227 37.02 48.93 -57.46
CA CYS A 227 38.00 49.04 -56.41
C CYS A 227 37.85 50.36 -55.65
N LEU A 228 38.05 50.31 -54.35
CA LEU A 228 38.06 51.52 -53.52
C LEU A 228 39.08 51.34 -52.40
N SER A 229 39.35 52.42 -51.68
CA SER A 229 40.34 52.37 -50.63
C SER A 229 39.68 52.06 -49.28
N LYS A 230 40.47 51.48 -48.37
CA LYS A 230 40.01 51.09 -47.04
C LYS A 230 39.28 52.20 -46.30
N PRO A 231 39.84 53.45 -46.22
CA PRO A 231 39.13 54.59 -45.63
C PRO A 231 37.81 54.86 -46.34
N VAL A 232 36.71 54.46 -45.70
CA VAL A 232 35.40 54.56 -46.30
C VAL A 232 34.44 55.33 -45.39
N THR A 233 33.43 55.93 -45.98
CA THR A 233 32.41 56.64 -45.22
C THR A 233 31.06 55.96 -45.37
N LEU A 234 30.13 56.24 -44.47
CA LEU A 234 28.79 55.67 -44.54
C LEU A 234 28.09 56.08 -45.83
N ASP A 235 28.24 57.35 -46.19
CA ASP A 235 27.61 57.88 -47.40
C ASP A 235 28.10 57.16 -48.64
N VAL A 236 29.42 57.03 -48.78
CA VAL A 236 29.99 56.40 -49.96
C VAL A 236 29.75 54.88 -49.95
N ILE A 237 29.68 54.29 -48.76
CA ILE A 237 29.40 52.87 -48.64
C ILE A 237 27.95 52.58 -49.03
N LYS A 238 27.05 53.48 -48.64
CA LYS A 238 25.65 53.36 -49.02
C LYS A 238 25.49 53.58 -50.52
N GLN A 239 26.21 54.56 -51.05
CA GLN A 239 26.17 54.88 -52.47
C GLN A 239 26.60 53.67 -53.30
N THR A 240 27.73 53.07 -52.93
CA THR A 240 28.25 51.92 -53.65
C THR A 240 27.31 50.72 -53.56
N LEU A 241 26.78 50.47 -52.37
CA LEU A 241 25.85 49.37 -52.14
C LEU A 241 24.58 49.54 -52.98
N THR A 242 23.90 50.67 -52.79
CA THR A 242 22.66 50.97 -53.49
C THR A 242 22.85 50.96 -55.01
N LEU A 243 23.89 51.67 -55.46
CA LEU A 243 24.13 51.84 -56.90
C LEU A 243 24.29 50.50 -57.60
N TYR A 244 25.07 49.61 -57.01
CA TYR A 244 25.34 48.33 -57.65
C TYR A 244 24.20 47.34 -57.41
N ALA A 245 23.53 47.46 -56.27
CA ALA A 245 22.37 46.62 -55.99
C ALA A 245 21.28 46.85 -57.01
N GLU A 246 21.04 48.12 -57.33
CA GLU A 246 20.05 48.47 -58.33
C GLU A 246 20.54 48.09 -59.72
N ARG A 247 21.85 48.22 -59.94
CA ARG A 247 22.45 47.94 -61.23
C ARG A 247 22.31 46.47 -61.59
N VAL A 248 22.65 45.59 -60.66
CA VAL A 248 22.58 44.15 -60.90
C VAL A 248 21.14 43.69 -60.97
N ARG A 249 20.27 44.36 -60.24
CA ARG A 249 18.86 44.01 -60.21
C ARG A 249 18.19 44.39 -61.54
N LYS A 250 18.59 45.52 -62.12
CA LYS A 250 18.02 45.96 -63.37
C LYS A 250 18.67 45.26 -64.56
N SER A 251 19.90 44.79 -64.37
CA SER A 251 20.58 44.02 -65.40
C SER A 251 20.04 42.59 -65.46
N ARG A 252 19.54 42.12 -64.32
CA ARG A 252 18.85 40.84 -64.25
C ARG A 252 17.39 41.03 -64.61
N ASP A 253 16.95 42.29 -64.50
CA ASP A 253 15.57 42.69 -64.75
C ASP A 253 14.65 42.16 -63.66
N SER A 254 14.65 42.86 -62.54
CA SER A 254 13.77 42.53 -61.43
C SER A 254 13.13 43.82 -60.91
N MET A 1 -7.79 -0.26 -10.86
CA MET A 1 -8.58 0.72 -10.09
C MET A 1 -9.13 0.09 -8.82
N GLY A 2 -8.89 0.74 -7.69
CA GLY A 2 -9.34 0.22 -6.42
C GLY A 2 -8.33 0.47 -5.31
N GLY A 3 -7.55 -0.54 -4.99
CA GLY A 3 -6.55 -0.41 -3.95
C GLY A 3 -7.09 -0.63 -2.57
N SER A 4 -7.98 0.25 -2.14
CA SER A 4 -8.57 0.17 -0.82
C SER A 4 -9.43 -1.09 -0.69
N GLY A 5 -9.08 -1.96 0.25
CA GLY A 5 -9.81 -3.19 0.43
C GLY A 5 -8.89 -4.38 0.61
N VAL A 6 -7.67 -4.27 0.10
CA VAL A 6 -6.69 -5.36 0.20
C VAL A 6 -5.90 -5.25 1.52
N GLU A 7 -4.85 -6.05 1.63
CA GLU A 7 -3.98 -6.02 2.80
C GLU A 7 -3.39 -4.63 2.99
N GLY A 8 -3.52 -4.10 4.20
CA GLY A 8 -3.09 -2.75 4.47
C GLY A 8 -1.62 -2.67 4.81
N LEU A 9 -0.93 -1.72 4.18
CA LEU A 9 0.47 -1.43 4.46
C LEU A 9 1.35 -2.67 4.35
N SER A 10 1.69 -3.24 5.52
CA SER A 10 2.60 -4.39 5.62
C SER A 10 4.04 -4.00 5.29
N GLY A 11 4.98 -4.82 5.73
CA GLY A 11 6.38 -4.61 5.38
C GLY A 11 7.18 -3.94 6.48
N LYS A 12 6.49 -3.23 7.36
CA LYS A 12 7.14 -2.52 8.45
C LYS A 12 7.40 -3.48 9.61
N ARG A 13 8.42 -3.19 10.40
CA ARG A 13 8.80 -4.07 11.50
C ARG A 13 8.34 -3.49 12.84
N CYS A 14 8.25 -4.37 13.83
CA CYS A 14 7.93 -3.96 15.19
C CYS A 14 8.72 -4.79 16.17
N TRP A 15 9.55 -4.13 16.98
CA TRP A 15 10.37 -4.83 17.95
C TRP A 15 9.70 -4.77 19.32
N LEU A 16 9.46 -5.93 19.91
CA LEU A 16 8.82 -5.99 21.20
C LEU A 16 9.72 -6.67 22.22
N ALA A 17 9.99 -5.95 23.29
CA ALA A 17 10.75 -6.48 24.41
C ALA A 17 9.79 -6.75 25.57
N VAL A 18 8.57 -7.14 25.21
CA VAL A 18 7.56 -7.45 26.20
C VAL A 18 7.79 -8.86 26.74
N ARG A 19 8.35 -8.93 27.94
CA ARG A 19 8.64 -10.21 28.57
C ARG A 19 7.37 -10.88 29.05
N ASN A 20 6.32 -10.08 29.19
CA ASN A 20 5.00 -10.58 29.56
C ASN A 20 4.34 -11.25 28.36
N ALA A 21 4.18 -12.57 28.41
CA ALA A 21 3.69 -13.35 27.29
C ALA A 21 2.26 -12.96 26.92
N SER A 22 1.44 -12.69 27.92
CA SER A 22 0.06 -12.31 27.68
C SER A 22 -0.01 -10.96 26.97
N LEU A 23 0.76 -10.00 27.48
CA LEU A 23 0.82 -8.67 26.88
C LEU A 23 1.50 -8.69 25.53
N CYS A 24 2.62 -9.43 25.44
CA CYS A 24 3.41 -9.47 24.23
C CYS A 24 2.64 -10.12 23.09
N GLN A 25 2.00 -11.25 23.36
CA GLN A 25 1.24 -11.96 22.34
C GLN A 25 0.09 -11.08 21.84
N PHE A 26 -0.60 -10.43 22.76
CA PHE A 26 -1.72 -9.57 22.40
C PHE A 26 -1.28 -8.46 21.46
N LEU A 27 -0.31 -7.66 21.90
CA LEU A 27 0.20 -6.54 21.11
C LEU A 27 0.71 -7.03 19.75
N GLU A 28 1.48 -8.11 19.76
CA GLU A 28 2.09 -8.64 18.56
C GLU A 28 1.00 -9.03 17.53
N THR A 29 -0.08 -9.62 18.01
CA THR A 29 -1.16 -10.05 17.12
C THR A 29 -1.86 -8.85 16.50
N SER A 30 -2.12 -7.84 17.32
CA SER A 30 -2.81 -6.63 16.86
C SER A 30 -1.98 -5.87 15.83
N LEU A 31 -0.66 -5.93 15.95
CA LEU A 31 0.22 -5.22 15.04
C LEU A 31 0.45 -6.01 13.75
N GLN A 32 0.72 -7.30 13.87
CA GLN A 32 0.99 -8.13 12.70
C GLN A 32 -0.22 -8.24 11.79
N ARG A 33 -1.40 -8.00 12.35
CA ARG A 33 -2.63 -8.02 11.57
C ARG A 33 -2.64 -6.87 10.55
N SER A 34 -1.83 -5.85 10.82
CA SER A 34 -1.73 -4.70 9.92
C SER A 34 -0.46 -4.80 9.07
N GLY A 35 0.11 -6.00 9.03
CA GLY A 35 1.27 -6.25 8.19
C GLY A 35 2.57 -5.84 8.85
N ILE A 36 2.52 -5.61 10.15
CA ILE A 36 3.71 -5.22 10.90
C ILE A 36 4.36 -6.45 11.52
N VAL A 37 5.48 -6.87 10.95
CA VAL A 37 6.17 -8.07 11.41
C VAL A 37 6.78 -7.84 12.78
N VAL A 38 6.20 -8.49 13.78
CA VAL A 38 6.65 -8.35 15.16
C VAL A 38 7.77 -9.34 15.47
N THR A 39 8.80 -8.85 16.13
CA THR A 39 9.96 -9.65 16.48
C THR A 39 10.44 -9.33 17.89
N THR A 40 10.80 -10.37 18.62
CA THR A 40 11.27 -10.22 19.99
C THR A 40 12.62 -9.53 20.02
N TYR A 41 12.69 -8.42 20.75
CA TYR A 41 13.91 -7.64 20.84
C TYR A 41 14.82 -8.20 21.92
N GLU A 42 15.84 -8.93 21.48
CA GLU A 42 16.84 -9.46 22.40
C GLU A 42 18.07 -8.58 22.40
N GLY A 43 18.57 -8.29 21.21
CA GLY A 43 19.73 -7.44 21.04
C GLY A 43 19.94 -7.06 19.60
N GLN A 44 18.85 -6.73 18.92
CA GLN A 44 18.90 -6.39 17.51
C GLN A 44 19.22 -4.92 17.31
N GLU A 45 19.40 -4.52 16.06
CA GLU A 45 19.78 -3.15 15.74
C GLU A 45 18.55 -2.23 15.70
N PRO A 46 18.74 -0.96 16.11
CA PRO A 46 17.68 0.04 16.10
C PRO A 46 17.49 0.70 14.74
N THR A 47 16.26 1.05 14.41
CA THR A 47 15.95 1.72 13.16
C THR A 47 15.03 2.91 13.40
N PRO A 48 15.23 4.03 12.68
CA PRO A 48 14.43 5.26 12.84
C PRO A 48 12.97 5.09 12.42
N GLU A 49 12.64 3.97 11.81
CA GLU A 49 11.27 3.67 11.43
C GLU A 49 10.68 2.59 12.33
N ASP A 50 11.52 2.07 13.22
CA ASP A 50 11.14 0.95 14.06
C ASP A 50 10.80 1.42 15.47
N VAL A 51 9.82 0.77 16.08
CA VAL A 51 9.40 1.12 17.43
C VAL A 51 9.69 -0.03 18.39
N LEU A 52 10.15 0.31 19.58
CA LEU A 52 10.42 -0.67 20.61
C LEU A 52 9.33 -0.65 21.67
N ILE A 53 8.54 -1.70 21.71
CA ILE A 53 7.50 -1.85 22.72
C ILE A 53 8.02 -2.72 23.86
N THR A 54 8.29 -2.10 24.99
CA THR A 54 8.94 -2.80 26.09
C THR A 54 7.95 -3.14 27.20
N ASP A 55 8.20 -4.25 27.88
CA ASP A 55 7.47 -4.58 29.08
C ASP A 55 8.29 -4.13 30.28
N GLU A 56 7.81 -3.09 30.94
CA GLU A 56 8.52 -2.46 32.04
C GLU A 56 9.86 -1.88 31.57
N VAL A 57 10.84 -1.89 32.45
CA VAL A 57 12.12 -1.26 32.19
C VAL A 57 13.02 -2.13 31.32
N VAL A 58 13.63 -1.51 30.32
CA VAL A 58 14.54 -2.21 29.42
C VAL A 58 15.94 -1.61 29.51
N SER A 59 16.95 -2.47 29.45
CA SER A 59 18.34 -2.03 29.55
C SER A 59 18.89 -1.62 28.19
N LYS A 60 18.19 -0.71 27.52
CA LYS A 60 18.60 -0.24 26.21
C LYS A 60 17.97 1.12 25.92
N LYS A 61 18.80 2.05 25.46
CA LYS A 61 18.31 3.37 25.10
C LYS A 61 17.92 3.41 23.63
N TRP A 62 16.72 2.93 23.35
CA TRP A 62 16.18 2.92 21.99
C TRP A 62 15.98 4.35 21.50
N GLN A 63 16.57 4.66 20.36
CA GLN A 63 16.40 5.96 19.73
C GLN A 63 16.07 5.79 18.26
N GLY A 64 14.94 5.15 17.98
CA GLY A 64 14.51 4.97 16.62
C GLY A 64 13.30 5.81 16.29
N ARG A 65 12.20 5.15 15.95
CA ARG A 65 10.96 5.85 15.67
C ARG A 65 10.27 6.22 16.97
N ALA A 66 10.16 5.24 17.86
CA ALA A 66 9.53 5.45 19.16
C ALA A 66 9.78 4.26 20.07
N VAL A 67 9.55 4.46 21.35
CA VAL A 67 9.64 3.39 22.34
C VAL A 67 8.52 3.54 23.36
N VAL A 68 7.76 2.47 23.56
CA VAL A 68 6.61 2.50 24.45
C VAL A 68 6.78 1.50 25.58
N THR A 69 6.88 2.01 26.79
CA THR A 69 7.07 1.17 27.96
C THR A 69 5.74 0.88 28.64
N PHE A 70 5.33 -0.38 28.62
CA PHE A 70 4.14 -0.82 29.31
C PHE A 70 4.49 -1.14 30.75
N CYS A 71 4.04 -0.30 31.66
CA CYS A 71 4.40 -0.43 33.06
C CYS A 71 3.34 -1.20 33.83
N ARG A 72 3.76 -1.83 34.92
CA ARG A 72 2.83 -2.53 35.79
C ARG A 72 3.19 -2.33 37.25
N ARG A 73 4.49 -2.31 37.57
CA ARG A 73 4.93 -2.15 38.96
C ARG A 73 6.45 -2.00 39.08
N HIS A 74 7.09 -1.36 38.11
CA HIS A 74 8.51 -1.05 38.20
C HIS A 74 8.78 0.38 37.75
N ILE A 75 8.65 0.60 36.44
CA ILE A 75 8.78 1.92 35.85
C ILE A 75 10.19 2.50 36.01
N GLY A 76 10.97 2.42 34.93
CA GLY A 76 12.31 2.99 34.94
C GLY A 76 12.51 3.96 33.80
N ILE A 77 11.51 4.05 32.92
CA ILE A 77 11.54 4.96 31.79
C ILE A 77 10.64 6.17 32.09
N PRO A 78 11.01 7.37 31.60
CA PRO A 78 10.22 8.60 31.81
C PRO A 78 8.80 8.48 31.24
N LEU A 79 8.59 9.07 30.05
CA LEU A 79 7.29 9.05 29.39
C LEU A 79 7.32 9.96 28.15
N GLU A 80 6.14 10.24 27.61
CA GLU A 80 5.98 11.20 26.52
C GLU A 80 6.41 12.61 26.91
N LYS A 81 7.71 12.75 27.09
CA LYS A 81 8.35 14.04 27.34
C LYS A 81 9.63 14.10 26.55
N ALA A 82 9.85 13.07 25.73
CA ALA A 82 11.04 12.94 24.91
C ALA A 82 10.62 12.69 23.46
N PRO A 83 11.53 12.90 22.48
CA PRO A 83 11.23 12.74 21.06
C PRO A 83 10.98 11.29 20.64
N GLY A 84 9.90 10.72 21.13
CA GLY A 84 9.55 9.35 20.77
C GLY A 84 9.53 8.42 21.96
N GLU A 85 9.19 8.95 23.13
CA GLU A 85 9.10 8.14 24.33
C GLU A 85 7.66 8.12 24.81
N TRP A 86 7.15 6.92 25.07
CA TRP A 86 5.77 6.76 25.52
C TRP A 86 5.74 5.77 26.68
N VAL A 87 4.85 6.00 27.64
CA VAL A 87 4.64 5.02 28.70
C VAL A 87 3.16 4.80 28.94
N HIS A 88 2.81 3.62 29.42
CA HIS A 88 1.43 3.32 29.76
C HIS A 88 1.36 2.08 30.64
N SER A 89 0.79 2.24 31.82
CA SER A 89 0.60 1.13 32.72
C SER A 89 -0.74 0.45 32.44
N VAL A 90 -0.69 -0.67 31.73
CA VAL A 90 -1.89 -1.35 31.26
C VAL A 90 -1.50 -2.58 30.45
N ALA A 91 -2.48 -3.42 30.11
CA ALA A 91 -2.22 -4.63 29.33
C ALA A 91 -2.65 -4.45 27.88
N ALA A 92 -2.55 -3.22 27.39
CA ALA A 92 -2.88 -2.88 26.00
C ALA A 92 -4.33 -3.26 25.64
N PRO A 93 -5.31 -2.53 26.20
CA PRO A 93 -6.73 -2.81 25.97
C PRO A 93 -7.13 -2.65 24.50
N HIS A 94 -6.77 -1.50 23.91
CA HIS A 94 -7.13 -1.21 22.52
C HIS A 94 -6.55 0.12 22.05
N GLU A 95 -6.38 1.05 22.97
CA GLU A 95 -6.00 2.42 22.62
C GLU A 95 -4.55 2.52 22.19
N LEU A 96 -3.65 1.98 22.99
CA LEU A 96 -2.22 2.08 22.71
C LEU A 96 -1.82 1.34 21.43
N PRO A 97 -2.26 0.07 21.23
CA PRO A 97 -2.02 -0.62 19.96
C PRO A 97 -2.60 0.13 18.76
N ALA A 98 -3.71 0.83 18.98
CA ALA A 98 -4.32 1.64 17.94
C ALA A 98 -3.46 2.86 17.62
N LEU A 99 -2.86 3.43 18.66
CA LEU A 99 -1.94 4.55 18.49
C LEU A 99 -0.75 4.13 17.64
N LEU A 100 -0.23 2.92 17.90
CA LEU A 100 0.88 2.39 17.13
C LEU A 100 0.51 2.28 15.66
N ALA A 101 -0.70 1.81 15.39
CA ALA A 101 -1.19 1.70 14.02
C ALA A 101 -1.32 3.07 13.36
N ARG A 102 -1.74 4.07 14.14
CA ARG A 102 -1.88 5.42 13.63
C ARG A 102 -0.51 6.03 13.36
N ILE A 103 0.49 5.56 14.09
CA ILE A 103 1.87 6.01 13.90
C ILE A 103 2.39 5.52 12.55
N TYR A 104 1.98 4.30 12.18
CA TYR A 104 2.36 3.74 10.90
C TYR A 104 1.52 4.35 9.78
N LEU A 105 0.40 4.96 10.18
CA LEU A 105 -0.50 5.70 9.28
C LEU A 105 -1.31 4.77 8.36
N ILE A 106 -0.67 3.74 7.83
CA ILE A 106 -1.29 2.84 6.86
C ILE A 106 -1.82 3.64 5.68
N GLU A 107 -0.91 4.37 5.06
CA GLU A 107 -1.23 5.23 3.93
C GLU A 107 -1.34 4.42 2.64
N MET A 108 -1.14 3.11 2.76
CA MET A 108 -1.22 2.18 1.64
C MET A 108 -0.11 2.40 0.61
N GLU A 109 0.12 1.39 -0.21
CA GLU A 109 1.18 1.46 -1.21
C GLU A 109 0.60 1.40 -2.61
N SER A 110 1.45 1.13 -3.58
CA SER A 110 1.05 1.04 -4.96
C SER A 110 0.58 -0.37 -5.31
N ASP A 111 0.05 -0.54 -6.51
CA ASP A 111 -0.37 -1.86 -6.97
C ASP A 111 0.85 -2.68 -7.38
N ASP A 112 1.44 -3.36 -6.42
CA ASP A 112 2.66 -4.12 -6.62
C ASP A 112 2.50 -5.14 -7.75
N PRO A 113 3.29 -4.99 -8.82
CA PRO A 113 3.28 -5.92 -9.95
C PRO A 113 3.77 -7.31 -9.55
N ALA A 114 2.90 -8.30 -9.69
CA ALA A 114 3.24 -9.67 -9.33
C ALA A 114 4.19 -10.29 -10.36
N ASN A 115 4.80 -11.41 -9.98
CA ASN A 115 5.73 -12.09 -10.87
C ASN A 115 5.04 -13.23 -11.60
N ALA A 116 4.38 -12.91 -12.69
CA ALA A 116 3.72 -13.93 -13.50
C ALA A 116 4.67 -14.40 -14.61
N LEU A 117 4.64 -15.69 -14.88
CA LEU A 117 5.55 -16.28 -15.86
C LEU A 117 5.00 -16.14 -17.27
N PRO A 118 5.87 -15.78 -18.23
CA PRO A 118 5.53 -15.77 -19.65
C PRO A 118 5.73 -17.15 -20.27
N SER A 119 6.05 -17.20 -21.56
CA SER A 119 6.31 -18.46 -22.22
C SER A 119 7.60 -19.07 -21.70
N THR A 120 7.48 -19.93 -20.71
CA THR A 120 8.63 -20.54 -20.07
C THR A 120 8.92 -21.91 -20.68
N ASP A 121 10.05 -22.50 -20.33
CA ASP A 121 10.40 -23.83 -20.83
C ASP A 121 9.45 -24.86 -20.25
N LYS A 122 8.75 -25.58 -21.12
CA LYS A 122 7.75 -26.55 -20.70
C LYS A 122 8.42 -27.75 -20.03
N ALA A 123 9.55 -28.14 -20.56
CA ALA A 123 10.32 -29.24 -20.00
C ALA A 123 11.79 -28.88 -19.97
N VAL A 124 12.53 -29.52 -19.08
CA VAL A 124 13.97 -29.36 -19.03
C VAL A 124 14.63 -30.47 -19.82
N SER A 125 15.70 -30.13 -20.53
CA SER A 125 16.41 -31.06 -21.40
C SER A 125 16.73 -32.37 -20.69
N ASP A 126 16.74 -33.46 -21.47
CA ASP A 126 17.05 -34.78 -20.96
C ASP A 126 18.56 -34.90 -20.70
N ASN A 127 19.06 -34.08 -19.80
CA ASN A 127 20.46 -34.07 -19.43
C ASN A 127 20.78 -35.23 -18.49
N ASP A 128 20.45 -36.43 -18.96
CA ASP A 128 20.72 -37.65 -18.21
C ASP A 128 21.97 -38.31 -18.78
N ASP A 129 23.04 -38.29 -18.02
CA ASP A 129 24.30 -38.85 -18.47
C ASP A 129 24.66 -40.06 -17.63
N MET A 130 24.98 -39.82 -16.37
CA MET A 130 25.31 -40.88 -15.44
C MET A 130 24.21 -41.03 -14.41
N MET A 131 23.46 -42.11 -14.52
CA MET A 131 22.35 -42.37 -13.61
C MET A 131 22.81 -43.28 -12.49
N ILE A 132 22.93 -42.71 -11.30
CA ILE A 132 23.33 -43.47 -10.13
C ILE A 132 22.16 -43.61 -9.17
N LEU A 133 21.86 -44.84 -8.81
CA LEU A 133 20.74 -45.15 -7.93
C LEU A 133 21.24 -45.25 -6.49
N VAL A 134 20.66 -44.45 -5.62
CA VAL A 134 21.04 -44.46 -4.22
C VAL A 134 19.85 -44.86 -3.34
N VAL A 135 20.00 -45.97 -2.63
CA VAL A 135 18.96 -46.45 -1.74
C VAL A 135 19.47 -46.51 -0.31
N ASP A 136 19.41 -45.38 0.39
CA ASP A 136 19.88 -45.31 1.77
C ASP A 136 18.69 -45.51 2.69
N ASP A 137 18.78 -46.54 3.54
CA ASP A 137 17.68 -46.88 4.45
C ASP A 137 17.22 -45.68 5.30
N HIS A 138 18.13 -44.75 5.54
CA HIS A 138 17.83 -43.58 6.36
C HIS A 138 17.50 -42.38 5.48
N PRO A 139 16.23 -41.95 5.46
CA PRO A 139 15.75 -40.87 4.59
C PRO A 139 16.60 -39.59 4.68
N ILE A 140 16.95 -39.19 5.91
CA ILE A 140 17.70 -37.96 6.12
C ILE A 140 19.12 -38.08 5.56
N ASN A 141 19.72 -39.25 5.75
CA ASN A 141 21.08 -39.49 5.27
C ASN A 141 21.07 -39.66 3.76
N ARG A 142 20.04 -40.35 3.27
CA ARG A 142 19.83 -40.54 1.84
C ARG A 142 19.80 -39.20 1.13
N ARG A 143 19.14 -38.24 1.73
CA ARG A 143 19.06 -36.89 1.19
C ARG A 143 20.43 -36.22 1.17
N LEU A 144 21.16 -36.38 2.26
CA LEU A 144 22.42 -35.68 2.46
C LEU A 144 23.49 -36.13 1.47
N LEU A 145 23.67 -37.44 1.31
CA LEU A 145 24.70 -37.93 0.40
C LEU A 145 24.27 -37.76 -1.05
N ALA A 146 22.96 -37.76 -1.30
CA ALA A 146 22.44 -37.49 -2.63
C ALA A 146 22.70 -36.04 -3.01
N ASP A 147 22.73 -35.18 -2.00
CA ASP A 147 23.07 -33.78 -2.19
C ASP A 147 24.51 -33.66 -2.64
N GLN A 148 25.38 -34.45 -2.02
CA GLN A 148 26.78 -34.50 -2.42
C GLN A 148 26.91 -35.03 -3.85
N LEU A 149 26.17 -36.10 -4.14
CA LEU A 149 26.16 -36.71 -5.47
C LEU A 149 25.73 -35.70 -6.53
N GLY A 150 24.66 -34.96 -6.25
CA GLY A 150 24.16 -33.97 -7.19
C GLY A 150 25.15 -32.86 -7.42
N SER A 151 25.82 -32.42 -6.36
CA SER A 151 26.81 -31.36 -6.45
C SER A 151 28.03 -31.83 -7.25
N LEU A 152 28.24 -33.14 -7.30
CA LEU A 152 29.33 -33.71 -8.08
C LEU A 152 29.02 -33.66 -9.57
N GLY A 153 27.72 -33.56 -9.89
CA GLY A 153 27.29 -33.46 -11.26
C GLY A 153 26.66 -34.74 -11.77
N TYR A 154 26.51 -35.71 -10.90
CA TYR A 154 25.95 -37.00 -11.28
C TYR A 154 24.45 -37.06 -10.98
N GLN A 155 23.69 -37.66 -11.89
CA GLN A 155 22.25 -37.76 -11.72
C GLN A 155 21.93 -38.85 -10.71
N CYS A 156 21.34 -38.46 -9.60
CA CYS A 156 21.08 -39.37 -8.52
C CYS A 156 19.59 -39.67 -8.41
N LYS A 157 19.25 -40.94 -8.24
CA LYS A 157 17.87 -41.32 -7.99
C LYS A 157 17.72 -41.73 -6.53
N THR A 158 17.02 -40.91 -5.77
CA THR A 158 16.94 -41.07 -4.32
C THR A 158 15.77 -41.95 -3.90
N ALA A 159 16.09 -43.04 -3.20
CA ALA A 159 15.08 -43.91 -2.62
C ALA A 159 15.59 -44.53 -1.33
N ASN A 160 14.71 -45.21 -0.59
CA ASN A 160 15.10 -45.87 0.64
C ASN A 160 14.34 -47.19 0.84
N ASP A 161 14.73 -48.19 0.10
CA ASP A 161 14.13 -49.53 0.21
C ASP A 161 14.92 -50.54 -0.60
N GLY A 162 15.15 -51.70 0.00
CA GLY A 162 15.92 -52.74 -0.66
C GLY A 162 15.21 -53.31 -1.87
N VAL A 163 13.90 -53.52 -1.76
CA VAL A 163 13.14 -54.12 -2.85
C VAL A 163 12.92 -53.13 -3.98
N ASP A 164 12.72 -51.87 -3.63
CA ASP A 164 12.49 -50.83 -4.63
C ASP A 164 13.69 -50.65 -5.54
N ALA A 165 14.87 -51.04 -5.06
CA ALA A 165 16.07 -51.01 -5.87
C ALA A 165 15.93 -51.93 -7.07
N LEU A 166 15.24 -53.06 -6.87
CA LEU A 166 14.97 -54.00 -7.94
C LEU A 166 13.89 -53.47 -8.86
N ASN A 167 12.91 -52.77 -8.28
CA ASN A 167 11.82 -52.18 -9.03
C ASN A 167 12.35 -51.14 -10.01
N VAL A 168 13.17 -50.23 -9.50
CA VAL A 168 13.76 -49.19 -10.34
C VAL A 168 14.72 -49.79 -11.37
N LEU A 169 15.36 -50.91 -11.02
CA LEU A 169 16.22 -51.64 -11.93
C LEU A 169 15.41 -52.11 -13.15
N SER A 170 14.19 -52.56 -12.90
CA SER A 170 13.33 -53.05 -13.95
C SER A 170 12.68 -51.89 -14.71
N LYS A 171 12.46 -50.79 -14.01
CA LYS A 171 11.87 -49.59 -14.60
C LYS A 171 12.85 -48.96 -15.60
N ASN A 172 14.00 -48.56 -15.10
CA ASN A 172 15.04 -47.98 -15.92
C ASN A 172 16.14 -49.01 -16.13
N HIS A 173 17.35 -48.70 -15.69
CA HIS A 173 18.45 -49.66 -15.70
C HIS A 173 19.58 -49.20 -14.80
N ILE A 174 19.94 -47.91 -14.92
CA ILE A 174 20.93 -47.29 -14.04
C ILE A 174 22.36 -47.77 -14.39
N ASP A 175 23.34 -46.88 -14.21
CA ASP A 175 24.73 -47.19 -14.51
C ASP A 175 25.39 -47.87 -13.32
N ILE A 176 25.24 -47.27 -12.15
CA ILE A 176 25.83 -47.81 -10.93
C ILE A 176 24.81 -47.75 -9.79
N VAL A 177 24.68 -48.84 -9.06
CA VAL A 177 23.72 -48.91 -7.97
C VAL A 177 24.42 -49.07 -6.63
N LEU A 178 24.08 -48.21 -5.68
CA LEU A 178 24.63 -48.33 -4.34
C LEU A 178 23.50 -48.53 -3.33
N SER A 179 23.48 -49.69 -2.70
CA SER A 179 22.47 -49.99 -1.71
C SER A 179 23.04 -49.81 -0.30
N ASP A 180 22.36 -49.01 0.50
CA ASP A 180 22.81 -48.75 1.85
C ASP A 180 21.90 -49.41 2.87
N VAL A 181 22.50 -50.23 3.72
CA VAL A 181 21.77 -50.90 4.77
C VAL A 181 22.28 -50.44 6.13
N ASN A 182 21.60 -49.45 6.69
CA ASN A 182 21.91 -48.99 8.05
C ASN A 182 21.64 -50.12 9.04
N MET A 183 20.73 -51.00 8.67
CA MET A 183 20.44 -52.18 9.45
C MET A 183 20.68 -53.43 8.60
N PRO A 184 21.80 -54.13 8.86
CA PRO A 184 22.19 -55.31 8.09
C PRO A 184 21.27 -56.51 8.36
N ASN A 185 20.48 -56.42 9.42
CA ASN A 185 19.59 -57.51 9.80
C ASN A 185 18.38 -57.59 8.86
N MET A 186 18.16 -58.78 8.31
CA MET A 186 17.00 -59.07 7.47
C MET A 186 17.11 -58.42 6.09
N ASP A 187 17.10 -57.09 6.05
CA ASP A 187 17.14 -56.36 4.80
C ASP A 187 18.51 -56.48 4.15
N GLY A 188 19.54 -56.53 4.99
CA GLY A 188 20.90 -56.74 4.51
C GLY A 188 21.17 -58.19 4.14
N TYR A 189 20.18 -58.81 3.51
CA TYR A 189 20.25 -60.18 3.08
C TYR A 189 19.20 -60.41 2.00
N ARG A 190 17.98 -59.98 2.31
CA ARG A 190 16.85 -60.10 1.40
C ARG A 190 17.11 -59.32 0.11
N LEU A 191 17.58 -58.09 0.26
CA LEU A 191 17.82 -57.22 -0.89
C LEU A 191 18.97 -57.77 -1.75
N THR A 192 20.04 -58.20 -1.08
CA THR A 192 21.21 -58.73 -1.76
C THR A 192 20.87 -59.99 -2.54
N GLN A 193 20.16 -60.90 -1.88
CA GLN A 193 19.77 -62.17 -2.49
C GLN A 193 18.93 -61.95 -3.74
N ARG A 194 17.98 -61.03 -3.65
CA ARG A 194 17.07 -60.77 -4.76
C ARG A 194 17.80 -60.08 -5.92
N ILE A 195 18.71 -59.16 -5.58
CA ILE A 195 19.47 -58.44 -6.60
C ILE A 195 20.27 -59.40 -7.48
N ARG A 196 20.99 -60.31 -6.85
CA ARG A 196 21.79 -61.29 -7.59
C ARG A 196 20.91 -62.39 -8.18
N GLN A 197 19.74 -62.58 -7.58
CA GLN A 197 18.77 -63.55 -8.08
C GLN A 197 18.29 -63.14 -9.46
N LEU A 198 18.00 -61.86 -9.62
CA LEU A 198 17.65 -61.31 -10.91
C LEU A 198 18.88 -61.20 -11.80
N GLY A 199 20.02 -60.99 -11.16
CA GLY A 199 21.28 -60.94 -11.87
C GLY A 199 21.63 -59.54 -12.31
N LEU A 200 21.89 -58.66 -11.36
CA LEU A 200 22.28 -57.30 -11.66
C LEU A 200 23.64 -57.29 -12.35
N THR A 201 23.63 -56.92 -13.63
CA THR A 201 24.85 -56.96 -14.43
C THR A 201 25.67 -55.69 -14.27
N LEU A 202 25.09 -54.68 -13.64
CA LEU A 202 25.79 -53.44 -13.37
C LEU A 202 26.43 -53.50 -11.99
N PRO A 203 27.58 -52.84 -11.81
CA PRO A 203 28.32 -52.88 -10.53
C PRO A 203 27.50 -52.33 -9.37
N VAL A 204 27.44 -53.12 -8.29
CA VAL A 204 26.70 -52.71 -7.11
C VAL A 204 27.64 -52.43 -5.94
N ILE A 205 27.47 -51.28 -5.33
CA ILE A 205 28.25 -50.92 -4.16
C ILE A 205 27.40 -50.98 -2.91
N GLY A 206 27.69 -51.94 -2.04
CA GLY A 206 26.89 -52.13 -0.85
C GLY A 206 27.50 -51.46 0.35
N VAL A 207 26.92 -50.35 0.77
CA VAL A 207 27.39 -49.64 1.95
C VAL A 207 26.61 -50.12 3.17
N THR A 208 27.32 -50.47 4.23
CA THR A 208 26.69 -50.97 5.44
C THR A 208 27.07 -50.13 6.64
N ALA A 209 26.09 -49.85 7.49
CA ALA A 209 26.34 -49.12 8.72
C ALA A 209 26.93 -50.05 9.77
N ASN A 210 28.16 -49.76 10.19
CA ASN A 210 28.88 -50.57 11.17
C ASN A 210 29.08 -51.98 10.63
N ALA A 211 29.69 -52.05 9.44
CA ALA A 211 30.00 -53.33 8.82
C ALA A 211 31.10 -54.06 9.57
N LEU A 212 30.69 -54.79 10.60
CA LEU A 212 31.62 -55.53 11.44
C LEU A 212 31.97 -56.87 10.82
N ALA A 213 30.96 -57.54 10.27
CA ALA A 213 31.15 -58.86 9.67
C ALA A 213 30.59 -58.88 8.25
N GLU A 214 30.13 -57.73 7.81
CA GLU A 214 29.43 -57.61 6.54
C GLU A 214 30.37 -57.81 5.35
N GLU A 215 31.67 -57.72 5.59
CA GLU A 215 32.65 -57.99 4.54
C GLU A 215 32.61 -59.47 4.14
N LYS A 216 32.42 -60.33 5.13
CA LYS A 216 32.30 -61.76 4.89
C LYS A 216 30.95 -62.06 4.26
N GLN A 217 29.93 -61.29 4.66
CA GLN A 217 28.60 -61.43 4.09
C GLN A 217 28.61 -61.06 2.61
N ARG A 218 29.40 -60.05 2.27
CA ARG A 218 29.57 -59.61 0.90
C ARG A 218 30.17 -60.73 0.05
N CYS A 219 31.15 -61.42 0.62
CA CYS A 219 31.80 -62.54 -0.07
C CYS A 219 30.86 -63.73 -0.17
N LEU A 220 29.99 -63.88 0.82
CA LEU A 220 29.03 -64.98 0.85
C LEU A 220 27.96 -64.80 -0.22
N GLU A 221 27.34 -63.64 -0.24
CA GLU A 221 26.25 -63.36 -1.16
C GLU A 221 26.78 -63.13 -2.58
N SER A 222 27.84 -62.35 -2.69
CA SER A 222 28.41 -61.95 -3.97
C SER A 222 27.33 -61.39 -4.91
N GLY A 223 26.51 -60.49 -4.38
CA GLY A 223 25.42 -59.93 -5.16
C GLY A 223 25.57 -58.45 -5.39
N MET A 224 26.80 -57.96 -5.34
CA MET A 224 27.04 -56.53 -5.52
C MET A 224 28.30 -56.29 -6.35
N ASP A 225 29.42 -56.09 -5.66
CA ASP A 225 30.74 -55.92 -6.27
C ASP A 225 31.73 -55.52 -5.19
N SER A 226 31.42 -54.41 -4.52
CA SER A 226 32.24 -53.96 -3.40
C SER A 226 31.36 -53.58 -2.20
N CYS A 227 31.97 -53.49 -1.03
CA CYS A 227 31.26 -53.07 0.17
C CYS A 227 31.94 -51.86 0.80
N LEU A 228 31.15 -50.88 1.22
CA LEU A 228 31.68 -49.67 1.82
C LEU A 228 31.10 -49.46 3.21
N SER A 229 31.60 -48.45 3.90
CA SER A 229 31.14 -48.14 5.23
C SER A 229 30.08 -47.04 5.17
N LYS A 230 29.26 -46.94 6.21
CA LYS A 230 28.31 -45.85 6.33
C LYS A 230 29.02 -44.48 6.37
N PRO A 231 30.10 -44.32 7.18
CA PRO A 231 30.89 -43.09 7.18
C PRO A 231 31.49 -42.77 5.80
N VAL A 232 30.73 -42.05 5.00
CA VAL A 232 31.17 -41.63 3.68
C VAL A 232 30.96 -40.12 3.53
N THR A 233 32.06 -39.39 3.40
CA THR A 233 32.03 -37.95 3.29
C THR A 233 32.18 -37.52 1.82
N LEU A 234 32.23 -36.20 1.58
CA LEU A 234 32.28 -35.65 0.22
C LEU A 234 33.45 -36.23 -0.57
N ASP A 235 34.63 -36.30 0.04
CA ASP A 235 35.81 -36.79 -0.66
C ASP A 235 35.67 -38.27 -0.98
N VAL A 236 35.05 -39.00 -0.07
CA VAL A 236 34.94 -40.45 -0.20
C VAL A 236 33.88 -40.84 -1.24
N ILE A 237 32.74 -40.15 -1.22
CA ILE A 237 31.68 -40.43 -2.18
C ILE A 237 32.17 -40.12 -3.59
N LYS A 238 32.94 -39.05 -3.72
CA LYS A 238 33.51 -38.66 -4.99
C LYS A 238 34.50 -39.70 -5.48
N GLN A 239 35.41 -40.12 -4.59
CA GLN A 239 36.42 -41.11 -4.92
C GLN A 239 35.78 -42.43 -5.36
N THR A 240 34.83 -42.91 -4.58
CA THR A 240 34.17 -44.18 -4.86
C THR A 240 33.37 -44.10 -6.17
N LEU A 241 32.64 -43.01 -6.35
CA LEU A 241 31.83 -42.82 -7.55
C LEU A 241 32.72 -42.77 -8.79
N THR A 242 33.83 -42.05 -8.67
CA THR A 242 34.77 -41.90 -9.77
C THR A 242 35.47 -43.23 -10.07
N LEU A 243 35.77 -43.99 -9.02
CA LEU A 243 36.41 -45.29 -9.18
C LEU A 243 35.50 -46.26 -9.93
N TYR A 244 34.21 -46.15 -9.70
CA TYR A 244 33.24 -47.00 -10.37
C TYR A 244 32.99 -46.49 -11.79
N ALA A 245 32.97 -45.17 -11.94
CA ALA A 245 32.75 -44.55 -13.23
C ALA A 245 33.89 -44.87 -14.20
N GLU A 246 35.12 -44.84 -13.70
CA GLU A 246 36.28 -45.18 -14.51
C GLU A 246 36.26 -46.67 -14.84
N ARG A 247 35.81 -47.48 -13.88
CA ARG A 247 35.74 -48.91 -14.07
C ARG A 247 34.80 -49.27 -15.21
N VAL A 248 33.61 -48.68 -15.21
CA VAL A 248 32.64 -48.95 -16.27
C VAL A 248 33.07 -48.28 -17.57
N ARG A 249 33.76 -47.15 -17.44
CA ARG A 249 34.24 -46.42 -18.60
C ARG A 249 35.25 -47.25 -19.39
N LYS A 250 36.25 -47.79 -18.69
CA LYS A 250 37.29 -48.56 -19.34
C LYS A 250 36.78 -49.93 -19.78
N SER A 251 35.67 -50.38 -19.20
CA SER A 251 35.04 -51.63 -19.62
C SER A 251 34.18 -51.40 -20.86
N ARG A 252 33.73 -50.17 -21.05
CA ARG A 252 32.92 -49.82 -22.20
C ARG A 252 33.82 -49.49 -23.40
N ASP A 253 34.75 -48.58 -23.19
CA ASP A 253 35.60 -48.09 -24.26
C ASP A 253 37.03 -47.87 -23.76
N SER A 254 37.98 -48.13 -24.62
CA SER A 254 39.38 -47.90 -24.31
C SER A 254 40.15 -47.65 -25.61
N MET A 1 5.03 -7.27 -13.25
CA MET A 1 3.55 -7.30 -13.21
C MET A 1 3.05 -6.55 -11.99
N GLY A 2 2.10 -5.65 -12.19
CA GLY A 2 1.63 -4.81 -11.10
C GLY A 2 2.52 -3.61 -10.92
N GLY A 3 3.41 -3.67 -9.95
CA GLY A 3 4.38 -2.62 -9.77
C GLY A 3 4.29 -1.98 -8.39
N SER A 4 3.08 -1.94 -7.85
CA SER A 4 2.87 -1.36 -6.52
C SER A 4 3.43 -2.27 -5.44
N GLY A 5 4.07 -1.67 -4.45
CA GLY A 5 4.64 -2.42 -3.36
C GLY A 5 5.33 -1.49 -2.38
N VAL A 6 5.36 -1.89 -1.11
CA VAL A 6 5.95 -1.06 -0.05
C VAL A 6 5.32 0.34 -0.05
N GLU A 7 4.00 0.36 0.01
CA GLU A 7 3.26 1.62 -0.02
C GLU A 7 3.20 2.24 1.36
N GLY A 8 3.56 1.47 2.36
CA GLY A 8 3.55 1.95 3.74
C GLY A 8 3.61 0.81 4.73
N LEU A 9 2.74 -0.17 4.53
CA LEU A 9 2.69 -1.34 5.39
C LEU A 9 3.33 -2.53 4.69
N SER A 10 3.32 -3.69 5.35
CA SER A 10 3.93 -4.91 4.82
C SER A 10 5.43 -4.71 4.58
N GLY A 11 6.06 -3.92 5.44
CA GLY A 11 7.48 -3.65 5.31
C GLY A 11 8.02 -2.87 6.47
N LYS A 12 7.29 -2.88 7.57
CA LYS A 12 7.70 -2.20 8.79
C LYS A 12 7.81 -3.21 9.91
N ARG A 13 8.76 -3.02 10.81
CA ARG A 13 8.95 -3.93 11.91
C ARG A 13 8.37 -3.38 13.19
N CYS A 14 8.16 -4.27 14.14
CA CYS A 14 7.79 -3.88 15.48
C CYS A 14 8.60 -4.69 16.47
N TRP A 15 9.52 -4.03 17.15
CA TRP A 15 10.43 -4.72 18.05
C TRP A 15 9.84 -4.76 19.44
N LEU A 16 9.32 -5.91 19.83
CA LEU A 16 8.70 -6.06 21.12
C LEU A 16 9.63 -6.75 22.10
N ALA A 17 9.94 -6.06 23.19
CA ALA A 17 10.73 -6.61 24.26
C ALA A 17 9.80 -6.93 25.42
N VAL A 18 8.66 -7.53 25.09
CA VAL A 18 7.66 -7.87 26.07
C VAL A 18 7.73 -9.35 26.42
N ARG A 19 7.88 -9.65 27.69
CA ARG A 19 7.96 -11.03 28.14
C ARG A 19 6.68 -11.41 28.89
N ASN A 20 5.77 -10.45 28.97
CA ASN A 20 4.45 -10.70 29.53
C ASN A 20 3.56 -11.31 28.45
N ALA A 21 3.21 -12.57 28.63
CA ALA A 21 2.51 -13.36 27.61
C ALA A 21 1.23 -12.69 27.11
N SER A 22 0.33 -12.37 28.04
CA SER A 22 -0.94 -11.75 27.67
C SER A 22 -0.72 -10.42 26.96
N LEU A 23 0.30 -9.69 27.42
CA LEU A 23 0.60 -8.37 26.88
C LEU A 23 1.25 -8.47 25.49
N CYS A 24 2.27 -9.32 25.39
CA CYS A 24 3.02 -9.44 24.15
C CYS A 24 2.15 -10.08 23.07
N GLN A 25 1.42 -11.11 23.42
CA GLN A 25 0.56 -11.82 22.47
C GLN A 25 -0.51 -10.88 21.91
N PHE A 26 -1.13 -10.09 22.78
CA PHE A 26 -2.18 -9.16 22.37
C PHE A 26 -1.65 -8.18 21.33
N LEU A 27 -0.58 -7.47 21.68
CA LEU A 27 -0.02 -6.46 20.80
C LEU A 27 0.49 -7.07 19.50
N GLU A 28 1.20 -8.19 19.62
CA GLU A 28 1.83 -8.84 18.47
C GLU A 28 0.78 -9.26 17.44
N THR A 29 -0.29 -9.92 17.90
CA THR A 29 -1.32 -10.42 17.00
C THR A 29 -2.03 -9.26 16.29
N SER A 30 -2.21 -8.16 17.01
CA SER A 30 -2.87 -6.98 16.46
C SER A 30 -1.99 -6.30 15.41
N LEU A 31 -0.68 -6.28 15.65
CA LEU A 31 0.25 -5.60 14.76
C LEU A 31 0.47 -6.40 13.49
N GLN A 32 0.65 -7.72 13.64
CA GLN A 32 0.88 -8.60 12.49
C GLN A 32 -0.38 -8.73 11.64
N ARG A 33 -1.49 -8.23 12.17
CA ARG A 33 -2.75 -8.21 11.44
C ARG A 33 -2.66 -7.25 10.25
N SER A 34 -1.89 -6.17 10.44
CA SER A 34 -1.77 -5.12 9.44
C SER A 34 -0.58 -5.36 8.52
N GLY A 35 0.08 -6.50 8.66
CA GLY A 35 1.22 -6.80 7.83
C GLY A 35 2.51 -6.25 8.40
N ILE A 36 2.47 -5.86 9.66
CA ILE A 36 3.67 -5.43 10.37
C ILE A 36 4.38 -6.65 10.97
N VAL A 37 5.67 -6.76 10.72
CA VAL A 37 6.42 -7.92 11.20
C VAL A 37 6.87 -7.69 12.64
N VAL A 38 6.18 -8.35 13.56
CA VAL A 38 6.51 -8.27 14.98
C VAL A 38 7.67 -9.19 15.30
N THR A 39 8.78 -8.60 15.71
CA THR A 39 9.99 -9.34 16.02
C THR A 39 10.45 -9.07 17.44
N THR A 40 10.73 -10.14 18.18
CA THR A 40 11.15 -10.04 19.55
C THR A 40 12.52 -9.37 19.67
N TYR A 41 12.57 -8.28 20.43
CA TYR A 41 13.81 -7.53 20.59
C TYR A 41 14.64 -8.10 21.73
N GLU A 42 15.62 -8.92 21.37
CA GLU A 42 16.57 -9.45 22.32
C GLU A 42 17.82 -8.60 22.32
N GLY A 43 18.09 -8.00 21.17
CA GLY A 43 19.24 -7.14 21.01
C GLY A 43 19.57 -6.96 19.55
N GLN A 44 18.57 -6.55 18.78
CA GLN A 44 18.69 -6.52 17.33
C GLN A 44 18.93 -5.11 16.80
N GLU A 45 18.87 -4.98 15.48
CA GLU A 45 19.15 -3.73 14.80
C GLU A 45 18.06 -2.69 15.06
N PRO A 46 18.47 -1.44 15.36
CA PRO A 46 17.56 -0.31 15.51
C PRO A 46 17.31 0.39 14.18
N THR A 47 16.06 0.75 13.92
CA THR A 47 15.71 1.40 12.67
C THR A 47 14.85 2.64 12.93
N PRO A 48 15.09 3.74 12.18
CA PRO A 48 14.38 5.02 12.35
C PRO A 48 12.89 4.94 12.00
N GLU A 49 12.50 3.84 11.39
CA GLU A 49 11.09 3.63 11.04
C GLU A 49 10.48 2.55 11.91
N ASP A 50 11.28 2.06 12.83
CA ASP A 50 10.88 0.96 13.69
C ASP A 50 10.65 1.44 15.11
N VAL A 51 9.78 0.76 15.83
CA VAL A 51 9.45 1.14 17.19
C VAL A 51 9.76 0.02 18.16
N LEU A 52 10.16 0.40 19.36
CA LEU A 52 10.44 -0.57 20.43
C LEU A 52 9.30 -0.56 21.44
N ILE A 53 8.52 -1.63 21.45
CA ILE A 53 7.49 -1.80 22.47
C ILE A 53 8.06 -2.64 23.60
N THR A 54 8.34 -2.00 24.71
CA THR A 54 9.07 -2.63 25.80
C THR A 54 8.14 -3.07 26.93
N ASP A 55 8.57 -4.08 27.66
CA ASP A 55 7.84 -4.56 28.83
C ASP A 55 8.66 -4.28 30.08
N GLU A 56 8.15 -3.39 30.93
CA GLU A 56 8.80 -3.01 32.17
C GLU A 56 10.08 -2.23 31.91
N VAL A 57 10.83 -1.94 32.97
CA VAL A 57 12.10 -1.25 32.87
C VAL A 57 13.08 -2.05 32.02
N VAL A 58 13.65 -1.40 31.01
CA VAL A 58 14.62 -2.03 30.14
C VAL A 58 16.00 -1.38 30.28
N SER A 59 16.02 -0.22 30.94
CA SER A 59 17.26 0.55 31.12
C SER A 59 17.93 0.86 29.78
N LYS A 60 17.17 1.44 28.87
CA LYS A 60 17.68 1.82 27.56
C LYS A 60 16.83 2.96 26.99
N LYS A 61 17.31 3.58 25.93
CA LYS A 61 16.60 4.68 25.31
C LYS A 61 16.07 4.28 23.94
N TRP A 62 16.89 3.53 23.20
CA TRP A 62 16.54 3.03 21.87
C TRP A 62 16.57 4.16 20.84
N GLN A 63 17.18 3.89 19.70
CA GLN A 63 17.24 4.85 18.62
C GLN A 63 16.44 4.35 17.42
N GLY A 64 15.38 5.06 17.09
CA GLY A 64 14.53 4.67 15.99
C GLY A 64 13.42 5.65 15.75
N ARG A 65 12.22 5.15 15.46
CA ARG A 65 11.07 6.03 15.28
C ARG A 65 10.52 6.45 16.63
N ALA A 66 10.21 5.47 17.47
CA ALA A 66 9.69 5.75 18.81
C ALA A 66 9.82 4.52 19.69
N VAL A 67 9.70 4.73 21.00
CA VAL A 67 9.73 3.63 21.96
C VAL A 67 8.57 3.74 22.93
N VAL A 68 7.80 2.67 23.06
CA VAL A 68 6.63 2.66 23.93
C VAL A 68 6.79 1.58 24.98
N THR A 69 6.98 1.99 26.21
CA THR A 69 7.26 1.06 27.29
C THR A 69 6.05 0.85 28.20
N PHE A 70 5.60 -0.40 28.30
CA PHE A 70 4.58 -0.77 29.25
C PHE A 70 5.19 -0.84 30.64
N CYS A 71 4.40 -0.56 31.66
CA CYS A 71 4.90 -0.61 33.02
C CYS A 71 3.94 -1.38 33.91
N ARG A 72 4.49 -2.22 34.78
CA ARG A 72 3.69 -2.94 35.74
C ARG A 72 4.09 -2.54 37.16
N ARG A 73 4.27 -1.23 37.34
CA ARG A 73 4.60 -0.63 38.64
C ARG A 73 6.02 -0.97 39.08
N HIS A 74 6.84 -1.50 38.18
CA HIS A 74 8.21 -1.85 38.54
C HIS A 74 9.18 -0.81 37.99
N ILE A 75 9.00 0.44 38.45
CA ILE A 75 9.82 1.57 38.01
C ILE A 75 9.46 2.00 36.60
N GLY A 76 9.23 3.29 36.42
CA GLY A 76 8.87 3.81 35.12
C GLY A 76 10.05 4.28 34.31
N ILE A 77 9.98 4.08 33.01
CA ILE A 77 10.98 4.58 32.09
C ILE A 77 10.60 6.00 31.64
N PRO A 78 11.54 6.79 31.09
CA PRO A 78 11.24 8.13 30.58
C PRO A 78 10.10 8.14 29.56
N LEU A 79 9.09 8.94 29.82
CA LEU A 79 7.95 9.08 28.92
C LEU A 79 8.18 10.23 27.95
N GLU A 80 7.09 10.86 27.50
CA GLU A 80 7.16 11.98 26.55
C GLU A 80 7.76 13.24 27.17
N LYS A 81 8.90 13.06 27.78
CA LYS A 81 9.75 14.15 28.21
C LYS A 81 10.90 14.24 27.23
N ALA A 82 10.82 13.37 26.23
CA ALA A 82 11.81 13.25 25.18
C ALA A 82 11.10 13.10 23.83
N PRO A 83 11.83 13.18 22.70
CA PRO A 83 11.23 13.29 21.35
C PRO A 83 10.30 12.13 20.95
N GLY A 84 10.51 10.94 21.49
CA GLY A 84 9.73 9.80 21.04
C GLY A 84 9.63 8.70 22.08
N GLU A 85 9.63 9.12 23.34
CA GLU A 85 9.58 8.19 24.45
C GLU A 85 8.18 8.16 25.04
N TRP A 86 7.64 6.96 25.22
CA TRP A 86 6.28 6.79 25.70
C TRP A 86 6.22 5.72 26.78
N VAL A 87 5.26 5.85 27.70
CA VAL A 87 5.02 4.82 28.71
C VAL A 87 3.51 4.62 28.90
N HIS A 88 3.14 3.46 29.43
CA HIS A 88 1.75 3.20 29.79
C HIS A 88 1.64 1.93 30.63
N SER A 89 1.11 2.08 31.83
CA SER A 89 0.89 0.95 32.70
C SER A 89 -0.48 0.35 32.47
N VAL A 90 -0.53 -0.76 31.74
CA VAL A 90 -1.78 -1.44 31.44
C VAL A 90 -1.49 -2.90 31.08
N ALA A 91 -2.54 -3.65 30.80
CA ALA A 91 -2.40 -5.05 30.43
C ALA A 91 -2.69 -5.26 28.95
N ALA A 92 -2.37 -4.25 28.14
CA ALA A 92 -2.54 -4.31 26.69
C ALA A 92 -4.01 -4.46 26.30
N PRO A 93 -4.79 -3.37 26.47
CA PRO A 93 -6.17 -3.31 25.99
C PRO A 93 -6.22 -3.01 24.49
N HIS A 94 -6.84 -1.90 24.10
CA HIS A 94 -6.83 -1.51 22.69
C HIS A 94 -6.43 -0.05 22.50
N GLU A 95 -5.90 0.56 23.56
CA GLU A 95 -5.49 1.96 23.49
C GLU A 95 -4.10 2.09 22.90
N LEU A 96 -3.12 1.39 23.49
CA LEU A 96 -1.75 1.44 23.00
C LEU A 96 -1.62 0.90 21.56
N PRO A 97 -2.22 -0.28 21.25
CA PRO A 97 -2.22 -0.81 19.87
C PRO A 97 -2.82 0.19 18.89
N ALA A 98 -3.76 1.02 19.36
CA ALA A 98 -4.36 2.05 18.53
C ALA A 98 -3.34 3.14 18.23
N LEU A 99 -2.56 3.50 19.25
CA LEU A 99 -1.48 4.47 19.10
C LEU A 99 -0.46 3.96 18.08
N LEU A 100 -0.13 2.68 18.19
CA LEU A 100 0.81 2.05 17.27
C LEU A 100 0.27 2.06 15.84
N ALA A 101 -1.00 1.71 15.70
CA ALA A 101 -1.64 1.69 14.39
C ALA A 101 -1.69 3.07 13.77
N ARG A 102 -1.91 4.08 14.59
CA ARG A 102 -1.95 5.46 14.12
C ARG A 102 -0.57 5.93 13.73
N ILE A 103 0.45 5.46 14.45
CA ILE A 103 1.83 5.82 14.19
C ILE A 103 2.26 5.34 12.80
N TYR A 104 1.85 4.12 12.44
CA TYR A 104 2.19 3.56 11.14
C TYR A 104 1.14 3.94 10.10
N LEU A 105 0.19 4.77 10.51
CA LEU A 105 -0.87 5.26 9.65
C LEU A 105 -1.67 4.12 9.02
N ILE A 106 -2.05 3.14 9.83
CA ILE A 106 -2.87 2.04 9.35
C ILE A 106 -4.30 2.52 9.13
N GLU A 107 -4.82 3.25 10.12
CA GLU A 107 -6.14 3.88 10.02
C GLU A 107 -7.24 2.87 9.68
N MET A 108 -7.45 1.91 10.55
CA MET A 108 -8.47 0.88 10.33
C MET A 108 -9.31 0.65 11.59
N GLU A 109 -10.41 1.38 11.70
CA GLU A 109 -11.33 1.22 12.82
C GLU A 109 -12.77 1.37 12.35
N SER A 110 -12.95 1.22 11.04
CA SER A 110 -14.23 1.45 10.40
C SER A 110 -15.12 0.20 10.45
N ASP A 111 -16.41 0.42 10.67
CA ASP A 111 -17.41 -0.65 10.67
C ASP A 111 -18.80 -0.07 10.47
N ASP A 112 -19.48 -0.52 9.43
CA ASP A 112 -20.80 0.04 9.08
C ASP A 112 -21.85 -1.05 8.93
N PRO A 113 -22.98 -0.92 9.64
CA PRO A 113 -24.13 -1.80 9.47
C PRO A 113 -24.95 -1.43 8.23
N ALA A 114 -24.58 -1.99 7.09
CA ALA A 114 -25.17 -1.60 5.82
C ALA A 114 -26.52 -2.27 5.60
N ASN A 115 -26.65 -3.53 6.01
CA ASN A 115 -27.86 -4.30 5.72
C ASN A 115 -28.71 -4.51 6.96
N ALA A 116 -29.95 -4.03 6.88
CA ALA A 116 -30.94 -4.20 7.94
C ALA A 116 -32.31 -3.75 7.43
N LEU A 117 -32.97 -4.61 6.65
CA LEU A 117 -34.19 -4.22 5.98
C LEU A 117 -35.21 -5.36 5.91
N PRO A 118 -36.25 -5.32 6.77
CA PRO A 118 -37.39 -6.22 6.68
C PRO A 118 -38.52 -5.63 5.83
N SER A 119 -39.23 -6.48 5.09
CA SER A 119 -40.32 -6.01 4.24
C SER A 119 -41.50 -6.97 4.24
N THR A 120 -42.64 -6.51 4.74
CA THR A 120 -43.88 -7.29 4.72
C THR A 120 -45.10 -6.37 4.83
N ASP A 121 -46.01 -6.49 3.87
CA ASP A 121 -47.24 -5.70 3.88
C ASP A 121 -48.43 -6.58 3.53
N LYS A 122 -49.43 -6.60 4.40
CA LYS A 122 -50.60 -7.44 4.21
C LYS A 122 -51.83 -6.77 4.83
N ALA A 123 -52.18 -5.61 4.32
CA ALA A 123 -53.31 -4.86 4.83
C ALA A 123 -54.57 -5.18 4.04
N VAL A 124 -55.41 -6.03 4.59
CA VAL A 124 -56.65 -6.41 3.94
C VAL A 124 -57.79 -6.56 4.96
N SER A 125 -58.99 -6.17 4.55
CA SER A 125 -60.15 -6.25 5.41
C SER A 125 -61.31 -6.94 4.69
N ASP A 126 -62.40 -7.16 5.39
CA ASP A 126 -63.59 -7.77 4.81
C ASP A 126 -64.46 -6.73 4.13
N ASN A 127 -65.32 -7.20 3.24
CA ASN A 127 -66.19 -6.32 2.49
C ASN A 127 -67.45 -6.02 3.29
N ASP A 128 -68.56 -6.64 2.87
CA ASP A 128 -69.89 -6.41 3.48
C ASP A 128 -70.25 -4.93 3.59
N ASP A 129 -71.05 -4.44 2.65
CA ASP A 129 -71.45 -3.04 2.64
C ASP A 129 -72.76 -2.86 1.91
N MET A 130 -73.85 -2.92 2.66
CA MET A 130 -75.17 -2.71 2.11
C MET A 130 -75.63 -1.28 2.35
N MET A 131 -75.54 -0.46 1.31
CA MET A 131 -75.91 0.95 1.41
C MET A 131 -77.25 1.21 0.73
N ILE A 132 -78.22 1.63 1.52
CA ILE A 132 -79.56 1.92 1.02
C ILE A 132 -79.87 3.40 1.14
N LEU A 133 -80.47 3.96 0.11
CA LEU A 133 -80.82 5.37 0.10
C LEU A 133 -82.28 5.57 0.47
N VAL A 134 -82.52 6.50 1.38
CA VAL A 134 -83.88 6.86 1.74
C VAL A 134 -84.08 8.36 1.50
N VAL A 135 -84.78 8.67 0.42
CA VAL A 135 -85.02 10.06 0.02
C VAL A 135 -86.52 10.34 -0.02
N ASP A 136 -87.02 10.97 1.02
CA ASP A 136 -88.45 11.25 1.13
C ASP A 136 -88.70 12.75 1.15
N ASP A 137 -89.89 13.16 0.71
CA ASP A 137 -90.21 14.57 0.55
C ASP A 137 -90.91 15.16 1.78
N HIS A 138 -91.41 14.31 2.67
CA HIS A 138 -92.11 14.78 3.86
C HIS A 138 -91.49 14.22 5.13
N PRO A 139 -90.64 15.03 5.79
CA PRO A 139 -89.74 14.64 6.90
C PRO A 139 -90.23 13.50 7.81
N ILE A 140 -91.52 13.48 8.14
CA ILE A 140 -92.04 12.47 9.06
C ILE A 140 -91.80 11.04 8.55
N ASN A 141 -92.00 10.82 7.26
CA ASN A 141 -91.81 9.50 6.68
C ASN A 141 -90.34 9.22 6.45
N ARG A 142 -89.59 10.28 6.15
CA ARG A 142 -88.15 10.20 5.98
C ARG A 142 -87.51 9.54 7.20
N ARG A 143 -87.89 9.99 8.39
CA ARG A 143 -87.38 9.40 9.62
C ARG A 143 -88.03 8.04 9.87
N LEU A 144 -89.25 7.87 9.39
CA LEU A 144 -89.98 6.62 9.60
C LEU A 144 -89.26 5.43 8.95
N LEU A 145 -88.95 5.53 7.66
CA LEU A 145 -88.27 4.43 6.98
C LEU A 145 -86.81 4.37 7.38
N ALA A 146 -86.23 5.52 7.72
CA ALA A 146 -84.85 5.57 8.16
C ALA A 146 -84.68 4.80 9.48
N ASP A 147 -85.68 4.94 10.35
CA ASP A 147 -85.71 4.23 11.62
C ASP A 147 -85.74 2.73 11.37
N GLN A 148 -86.66 2.31 10.50
CA GLN A 148 -86.82 0.92 10.15
C GLN A 148 -85.53 0.34 9.58
N LEU A 149 -84.93 1.09 8.65
CA LEU A 149 -83.68 0.69 8.03
C LEU A 149 -82.58 0.56 9.08
N GLY A 150 -82.58 1.47 10.04
CA GLY A 150 -81.64 1.42 11.14
C GLY A 150 -81.78 0.16 11.96
N SER A 151 -83.03 -0.25 12.18
CA SER A 151 -83.29 -1.46 12.97
C SER A 151 -82.90 -2.71 12.18
N LEU A 152 -83.00 -2.63 10.85
CA LEU A 152 -82.61 -3.72 9.98
C LEU A 152 -81.09 -3.85 9.91
N GLY A 153 -80.40 -2.77 10.23
CA GLY A 153 -78.95 -2.80 10.30
C GLY A 153 -78.30 -2.52 8.96
N TYR A 154 -78.88 -1.60 8.19
CA TYR A 154 -78.32 -1.22 6.91
C TYR A 154 -77.93 0.25 6.92
N GLN A 155 -76.92 0.60 6.14
CA GLN A 155 -76.49 1.99 6.07
C GLN A 155 -77.52 2.82 5.31
N CYS A 156 -78.22 3.67 6.02
CA CYS A 156 -79.30 4.44 5.45
C CYS A 156 -78.87 5.87 5.16
N LYS A 157 -78.80 6.22 3.89
CA LYS A 157 -78.48 7.58 3.49
C LYS A 157 -79.77 8.39 3.44
N THR A 158 -79.95 9.30 4.38
CA THR A 158 -81.23 9.98 4.52
C THR A 158 -81.17 11.40 3.98
N ALA A 159 -82.05 11.71 3.03
CA ALA A 159 -82.15 13.05 2.50
C ALA A 159 -83.62 13.43 2.28
N ASN A 160 -83.92 14.71 2.45
CA ASN A 160 -85.28 15.21 2.26
C ASN A 160 -85.33 16.18 1.08
N ASP A 161 -85.31 15.61 -0.12
CA ASP A 161 -85.39 16.39 -1.36
C ASP A 161 -85.31 15.46 -2.56
N GLY A 162 -85.62 15.99 -3.74
CA GLY A 162 -85.55 15.21 -4.96
C GLY A 162 -84.18 15.32 -5.62
N VAL A 163 -83.74 16.55 -5.85
CA VAL A 163 -82.44 16.79 -6.49
C VAL A 163 -81.29 16.18 -5.70
N ASP A 164 -81.45 16.11 -4.38
CA ASP A 164 -80.40 15.59 -3.52
C ASP A 164 -80.22 14.09 -3.72
N ALA A 165 -81.23 13.43 -4.28
CA ALA A 165 -81.13 12.00 -4.57
C ALA A 165 -80.11 11.77 -5.68
N LEU A 166 -80.11 12.66 -6.67
CA LEU A 166 -79.15 12.60 -7.76
C LEU A 166 -77.79 13.08 -7.27
N ASN A 167 -77.80 14.08 -6.41
CA ASN A 167 -76.56 14.64 -5.87
C ASN A 167 -75.83 13.62 -5.00
N VAL A 168 -76.58 12.91 -4.16
CA VAL A 168 -75.99 11.89 -3.29
C VAL A 168 -75.57 10.66 -4.11
N LEU A 169 -76.30 10.39 -5.19
CA LEU A 169 -75.91 9.33 -6.13
C LEU A 169 -74.51 9.61 -6.68
N SER A 170 -74.22 10.89 -6.88
CA SER A 170 -72.91 11.28 -7.37
C SER A 170 -71.93 11.47 -6.21
N LYS A 171 -72.47 11.58 -4.99
CA LYS A 171 -71.67 11.76 -3.79
C LYS A 171 -70.92 10.48 -3.46
N ASN A 172 -71.67 9.38 -3.32
CA ASN A 172 -71.07 8.09 -3.02
C ASN A 172 -71.83 6.98 -3.75
N HIS A 173 -71.48 5.73 -3.49
CA HIS A 173 -72.10 4.61 -4.19
C HIS A 173 -73.22 3.98 -3.35
N ILE A 174 -74.40 3.90 -3.94
CA ILE A 174 -75.55 3.31 -3.27
C ILE A 174 -76.09 2.15 -4.11
N ASP A 175 -76.66 1.15 -3.43
CA ASP A 175 -77.14 -0.05 -4.12
C ASP A 175 -78.61 0.05 -4.45
N ILE A 176 -79.44 0.23 -3.42
CA ILE A 176 -80.88 0.36 -3.62
C ILE A 176 -81.34 1.75 -3.17
N VAL A 177 -82.19 2.37 -3.98
CA VAL A 177 -82.68 3.71 -3.67
C VAL A 177 -84.19 3.71 -3.51
N LEU A 178 -84.67 4.20 -2.38
CA LEU A 178 -86.10 4.35 -2.16
C LEU A 178 -86.47 5.82 -2.15
N SER A 179 -87.28 6.22 -3.12
CA SER A 179 -87.75 7.60 -3.20
C SER A 179 -89.19 7.67 -2.74
N ASP A 180 -89.40 8.34 -1.62
CA ASP A 180 -90.71 8.40 -0.99
C ASP A 180 -91.30 9.81 -1.12
N VAL A 181 -92.48 9.91 -1.69
CA VAL A 181 -93.12 11.20 -1.91
C VAL A 181 -94.50 11.23 -1.27
N ASN A 182 -94.79 12.31 -0.55
CA ASN A 182 -96.11 12.50 0.05
C ASN A 182 -97.03 13.19 -0.93
N MET A 183 -96.44 13.81 -1.94
CA MET A 183 -97.21 14.50 -2.97
C MET A 183 -97.26 13.64 -4.22
N PRO A 184 -98.28 13.86 -5.09
CA PRO A 184 -98.41 13.15 -6.36
C PRO A 184 -97.19 13.37 -7.27
N ASN A 185 -97.06 12.53 -8.28
CA ASN A 185 -95.90 12.57 -9.17
C ASN A 185 -95.97 13.74 -10.16
N MET A 186 -96.14 14.94 -9.62
CA MET A 186 -96.18 16.15 -10.43
C MET A 186 -94.81 16.80 -10.46
N ASP A 187 -94.14 16.80 -9.32
CA ASP A 187 -92.78 17.33 -9.21
C ASP A 187 -91.77 16.27 -9.62
N GLY A 188 -92.09 15.02 -9.31
CA GLY A 188 -91.18 13.93 -9.57
C GLY A 188 -91.22 13.46 -11.02
N TYR A 189 -90.92 14.37 -11.93
CA TYR A 189 -90.79 14.00 -13.33
C TYR A 189 -89.38 14.28 -13.79
N ARG A 190 -88.91 15.49 -13.52
CA ARG A 190 -87.56 15.89 -13.88
C ARG A 190 -86.53 15.06 -13.12
N LEU A 191 -86.86 14.69 -11.89
CA LEU A 191 -86.00 13.84 -11.08
C LEU A 191 -85.85 12.48 -11.75
N THR A 192 -86.97 11.86 -12.07
CA THR A 192 -86.97 10.55 -12.68
C THR A 192 -86.24 10.57 -14.03
N GLN A 193 -86.51 11.62 -14.81
CA GLN A 193 -85.88 11.79 -16.11
C GLN A 193 -84.36 11.95 -15.96
N ARG A 194 -83.95 12.73 -14.97
CA ARG A 194 -82.54 13.04 -14.76
C ARG A 194 -81.79 11.82 -14.23
N ILE A 195 -82.36 11.13 -13.26
CA ILE A 195 -81.70 10.00 -12.63
C ILE A 195 -81.52 8.83 -13.61
N ARG A 196 -82.51 8.61 -14.46
CA ARG A 196 -82.42 7.53 -15.45
C ARG A 196 -81.41 7.90 -16.55
N GLN A 197 -81.37 9.19 -16.88
CA GLN A 197 -80.46 9.68 -17.92
C GLN A 197 -79.02 9.70 -17.43
N LEU A 198 -78.86 9.75 -16.11
CA LEU A 198 -77.53 9.81 -15.49
C LEU A 198 -76.92 8.42 -15.38
N GLY A 199 -77.66 7.43 -15.86
CA GLY A 199 -77.14 6.07 -15.88
C GLY A 199 -77.70 5.23 -14.75
N LEU A 200 -79.01 5.23 -14.61
CA LEU A 200 -79.66 4.43 -13.59
C LEU A 200 -79.61 2.95 -13.95
N THR A 201 -78.89 2.19 -13.15
CA THR A 201 -78.74 0.77 -13.38
C THR A 201 -79.26 -0.01 -12.16
N LEU A 202 -79.47 0.71 -11.07
CA LEU A 202 -79.88 0.10 -9.81
C LEU A 202 -81.39 0.24 -9.61
N PRO A 203 -81.99 -0.68 -8.84
CA PRO A 203 -83.44 -0.66 -8.60
C PRO A 203 -83.86 0.48 -7.67
N VAL A 204 -84.82 1.27 -8.13
CA VAL A 204 -85.37 2.35 -7.35
C VAL A 204 -86.81 2.06 -6.97
N ILE A 205 -87.07 1.99 -5.67
CA ILE A 205 -88.41 1.71 -5.18
C ILE A 205 -89.11 3.03 -4.83
N GLY A 206 -90.18 3.32 -5.56
CA GLY A 206 -90.85 4.59 -5.39
C GLY A 206 -92.02 4.50 -4.44
N VAL A 207 -91.77 4.81 -3.18
CA VAL A 207 -92.83 4.86 -2.18
C VAL A 207 -93.62 6.15 -2.37
N THR A 208 -94.93 6.03 -2.53
CA THR A 208 -95.76 7.21 -2.73
C THR A 208 -97.06 7.09 -1.95
N ALA A 209 -97.58 8.23 -1.53
CA ALA A 209 -98.92 8.29 -1.01
C ALA A 209 -99.88 8.10 -2.16
N ASN A 210 -100.61 6.98 -2.14
CA ASN A 210 -101.52 6.63 -3.24
C ASN A 210 -102.47 7.78 -3.54
N ALA A 211 -102.16 8.50 -4.61
CA ALA A 211 -102.90 9.70 -4.97
C ALA A 211 -103.88 9.42 -6.10
N LEU A 212 -103.36 9.34 -7.33
CA LEU A 212 -104.22 9.16 -8.49
C LEU A 212 -103.52 8.36 -9.58
N ALA A 213 -102.78 9.04 -10.45
CA ALA A 213 -102.24 8.43 -11.65
C ALA A 213 -100.76 8.08 -11.50
N GLU A 214 -100.32 7.89 -10.26
CA GLU A 214 -98.93 7.56 -9.98
C GLU A 214 -98.51 6.30 -10.73
N GLU A 215 -99.45 5.38 -10.90
CA GLU A 215 -99.19 4.13 -11.61
C GLU A 215 -98.83 4.40 -13.07
N LYS A 216 -99.67 5.20 -13.72
CA LYS A 216 -99.43 5.58 -15.11
C LYS A 216 -98.10 6.29 -15.26
N GLN A 217 -97.84 7.25 -14.38
CA GLN A 217 -96.62 8.04 -14.43
C GLN A 217 -95.38 7.15 -14.25
N ARG A 218 -95.44 6.26 -13.28
CA ARG A 218 -94.32 5.36 -12.98
C ARG A 218 -93.91 4.56 -14.22
N CYS A 219 -94.89 4.04 -14.93
CA CYS A 219 -94.63 3.23 -16.12
C CYS A 219 -94.17 4.09 -17.29
N LEU A 220 -94.70 5.30 -17.37
CA LEU A 220 -94.36 6.22 -18.45
C LEU A 220 -92.92 6.73 -18.33
N GLU A 221 -92.52 7.03 -17.10
CA GLU A 221 -91.16 7.52 -16.84
C GLU A 221 -90.16 6.37 -16.86
N SER A 222 -90.52 5.26 -16.19
CA SER A 222 -89.66 4.10 -16.07
C SER A 222 -88.26 4.48 -15.57
N GLY A 223 -88.23 5.34 -14.56
CA GLY A 223 -86.95 5.79 -14.02
C GLY A 223 -86.77 5.36 -12.59
N MET A 224 -87.43 4.29 -12.21
CA MET A 224 -87.33 3.75 -10.85
C MET A 224 -87.22 2.23 -10.89
N ASP A 225 -88.34 1.56 -10.63
CA ASP A 225 -88.45 0.10 -10.72
C ASP A 225 -89.79 -0.34 -10.17
N SER A 226 -89.99 -0.13 -8.87
CA SER A 226 -91.20 -0.54 -8.20
C SER A 226 -91.91 0.65 -7.56
N CYS A 227 -93.09 0.42 -7.01
CA CYS A 227 -93.84 1.45 -6.30
C CYS A 227 -94.42 0.91 -5.01
N LEU A 228 -94.29 1.67 -3.94
CA LEU A 228 -94.79 1.26 -2.64
C LEU A 228 -95.81 2.26 -2.12
N SER A 229 -96.52 1.88 -1.08
CA SER A 229 -97.45 2.79 -0.42
C SER A 229 -96.75 3.48 0.75
N LYS A 230 -96.96 4.80 0.85
CA LYS A 230 -96.31 5.63 1.88
C LYS A 230 -96.43 5.04 3.30
N PRO A 231 -97.62 4.54 3.72
CA PRO A 231 -97.77 3.86 5.02
C PRO A 231 -96.99 2.55 5.07
N VAL A 232 -95.68 2.65 5.23
CA VAL A 232 -94.81 1.49 5.30
C VAL A 232 -94.69 1.01 6.76
N THR A 233 -94.31 -0.24 6.94
CA THR A 233 -94.17 -0.81 8.27
C THR A 233 -92.82 -1.53 8.42
N LEU A 234 -92.51 -1.97 9.63
CA LEU A 234 -91.22 -2.60 9.92
C LEU A 234 -91.03 -3.89 9.11
N ASP A 235 -92.03 -4.76 9.11
CA ASP A 235 -91.90 -6.05 8.46
C ASP A 235 -92.04 -5.92 6.95
N VAL A 236 -92.86 -4.97 6.51
CA VAL A 236 -93.06 -4.76 5.08
C VAL A 236 -91.84 -4.08 4.46
N ILE A 237 -91.22 -3.17 5.20
CA ILE A 237 -89.99 -2.55 4.76
C ILE A 237 -88.87 -3.58 4.76
N LYS A 238 -88.91 -4.49 5.74
CA LYS A 238 -87.98 -5.60 5.79
C LYS A 238 -88.13 -6.47 4.55
N GLN A 239 -89.38 -6.78 4.22
CA GLN A 239 -89.70 -7.57 3.03
C GLN A 239 -89.08 -6.94 1.79
N THR A 240 -89.44 -5.70 1.51
CA THR A 240 -88.97 -4.98 0.34
C THR A 240 -87.43 -4.90 0.31
N LEU A 241 -86.83 -4.45 1.40
CA LEU A 241 -85.39 -4.27 1.47
C LEU A 241 -84.65 -5.59 1.27
N THR A 242 -85.12 -6.63 1.94
CA THR A 242 -84.48 -7.94 1.87
C THR A 242 -84.63 -8.56 0.49
N LEU A 243 -85.79 -8.33 -0.13
CA LEU A 243 -86.08 -8.89 -1.45
C LEU A 243 -85.25 -8.20 -2.54
N TYR A 244 -85.03 -6.90 -2.40
CA TYR A 244 -84.29 -6.17 -3.40
C TYR A 244 -82.79 -6.23 -3.15
N ALA A 245 -82.40 -6.44 -1.89
CA ALA A 245 -80.99 -6.65 -1.57
C ALA A 245 -80.51 -7.98 -2.14
N GLU A 246 -81.37 -9.00 -2.06
CA GLU A 246 -81.05 -10.28 -2.68
C GLU A 246 -81.17 -10.15 -4.18
N ARG A 247 -82.02 -9.23 -4.63
CA ARG A 247 -82.23 -9.02 -6.05
C ARG A 247 -80.95 -8.60 -6.74
N VAL A 248 -80.27 -7.62 -6.17
CA VAL A 248 -78.99 -7.16 -6.71
C VAL A 248 -77.89 -8.18 -6.46
N ARG A 249 -78.00 -8.90 -5.35
CA ARG A 249 -77.01 -9.91 -4.97
C ARG A 249 -77.01 -11.07 -5.97
N LYS A 250 -78.18 -11.42 -6.47
CA LYS A 250 -78.27 -12.51 -7.45
C LYS A 250 -78.02 -12.02 -8.86
N SER A 251 -78.22 -10.71 -9.08
CA SER A 251 -77.93 -10.12 -10.38
C SER A 251 -76.42 -10.01 -10.58
N ARG A 252 -75.72 -9.68 -9.52
CA ARG A 252 -74.26 -9.57 -9.56
C ARG A 252 -73.63 -10.94 -9.34
N ASP A 253 -74.33 -11.78 -8.58
CA ASP A 253 -73.85 -13.09 -8.18
C ASP A 253 -72.54 -12.97 -7.40
N SER A 254 -72.67 -12.57 -6.14
CA SER A 254 -71.53 -12.36 -5.25
C SER A 254 -70.73 -11.13 -5.68
N MET A 1 -2.24 -1.50 -17.87
CA MET A 1 -1.32 -1.97 -16.83
C MET A 1 -0.96 -0.84 -15.88
N GLY A 2 -0.61 -1.19 -14.65
CA GLY A 2 -0.28 -0.20 -13.66
C GLY A 2 -0.76 -0.60 -12.29
N GLY A 3 0.10 -1.26 -11.54
CA GLY A 3 -0.27 -1.76 -10.23
C GLY A 3 0.47 -1.06 -9.11
N SER A 4 -0.15 -0.99 -7.95
CA SER A 4 0.46 -0.37 -6.78
C SER A 4 0.89 -1.43 -5.77
N GLY A 5 2.09 -1.29 -5.23
CA GLY A 5 2.60 -2.25 -4.28
C GLY A 5 3.22 -1.58 -3.08
N VAL A 6 3.08 -2.21 -1.91
CA VAL A 6 3.63 -1.70 -0.66
C VAL A 6 3.05 -0.32 -0.34
N GLU A 7 1.81 -0.32 0.15
CA GLU A 7 1.13 0.92 0.47
C GLU A 7 1.58 1.46 1.82
N GLY A 8 1.07 0.86 2.89
CA GLY A 8 1.43 1.31 4.23
C GLY A 8 1.87 0.16 5.10
N LEU A 9 0.93 -0.53 5.71
CA LEU A 9 1.23 -1.64 6.58
C LEU A 9 1.54 -2.89 5.77
N SER A 10 2.71 -2.89 5.15
CA SER A 10 3.13 -4.00 4.31
C SER A 10 4.66 -4.10 4.31
N GLY A 11 5.22 -4.51 5.44
CA GLY A 11 6.66 -4.61 5.56
C GLY A 11 7.19 -3.72 6.67
N LYS A 12 6.32 -3.34 7.60
CA LYS A 12 6.71 -2.53 8.73
C LYS A 12 7.33 -3.43 9.80
N ARG A 13 8.02 -2.85 10.78
CA ARG A 13 8.76 -3.65 11.75
C ARG A 13 8.30 -3.41 13.18
N CYS A 14 8.03 -4.49 13.90
CA CYS A 14 7.65 -4.40 15.29
C CYS A 14 8.68 -5.10 16.18
N TRP A 15 9.40 -4.32 16.97
CA TRP A 15 10.34 -4.88 17.93
C TRP A 15 9.67 -4.94 19.29
N LEU A 16 9.42 -6.14 19.77
CA LEU A 16 8.69 -6.30 21.01
C LEU A 16 9.50 -7.07 22.05
N ALA A 17 9.56 -6.54 23.25
CA ALA A 17 10.27 -7.17 24.35
C ALA A 17 9.35 -7.35 25.53
N VAL A 18 8.26 -8.06 25.30
CA VAL A 18 7.25 -8.27 26.32
C VAL A 18 7.34 -9.68 26.89
N ARG A 19 7.47 -9.76 28.20
CA ARG A 19 7.56 -11.06 28.87
C ARG A 19 6.16 -11.62 29.09
N ASN A 20 5.23 -10.74 29.42
CA ASN A 20 3.83 -11.11 29.58
C ASN A 20 3.26 -11.55 28.23
N ALA A 21 3.13 -12.85 28.04
CA ALA A 21 2.71 -13.43 26.77
C ALA A 21 1.29 -13.01 26.39
N SER A 22 0.48 -12.69 27.39
CA SER A 22 -0.87 -12.20 27.14
C SER A 22 -0.80 -10.84 26.44
N LEU A 23 0.05 -9.97 26.95
CA LEU A 23 0.25 -8.65 26.36
C LEU A 23 1.07 -8.76 25.07
N CYS A 24 2.06 -9.63 25.08
CA CYS A 24 2.92 -9.83 23.91
C CYS A 24 2.09 -10.30 22.72
N GLN A 25 1.29 -11.33 22.93
CA GLN A 25 0.46 -11.89 21.85
C GLN A 25 -0.58 -10.88 21.40
N PHE A 26 -1.07 -10.08 22.34
CA PHE A 26 -2.04 -9.03 22.02
C PHE A 26 -1.49 -8.12 20.91
N LEU A 27 -0.33 -7.56 21.16
CA LEU A 27 0.30 -6.65 20.23
C LEU A 27 0.72 -7.36 18.95
N GLU A 28 1.42 -8.49 19.11
CA GLU A 28 1.98 -9.20 17.96
C GLU A 28 0.90 -9.65 16.98
N THR A 29 -0.22 -10.15 17.50
CA THR A 29 -1.30 -10.62 16.66
C THR A 29 -1.96 -9.46 15.91
N SER A 30 -2.20 -8.36 16.63
CA SER A 30 -2.85 -7.21 16.04
C SER A 30 -1.98 -6.54 14.98
N LEU A 31 -0.69 -6.47 15.23
CA LEU A 31 0.24 -5.82 14.30
C LEU A 31 0.49 -6.70 13.08
N GLN A 32 0.61 -8.00 13.29
CA GLN A 32 0.88 -8.93 12.20
C GLN A 32 -0.36 -9.11 11.31
N ARG A 33 -1.54 -8.85 11.88
CA ARG A 33 -2.79 -8.93 11.12
C ARG A 33 -2.83 -7.85 10.04
N SER A 34 -2.05 -6.79 10.25
CA SER A 34 -1.99 -5.69 9.31
C SER A 34 -0.93 -5.96 8.24
N GLY A 35 0.34 -5.77 8.61
CA GLY A 35 1.43 -6.01 7.70
C GLY A 35 2.76 -5.65 8.33
N ILE A 36 2.88 -5.98 9.60
CA ILE A 36 4.08 -5.66 10.37
C ILE A 36 4.72 -6.95 10.88
N VAL A 37 6.02 -7.09 10.62
CA VAL A 37 6.77 -8.26 11.06
C VAL A 37 7.17 -8.11 12.52
N VAL A 38 6.67 -9.02 13.35
CA VAL A 38 6.94 -8.98 14.77
C VAL A 38 8.20 -9.77 15.10
N THR A 39 9.14 -9.12 15.77
CA THR A 39 10.40 -9.73 16.13
C THR A 39 10.74 -9.45 17.59
N THR A 40 11.19 -10.49 18.26
CA THR A 40 11.60 -10.40 19.63
C THR A 40 12.80 -9.49 19.80
N TYR A 41 12.60 -8.37 20.47
CA TYR A 41 13.69 -7.44 20.74
C TYR A 41 14.48 -7.94 21.94
N GLU A 42 15.33 -8.91 21.68
CA GLU A 42 16.17 -9.50 22.70
C GLU A 42 17.36 -8.58 23.00
N GLY A 43 17.76 -7.83 21.99
CA GLY A 43 18.86 -6.90 22.14
C GLY A 43 19.37 -6.43 20.79
N GLN A 44 18.46 -5.90 19.97
CA GLN A 44 18.79 -5.53 18.61
C GLN A 44 19.14 -4.04 18.50
N GLU A 45 19.26 -3.57 17.28
CA GLU A 45 19.66 -2.18 17.01
C GLU A 45 18.44 -1.32 16.71
N PRO A 46 18.47 -0.03 17.10
CA PRO A 46 17.38 0.90 16.84
C PRO A 46 17.36 1.43 15.41
N THR A 47 16.19 1.37 14.80
CA THR A 47 16.01 1.91 13.46
C THR A 47 14.98 3.04 13.47
N PRO A 48 15.27 4.17 12.78
CA PRO A 48 14.40 5.35 12.75
C PRO A 48 13.01 5.06 12.18
N GLU A 49 12.89 3.96 11.45
CA GLU A 49 11.62 3.56 10.85
C GLU A 49 11.00 2.39 11.62
N ASP A 50 11.56 2.07 12.77
CA ASP A 50 11.15 0.90 13.54
C ASP A 50 10.62 1.33 14.91
N VAL A 51 9.78 0.49 15.49
CA VAL A 51 9.18 0.80 16.78
C VAL A 51 9.51 -0.27 17.82
N LEU A 52 9.62 0.15 19.07
CA LEU A 52 9.90 -0.75 20.17
C LEU A 52 8.76 -0.74 21.17
N ILE A 53 8.34 -1.91 21.61
CA ILE A 53 7.36 -2.03 22.68
C ILE A 53 7.91 -2.95 23.76
N THR A 54 8.27 -2.38 24.90
CA THR A 54 8.95 -3.13 25.94
C THR A 54 8.06 -3.36 27.14
N ASP A 55 8.25 -4.52 27.77
CA ASP A 55 7.56 -4.86 29.00
C ASP A 55 8.40 -4.44 30.20
N GLU A 56 7.93 -3.40 30.88
CA GLU A 56 8.64 -2.77 31.99
C GLU A 56 9.96 -2.16 31.51
N VAL A 57 10.88 -1.94 32.44
CA VAL A 57 12.09 -1.19 32.16
C VAL A 57 13.19 -2.07 31.60
N VAL A 58 13.63 -1.76 30.39
CA VAL A 58 14.79 -2.41 29.78
C VAL A 58 15.99 -1.47 29.75
N SER A 59 15.76 -0.22 30.20
CA SER A 59 16.79 0.81 30.23
C SER A 59 17.44 1.00 28.87
N LYS A 60 16.62 1.26 27.85
CA LYS A 60 17.11 1.43 26.49
C LYS A 60 16.60 2.74 25.91
N LYS A 61 17.46 3.46 25.22
CA LYS A 61 17.07 4.69 24.55
C LYS A 61 16.86 4.43 23.07
N TRP A 62 15.65 4.03 22.73
CA TRP A 62 15.29 3.71 21.35
C TRP A 62 15.29 4.95 20.47
N GLN A 63 16.31 5.07 19.63
CA GLN A 63 16.37 6.13 18.64
C GLN A 63 15.75 5.65 17.34
N GLY A 64 14.44 5.81 17.22
CA GLY A 64 13.75 5.35 16.04
C GLY A 64 12.42 6.04 15.84
N ARG A 65 11.42 5.28 15.43
CA ARG A 65 10.08 5.82 15.24
C ARG A 65 9.44 6.15 16.59
N ALA A 66 9.37 5.15 17.46
CA ALA A 66 8.78 5.33 18.79
C ALA A 66 9.02 4.11 19.66
N VAL A 67 9.11 4.33 20.97
CA VAL A 67 9.25 3.25 21.93
C VAL A 67 8.21 3.40 23.06
N VAL A 68 7.46 2.35 23.31
CA VAL A 68 6.46 2.36 24.36
C VAL A 68 6.86 1.40 25.48
N THR A 69 6.86 1.90 26.70
CA THR A 69 7.22 1.10 27.86
C THR A 69 6.00 0.81 28.73
N PHE A 70 5.66 -0.46 28.89
CA PHE A 70 4.54 -0.86 29.73
C PHE A 70 5.00 -0.95 31.18
N CYS A 71 4.60 -0.01 32.00
CA CYS A 71 5.08 0.03 33.37
C CYS A 71 4.10 -0.68 34.29
N ARG A 72 4.61 -1.52 35.17
CA ARG A 72 3.76 -2.25 36.08
C ARG A 72 4.15 -2.01 37.53
N ARG A 73 5.34 -2.44 37.92
CA ARG A 73 5.76 -2.30 39.30
C ARG A 73 7.25 -2.00 39.43
N HIS A 74 7.97 -2.00 38.31
CA HIS A 74 9.41 -1.75 38.35
C HIS A 74 9.70 -0.25 38.37
N ILE A 75 9.40 0.41 37.25
CA ILE A 75 9.64 1.85 37.10
C ILE A 75 11.14 2.17 37.05
N GLY A 76 11.51 3.17 36.26
CA GLY A 76 12.91 3.53 36.12
C GLY A 76 13.16 4.29 34.84
N ILE A 77 12.39 3.96 33.82
CA ILE A 77 12.45 4.66 32.55
C ILE A 77 11.63 5.96 32.63
N PRO A 78 11.96 6.98 31.82
CA PRO A 78 11.23 8.25 31.83
C PRO A 78 9.81 8.15 31.24
N LEU A 79 9.55 8.89 30.16
CA LEU A 79 8.24 8.93 29.53
C LEU A 79 8.25 9.91 28.36
N GLU A 80 7.05 10.25 27.87
CA GLU A 80 6.87 11.26 26.83
C GLU A 80 7.31 12.64 27.29
N LYS A 81 8.61 12.79 27.46
CA LYS A 81 9.24 14.07 27.72
C LYS A 81 10.38 14.24 26.72
N ALA A 82 10.43 13.30 25.80
CA ALA A 82 11.43 13.30 24.74
C ALA A 82 10.81 12.74 23.47
N PRO A 83 11.18 13.25 22.30
CA PRO A 83 10.61 12.83 21.02
C PRO A 83 10.84 11.34 20.73
N GLY A 84 9.80 10.54 20.98
CA GLY A 84 9.88 9.12 20.67
C GLY A 84 9.78 8.24 21.90
N GLU A 85 9.70 8.85 23.06
CA GLU A 85 9.66 8.11 24.32
C GLU A 85 8.24 8.12 24.86
N TRP A 86 7.68 6.94 25.09
CA TRP A 86 6.31 6.80 25.60
C TRP A 86 6.28 5.77 26.71
N VAL A 87 5.55 6.06 27.78
CA VAL A 87 5.32 5.08 28.83
C VAL A 87 3.87 5.10 29.28
N HIS A 88 3.38 3.97 29.75
CA HIS A 88 2.02 3.87 30.22
C HIS A 88 1.81 2.57 30.99
N SER A 89 1.25 2.68 32.18
CA SER A 89 0.88 1.52 32.96
C SER A 89 -0.48 1.01 32.49
N VAL A 90 -0.46 -0.05 31.71
CA VAL A 90 -1.69 -0.58 31.12
C VAL A 90 -1.40 -1.93 30.45
N ALA A 91 -2.46 -2.64 30.09
CA ALA A 91 -2.33 -3.95 29.46
C ALA A 91 -2.72 -3.87 27.98
N ALA A 92 -2.54 -2.68 27.41
CA ALA A 92 -2.84 -2.41 25.99
C ALA A 92 -4.22 -2.91 25.57
N PRO A 93 -5.30 -2.45 26.23
CA PRO A 93 -6.65 -2.89 25.92
C PRO A 93 -7.23 -2.27 24.66
N HIS A 94 -7.01 -0.97 24.46
CA HIS A 94 -7.71 -0.25 23.40
C HIS A 94 -6.94 0.94 22.84
N GLU A 95 -5.92 1.38 23.56
CA GLU A 95 -5.26 2.64 23.23
C GLU A 95 -3.84 2.43 22.72
N LEU A 96 -3.09 1.53 23.35
CA LEU A 96 -1.70 1.30 22.97
C LEU A 96 -1.59 0.67 21.58
N PRO A 97 -2.31 -0.44 21.29
CA PRO A 97 -2.24 -1.06 19.96
C PRO A 97 -2.76 -0.14 18.87
N ALA A 98 -3.64 0.77 19.26
CA ALA A 98 -4.17 1.78 18.34
C ALA A 98 -3.12 2.86 18.09
N LEU A 99 -2.40 3.22 19.14
CA LEU A 99 -1.32 4.19 19.06
C LEU A 99 -0.22 3.65 18.15
N LEU A 100 0.06 2.36 18.29
CA LEU A 100 1.05 1.69 17.47
C LEU A 100 0.65 1.76 16.00
N ALA A 101 -0.62 1.49 15.72
CA ALA A 101 -1.15 1.56 14.37
C ALA A 101 -1.08 2.98 13.83
N ARG A 102 -1.36 3.96 14.68
CA ARG A 102 -1.30 5.37 14.30
C ARG A 102 0.14 5.78 13.99
N ILE A 103 1.09 5.18 14.70
CA ILE A 103 2.50 5.49 14.51
C ILE A 103 2.99 4.95 13.16
N TYR A 104 2.36 3.88 12.69
CA TYR A 104 2.69 3.32 11.39
C TYR A 104 1.65 3.68 10.35
N LEU A 105 0.73 4.56 10.71
CA LEU A 105 -0.29 5.02 9.78
C LEU A 105 0.33 6.01 8.80
N ILE A 106 1.48 6.55 9.19
CA ILE A 106 2.25 7.47 8.36
C ILE A 106 1.38 8.66 7.94
N GLU A 107 0.82 9.30 8.96
CA GLU A 107 -0.09 10.41 8.77
C GLU A 107 0.67 11.74 8.69
N MET A 108 1.69 11.75 7.85
CA MET A 108 2.52 12.94 7.68
C MET A 108 2.85 13.15 6.21
N GLU A 109 2.69 14.39 5.76
CA GLU A 109 3.06 14.79 4.42
C GLU A 109 2.97 16.32 4.29
N SER A 110 3.19 16.82 3.08
CA SER A 110 3.22 18.27 2.79
C SER A 110 4.19 19.00 3.72
N ASP A 111 3.66 19.55 4.80
CA ASP A 111 4.43 20.43 5.68
C ASP A 111 3.77 20.54 7.04
N ASP A 112 2.44 20.56 7.05
CA ASP A 112 1.70 20.80 8.28
C ASP A 112 0.96 19.56 8.76
N PRO A 113 1.49 18.90 9.81
CA PRO A 113 0.80 17.82 10.50
C PRO A 113 -0.24 18.37 11.51
N ALA A 114 0.20 19.35 12.30
CA ALA A 114 -0.65 20.03 13.29
C ALA A 114 -1.26 19.05 14.29
N ASN A 115 -2.41 19.45 14.86
CA ASN A 115 -3.16 18.66 15.84
C ASN A 115 -2.35 18.45 17.12
N ALA A 116 -1.66 17.32 17.22
CA ALA A 116 -0.92 16.98 18.43
C ALA A 116 0.37 17.78 18.51
N LEU A 117 0.27 18.98 19.08
CA LEU A 117 1.41 19.86 19.20
C LEU A 117 1.29 20.71 20.46
N PRO A 118 1.93 20.29 21.56
CA PRO A 118 1.96 21.04 22.81
C PRO A 118 2.85 22.27 22.68
N SER A 119 4.15 22.04 22.51
CA SER A 119 5.11 23.11 22.34
C SER A 119 6.25 22.64 21.43
N THR A 120 6.90 23.58 20.79
CA THR A 120 7.99 23.28 19.86
C THR A 120 9.34 23.51 20.51
N ASP A 121 9.42 23.24 21.80
CA ASP A 121 10.65 23.47 22.57
C ASP A 121 11.73 22.46 22.23
N LYS A 122 11.32 21.31 21.70
CA LYS A 122 12.27 20.27 21.33
C LYS A 122 12.32 20.12 19.81
N ALA A 123 12.14 21.23 19.10
CA ALA A 123 12.13 21.22 17.65
C ALA A 123 13.55 21.22 17.09
N VAL A 124 13.83 20.25 16.22
CA VAL A 124 15.12 20.18 15.55
C VAL A 124 14.94 20.39 14.06
N SER A 125 15.29 21.58 13.59
CA SER A 125 15.12 21.93 12.19
C SER A 125 16.30 21.44 11.35
N ASP A 126 16.64 20.16 11.53
CA ASP A 126 17.77 19.57 10.82
C ASP A 126 17.36 19.15 9.41
N ASN A 127 17.18 20.14 8.56
CA ASN A 127 16.87 19.88 7.15
C ASN A 127 17.66 20.85 6.28
N ASP A 128 18.82 21.23 6.78
CA ASP A 128 19.71 22.13 6.08
C ASP A 128 21.04 21.43 5.81
N ASP A 129 21.40 21.34 4.55
CA ASP A 129 22.62 20.66 4.14
C ASP A 129 23.24 21.36 2.94
N MET A 130 22.90 20.89 1.74
CA MET A 130 23.42 21.49 0.52
C MET A 130 22.44 22.54 0.01
N MET A 131 22.96 23.72 -0.30
CA MET A 131 22.11 24.84 -0.69
C MET A 131 22.52 25.42 -2.04
N ILE A 132 21.52 25.75 -2.84
CA ILE A 132 21.71 26.36 -4.15
C ILE A 132 21.00 27.71 -4.19
N LEU A 133 21.65 28.71 -4.76
CA LEU A 133 21.05 30.03 -4.87
C LEU A 133 20.46 30.23 -6.26
N VAL A 134 19.17 30.52 -6.31
CA VAL A 134 18.47 30.72 -7.57
C VAL A 134 18.05 32.18 -7.72
N VAL A 135 18.64 32.85 -8.69
CA VAL A 135 18.37 34.26 -8.92
C VAL A 135 17.77 34.48 -10.29
N ASP A 136 16.45 34.37 -10.39
CA ASP A 136 15.78 34.42 -11.69
C ASP A 136 15.31 35.83 -12.01
N ASP A 137 15.18 36.10 -13.31
CA ASP A 137 14.80 37.40 -13.81
C ASP A 137 13.43 37.83 -13.31
N HIS A 138 12.52 36.87 -13.13
CA HIS A 138 11.16 37.17 -12.67
C HIS A 138 10.73 36.16 -11.61
N PRO A 139 10.05 36.64 -10.55
CA PRO A 139 9.60 35.80 -9.43
C PRO A 139 8.71 34.63 -9.88
N ILE A 140 8.04 34.78 -11.02
CA ILE A 140 7.16 33.73 -11.52
C ILE A 140 7.95 32.51 -11.98
N ASN A 141 8.99 32.74 -12.78
CA ASN A 141 9.83 31.64 -13.24
C ASN A 141 10.71 31.17 -12.10
N ARG A 142 11.09 32.13 -11.25
CA ARG A 142 11.86 31.83 -10.05
C ARG A 142 11.14 30.77 -9.22
N ARG A 143 9.83 30.91 -9.11
CA ARG A 143 9.01 29.97 -8.36
C ARG A 143 8.94 28.62 -9.10
N LEU A 144 9.01 28.68 -10.43
CA LEU A 144 8.97 27.47 -11.25
C LEU A 144 10.22 26.60 -11.03
N LEU A 145 11.41 27.22 -11.09
CA LEU A 145 12.64 26.48 -10.86
C LEU A 145 12.74 26.07 -9.40
N ALA A 146 12.21 26.92 -8.52
CA ALA A 146 12.18 26.62 -7.10
C ALA A 146 11.30 25.40 -6.81
N ASP A 147 10.25 25.22 -7.61
CA ASP A 147 9.37 24.06 -7.47
C ASP A 147 10.14 22.79 -7.82
N GLN A 148 10.93 22.86 -8.88
CA GLN A 148 11.74 21.74 -9.32
C GLN A 148 12.81 21.42 -8.26
N LEU A 149 13.47 22.47 -7.80
CA LEU A 149 14.48 22.34 -6.75
C LEU A 149 13.89 21.74 -5.47
N GLY A 150 12.69 22.18 -5.12
CA GLY A 150 12.02 21.68 -3.93
C GLY A 150 11.57 20.24 -4.06
N SER A 151 11.31 19.81 -5.29
CA SER A 151 10.93 18.44 -5.55
C SER A 151 12.16 17.53 -5.56
N LEU A 152 13.31 18.12 -5.82
CA LEU A 152 14.58 17.38 -5.79
C LEU A 152 15.06 17.22 -4.35
N GLY A 153 14.59 18.09 -3.48
CA GLY A 153 14.97 18.04 -2.08
C GLY A 153 16.28 18.75 -1.82
N TYR A 154 16.32 20.03 -2.15
CA TYR A 154 17.52 20.83 -1.95
C TYR A 154 17.17 22.15 -1.28
N GLN A 155 18.08 22.66 -0.46
CA GLN A 155 17.89 23.96 0.17
C GLN A 155 18.06 25.06 -0.86
N CYS A 156 17.00 25.80 -1.13
CA CYS A 156 17.05 26.83 -2.16
C CYS A 156 17.01 28.23 -1.54
N LYS A 157 17.85 29.11 -2.04
CA LYS A 157 17.82 30.51 -1.64
C LYS A 157 17.34 31.36 -2.81
N THR A 158 16.19 32.01 -2.63
CA THR A 158 15.53 32.70 -3.72
C THR A 158 15.96 34.16 -3.81
N ALA A 159 16.25 34.61 -5.03
CA ALA A 159 16.57 36.00 -5.30
C ALA A 159 16.18 36.36 -6.73
N ASN A 160 16.11 37.65 -7.02
CA ASN A 160 15.81 38.11 -8.39
C ASN A 160 16.40 39.49 -8.64
N ASP A 161 17.72 39.53 -8.80
CA ASP A 161 18.49 40.73 -9.08
C ASP A 161 19.97 40.48 -8.81
N GLY A 162 20.82 41.44 -9.14
CA GLY A 162 22.26 41.25 -9.02
C GLY A 162 22.81 41.58 -7.64
N VAL A 163 22.37 42.70 -7.09
CA VAL A 163 22.93 43.18 -5.82
C VAL A 163 22.57 42.27 -4.65
N ASP A 164 21.35 41.73 -4.65
CA ASP A 164 20.92 40.84 -3.58
C ASP A 164 21.70 39.53 -3.63
N ALA A 165 21.97 39.05 -4.83
CA ALA A 165 22.75 37.84 -5.03
C ALA A 165 24.15 38.01 -4.46
N LEU A 166 24.71 39.20 -4.64
CA LEU A 166 26.03 39.50 -4.10
C LEU A 166 25.97 39.71 -2.58
N ASN A 167 24.84 40.23 -2.11
CA ASN A 167 24.62 40.44 -0.69
C ASN A 167 24.62 39.11 0.05
N VAL A 168 23.83 38.17 -0.45
CA VAL A 168 23.77 36.84 0.15
C VAL A 168 25.11 36.12 -0.04
N LEU A 169 25.80 36.42 -1.14
CA LEU A 169 27.13 35.86 -1.40
C LEU A 169 28.14 36.39 -0.37
N SER A 170 27.95 37.62 0.08
CA SER A 170 28.82 38.21 1.08
C SER A 170 28.65 37.47 2.40
N LYS A 171 27.41 37.08 2.69
CA LYS A 171 27.11 36.26 3.85
C LYS A 171 27.72 34.87 3.67
N ASN A 172 27.84 34.48 2.40
CA ASN A 172 28.46 33.22 1.99
C ASN A 172 27.80 32.01 2.66
N HIS A 173 26.60 31.70 2.21
CA HIS A 173 25.90 30.51 2.68
C HIS A 173 25.31 29.79 1.48
N ILE A 174 26.12 29.65 0.44
CA ILE A 174 25.69 29.03 -0.81
C ILE A 174 26.83 28.19 -1.38
N ASP A 175 26.49 27.08 -2.03
CA ASP A 175 27.50 26.24 -2.67
C ASP A 175 27.52 26.48 -4.16
N ILE A 176 26.36 26.39 -4.80
CA ILE A 176 26.24 26.63 -6.22
C ILE A 176 25.38 27.86 -6.49
N VAL A 177 25.87 28.78 -7.31
CA VAL A 177 25.11 29.98 -7.63
C VAL A 177 24.56 29.92 -9.04
N LEU A 178 23.25 30.09 -9.17
CA LEU A 178 22.60 30.15 -10.46
C LEU A 178 22.11 31.57 -10.72
N SER A 179 22.40 32.09 -11.89
CA SER A 179 21.94 33.42 -12.26
C SER A 179 21.08 33.34 -13.51
N ASP A 180 19.78 33.27 -13.30
CA ASP A 180 18.83 33.19 -14.40
C ASP A 180 18.45 34.58 -14.86
N VAL A 181 18.97 34.98 -16.01
CA VAL A 181 18.71 36.30 -16.59
C VAL A 181 18.94 37.41 -15.57
N ASN A 182 20.20 37.56 -15.17
CA ASN A 182 20.59 38.62 -14.27
C ASN A 182 21.01 39.85 -15.06
N MET A 183 20.35 40.04 -16.19
CA MET A 183 20.61 41.16 -17.08
C MET A 183 19.55 42.23 -16.86
N PRO A 184 19.95 43.39 -16.32
CA PRO A 184 19.03 44.50 -16.05
C PRO A 184 18.42 45.03 -17.34
N ASN A 185 19.28 45.47 -18.25
CA ASN A 185 18.86 45.99 -19.55
C ASN A 185 20.09 46.32 -20.39
N MET A 186 20.89 47.24 -19.88
CA MET A 186 22.12 47.63 -20.55
C MET A 186 23.31 46.89 -19.94
N ASP A 187 23.60 45.70 -20.47
CA ASP A 187 24.72 44.87 -20.03
C ASP A 187 24.49 44.33 -18.62
N GLY A 188 25.00 43.13 -18.36
CA GLY A 188 24.87 42.53 -17.05
C GLY A 188 26.23 42.28 -16.43
N TYR A 189 27.21 43.05 -16.88
CA TYR A 189 28.60 42.82 -16.52
C TYR A 189 28.91 43.39 -15.15
N ARG A 190 28.06 44.29 -14.68
CA ARG A 190 28.25 44.91 -13.38
C ARG A 190 28.11 43.87 -12.28
N LEU A 191 27.26 42.86 -12.51
CA LEU A 191 27.05 41.80 -11.54
C LEU A 191 28.27 40.88 -11.48
N THR A 192 28.69 40.42 -12.65
CA THR A 192 29.82 39.52 -12.78
C THR A 192 31.11 40.18 -12.30
N GLN A 193 31.27 41.45 -12.63
CA GLN A 193 32.42 42.22 -12.22
C GLN A 193 32.42 42.40 -10.70
N ARG A 194 31.26 42.69 -10.15
CA ARG A 194 31.14 42.91 -8.72
C ARG A 194 31.46 41.64 -7.93
N ILE A 195 30.91 40.51 -8.37
CA ILE A 195 31.11 39.26 -7.68
C ILE A 195 32.56 38.78 -7.81
N ARG A 196 33.17 39.06 -8.96
CA ARG A 196 34.56 38.67 -9.19
C ARG A 196 35.51 39.60 -8.42
N GLN A 197 35.02 40.78 -8.11
CA GLN A 197 35.79 41.74 -7.31
C GLN A 197 35.74 41.36 -5.84
N LEU A 198 34.52 41.17 -5.34
CA LEU A 198 34.30 40.89 -3.92
C LEU A 198 34.99 39.61 -3.48
N GLY A 199 34.62 38.50 -4.08
CA GLY A 199 35.17 37.22 -3.67
C GLY A 199 34.46 36.06 -4.33
N LEU A 200 34.81 35.81 -5.58
CA LEU A 200 34.23 34.72 -6.33
C LEU A 200 35.11 33.47 -6.18
N THR A 201 34.59 32.48 -5.47
CA THR A 201 35.30 31.22 -5.29
C THR A 201 34.45 30.05 -5.76
N LEU A 202 33.14 30.25 -5.72
CA LEU A 202 32.20 29.20 -6.09
C LEU A 202 31.74 29.39 -7.54
N PRO A 203 31.37 28.29 -8.22
CA PRO A 203 30.95 28.34 -9.62
C PRO A 203 29.63 29.07 -9.82
N VAL A 204 29.64 30.03 -10.75
CA VAL A 204 28.44 30.77 -11.08
C VAL A 204 27.90 30.31 -12.43
N ILE A 205 26.78 29.62 -12.40
CA ILE A 205 26.15 29.14 -13.62
C ILE A 205 24.99 30.06 -13.98
N GLY A 206 25.11 30.74 -15.08
CA GLY A 206 24.11 31.72 -15.46
C GLY A 206 23.34 31.32 -16.68
N VAL A 207 22.04 31.12 -16.51
CA VAL A 207 21.17 30.81 -17.63
C VAL A 207 20.64 32.11 -18.21
N THR A 208 20.59 32.21 -19.52
CA THR A 208 20.16 33.45 -20.16
C THR A 208 19.24 33.20 -21.34
N ALA A 209 18.48 34.23 -21.72
CA ALA A 209 17.65 34.17 -22.90
C ALA A 209 18.47 34.54 -24.12
N ASN A 210 18.79 33.52 -24.92
CA ASN A 210 19.67 33.66 -26.08
C ASN A 210 21.06 34.12 -25.65
N ALA A 211 21.31 35.44 -25.72
CA ALA A 211 22.60 36.01 -25.34
C ALA A 211 23.74 35.33 -26.09
N LEU A 212 23.64 35.32 -27.43
CA LEU A 212 24.64 34.70 -28.28
C LEU A 212 26.05 35.14 -27.90
N ALA A 213 26.99 34.19 -28.01
CA ALA A 213 28.38 34.37 -27.57
C ALA A 213 28.46 34.28 -26.06
N GLU A 214 27.68 33.34 -25.51
CA GLU A 214 27.59 33.12 -24.08
C GLU A 214 28.95 32.81 -23.48
N GLU A 215 29.69 31.93 -24.15
CA GLU A 215 31.03 31.55 -23.70
C GLU A 215 31.93 32.78 -23.62
N LYS A 216 31.85 33.63 -24.65
CA LYS A 216 32.68 34.82 -24.72
C LYS A 216 32.29 35.82 -23.63
N GLN A 217 31.01 35.85 -23.31
CA GLN A 217 30.51 36.73 -22.24
C GLN A 217 31.11 36.32 -20.91
N ARG A 218 30.89 35.07 -20.53
CA ARG A 218 31.35 34.56 -19.24
C ARG A 218 32.87 34.66 -19.11
N CYS A 219 33.57 34.49 -20.22
CA CYS A 219 35.02 34.58 -20.23
C CYS A 219 35.50 36.03 -20.14
N LEU A 220 34.73 36.93 -20.74
CA LEU A 220 35.07 38.35 -20.71
C LEU A 220 34.86 38.92 -19.31
N GLU A 221 33.71 38.63 -18.72
CA GLU A 221 33.37 39.15 -17.40
C GLU A 221 34.25 38.51 -16.32
N SER A 222 34.70 37.28 -16.59
CA SER A 222 35.57 36.53 -15.66
C SER A 222 34.99 36.48 -14.25
N GLY A 223 33.67 36.38 -14.14
CA GLY A 223 33.04 36.34 -12.84
C GLY A 223 31.88 35.36 -12.79
N MET A 224 31.91 34.37 -13.67
CA MET A 224 30.81 33.42 -13.75
C MET A 224 31.34 31.98 -13.61
N ASP A 225 31.13 31.18 -14.65
CA ASP A 225 31.66 29.82 -14.75
C ASP A 225 31.08 29.13 -15.98
N SER A 226 29.78 28.86 -15.94
CA SER A 226 29.12 28.17 -17.05
C SER A 226 27.88 28.93 -17.50
N CYS A 227 27.70 29.00 -18.81
CA CYS A 227 26.58 29.70 -19.40
C CYS A 227 25.53 28.71 -19.88
N LEU A 228 24.29 28.94 -19.49
CA LEU A 228 23.19 28.08 -19.86
C LEU A 228 22.08 28.90 -20.50
N SER A 229 21.03 28.24 -20.94
CA SER A 229 19.88 28.92 -21.51
C SER A 229 18.70 28.86 -20.54
N LYS A 230 17.85 29.89 -20.56
CA LYS A 230 16.66 29.91 -19.70
C LYS A 230 15.66 28.84 -20.13
N PRO A 231 15.31 28.75 -21.45
CA PRO A 231 14.47 27.66 -21.95
C PRO A 231 15.22 26.33 -21.96
N VAL A 232 15.57 25.85 -20.77
CA VAL A 232 16.30 24.61 -20.62
C VAL A 232 15.39 23.51 -20.10
N THR A 233 15.68 22.27 -20.50
CA THR A 233 14.91 21.12 -20.08
C THR A 233 15.17 20.78 -18.62
N LEU A 234 14.19 20.15 -17.97
CA LEU A 234 14.28 19.83 -16.55
C LEU A 234 15.48 18.92 -16.26
N ASP A 235 15.83 18.08 -17.22
CA ASP A 235 16.95 17.16 -17.03
C ASP A 235 18.27 17.91 -17.05
N VAL A 236 18.31 19.05 -17.73
CA VAL A 236 19.55 19.82 -17.83
C VAL A 236 19.81 20.63 -16.57
N ILE A 237 18.78 21.28 -16.03
CA ILE A 237 18.92 21.98 -14.76
C ILE A 237 19.29 20.98 -13.66
N LYS A 238 18.64 19.81 -13.69
CA LYS A 238 18.96 18.74 -12.76
C LYS A 238 20.40 18.27 -12.94
N GLN A 239 20.81 18.10 -14.18
CA GLN A 239 22.16 17.67 -14.53
C GLN A 239 23.20 18.62 -13.96
N THR A 240 23.05 19.91 -14.26
CA THR A 240 24.01 20.91 -13.83
C THR A 240 24.09 20.98 -12.31
N LEU A 241 22.92 20.94 -11.65
CA LEU A 241 22.87 21.02 -10.20
C LEU A 241 23.53 19.81 -9.56
N THR A 242 23.13 18.63 -10.01
CA THR A 242 23.63 17.38 -9.45
C THR A 242 25.12 17.19 -9.74
N LEU A 243 25.54 17.56 -10.94
CA LEU A 243 26.92 17.43 -11.39
C LEU A 243 27.84 18.26 -10.50
N TYR A 244 27.46 19.52 -10.29
CA TYR A 244 28.28 20.43 -9.51
C TYR A 244 28.18 20.13 -8.03
N ALA A 245 27.02 19.68 -7.59
CA ALA A 245 26.81 19.31 -6.20
C ALA A 245 27.73 18.17 -5.80
N GLU A 246 27.75 17.13 -6.62
CA GLU A 246 28.60 15.98 -6.35
C GLU A 246 30.07 16.36 -6.49
N ARG A 247 30.35 17.32 -7.36
CA ARG A 247 31.71 17.76 -7.61
C ARG A 247 32.29 18.53 -6.42
N VAL A 248 31.54 19.49 -5.90
CA VAL A 248 32.02 20.29 -4.76
C VAL A 248 32.05 19.45 -3.49
N ARG A 249 31.10 18.53 -3.39
CA ARG A 249 31.06 17.60 -2.27
C ARG A 249 32.16 16.56 -2.41
N LYS A 250 32.69 16.42 -3.61
CA LYS A 250 33.77 15.47 -3.88
C LYS A 250 35.12 16.09 -3.55
N SER A 251 35.20 17.41 -3.58
CA SER A 251 36.41 18.11 -3.15
C SER A 251 36.54 18.06 -1.64
N ARG A 252 35.41 18.23 -0.96
CA ARG A 252 35.38 18.12 0.50
C ARG A 252 35.53 16.66 0.92
N ASP A 253 34.72 15.80 0.32
CA ASP A 253 34.75 14.38 0.61
C ASP A 253 35.15 13.60 -0.63
N SER A 254 36.40 13.16 -0.67
CA SER A 254 36.93 12.49 -1.85
C SER A 254 36.39 11.07 -1.97
N MET A 1 -5.08 18.51 -3.42
CA MET A 1 -4.03 17.87 -2.60
C MET A 1 -4.66 17.01 -1.52
N GLY A 2 -4.44 15.70 -1.61
CA GLY A 2 -4.99 14.78 -0.64
C GLY A 2 -4.62 13.35 -0.96
N GLY A 3 -5.62 12.48 -1.00
CA GLY A 3 -5.40 11.09 -1.33
C GLY A 3 -5.17 10.25 -0.08
N SER A 4 -6.23 9.64 0.42
CA SER A 4 -6.16 8.85 1.62
C SER A 4 -5.67 7.43 1.33
N GLY A 5 -4.41 7.17 1.65
CA GLY A 5 -3.88 5.83 1.56
C GLY A 5 -4.09 5.09 2.86
N VAL A 6 -4.86 4.01 2.84
CA VAL A 6 -5.25 3.33 4.06
C VAL A 6 -5.05 1.82 3.98
N GLU A 7 -4.93 1.21 5.16
CA GLU A 7 -4.95 -0.24 5.32
C GLU A 7 -3.65 -0.90 4.90
N GLY A 8 -3.43 -2.09 5.43
CA GLY A 8 -2.30 -2.90 5.02
C GLY A 8 -1.05 -2.63 5.82
N LEU A 9 -0.55 -1.39 5.74
CA LEU A 9 0.76 -1.03 6.29
C LEU A 9 1.85 -1.75 5.50
N SER A 10 1.99 -3.06 5.74
CA SER A 10 2.77 -3.96 4.92
C SER A 10 4.28 -3.75 5.01
N GLY A 11 4.98 -4.76 5.53
CA GLY A 11 6.42 -4.81 5.42
C GLY A 11 7.15 -4.25 6.62
N LYS A 12 6.44 -3.58 7.50
CA LYS A 12 7.08 -2.94 8.64
C LYS A 12 7.33 -3.94 9.76
N ARG A 13 8.47 -3.79 10.42
CA ARG A 13 8.83 -4.65 11.53
C ARG A 13 8.42 -4.01 12.85
N CYS A 14 7.98 -4.82 13.78
CA CYS A 14 7.69 -4.35 15.12
C CYS A 14 8.59 -5.03 16.12
N TRP A 15 9.39 -4.26 16.84
CA TRP A 15 10.29 -4.82 17.82
C TRP A 15 9.62 -4.85 19.17
N LEU A 16 9.40 -6.05 19.69
CA LEU A 16 8.73 -6.19 20.97
C LEU A 16 9.64 -6.89 21.98
N ALA A 17 9.75 -6.28 23.14
CA ALA A 17 10.48 -6.84 24.26
C ALA A 17 9.58 -6.87 25.49
N VAL A 18 8.45 -7.54 25.33
CA VAL A 18 7.48 -7.68 26.40
C VAL A 18 7.52 -9.11 26.93
N ARG A 19 7.86 -9.25 28.20
CA ARG A 19 7.94 -10.56 28.83
C ARG A 19 6.59 -10.94 29.41
N ASN A 20 5.64 -10.01 29.32
CA ASN A 20 4.27 -10.27 29.76
C ASN A 20 3.48 -10.90 28.62
N ALA A 21 3.27 -12.21 28.72
CA ALA A 21 2.68 -13.01 27.65
C ALA A 21 1.34 -12.46 27.18
N SER A 22 0.46 -12.13 28.11
CA SER A 22 -0.85 -11.60 27.76
C SER A 22 -0.72 -10.26 27.05
N LEU A 23 0.21 -9.45 27.53
CA LEU A 23 0.44 -8.13 26.98
C LEU A 23 1.06 -8.21 25.58
N CYS A 24 2.11 -9.00 25.45
CA CYS A 24 2.83 -9.12 24.20
C CYS A 24 1.97 -9.79 23.14
N GLN A 25 1.22 -10.81 23.55
CA GLN A 25 0.33 -11.51 22.64
C GLN A 25 -0.71 -10.56 22.04
N PHE A 26 -1.29 -9.71 22.88
CA PHE A 26 -2.32 -8.78 22.43
C PHE A 26 -1.79 -7.87 21.33
N LEU A 27 -0.64 -7.27 21.58
CA LEU A 27 -0.03 -6.37 20.61
C LEU A 27 0.39 -7.12 19.34
N GLU A 28 1.03 -8.28 19.54
CA GLU A 28 1.53 -9.07 18.42
C GLU A 28 0.39 -9.43 17.46
N THR A 29 -0.70 -9.95 18.00
CA THR A 29 -1.80 -10.45 17.19
C THR A 29 -2.49 -9.31 16.44
N SER A 30 -2.60 -8.16 17.08
CA SER A 30 -3.22 -7.00 16.47
C SER A 30 -2.35 -6.43 15.34
N LEU A 31 -1.04 -6.48 15.53
CA LEU A 31 -0.12 -5.94 14.55
C LEU A 31 0.01 -6.85 13.33
N GLN A 32 0.13 -8.15 13.57
CA GLN A 32 0.20 -9.12 12.46
C GLN A 32 -1.14 -9.19 11.74
N ARG A 33 -2.21 -8.87 12.46
CA ARG A 33 -3.55 -8.81 11.88
C ARG A 33 -3.63 -7.68 10.86
N SER A 34 -2.90 -6.62 11.13
CA SER A 34 -2.91 -5.45 10.26
C SER A 34 -1.92 -5.60 9.11
N GLY A 35 -0.66 -5.84 9.44
CA GLY A 35 0.36 -6.00 8.41
C GLY A 35 1.75 -5.66 8.91
N ILE A 36 1.96 -5.86 10.21
CA ILE A 36 3.26 -5.61 10.82
C ILE A 36 3.85 -6.93 11.31
N VAL A 37 5.10 -7.19 10.94
CA VAL A 37 5.76 -8.43 11.34
C VAL A 37 6.38 -8.28 12.72
N VAL A 38 5.87 -9.04 13.67
CA VAL A 38 6.33 -8.98 15.05
C VAL A 38 7.64 -9.74 15.21
N THR A 39 8.70 -9.02 15.53
CA THR A 39 10.01 -9.61 15.72
C THR A 39 10.52 -9.31 17.12
N THR A 40 10.90 -10.37 17.82
CA THR A 40 11.45 -10.26 19.16
C THR A 40 12.71 -9.40 19.15
N TYR A 41 12.74 -8.39 20.02
CA TYR A 41 13.91 -7.54 20.15
C TYR A 41 15.04 -8.30 20.84
N GLU A 42 15.87 -8.95 20.05
CA GLU A 42 17.03 -9.66 20.57
C GLU A 42 18.11 -8.65 20.98
N GLY A 43 18.76 -8.07 19.98
CA GLY A 43 19.80 -7.10 20.24
C GLY A 43 20.20 -6.39 18.97
N GLN A 44 19.26 -5.65 18.41
CA GLN A 44 19.46 -4.98 17.13
C GLN A 44 19.70 -3.49 17.34
N GLU A 45 20.37 -2.88 16.39
CA GLU A 45 20.64 -1.45 16.43
C GLU A 45 19.34 -0.69 16.16
N PRO A 46 19.01 0.28 17.03
CA PRO A 46 17.75 1.03 16.94
C PRO A 46 17.58 1.74 15.60
N THR A 47 16.49 1.43 14.92
CA THR A 47 16.15 2.07 13.66
C THR A 47 15.23 3.26 13.92
N PRO A 48 15.57 4.44 13.37
CA PRO A 48 14.83 5.69 13.62
C PRO A 48 13.42 5.68 13.01
N GLU A 49 13.10 4.63 12.28
CA GLU A 49 11.76 4.48 11.72
C GLU A 49 11.05 3.30 12.37
N ASP A 50 11.69 2.69 13.37
CA ASP A 50 11.17 1.50 14.02
C ASP A 50 10.77 1.79 15.46
N VAL A 51 9.90 0.96 16.00
CA VAL A 51 9.42 1.14 17.36
C VAL A 51 9.72 -0.07 18.22
N LEU A 52 9.96 0.18 19.50
CA LEU A 52 10.25 -0.87 20.47
C LEU A 52 9.19 -0.87 21.57
N ILE A 53 8.33 -1.86 21.57
CA ILE A 53 7.34 -2.00 22.62
C ILE A 53 7.86 -2.95 23.70
N THR A 54 8.20 -2.40 24.85
CA THR A 54 8.78 -3.19 25.92
C THR A 54 7.93 -3.10 27.19
N ASP A 55 8.18 -4.00 28.14
CA ASP A 55 7.42 -3.99 29.38
C ASP A 55 8.35 -3.86 30.59
N GLU A 56 7.83 -3.21 31.63
CA GLU A 56 8.56 -2.92 32.86
C GLU A 56 9.78 -2.02 32.57
N VAL A 57 10.98 -2.51 32.88
CA VAL A 57 12.18 -1.70 32.74
C VAL A 57 13.21 -2.41 31.87
N VAL A 58 13.20 -2.12 30.58
CA VAL A 58 14.16 -2.69 29.64
C VAL A 58 15.54 -2.05 29.82
N SER A 59 15.55 -0.83 30.39
CA SER A 59 16.80 -0.09 30.60
C SER A 59 17.56 0.09 29.29
N LYS A 60 16.88 0.64 28.28
CA LYS A 60 17.48 0.81 26.96
C LYS A 60 17.07 2.15 26.36
N LYS A 61 18.04 2.86 25.81
CA LYS A 61 17.78 4.11 25.12
C LYS A 61 17.51 3.83 23.65
N TRP A 62 16.26 3.53 23.34
CA TRP A 62 15.85 3.25 21.97
C TRP A 62 15.91 4.51 21.10
N GLN A 63 17.03 4.70 20.43
CA GLN A 63 17.19 5.82 19.51
C GLN A 63 16.55 5.50 18.17
N GLY A 64 15.24 5.38 18.17
CA GLY A 64 14.52 5.04 16.96
C GLY A 64 13.40 6.00 16.68
N ARG A 65 12.25 5.46 16.28
CA ARG A 65 11.08 6.27 16.02
C ARG A 65 10.29 6.50 17.30
N ALA A 66 10.05 5.42 18.03
CA ALA A 66 9.32 5.50 19.28
C ALA A 66 9.51 4.23 20.09
N VAL A 67 9.67 4.41 21.40
CA VAL A 67 9.71 3.29 22.31
C VAL A 67 8.50 3.39 23.24
N VAL A 68 7.77 2.29 23.37
CA VAL A 68 6.57 2.27 24.19
C VAL A 68 6.75 1.34 25.37
N THR A 69 6.78 1.91 26.56
CA THR A 69 7.04 1.16 27.78
C THR A 69 5.75 0.90 28.56
N PHE A 70 5.36 -0.37 28.64
CA PHE A 70 4.23 -0.78 29.45
C PHE A 70 4.69 -1.10 30.86
N CYS A 71 4.39 -0.22 31.81
CA CYS A 71 4.91 -0.36 33.16
C CYS A 71 3.91 -1.10 34.05
N ARG A 72 4.40 -2.07 34.81
CA ARG A 72 3.54 -2.86 35.68
C ARG A 72 3.82 -2.58 37.15
N ARG A 73 5.02 -2.93 37.59
CA ARG A 73 5.37 -2.79 38.99
C ARG A 73 6.61 -1.90 39.17
N HIS A 74 7.51 -1.95 38.20
CA HIS A 74 8.75 -1.20 38.30
C HIS A 74 8.81 -0.14 37.21
N ILE A 75 9.19 1.06 37.61
CA ILE A 75 9.37 2.16 36.68
C ILE A 75 10.86 2.43 36.49
N GLY A 76 11.21 3.06 35.39
CA GLY A 76 12.60 3.35 35.10
C GLY A 76 12.74 4.17 33.85
N ILE A 77 11.87 3.86 32.88
CA ILE A 77 11.75 4.66 31.67
C ILE A 77 10.82 5.83 31.94
N PRO A 78 11.21 7.05 31.51
CA PRO A 78 10.45 8.28 31.79
C PRO A 78 9.04 8.28 31.18
N LEU A 79 8.90 8.83 29.97
CA LEU A 79 7.62 9.01 29.31
C LEU A 79 7.76 9.96 28.13
N GLU A 80 6.61 10.34 27.55
CA GLU A 80 6.55 11.36 26.51
C GLU A 80 7.04 12.72 26.99
N LYS A 81 8.33 12.81 27.25
CA LYS A 81 8.99 14.06 27.57
C LYS A 81 10.20 14.21 26.66
N ALA A 82 10.28 13.30 25.71
CA ALA A 82 11.36 13.25 24.74
C ALA A 82 10.82 12.78 23.40
N PRO A 83 11.41 13.23 22.28
CA PRO A 83 10.97 12.86 20.94
C PRO A 83 11.14 11.36 20.67
N GLY A 84 10.07 10.60 20.91
CA GLY A 84 10.09 9.18 20.61
C GLY A 84 10.05 8.31 21.86
N GLU A 85 9.59 8.89 22.97
CA GLU A 85 9.46 8.15 24.21
C GLU A 85 8.01 8.15 24.67
N TRP A 86 7.44 6.98 24.88
CA TRP A 86 6.03 6.83 25.25
C TRP A 86 5.89 5.79 26.35
N VAL A 87 5.09 6.07 27.37
CA VAL A 87 4.85 5.10 28.43
C VAL A 87 3.36 4.91 28.68
N HIS A 88 3.00 3.76 29.21
CA HIS A 88 1.62 3.49 29.58
C HIS A 88 1.56 2.33 30.57
N SER A 89 0.91 2.54 31.69
CA SER A 89 0.76 1.49 32.66
C SER A 89 -0.58 0.80 32.49
N VAL A 90 -0.56 -0.35 31.82
CA VAL A 90 -1.76 -1.14 31.54
C VAL A 90 -1.33 -2.49 30.96
N ALA A 91 -2.30 -3.26 30.48
CA ALA A 91 -2.01 -4.54 29.85
C ALA A 91 -2.56 -4.60 28.44
N ALA A 92 -2.14 -3.64 27.62
CA ALA A 92 -2.55 -3.55 26.21
C ALA A 92 -4.08 -3.56 26.05
N PRO A 93 -4.77 -2.55 26.58
CA PRO A 93 -6.23 -2.43 26.49
C PRO A 93 -6.72 -1.98 25.10
N HIS A 94 -6.12 -2.56 24.06
CA HIS A 94 -6.59 -2.38 22.67
C HIS A 94 -6.36 -0.97 22.12
N GLU A 95 -5.80 -0.07 22.92
CA GLU A 95 -5.60 1.31 22.48
C GLU A 95 -4.21 1.52 21.89
N LEU A 96 -3.19 1.01 22.57
CA LEU A 96 -1.82 1.13 22.12
C LEU A 96 -1.60 0.52 20.74
N PRO A 97 -2.12 -0.70 20.45
CA PRO A 97 -2.01 -1.29 19.10
C PRO A 97 -2.55 -0.35 18.03
N ALA A 98 -3.55 0.44 18.38
CA ALA A 98 -4.14 1.39 17.46
C ALA A 98 -3.17 2.54 17.18
N LEU A 99 -2.54 3.07 18.22
CA LEU A 99 -1.59 4.15 18.06
C LEU A 99 -0.32 3.68 17.38
N LEU A 100 0.02 2.41 17.58
CA LEU A 100 1.18 1.82 16.94
C LEU A 100 0.99 1.83 15.42
N ALA A 101 -0.23 1.54 14.99
CA ALA A 101 -0.55 1.57 13.58
C ALA A 101 -0.39 2.97 12.99
N ARG A 102 -0.96 3.97 13.66
CA ARG A 102 -0.91 5.35 13.17
C ARG A 102 0.50 5.94 13.29
N ILE A 103 1.23 5.54 14.31
CA ILE A 103 2.62 5.95 14.48
C ILE A 103 3.48 5.49 13.30
N TYR A 104 3.16 4.33 12.75
CA TYR A 104 3.87 3.82 11.59
C TYR A 104 3.32 4.44 10.31
N LEU A 105 2.04 4.19 10.04
CA LEU A 105 1.35 4.73 8.87
C LEU A 105 2.14 4.53 7.58
N ILE A 106 2.16 3.30 7.09
CA ILE A 106 2.86 2.99 5.85
C ILE A 106 1.86 2.81 4.72
N GLU A 107 0.85 1.98 4.97
CA GLU A 107 -0.23 1.72 4.03
C GLU A 107 0.30 1.41 2.63
N MET A 108 1.34 0.60 2.58
CA MET A 108 1.97 0.25 1.32
C MET A 108 1.20 -0.86 0.64
N GLU A 109 1.04 -0.73 -0.67
CA GLU A 109 0.34 -1.74 -1.46
C GLU A 109 1.23 -2.96 -1.64
N SER A 110 0.88 -4.03 -0.96
CA SER A 110 1.66 -5.26 -0.99
C SER A 110 1.51 -5.99 -2.32
N ASP A 111 2.34 -7.00 -2.51
CA ASP A 111 2.29 -7.82 -3.71
C ASP A 111 2.50 -9.28 -3.34
N ASP A 112 3.74 -9.63 -2.96
CA ASP A 112 4.08 -10.97 -2.50
C ASP A 112 3.62 -12.05 -3.48
N PRO A 113 4.41 -12.28 -4.55
CA PRO A 113 4.07 -13.25 -5.59
C PRO A 113 4.21 -14.71 -5.12
N ALA A 114 3.59 -15.61 -5.85
CA ALA A 114 3.63 -17.03 -5.49
C ALA A 114 4.82 -17.72 -6.15
N ASN A 115 5.07 -18.97 -5.77
CA ASN A 115 6.17 -19.74 -6.33
C ASN A 115 5.84 -21.24 -6.27
N ALA A 116 6.24 -21.96 -7.30
CA ALA A 116 5.97 -23.40 -7.36
C ALA A 116 7.26 -24.20 -7.57
N LEU A 117 7.28 -25.42 -7.07
CA LEU A 117 8.42 -26.31 -7.25
C LEU A 117 7.93 -27.67 -7.71
N PRO A 118 8.50 -28.19 -8.80
CA PRO A 118 8.08 -29.47 -9.39
C PRO A 118 8.71 -30.68 -8.72
N SER A 119 8.27 -31.86 -9.13
CA SER A 119 8.82 -33.11 -8.64
C SER A 119 9.05 -34.08 -9.80
N THR A 120 10.11 -34.87 -9.71
CA THR A 120 10.44 -35.82 -10.77
C THR A 120 10.09 -37.25 -10.35
N ASP A 121 8.83 -37.60 -10.51
CA ASP A 121 8.34 -38.92 -10.13
C ASP A 121 8.44 -39.89 -11.31
N LYS A 122 8.54 -41.19 -11.03
CA LYS A 122 8.67 -42.19 -12.07
C LYS A 122 8.21 -43.56 -11.57
N ALA A 123 8.01 -44.49 -12.50
CA ALA A 123 7.66 -45.86 -12.18
C ALA A 123 8.30 -46.81 -13.18
N VAL A 124 8.77 -47.95 -12.71
CA VAL A 124 9.45 -48.92 -13.57
C VAL A 124 8.73 -50.25 -13.59
N SER A 125 8.25 -50.64 -14.76
CA SER A 125 7.51 -51.88 -14.93
C SER A 125 8.44 -53.04 -15.33
N ASP A 126 7.86 -54.06 -15.96
CA ASP A 126 8.63 -55.22 -16.39
C ASP A 126 8.64 -55.31 -17.90
N ASN A 127 9.62 -56.03 -18.45
CA ASN A 127 9.78 -56.14 -19.89
C ASN A 127 9.32 -57.51 -20.39
N ASP A 128 10.28 -58.40 -20.64
CA ASP A 128 10.03 -59.71 -21.25
C ASP A 128 9.20 -59.59 -22.53
N ASP A 129 9.88 -59.68 -23.67
CA ASP A 129 9.24 -59.45 -24.97
C ASP A 129 8.68 -60.74 -25.57
N MET A 130 9.42 -61.32 -26.52
CA MET A 130 8.96 -62.50 -27.24
C MET A 130 9.86 -63.69 -26.96
N MET A 131 9.25 -64.85 -26.78
CA MET A 131 9.98 -66.07 -26.42
C MET A 131 10.10 -67.01 -27.62
N ILE A 132 11.33 -67.35 -27.97
CA ILE A 132 11.58 -68.28 -29.06
C ILE A 132 12.34 -69.48 -28.55
N LEU A 133 11.79 -70.67 -28.77
CA LEU A 133 12.42 -71.90 -28.29
C LEU A 133 13.00 -72.70 -29.43
N VAL A 134 14.29 -72.98 -29.36
CA VAL A 134 14.97 -73.78 -30.36
C VAL A 134 15.23 -75.18 -29.82
N VAL A 135 14.83 -76.19 -30.56
CA VAL A 135 14.99 -77.57 -30.11
C VAL A 135 15.74 -78.39 -31.16
N ASP A 136 17.07 -78.39 -31.08
CA ASP A 136 17.86 -79.14 -32.06
C ASP A 136 18.48 -80.37 -31.42
N ASP A 137 18.45 -81.48 -32.14
CA ASP A 137 18.96 -82.76 -31.64
C ASP A 137 20.47 -82.69 -31.36
N HIS A 138 21.20 -81.89 -32.13
CA HIS A 138 22.65 -81.88 -32.04
C HIS A 138 23.15 -80.59 -31.40
N PRO A 139 24.02 -80.72 -30.37
CA PRO A 139 24.59 -79.57 -29.63
C PRO A 139 25.26 -78.53 -30.53
N ILE A 140 26.07 -78.98 -31.48
CA ILE A 140 26.77 -78.06 -32.38
C ILE A 140 25.77 -77.31 -33.26
N ASN A 141 24.73 -78.01 -33.68
CA ASN A 141 23.70 -77.40 -34.51
C ASN A 141 22.87 -76.44 -33.69
N ARG A 142 22.49 -76.88 -32.50
CA ARG A 142 21.73 -76.06 -31.56
C ARG A 142 22.43 -74.74 -31.30
N ARG A 143 23.74 -74.80 -31.03
CA ARG A 143 24.52 -73.62 -30.75
C ARG A 143 24.62 -72.72 -31.99
N LEU A 144 24.56 -73.34 -33.17
CA LEU A 144 24.63 -72.60 -34.42
C LEU A 144 23.41 -71.69 -34.57
N LEU A 145 22.21 -72.25 -34.41
CA LEU A 145 20.98 -71.47 -34.55
C LEU A 145 20.80 -70.54 -33.36
N ALA A 146 21.31 -70.94 -32.20
CA ALA A 146 21.26 -70.10 -31.01
C ALA A 146 22.12 -68.87 -31.20
N ASP A 147 23.20 -69.01 -31.98
CA ASP A 147 24.05 -67.89 -32.32
C ASP A 147 23.29 -66.94 -33.24
N GLN A 148 22.60 -67.51 -34.23
CA GLN A 148 21.81 -66.73 -35.18
C GLN A 148 20.72 -65.93 -34.45
N LEU A 149 19.94 -66.62 -33.63
CA LEU A 149 18.89 -65.98 -32.84
C LEU A 149 19.49 -64.97 -31.86
N GLY A 150 20.70 -65.25 -31.41
CA GLY A 150 21.39 -64.34 -30.50
C GLY A 150 21.73 -63.02 -31.17
N SER A 151 22.02 -63.06 -32.47
CA SER A 151 22.27 -61.84 -33.23
C SER A 151 20.94 -61.14 -33.56
N LEU A 152 19.87 -61.91 -33.54
CA LEU A 152 18.53 -61.37 -33.79
C LEU A 152 18.07 -60.56 -32.57
N GLY A 153 18.29 -61.12 -31.38
CA GLY A 153 18.04 -60.37 -30.16
C GLY A 153 16.72 -60.70 -29.50
N TYR A 154 16.21 -61.90 -29.73
CA TYR A 154 14.97 -62.33 -29.07
C TYR A 154 15.30 -63.30 -27.95
N GLN A 155 14.31 -63.62 -27.12
CA GLN A 155 14.53 -64.52 -25.98
C GLN A 155 14.79 -65.94 -26.48
N CYS A 156 16.01 -66.42 -26.31
CA CYS A 156 16.40 -67.71 -26.83
C CYS A 156 16.34 -68.79 -25.75
N LYS A 157 15.42 -69.72 -25.92
CA LYS A 157 15.34 -70.87 -25.04
C LYS A 157 15.95 -72.09 -25.74
N THR A 158 17.09 -72.53 -25.25
CA THR A 158 17.82 -73.62 -25.87
C THR A 158 17.42 -74.98 -25.30
N ALA A 159 16.86 -75.84 -26.15
CA ALA A 159 16.45 -77.17 -25.74
C ALA A 159 16.86 -78.20 -26.79
N ASN A 160 16.88 -79.47 -26.39
CA ASN A 160 17.26 -80.55 -27.30
C ASN A 160 16.61 -81.88 -26.90
N ASP A 161 15.32 -81.99 -27.18
CA ASP A 161 14.55 -83.23 -26.93
C ASP A 161 13.07 -82.99 -27.20
N GLY A 162 12.38 -84.05 -27.61
CA GLY A 162 10.97 -83.93 -27.92
C GLY A 162 10.11 -83.78 -26.67
N VAL A 163 10.35 -84.61 -25.66
CA VAL A 163 9.54 -84.57 -24.45
C VAL A 163 9.89 -83.35 -23.62
N ASP A 164 11.16 -82.98 -23.66
CA ASP A 164 11.63 -81.77 -22.99
C ASP A 164 10.94 -80.53 -23.55
N ALA A 165 10.67 -80.54 -24.85
CA ALA A 165 9.97 -79.43 -25.50
C ALA A 165 8.54 -79.34 -24.98
N LEU A 166 7.90 -80.49 -24.79
CA LEU A 166 6.55 -80.54 -24.25
C LEU A 166 6.54 -80.07 -22.79
N ASN A 167 7.55 -80.48 -22.05
CA ASN A 167 7.71 -80.09 -20.66
C ASN A 167 7.90 -78.58 -20.54
N VAL A 168 8.76 -78.03 -21.39
CA VAL A 168 9.04 -76.60 -21.37
C VAL A 168 7.81 -75.80 -21.80
N LEU A 169 7.00 -76.40 -22.69
CA LEU A 169 5.75 -75.79 -23.12
C LEU A 169 4.80 -75.64 -21.92
N SER A 170 4.84 -76.61 -21.02
CA SER A 170 4.02 -76.57 -19.83
C SER A 170 4.58 -75.56 -18.84
N LYS A 171 5.90 -75.49 -18.75
CA LYS A 171 6.57 -74.58 -17.83
C LYS A 171 6.31 -73.12 -18.22
N ASN A 172 6.59 -72.77 -19.46
CA ASN A 172 6.39 -71.42 -19.94
C ASN A 172 5.93 -71.42 -21.39
N HIS A 173 5.05 -70.50 -21.72
CA HIS A 173 4.52 -70.41 -23.07
C HIS A 173 5.56 -69.84 -24.03
N ILE A 174 5.62 -70.39 -25.23
CA ILE A 174 6.55 -69.94 -26.25
C ILE A 174 5.78 -69.48 -27.48
N ASP A 175 6.15 -68.33 -28.01
CA ASP A 175 5.47 -67.74 -29.16
C ASP A 175 5.83 -68.48 -30.43
N ILE A 176 7.12 -68.57 -30.71
CA ILE A 176 7.60 -69.22 -31.92
C ILE A 176 8.44 -70.43 -31.57
N VAL A 177 8.03 -71.59 -32.05
CA VAL A 177 8.72 -72.83 -31.75
C VAL A 177 9.50 -73.32 -32.95
N LEU A 178 10.79 -73.55 -32.76
CA LEU A 178 11.62 -74.08 -33.83
C LEU A 178 12.05 -75.50 -33.49
N SER A 179 11.50 -76.46 -34.23
CA SER A 179 11.85 -77.85 -34.03
C SER A 179 12.94 -78.24 -35.01
N ASP A 180 14.17 -78.20 -34.54
CA ASP A 180 15.32 -78.40 -35.39
C ASP A 180 15.74 -79.88 -35.37
N VAL A 181 15.42 -80.56 -36.45
CA VAL A 181 15.72 -81.98 -36.57
C VAL A 181 16.91 -82.20 -37.49
N ASN A 182 18.10 -82.18 -36.92
CA ASN A 182 19.32 -82.50 -37.67
C ASN A 182 19.30 -83.97 -38.04
N MET A 183 18.91 -84.80 -37.06
CA MET A 183 18.71 -86.21 -37.29
C MET A 183 17.72 -86.76 -36.26
N PRO A 184 16.92 -87.77 -36.62
CA PRO A 184 15.95 -88.38 -35.71
C PRO A 184 16.63 -89.28 -34.67
N ASN A 185 17.54 -88.69 -33.90
CA ASN A 185 18.28 -89.43 -32.90
C ASN A 185 17.40 -89.78 -31.71
N MET A 186 16.82 -88.77 -31.09
CA MET A 186 15.96 -88.96 -29.93
C MET A 186 14.56 -89.41 -30.36
N ASP A 187 13.91 -88.58 -31.16
CA ASP A 187 12.56 -88.85 -31.63
C ASP A 187 12.22 -87.91 -32.78
N GLY A 188 11.34 -88.35 -33.66
CA GLY A 188 10.92 -87.54 -34.77
C GLY A 188 9.50 -87.82 -35.19
N TYR A 189 8.71 -88.38 -34.28
CA TYR A 189 7.31 -88.71 -34.56
C TYR A 189 6.44 -88.60 -33.33
N ARG A 190 6.99 -88.98 -32.17
CA ARG A 190 6.23 -88.99 -30.92
C ARG A 190 5.90 -87.56 -30.49
N LEU A 191 6.90 -86.70 -30.54
CA LEU A 191 6.72 -85.29 -30.19
C LEU A 191 5.61 -84.67 -31.05
N THR A 192 5.70 -84.88 -32.35
CA THR A 192 4.74 -84.30 -33.28
C THR A 192 3.31 -84.76 -32.96
N GLN A 193 3.15 -86.04 -32.69
CA GLN A 193 1.84 -86.60 -32.36
C GLN A 193 1.33 -86.03 -31.04
N ARG A 194 2.18 -86.08 -30.02
CA ARG A 194 1.81 -85.68 -28.68
C ARG A 194 1.45 -84.19 -28.59
N ILE A 195 2.21 -83.36 -29.28
CA ILE A 195 2.00 -81.92 -29.21
C ILE A 195 0.70 -81.51 -29.88
N ARG A 196 0.38 -82.12 -31.02
CA ARG A 196 -0.87 -81.83 -31.72
C ARG A 196 -2.05 -82.46 -31.01
N GLN A 197 -1.78 -83.52 -30.26
CA GLN A 197 -2.80 -84.20 -29.49
C GLN A 197 -3.22 -83.38 -28.28
N LEU A 198 -2.25 -83.01 -27.46
CA LEU A 198 -2.49 -82.32 -26.21
C LEU A 198 -3.06 -80.93 -26.45
N GLY A 199 -2.39 -80.15 -27.29
CA GLY A 199 -2.85 -78.80 -27.53
C GLY A 199 -1.82 -77.96 -28.24
N LEU A 200 -1.78 -78.08 -29.56
CA LEU A 200 -0.90 -77.25 -30.36
C LEU A 200 -1.63 -75.97 -30.77
N THR A 201 -1.23 -74.86 -30.19
CA THR A 201 -1.85 -73.58 -30.50
C THR A 201 -0.80 -72.53 -30.87
N LEU A 202 0.45 -72.99 -31.00
CA LEU A 202 1.54 -72.10 -31.36
C LEU A 202 2.23 -72.64 -32.61
N PRO A 203 2.65 -71.75 -33.51
CA PRO A 203 3.27 -72.14 -34.78
C PRO A 203 4.57 -72.92 -34.59
N VAL A 204 4.56 -74.18 -35.00
CA VAL A 204 5.75 -75.00 -34.93
C VAL A 204 6.45 -75.06 -36.28
N ILE A 205 7.63 -74.48 -36.33
CA ILE A 205 8.43 -74.51 -37.53
C ILE A 205 9.26 -75.80 -37.56
N GLY A 206 8.95 -76.67 -38.50
CA GLY A 206 9.69 -77.90 -38.65
C GLY A 206 10.86 -77.71 -39.59
N VAL A 207 12.05 -77.62 -39.05
CA VAL A 207 13.25 -77.46 -39.85
C VAL A 207 14.09 -78.73 -39.79
N THR A 208 14.02 -79.52 -40.85
CA THR A 208 14.66 -80.81 -40.90
C THR A 208 15.87 -80.81 -41.83
N ALA A 209 16.86 -81.63 -41.50
CA ALA A 209 18.02 -81.79 -42.35
C ALA A 209 17.83 -82.99 -43.26
N ASN A 210 18.18 -82.82 -44.53
CA ASN A 210 17.98 -83.87 -45.54
C ASN A 210 16.49 -84.18 -45.67
N ALA A 211 16.18 -85.39 -46.16
CA ALA A 211 14.80 -85.87 -46.29
C ALA A 211 14.02 -85.11 -47.37
N LEU A 212 13.68 -83.86 -47.07
CA LEU A 212 12.94 -82.99 -47.98
C LEU A 212 11.49 -83.48 -48.14
N ALA A 213 10.70 -82.70 -48.90
CA ALA A 213 9.26 -82.95 -49.03
C ALA A 213 8.57 -82.74 -47.68
N GLU A 214 9.15 -81.84 -46.90
CA GLU A 214 8.69 -81.57 -45.55
C GLU A 214 7.32 -80.93 -45.53
N GLU A 215 6.89 -80.37 -46.66
CA GLU A 215 5.56 -79.80 -46.76
C GLU A 215 4.51 -80.91 -46.64
N LYS A 216 4.77 -82.03 -47.30
CA LYS A 216 3.87 -83.16 -47.25
C LYS A 216 3.96 -83.85 -45.90
N GLN A 217 5.16 -83.85 -45.32
CA GLN A 217 5.37 -84.43 -44.00
C GLN A 217 4.63 -83.65 -42.93
N ARG A 218 4.69 -82.32 -43.01
CA ARG A 218 4.02 -81.45 -42.06
C ARG A 218 2.50 -81.65 -42.12
N CYS A 219 1.99 -81.89 -43.32
CA CYS A 219 0.57 -82.17 -43.50
C CYS A 219 0.23 -83.55 -42.96
N LEU A 220 1.15 -84.48 -43.16
CA LEU A 220 0.96 -85.86 -42.71
C LEU A 220 0.83 -85.94 -41.20
N GLU A 221 1.78 -85.34 -40.49
CA GLU A 221 1.79 -85.38 -39.03
C GLU A 221 0.78 -84.40 -38.44
N SER A 222 0.58 -83.28 -39.13
CA SER A 222 -0.31 -82.22 -38.68
C SER A 222 0.00 -81.80 -37.24
N GLY A 223 1.27 -81.55 -36.97
CA GLY A 223 1.68 -81.19 -35.62
C GLY A 223 2.74 -80.11 -35.63
N MET A 224 2.77 -79.32 -36.69
CA MET A 224 3.78 -78.28 -36.84
C MET A 224 3.14 -76.94 -37.20
N ASP A 225 3.38 -76.49 -38.43
CA ASP A 225 2.81 -75.26 -38.98
C ASP A 225 3.52 -74.93 -40.28
N SER A 226 4.82 -74.73 -40.20
CA SER A 226 5.63 -74.44 -41.36
C SER A 226 6.75 -75.47 -41.48
N CYS A 227 7.45 -75.47 -42.60
CA CYS A 227 8.54 -76.42 -42.82
C CYS A 227 9.68 -75.78 -43.60
N LEU A 228 10.89 -75.93 -43.09
CA LEU A 228 12.07 -75.41 -43.78
C LEU A 228 13.20 -76.43 -43.69
N SER A 229 14.22 -76.24 -44.50
CA SER A 229 15.38 -77.10 -44.48
C SER A 229 16.39 -76.60 -43.45
N LYS A 230 17.12 -77.53 -42.84
CA LYS A 230 18.12 -77.21 -41.81
C LYS A 230 19.06 -76.06 -42.19
N PRO A 231 19.51 -75.95 -43.46
CA PRO A 231 20.26 -74.77 -43.93
C PRO A 231 19.46 -73.47 -43.77
N VAL A 232 19.41 -72.97 -42.55
CA VAL A 232 18.73 -71.73 -42.25
C VAL A 232 19.74 -70.64 -41.95
N THR A 233 20.06 -69.83 -42.96
CA THR A 233 21.01 -68.76 -42.82
C THR A 233 20.45 -67.61 -41.98
N LEU A 234 21.32 -66.65 -41.63
CA LEU A 234 20.95 -65.52 -40.77
C LEU A 234 19.71 -64.79 -41.30
N ASP A 235 19.68 -64.52 -42.58
CA ASP A 235 18.56 -63.77 -43.16
C ASP A 235 17.30 -64.61 -43.15
N VAL A 236 17.47 -65.92 -43.32
CA VAL A 236 16.35 -66.84 -43.34
C VAL A 236 15.68 -66.92 -41.96
N ILE A 237 16.48 -67.16 -40.92
CA ILE A 237 15.96 -67.26 -39.57
C ILE A 237 15.38 -65.93 -39.11
N LYS A 238 16.02 -64.84 -39.51
CA LYS A 238 15.59 -63.50 -39.14
C LYS A 238 14.26 -63.15 -39.79
N GLN A 239 14.15 -63.40 -41.11
CA GLN A 239 12.94 -63.05 -41.85
C GLN A 239 11.77 -63.93 -41.42
N THR A 240 12.03 -65.20 -41.12
CA THR A 240 10.98 -66.10 -40.67
C THR A 240 10.46 -65.68 -39.30
N LEU A 241 11.38 -65.34 -38.41
CA LEU A 241 11.01 -64.90 -37.06
C LEU A 241 10.22 -63.61 -37.12
N THR A 242 10.71 -62.66 -37.90
CA THR A 242 10.06 -61.36 -38.04
C THR A 242 8.67 -61.52 -38.68
N LEU A 243 8.58 -62.38 -39.69
CA LEU A 243 7.32 -62.62 -40.38
C LEU A 243 6.27 -63.18 -39.42
N TYR A 244 6.67 -64.14 -38.60
CA TYR A 244 5.74 -64.80 -37.72
C TYR A 244 5.42 -63.95 -36.49
N ALA A 245 6.36 -63.10 -36.10
CA ALA A 245 6.12 -62.17 -35.00
C ALA A 245 5.01 -61.18 -35.38
N GLU A 246 5.08 -60.68 -36.61
CA GLU A 246 4.05 -59.78 -37.10
C GLU A 246 2.77 -60.57 -37.42
N ARG A 247 2.94 -61.84 -37.78
CA ARG A 247 1.82 -62.70 -38.09
C ARG A 247 0.94 -62.95 -36.87
N VAL A 248 1.58 -63.28 -35.75
CA VAL A 248 0.85 -63.55 -34.51
C VAL A 248 0.22 -62.27 -33.98
N ARG A 249 0.86 -61.14 -34.26
CA ARG A 249 0.29 -59.84 -33.92
C ARG A 249 -0.97 -59.56 -34.74
N LYS A 250 -0.99 -60.08 -35.97
CA LYS A 250 -2.14 -59.91 -36.85
C LYS A 250 -3.34 -60.71 -36.35
N SER A 251 -3.07 -61.89 -35.80
CA SER A 251 -4.12 -62.79 -35.36
C SER A 251 -4.60 -62.44 -33.95
N ARG A 252 -3.65 -62.20 -33.06
CA ARG A 252 -3.98 -61.91 -31.66
C ARG A 252 -4.53 -60.49 -31.51
N ASP A 253 -3.81 -59.51 -32.04
CA ASP A 253 -4.21 -58.12 -31.86
C ASP A 253 -4.87 -57.58 -33.13
N SER A 254 -4.57 -56.34 -33.48
CA SER A 254 -5.17 -55.69 -34.62
C SER A 254 -4.10 -55.18 -35.57
N MET A 1 12.14 12.90 -4.38
CA MET A 1 10.67 12.93 -4.54
C MET A 1 10.26 12.04 -5.69
N GLY A 2 9.49 11.02 -5.39
CA GLY A 2 9.03 10.08 -6.39
C GLY A 2 8.21 8.98 -5.77
N GLY A 3 7.29 9.36 -4.91
CA GLY A 3 6.49 8.40 -4.19
C GLY A 3 5.64 9.06 -3.12
N SER A 4 4.47 8.50 -2.86
CA SER A 4 3.57 9.03 -1.86
C SER A 4 3.49 8.10 -0.66
N GLY A 5 2.73 7.03 -0.81
CA GLY A 5 2.58 6.09 0.26
C GLY A 5 1.89 4.83 -0.20
N VAL A 6 1.26 4.11 0.74
CA VAL A 6 0.56 2.87 0.45
C VAL A 6 1.43 1.91 -0.37
N GLU A 7 2.72 1.89 -0.05
CA GLU A 7 3.65 1.03 -0.75
C GLU A 7 3.63 -0.37 -0.15
N GLY A 8 3.24 -0.45 1.11
CA GLY A 8 3.14 -1.73 1.78
C GLY A 8 3.46 -1.62 3.25
N LEU A 9 2.52 -2.01 4.09
CA LEU A 9 2.73 -2.01 5.53
C LEU A 9 3.50 -3.26 5.93
N SER A 10 3.30 -4.33 5.16
CA SER A 10 4.06 -5.56 5.30
C SER A 10 5.54 -5.30 5.00
N GLY A 11 6.28 -4.94 6.04
CA GLY A 11 7.67 -4.59 5.88
C GLY A 11 8.13 -3.66 6.98
N LYS A 12 7.16 -3.01 7.63
CA LYS A 12 7.44 -2.18 8.78
C LYS A 12 7.67 -3.06 10.00
N ARG A 13 8.73 -2.80 10.73
CA ARG A 13 9.15 -3.70 11.79
C ARG A 13 8.63 -3.25 13.15
N CYS A 14 8.19 -4.21 13.94
CA CYS A 14 7.78 -3.95 15.31
C CYS A 14 8.60 -4.80 16.27
N TRP A 15 9.37 -4.15 17.13
CA TRP A 15 10.24 -4.86 18.06
C TRP A 15 9.61 -4.93 19.42
N LEU A 16 9.35 -6.15 19.89
CA LEU A 16 8.67 -6.34 21.16
C LEU A 16 9.60 -6.91 22.22
N ALA A 17 9.80 -6.16 23.29
CA ALA A 17 10.58 -6.63 24.42
C ALA A 17 9.65 -6.89 25.60
N VAL A 18 8.53 -7.55 25.30
CA VAL A 18 7.51 -7.83 26.29
C VAL A 18 7.63 -9.27 26.78
N ARG A 19 7.76 -9.44 28.09
CA ARG A 19 7.83 -10.76 28.67
C ARG A 19 6.43 -11.25 28.99
N ASN A 20 5.51 -10.30 29.10
CA ASN A 20 4.10 -10.59 29.28
C ASN A 20 3.51 -11.16 27.99
N ALA A 21 3.33 -12.47 27.95
CA ALA A 21 2.83 -13.15 26.75
C ALA A 21 1.45 -12.63 26.35
N SER A 22 0.63 -12.31 27.35
CA SER A 22 -0.69 -11.78 27.09
C SER A 22 -0.60 -10.44 26.35
N LEU A 23 0.28 -9.58 26.84
CA LEU A 23 0.48 -8.26 26.26
C LEU A 23 1.15 -8.37 24.88
N CYS A 24 2.22 -9.15 24.81
CA CYS A 24 2.99 -9.30 23.59
C CYS A 24 2.12 -9.90 22.49
N GLN A 25 1.46 -11.01 22.79
CA GLN A 25 0.65 -11.71 21.79
C GLN A 25 -0.51 -10.85 21.29
N PHE A 26 -1.09 -10.06 22.19
CA PHE A 26 -2.21 -9.18 21.83
C PHE A 26 -1.77 -8.20 20.75
N LEU A 27 -0.68 -7.49 21.00
CA LEU A 27 -0.17 -6.49 20.08
C LEU A 27 0.32 -7.13 18.79
N GLU A 28 1.13 -8.18 18.92
CA GLU A 28 1.78 -8.79 17.77
C GLU A 28 0.75 -9.34 16.77
N THR A 29 -0.27 -10.03 17.27
CA THR A 29 -1.29 -10.60 16.39
C THR A 29 -2.06 -9.50 15.67
N SER A 30 -2.42 -8.46 16.41
CA SER A 30 -3.16 -7.34 15.84
C SER A 30 -2.34 -6.61 14.77
N LEU A 31 -1.05 -6.45 15.02
CA LEU A 31 -0.17 -5.76 14.09
C LEU A 31 0.09 -6.60 12.84
N GLN A 32 0.23 -7.90 13.03
CA GLN A 32 0.47 -8.82 11.92
C GLN A 32 -0.74 -8.88 10.99
N ARG A 33 -1.89 -8.39 11.46
CA ARG A 33 -3.08 -8.33 10.63
C ARG A 33 -2.98 -7.19 9.62
N SER A 34 -2.04 -6.28 9.84
CA SER A 34 -1.81 -5.18 8.92
C SER A 34 -0.54 -5.42 8.10
N GLY A 35 0.12 -6.54 8.37
CA GLY A 35 1.32 -6.88 7.64
C GLY A 35 2.58 -6.50 8.39
N ILE A 36 2.42 -5.92 9.57
CA ILE A 36 3.56 -5.48 10.37
C ILE A 36 4.37 -6.69 10.83
N VAL A 37 5.64 -6.73 10.45
CA VAL A 37 6.50 -7.83 10.82
C VAL A 37 6.97 -7.66 12.26
N VAL A 38 6.28 -8.36 13.15
CA VAL A 38 6.60 -8.33 14.56
C VAL A 38 7.75 -9.26 14.88
N THR A 39 8.82 -8.71 15.40
CA THR A 39 9.98 -9.49 15.81
C THR A 39 10.30 -9.22 17.26
N THR A 40 10.38 -10.29 18.05
CA THR A 40 10.74 -10.17 19.45
C THR A 40 12.12 -9.56 19.60
N TYR A 41 12.18 -8.37 20.19
CA TYR A 41 13.45 -7.68 20.40
C TYR A 41 14.26 -8.34 21.49
N GLU A 42 15.17 -9.22 21.08
CA GLU A 42 16.06 -9.88 22.03
C GLU A 42 17.37 -9.09 22.15
N GLY A 43 17.98 -8.82 21.01
CA GLY A 43 19.22 -8.08 20.98
C GLY A 43 19.53 -7.60 19.58
N GLN A 44 18.73 -6.67 19.09
CA GLN A 44 18.86 -6.17 17.73
C GLN A 44 19.21 -4.69 17.73
N GLU A 45 19.35 -4.13 16.53
CA GLU A 45 19.71 -2.73 16.38
C GLU A 45 18.46 -1.90 16.10
N PRO A 46 18.40 -0.68 16.65
CA PRO A 46 17.25 0.21 16.49
C PRO A 46 17.21 0.94 15.14
N THR A 47 16.02 1.19 14.64
CA THR A 47 15.84 1.89 13.37
C THR A 47 14.78 3.00 13.51
N PRO A 48 14.97 4.14 12.82
CA PRO A 48 14.10 5.32 12.94
C PRO A 48 12.65 5.07 12.51
N GLU A 49 12.41 3.94 11.86
CA GLU A 49 11.09 3.58 11.40
C GLU A 49 10.43 2.61 12.39
N ASP A 50 11.21 2.11 13.33
CA ASP A 50 10.79 0.99 14.17
C ASP A 50 10.46 1.45 15.58
N VAL A 51 9.66 0.63 16.26
CA VAL A 51 9.25 0.95 17.62
C VAL A 51 9.56 -0.21 18.56
N LEU A 52 10.04 0.13 19.75
CA LEU A 52 10.33 -0.86 20.77
C LEU A 52 9.25 -0.84 21.84
N ILE A 53 8.37 -1.82 21.79
CA ILE A 53 7.34 -1.96 22.81
C ILE A 53 7.83 -2.94 23.87
N THR A 54 8.17 -2.41 25.03
CA THR A 54 8.76 -3.22 26.09
C THR A 54 7.88 -3.19 27.33
N ASP A 55 7.88 -4.27 28.08
CA ASP A 55 7.14 -4.33 29.33
C ASP A 55 8.13 -4.36 30.50
N GLU A 56 7.94 -3.41 31.42
CA GLU A 56 8.87 -3.13 32.51
C GLU A 56 10.09 -2.38 31.98
N VAL A 57 10.94 -1.95 32.90
CA VAL A 57 12.11 -1.15 32.54
C VAL A 57 13.24 -2.03 32.04
N VAL A 58 13.42 -2.04 30.73
CA VAL A 58 14.48 -2.84 30.10
C VAL A 58 15.83 -2.12 30.18
N SER A 59 15.82 -0.92 30.77
CA SER A 59 17.04 -0.12 30.95
C SER A 59 17.71 0.19 29.62
N LYS A 60 16.89 0.49 28.62
CA LYS A 60 17.38 0.83 27.29
C LYS A 60 16.72 2.12 26.83
N LYS A 61 17.39 2.86 25.95
CA LYS A 61 16.87 4.12 25.47
C LYS A 61 16.13 3.95 24.14
N TRP A 62 16.79 3.27 23.20
CA TRP A 62 16.23 2.99 21.88
C TRP A 62 16.32 4.24 20.99
N GLN A 63 16.67 4.03 19.73
CA GLN A 63 16.74 5.11 18.77
C GLN A 63 15.94 4.76 17.53
N GLY A 64 14.78 5.38 17.38
CA GLY A 64 13.97 5.08 16.24
C GLY A 64 12.69 5.90 16.20
N ARG A 65 11.60 5.25 15.80
CA ARG A 65 10.31 5.93 15.69
C ARG A 65 9.81 6.32 17.08
N ALA A 66 9.77 5.33 17.97
CA ALA A 66 9.32 5.54 19.34
C ALA A 66 9.61 4.32 20.20
N VAL A 67 9.53 4.49 21.50
CA VAL A 67 9.66 3.39 22.44
C VAL A 67 8.51 3.43 23.45
N VAL A 68 7.74 2.36 23.50
CA VAL A 68 6.60 2.28 24.39
C VAL A 68 6.92 1.37 25.56
N THR A 69 7.18 1.97 26.71
CA THR A 69 7.56 1.24 27.90
C THR A 69 6.39 1.13 28.88
N PHE A 70 5.96 -0.09 29.13
CA PHE A 70 4.91 -0.33 30.09
C PHE A 70 5.49 -0.35 31.50
N CYS A 71 4.85 0.35 32.43
CA CYS A 71 5.33 0.41 33.80
C CYS A 71 4.60 -0.63 34.65
N ARG A 72 5.36 -1.32 35.49
CA ARG A 72 4.77 -2.37 36.33
C ARG A 72 5.32 -2.29 37.75
N ARG A 73 6.58 -2.69 37.91
CA ARG A 73 7.20 -2.73 39.23
C ARG A 73 8.29 -1.69 39.32
N HIS A 74 8.98 -1.47 38.21
CA HIS A 74 10.07 -0.51 38.17
C HIS A 74 9.61 0.80 37.57
N ILE A 75 10.02 1.90 38.17
CA ILE A 75 9.65 3.23 37.71
C ILE A 75 10.88 4.10 37.58
N GLY A 76 11.06 4.71 36.42
CA GLY A 76 12.20 5.58 36.21
C GLY A 76 12.68 5.59 34.77
N ILE A 77 11.77 5.31 33.84
CA ILE A 77 12.10 5.36 32.43
C ILE A 77 11.50 6.62 31.80
N PRO A 78 12.18 7.21 30.81
CA PRO A 78 11.72 8.44 30.16
C PRO A 78 10.36 8.28 29.47
N LEU A 79 9.42 9.15 29.82
CA LEU A 79 8.12 9.16 29.20
C LEU A 79 8.07 10.23 28.11
N GLU A 80 6.86 10.62 27.71
CA GLU A 80 6.65 11.66 26.71
C GLU A 80 7.06 13.04 27.20
N LYS A 81 8.32 13.13 27.54
CA LYS A 81 9.01 14.38 27.80
C LYS A 81 10.26 14.37 26.96
N ALA A 82 10.30 13.39 26.07
CA ALA A 82 11.39 13.20 25.13
C ALA A 82 10.80 12.95 23.74
N PRO A 83 11.61 13.07 22.67
CA PRO A 83 11.13 13.07 21.26
C PRO A 83 10.29 11.86 20.86
N GLY A 84 10.45 10.72 21.53
CA GLY A 84 9.75 9.52 21.09
C GLY A 84 9.61 8.51 22.20
N GLU A 85 9.59 8.99 23.42
CA GLU A 85 9.55 8.14 24.59
C GLU A 85 8.15 8.12 25.17
N TRP A 86 7.62 6.93 25.41
CA TRP A 86 6.26 6.77 25.91
C TRP A 86 6.26 5.77 27.07
N VAL A 87 5.46 6.05 28.11
CA VAL A 87 5.28 5.10 29.21
C VAL A 87 3.81 5.00 29.59
N HIS A 88 3.40 3.82 30.06
CA HIS A 88 2.03 3.61 30.49
C HIS A 88 1.88 2.28 31.20
N SER A 89 0.97 2.22 32.16
CA SER A 89 0.67 0.97 32.85
C SER A 89 -0.66 0.42 32.38
N VAL A 90 -0.62 -0.59 31.52
CA VAL A 90 -1.82 -1.20 30.99
C VAL A 90 -1.47 -2.47 30.20
N ALA A 91 -2.44 -3.35 30.00
CA ALA A 91 -2.20 -4.60 29.29
C ALA A 91 -2.54 -4.47 27.80
N ALA A 92 -2.48 -3.24 27.31
CA ALA A 92 -2.79 -2.94 25.90
C ALA A 92 -4.15 -3.49 25.49
N PRO A 93 -5.25 -2.99 26.09
CA PRO A 93 -6.61 -3.47 25.79
C PRO A 93 -7.02 -3.18 24.36
N HIS A 94 -6.86 -1.91 23.96
CA HIS A 94 -7.23 -1.48 22.63
C HIS A 94 -6.53 -0.15 22.31
N GLU A 95 -6.31 0.65 23.34
CA GLU A 95 -5.70 1.97 23.19
C GLU A 95 -4.28 1.88 22.61
N LEU A 96 -3.48 0.96 23.13
CA LEU A 96 -2.08 0.83 22.71
C LEU A 96 -1.99 0.37 21.25
N PRO A 97 -2.63 -0.75 20.85
CA PRO A 97 -2.63 -1.19 19.45
C PRO A 97 -3.18 -0.12 18.51
N ALA A 98 -4.16 0.64 18.99
CA ALA A 98 -4.71 1.75 18.22
C ALA A 98 -3.66 2.82 17.98
N LEU A 99 -2.92 3.14 19.04
CA LEU A 99 -1.85 4.14 18.97
C LEU A 99 -0.80 3.72 17.94
N LEU A 100 -0.38 2.47 18.05
CA LEU A 100 0.67 1.93 17.18
C LEU A 100 0.21 1.87 15.74
N ALA A 101 -1.03 1.46 15.52
CA ALA A 101 -1.58 1.34 14.18
C ALA A 101 -1.57 2.70 13.46
N ARG A 102 -2.09 3.73 14.13
CA ARG A 102 -2.19 5.04 13.51
C ARG A 102 -0.81 5.71 13.39
N ILE A 103 0.12 5.32 14.25
CA ILE A 103 1.46 5.85 14.21
C ILE A 103 2.26 5.28 13.03
N TYR A 104 1.85 4.10 12.55
CA TYR A 104 2.49 3.48 11.40
C TYR A 104 1.99 4.10 10.11
N LEU A 105 0.83 4.75 10.20
CA LEU A 105 0.21 5.44 9.07
C LEU A 105 -0.27 4.47 7.99
N ILE A 106 -1.53 4.07 8.09
CA ILE A 106 -2.15 3.22 7.10
C ILE A 106 -3.11 4.05 6.27
N GLU A 107 -2.71 4.35 5.05
CA GLU A 107 -3.50 5.23 4.21
C GLU A 107 -4.16 4.44 3.10
N MET A 108 -5.04 3.53 3.47
CA MET A 108 -5.78 2.74 2.51
C MET A 108 -6.60 3.65 1.59
N GLU A 109 -6.48 3.42 0.29
CA GLU A 109 -7.19 4.23 -0.69
C GLU A 109 -8.29 3.42 -1.35
N SER A 110 -9.39 4.07 -1.68
CA SER A 110 -10.52 3.40 -2.31
C SER A 110 -10.43 3.55 -3.82
N ASP A 111 -11.06 2.63 -4.53
CA ASP A 111 -11.09 2.68 -5.98
C ASP A 111 -12.53 2.86 -6.46
N ASP A 112 -12.80 4.02 -7.02
CA ASP A 112 -14.16 4.38 -7.41
C ASP A 112 -14.25 4.60 -8.93
N PRO A 113 -14.67 3.58 -9.67
CA PRO A 113 -14.79 3.63 -11.11
C PRO A 113 -16.17 4.10 -11.57
N ALA A 114 -16.18 4.98 -12.57
CA ALA A 114 -17.41 5.49 -13.16
C ALA A 114 -17.09 6.25 -14.44
N ASN A 115 -18.06 6.34 -15.34
CA ASN A 115 -17.87 7.05 -16.59
C ASN A 115 -19.20 7.30 -17.31
N ALA A 116 -20.08 8.04 -16.64
CA ALA A 116 -21.38 8.37 -17.20
C ALA A 116 -21.28 9.59 -18.11
N LEU A 117 -21.47 9.39 -19.40
CA LEU A 117 -21.35 10.48 -20.36
C LEU A 117 -22.58 10.56 -21.26
N PRO A 118 -23.43 11.57 -21.07
CA PRO A 118 -24.62 11.80 -21.88
C PRO A 118 -24.29 12.52 -23.18
N SER A 119 -24.62 11.91 -24.30
CA SER A 119 -24.39 12.52 -25.61
C SER A 119 -25.50 12.17 -26.59
N THR A 120 -26.24 13.18 -27.03
CA THR A 120 -27.30 13.00 -28.01
C THR A 120 -27.38 14.20 -28.96
N ASP A 121 -27.30 13.93 -30.24
CA ASP A 121 -27.36 14.99 -31.25
C ASP A 121 -28.56 14.80 -32.17
N LYS A 122 -29.19 15.91 -32.54
CA LYS A 122 -30.32 15.90 -33.46
C LYS A 122 -30.71 17.33 -33.85
N ALA A 123 -30.70 17.62 -35.13
CA ALA A 123 -31.04 18.95 -35.62
C ALA A 123 -31.72 18.89 -36.97
N VAL A 124 -32.91 19.47 -37.04
CA VAL A 124 -33.65 19.57 -38.29
C VAL A 124 -34.70 20.69 -38.18
N SER A 125 -34.91 21.43 -39.26
CA SER A 125 -35.88 22.51 -39.28
C SER A 125 -36.33 22.80 -40.70
N ASP A 126 -37.62 23.13 -40.86
CA ASP A 126 -38.20 23.46 -42.17
C ASP A 126 -39.57 24.10 -41.99
N ASN A 127 -39.83 25.15 -42.74
CA ASN A 127 -41.12 25.83 -42.67
C ASN A 127 -41.43 26.53 -43.98
N ASP A 128 -41.20 25.82 -45.07
CA ASP A 128 -41.48 26.34 -46.40
C ASP A 128 -42.28 25.33 -47.19
N ASP A 129 -42.96 25.78 -48.23
CA ASP A 129 -43.82 24.89 -49.02
C ASP A 129 -44.16 25.48 -50.37
N MET A 130 -45.38 26.00 -50.49
CA MET A 130 -45.88 26.52 -51.76
C MET A 130 -45.69 28.03 -51.84
N MET A 131 -45.25 28.50 -53.00
CA MET A 131 -44.98 29.93 -53.19
C MET A 131 -45.89 30.52 -54.26
N ILE A 132 -46.67 31.51 -53.87
CA ILE A 132 -47.53 32.22 -54.78
C ILE A 132 -46.98 33.61 -55.04
N LEU A 133 -46.76 33.95 -56.29
CA LEU A 133 -46.18 35.23 -56.66
C LEU A 133 -47.25 36.21 -57.07
N VAL A 134 -47.21 37.40 -56.48
CA VAL A 134 -48.16 38.45 -56.79
C VAL A 134 -47.44 39.66 -57.35
N VAL A 135 -47.76 39.99 -58.59
CA VAL A 135 -47.18 41.14 -59.25
C VAL A 135 -48.26 42.18 -59.49
N ASP A 136 -48.32 43.18 -58.62
CA ASP A 136 -49.32 44.22 -58.73
C ASP A 136 -48.68 45.57 -58.98
N ASP A 137 -49.36 46.41 -59.73
CA ASP A 137 -48.81 47.67 -60.19
C ASP A 137 -49.11 48.82 -59.23
N HIS A 138 -50.05 48.62 -58.32
CA HIS A 138 -50.46 49.69 -57.41
C HIS A 138 -50.33 49.25 -55.94
N PRO A 139 -49.21 49.65 -55.31
CA PRO A 139 -48.75 49.17 -53.98
C PRO A 139 -49.84 48.78 -52.97
N ILE A 140 -50.91 49.55 -52.87
CA ILE A 140 -51.96 49.29 -51.90
C ILE A 140 -52.57 47.90 -52.10
N ASN A 141 -52.68 47.47 -53.35
CA ASN A 141 -53.26 46.17 -53.67
C ASN A 141 -52.31 45.06 -53.28
N ARG A 142 -51.01 45.30 -53.49
CA ARG A 142 -49.98 44.35 -53.11
C ARG A 142 -50.15 43.97 -51.65
N ARG A 143 -50.37 44.96 -50.81
CA ARG A 143 -50.62 44.73 -49.39
C ARG A 143 -51.84 43.85 -49.20
N LEU A 144 -52.93 44.21 -49.87
CA LEU A 144 -54.22 43.59 -49.63
C LEU A 144 -54.23 42.10 -49.98
N LEU A 145 -53.81 41.75 -51.20
CA LEU A 145 -53.87 40.35 -51.63
C LEU A 145 -52.80 39.53 -50.92
N ALA A 146 -51.66 40.15 -50.63
CA ALA A 146 -50.59 39.45 -49.95
C ALA A 146 -51.00 39.11 -48.51
N ASP A 147 -51.69 40.05 -47.88
CA ASP A 147 -52.20 39.85 -46.53
C ASP A 147 -53.23 38.72 -46.51
N GLN A 148 -54.08 38.70 -47.54
CA GLN A 148 -55.05 37.63 -47.71
C GLN A 148 -54.33 36.28 -47.82
N LEU A 149 -53.31 36.23 -48.66
CA LEU A 149 -52.50 35.03 -48.83
C LEU A 149 -51.84 34.62 -47.52
N GLY A 150 -51.47 35.62 -46.71
CA GLY A 150 -50.87 35.36 -45.43
C GLY A 150 -51.82 34.66 -44.47
N SER A 151 -53.08 35.07 -44.48
CA SER A 151 -54.09 34.46 -43.62
C SER A 151 -54.38 33.02 -44.08
N LEU A 152 -54.13 32.76 -45.36
CA LEU A 152 -54.29 31.41 -45.90
C LEU A 152 -53.15 30.51 -45.42
N GLY A 153 -52.01 31.13 -45.13
CA GLY A 153 -50.89 30.40 -44.56
C GLY A 153 -49.90 29.91 -45.59
N TYR A 154 -49.85 30.59 -46.73
CA TYR A 154 -48.93 30.20 -47.79
C TYR A 154 -47.89 31.28 -48.04
N GLN A 155 -46.79 30.92 -48.69
CA GLN A 155 -45.71 31.86 -48.93
C GLN A 155 -46.07 32.79 -50.08
N CYS A 156 -45.88 34.08 -49.86
CA CYS A 156 -46.21 35.08 -50.86
C CYS A 156 -44.95 35.82 -51.31
N LYS A 157 -44.88 36.15 -52.58
CA LYS A 157 -43.79 36.94 -53.11
C LYS A 157 -44.34 38.15 -53.83
N THR A 158 -44.15 39.32 -53.25
CA THR A 158 -44.70 40.55 -53.80
C THR A 158 -43.70 41.26 -54.71
N ALA A 159 -44.17 41.69 -55.87
CA ALA A 159 -43.34 42.40 -56.82
C ALA A 159 -44.16 43.44 -57.60
N ASN A 160 -43.50 44.20 -58.46
CA ASN A 160 -44.16 45.20 -59.30
C ASN A 160 -43.35 45.45 -60.57
N ASP A 161 -43.50 44.55 -61.54
CA ASP A 161 -42.84 44.66 -62.85
C ASP A 161 -42.92 43.33 -63.58
N GLY A 162 -43.06 43.39 -64.90
CA GLY A 162 -43.13 42.18 -65.69
C GLY A 162 -41.78 41.50 -65.82
N VAL A 163 -40.73 42.28 -66.03
CA VAL A 163 -39.39 41.74 -66.20
C VAL A 163 -38.88 41.15 -64.88
N ASP A 164 -39.29 41.74 -63.77
CA ASP A 164 -38.86 41.26 -62.46
C ASP A 164 -39.56 39.95 -62.11
N ALA A 165 -40.84 39.86 -62.50
CA ALA A 165 -41.60 38.63 -62.31
C ALA A 165 -40.94 37.49 -63.08
N LEU A 166 -40.41 37.81 -64.26
CA LEU A 166 -39.70 36.85 -65.07
C LEU A 166 -38.39 36.44 -64.40
N ASN A 167 -37.68 37.43 -63.87
CA ASN A 167 -36.41 37.18 -63.18
C ASN A 167 -36.61 36.23 -62.01
N VAL A 168 -37.58 36.55 -61.16
CA VAL A 168 -37.88 35.72 -59.99
C VAL A 168 -38.36 34.33 -60.42
N LEU A 169 -39.02 34.25 -61.56
CA LEU A 169 -39.49 32.98 -62.11
C LEU A 169 -38.31 32.06 -62.43
N SER A 170 -37.23 32.65 -62.94
CA SER A 170 -36.07 31.86 -63.34
C SER A 170 -35.17 31.57 -62.14
N LYS A 171 -35.34 32.35 -61.08
CA LYS A 171 -34.53 32.19 -59.87
C LYS A 171 -35.15 31.16 -58.93
N ASN A 172 -36.44 31.28 -58.69
CA ASN A 172 -37.12 30.44 -57.73
C ASN A 172 -38.40 29.82 -58.33
N HIS A 173 -38.94 28.82 -57.66
CA HIS A 173 -40.13 28.13 -58.14
C HIS A 173 -41.38 28.83 -57.66
N ILE A 174 -42.28 29.13 -58.58
CA ILE A 174 -43.57 29.70 -58.25
C ILE A 174 -44.67 28.73 -58.68
N ASP A 175 -45.67 28.54 -57.83
CA ASP A 175 -46.75 27.61 -58.12
C ASP A 175 -47.87 28.30 -58.88
N ILE A 176 -48.29 29.46 -58.39
CA ILE A 176 -49.37 30.21 -59.00
C ILE A 176 -48.93 31.67 -59.24
N VAL A 177 -49.27 32.21 -60.41
CA VAL A 177 -48.89 33.58 -60.73
C VAL A 177 -50.11 34.50 -60.78
N LEU A 178 -50.13 35.49 -59.90
CA LEU A 178 -51.19 36.49 -59.90
C LEU A 178 -50.66 37.80 -60.48
N SER A 179 -51.18 38.17 -61.64
CA SER A 179 -50.79 39.43 -62.26
C SER A 179 -51.91 40.45 -62.09
N ASP A 180 -51.78 41.30 -61.08
CA ASP A 180 -52.82 42.25 -60.73
C ASP A 180 -52.42 43.65 -61.17
N VAL A 181 -53.07 44.13 -62.22
CA VAL A 181 -52.73 45.42 -62.79
C VAL A 181 -53.95 46.34 -62.85
N ASN A 182 -53.75 47.59 -62.44
CA ASN A 182 -54.80 48.60 -62.57
C ASN A 182 -54.94 48.97 -64.03
N MET A 183 -53.81 49.28 -64.65
CA MET A 183 -53.75 49.55 -66.08
C MET A 183 -52.30 49.55 -66.51
N PRO A 184 -52.01 49.08 -67.74
CA PRO A 184 -50.63 48.98 -68.24
C PRO A 184 -49.90 50.31 -68.21
N ASN A 185 -50.62 51.39 -68.51
CA ASN A 185 -50.05 52.75 -68.48
C ASN A 185 -48.93 52.90 -69.51
N MET A 186 -48.99 52.07 -70.55
CA MET A 186 -47.97 52.04 -71.60
C MET A 186 -48.36 51.01 -72.65
N ASP A 187 -48.14 49.74 -72.35
CA ASP A 187 -48.54 48.65 -73.21
C ASP A 187 -48.75 47.38 -72.40
N GLY A 188 -49.64 46.53 -72.87
CA GLY A 188 -49.87 45.25 -72.21
C GLY A 188 -49.62 44.10 -73.15
N TYR A 189 -48.55 44.20 -73.92
CA TYR A 189 -48.24 43.18 -74.92
C TYR A 189 -46.85 42.61 -74.66
N ARG A 190 -45.91 43.49 -74.39
CA ARG A 190 -44.52 43.09 -74.17
C ARG A 190 -44.40 42.12 -72.99
N LEU A 191 -45.19 42.36 -71.95
CA LEU A 191 -45.16 41.53 -70.76
C LEU A 191 -45.61 40.11 -71.08
N THR A 192 -46.73 39.98 -71.77
CA THR A 192 -47.28 38.68 -72.12
C THR A 192 -46.35 37.91 -73.04
N GLN A 193 -45.79 38.62 -74.03
CA GLN A 193 -44.86 38.01 -74.97
C GLN A 193 -43.63 37.48 -74.22
N ARG A 194 -43.06 38.31 -73.36
CA ARG A 194 -41.83 37.97 -72.63
C ARG A 194 -42.05 36.76 -71.72
N ILE A 195 -43.19 36.73 -71.02
CA ILE A 195 -43.49 35.64 -70.09
C ILE A 195 -43.49 34.29 -70.80
N ARG A 196 -44.25 34.20 -71.88
CA ARG A 196 -44.36 32.96 -72.65
C ARG A 196 -43.08 32.67 -73.43
N GLN A 197 -42.29 33.70 -73.69
CA GLN A 197 -41.02 33.53 -74.39
C GLN A 197 -40.04 32.73 -73.54
N LEU A 198 -39.95 33.10 -72.26
CA LEU A 198 -39.07 32.41 -71.33
C LEU A 198 -39.58 30.99 -71.08
N GLY A 199 -40.88 30.87 -70.88
CA GLY A 199 -41.47 29.56 -70.68
C GLY A 199 -42.28 29.48 -69.41
N LEU A 200 -43.51 29.96 -69.48
CA LEU A 200 -44.41 29.91 -68.34
C LEU A 200 -44.83 28.46 -68.06
N THR A 201 -44.54 27.99 -66.87
CA THR A 201 -44.91 26.62 -66.48
C THR A 201 -45.94 26.64 -65.37
N LEU A 202 -46.44 27.83 -65.07
CA LEU A 202 -47.38 28.02 -63.98
C LEU A 202 -48.58 28.81 -64.48
N PRO A 203 -49.80 28.42 -64.07
CA PRO A 203 -51.03 29.09 -64.50
C PRO A 203 -51.04 30.56 -64.13
N VAL A 204 -51.15 31.43 -65.13
CA VAL A 204 -51.15 32.86 -64.89
C VAL A 204 -52.58 33.38 -64.82
N ILE A 205 -52.88 34.11 -63.74
CA ILE A 205 -54.17 34.73 -63.58
C ILE A 205 -54.04 36.24 -63.76
N GLY A 206 -54.58 36.74 -64.85
CA GLY A 206 -54.49 38.15 -65.15
C GLY A 206 -55.68 38.92 -64.65
N VAL A 207 -55.53 39.54 -63.48
CA VAL A 207 -56.55 40.38 -62.93
C VAL A 207 -56.31 41.84 -63.32
N THR A 208 -57.26 42.43 -64.02
CA THR A 208 -57.14 43.81 -64.48
C THR A 208 -58.34 44.62 -64.02
N ALA A 209 -58.16 45.94 -63.88
CA ALA A 209 -59.25 46.80 -63.49
C ALA A 209 -60.04 47.26 -64.70
N ASN A 210 -61.20 46.64 -64.91
CA ASN A 210 -62.13 46.99 -66.00
C ASN A 210 -61.41 47.32 -67.30
N ALA A 211 -60.79 46.30 -67.90
CA ALA A 211 -60.03 46.49 -69.12
C ALA A 211 -60.93 46.73 -70.32
N LEU A 212 -61.88 45.83 -70.51
CA LEU A 212 -62.80 45.86 -71.64
C LEU A 212 -63.53 44.53 -71.71
N ALA A 213 -62.74 43.47 -71.74
CA ALA A 213 -63.23 42.11 -71.78
C ALA A 213 -62.10 41.15 -71.41
N GLU A 214 -61.93 40.93 -70.12
CA GLU A 214 -60.84 40.09 -69.60
C GLU A 214 -60.85 38.70 -70.24
N GLU A 215 -62.04 38.18 -70.50
CA GLU A 215 -62.19 36.86 -71.09
C GLU A 215 -61.71 36.86 -72.54
N LYS A 216 -62.04 37.94 -73.26
CA LYS A 216 -61.66 38.07 -74.66
C LYS A 216 -60.16 38.29 -74.79
N GLN A 217 -59.61 39.02 -73.82
CA GLN A 217 -58.18 39.23 -73.75
C GLN A 217 -57.47 37.89 -73.62
N ARG A 218 -57.95 37.06 -72.70
CA ARG A 218 -57.39 35.74 -72.47
C ARG A 218 -57.46 34.89 -73.73
N CYS A 219 -58.51 35.06 -74.51
CA CYS A 219 -58.65 34.33 -75.76
C CYS A 219 -57.65 34.85 -76.80
N LEU A 220 -57.37 36.14 -76.74
CA LEU A 220 -56.46 36.76 -77.68
C LEU A 220 -55.01 36.35 -77.41
N GLU A 221 -54.55 36.51 -76.18
CA GLU A 221 -53.17 36.22 -75.85
C GLU A 221 -52.93 34.72 -75.70
N SER A 222 -53.83 34.06 -74.96
CA SER A 222 -53.70 32.64 -74.63
C SER A 222 -52.32 32.31 -74.05
N GLY A 223 -51.86 33.16 -73.14
CA GLY A 223 -50.57 32.94 -72.51
C GLY A 223 -50.69 32.86 -71.00
N MET A 224 -51.63 33.60 -70.45
CA MET A 224 -51.89 33.58 -69.02
C MET A 224 -52.57 32.27 -68.63
N ASP A 225 -53.92 32.29 -68.65
CA ASP A 225 -54.80 31.12 -68.47
C ASP A 225 -56.10 31.53 -67.81
N SER A 226 -56.01 32.28 -66.72
CA SER A 226 -57.20 32.74 -66.02
C SER A 226 -57.34 34.26 -66.12
N CYS A 227 -58.57 34.72 -66.12
CA CYS A 227 -58.86 36.15 -66.20
C CYS A 227 -59.58 36.60 -64.92
N LEU A 228 -59.25 37.79 -64.45
CA LEU A 228 -59.86 38.33 -63.24
C LEU A 228 -59.96 39.85 -63.32
N SER A 229 -60.71 40.42 -62.41
CA SER A 229 -60.81 41.87 -62.31
C SER A 229 -60.24 42.34 -60.97
N LYS A 230 -59.69 43.56 -60.95
CA LYS A 230 -59.08 44.13 -59.75
C LYS A 230 -60.01 44.07 -58.53
N PRO A 231 -61.33 44.40 -58.66
CA PRO A 231 -62.28 44.25 -57.55
C PRO A 231 -62.56 42.79 -57.20
N VAL A 232 -61.53 42.09 -56.74
CA VAL A 232 -61.67 40.73 -56.28
C VAL A 232 -61.90 40.73 -54.76
N THR A 233 -62.66 39.77 -54.28
CA THR A 233 -62.99 39.69 -52.88
C THR A 233 -62.17 38.61 -52.18
N LEU A 234 -62.19 38.60 -50.86
CA LEU A 234 -61.48 37.61 -50.07
C LEU A 234 -62.04 36.22 -50.32
N ASP A 235 -63.35 36.16 -50.52
CA ASP A 235 -64.03 34.89 -50.76
C ASP A 235 -63.55 34.27 -52.07
N VAL A 236 -63.51 35.09 -53.11
CA VAL A 236 -63.08 34.64 -54.42
C VAL A 236 -61.60 34.29 -54.42
N ILE A 237 -60.78 35.15 -53.81
CA ILE A 237 -59.34 34.91 -53.77
C ILE A 237 -59.04 33.62 -52.99
N LYS A 238 -59.82 33.36 -51.95
CA LYS A 238 -59.64 32.15 -51.15
C LYS A 238 -60.00 30.92 -51.96
N GLN A 239 -61.15 30.96 -52.63
CA GLN A 239 -61.61 29.85 -53.45
C GLN A 239 -60.62 29.55 -54.57
N THR A 240 -60.12 30.60 -55.20
CA THR A 240 -59.17 30.45 -56.30
C THR A 240 -57.86 29.83 -55.83
N LEU A 241 -57.29 30.39 -54.76
CA LEU A 241 -56.02 29.91 -54.24
C LEU A 241 -56.15 28.47 -53.75
N THR A 242 -57.22 28.19 -53.02
CA THR A 242 -57.44 26.85 -52.47
C THR A 242 -57.60 25.81 -53.58
N LEU A 243 -58.36 26.16 -54.62
CA LEU A 243 -58.59 25.25 -55.73
C LEU A 243 -57.31 25.02 -56.52
N TYR A 244 -56.62 26.10 -56.87
CA TYR A 244 -55.42 26.00 -57.67
C TYR A 244 -54.29 25.30 -56.91
N ALA A 245 -54.24 25.51 -55.60
CA ALA A 245 -53.25 24.86 -54.75
C ALA A 245 -53.42 23.36 -54.76
N GLU A 246 -54.66 22.90 -54.62
CA GLU A 246 -54.94 21.47 -54.62
C GLU A 246 -54.67 20.89 -56.01
N ARG A 247 -54.94 21.69 -57.05
CA ARG A 247 -54.76 21.25 -58.42
C ARG A 247 -53.29 20.95 -58.71
N VAL A 248 -52.39 21.86 -58.33
CA VAL A 248 -50.97 21.67 -58.57
C VAL A 248 -50.41 20.60 -57.63
N ARG A 249 -51.01 20.49 -56.45
CA ARG A 249 -50.59 19.50 -55.46
C ARG A 249 -50.83 18.09 -55.97
N LYS A 250 -51.97 17.88 -56.63
CA LYS A 250 -52.31 16.55 -57.14
C LYS A 250 -51.58 16.25 -58.45
N SER A 251 -51.12 17.30 -59.14
CA SER A 251 -50.26 17.13 -60.31
C SER A 251 -48.87 16.69 -59.86
N ARG A 252 -48.49 17.14 -58.67
CA ARG A 252 -47.23 16.73 -58.04
C ARG A 252 -47.42 15.39 -57.34
N ASP A 253 -48.69 15.05 -57.11
CA ASP A 253 -49.10 13.83 -56.42
C ASP A 253 -48.76 13.90 -54.93
N SER A 254 -49.59 14.64 -54.21
CA SER A 254 -49.41 14.79 -52.78
C SER A 254 -50.74 14.59 -52.07
N MET A 1 -17.48 -15.26 0.32
CA MET A 1 -16.44 -14.91 1.30
C MET A 1 -15.12 -14.62 0.60
N GLY A 2 -14.18 -14.07 1.34
CA GLY A 2 -12.89 -13.73 0.76
C GLY A 2 -12.32 -12.47 1.38
N GLY A 3 -11.05 -12.21 1.12
CA GLY A 3 -10.40 -11.05 1.69
C GLY A 3 -9.29 -10.51 0.80
N SER A 4 -9.65 -9.58 -0.07
CA SER A 4 -8.69 -8.95 -0.95
C SER A 4 -7.86 -7.92 -0.18
N GLY A 5 -6.61 -8.28 0.10
CA GLY A 5 -5.76 -7.41 0.88
C GLY A 5 -4.60 -6.87 0.08
N VAL A 6 -4.69 -5.60 -0.27
CA VAL A 6 -3.62 -4.94 -1.03
C VAL A 6 -3.15 -3.70 -0.28
N GLU A 7 -2.89 -3.87 1.01
CA GLU A 7 -2.41 -2.79 1.85
C GLU A 7 -0.90 -2.88 2.05
N GLY A 8 -0.19 -1.90 1.51
CA GLY A 8 1.26 -1.88 1.60
C GLY A 8 1.75 -1.40 2.95
N LEU A 9 1.58 -2.23 3.97
CA LEU A 9 2.06 -1.90 5.31
C LEU A 9 3.12 -2.91 5.74
N SER A 10 3.45 -3.80 4.82
CA SER A 10 4.44 -4.83 5.06
C SER A 10 5.86 -4.26 5.06
N GLY A 11 6.81 -5.01 5.59
CA GLY A 11 8.18 -4.57 5.62
C GLY A 11 8.54 -3.86 6.91
N LYS A 12 7.53 -3.40 7.62
CA LYS A 12 7.72 -2.70 8.88
C LYS A 12 7.84 -3.69 10.02
N ARG A 13 8.63 -3.36 11.03
CA ARG A 13 8.87 -4.26 12.15
C ARG A 13 8.26 -3.73 13.43
N CYS A 14 8.12 -4.62 14.38
CA CYS A 14 7.81 -4.26 15.74
C CYS A 14 8.74 -5.01 16.68
N TRP A 15 9.55 -4.27 17.43
CA TRP A 15 10.49 -4.88 18.35
C TRP A 15 9.86 -4.97 19.74
N LEU A 16 9.49 -6.16 20.16
CA LEU A 16 8.83 -6.32 21.44
C LEU A 16 9.72 -7.01 22.45
N ALA A 17 9.86 -6.41 23.61
CA ALA A 17 10.61 -6.98 24.71
C ALA A 17 9.67 -7.17 25.91
N VAL A 18 8.48 -7.69 25.62
CA VAL A 18 7.47 -7.89 26.64
C VAL A 18 7.46 -9.35 27.09
N ARG A 19 7.64 -9.57 28.39
CA ARG A 19 7.59 -10.93 28.93
C ARG A 19 6.16 -11.38 29.07
N ASN A 20 5.30 -10.44 29.43
CA ASN A 20 3.90 -10.73 29.67
C ASN A 20 3.24 -11.31 28.42
N ALA A 21 2.92 -12.59 28.47
CA ALA A 21 2.35 -13.30 27.32
C ALA A 21 1.06 -12.65 26.85
N SER A 22 0.20 -12.29 27.79
CA SER A 22 -1.07 -11.66 27.46
C SER A 22 -0.84 -10.34 26.72
N LEU A 23 0.12 -9.57 27.20
CA LEU A 23 0.43 -8.27 26.62
C LEU A 23 1.11 -8.41 25.27
N CYS A 24 2.14 -9.26 25.22
CA CYS A 24 2.91 -9.46 24.00
C CYS A 24 2.04 -10.05 22.89
N GLN A 25 1.33 -11.12 23.22
CA GLN A 25 0.48 -11.82 22.26
C GLN A 25 -0.58 -10.89 21.66
N PHE A 26 -1.23 -10.10 22.51
CA PHE A 26 -2.30 -9.21 22.05
C PHE A 26 -1.76 -8.19 21.04
N LEU A 27 -0.69 -7.50 21.40
CA LEU A 27 -0.11 -6.49 20.54
C LEU A 27 0.40 -7.11 19.24
N GLU A 28 1.10 -8.25 19.38
CA GLU A 28 1.66 -8.94 18.23
C GLU A 28 0.56 -9.33 17.24
N THR A 29 -0.53 -9.90 17.75
CA THR A 29 -1.63 -10.34 16.90
C THR A 29 -2.24 -9.17 16.15
N SER A 30 -2.41 -8.04 16.85
CA SER A 30 -3.08 -6.88 16.28
C SER A 30 -2.26 -6.26 15.14
N LEU A 31 -0.95 -6.20 15.29
CA LEU A 31 -0.10 -5.60 14.27
C LEU A 31 0.19 -6.58 13.13
N GLN A 32 0.30 -7.86 13.48
CA GLN A 32 0.52 -8.91 12.47
C GLN A 32 -0.75 -9.15 11.66
N ARG A 33 -1.86 -8.60 12.17
CA ARG A 33 -3.15 -8.68 11.48
C ARG A 33 -3.08 -7.95 10.14
N SER A 34 -2.10 -7.08 10.01
CA SER A 34 -1.88 -6.35 8.77
C SER A 34 -0.79 -7.02 7.93
N GLY A 35 0.43 -6.53 8.07
CA GLY A 35 1.55 -7.10 7.35
C GLY A 35 2.87 -6.74 8.02
N ILE A 36 2.78 -6.38 9.28
CA ILE A 36 3.93 -5.94 10.05
C ILE A 36 4.60 -7.14 10.72
N VAL A 37 5.91 -7.24 10.59
CA VAL A 37 6.64 -8.38 11.13
C VAL A 37 7.03 -8.15 12.59
N VAL A 38 6.35 -8.89 13.46
CA VAL A 38 6.64 -8.86 14.88
C VAL A 38 7.93 -9.63 15.18
N THR A 39 8.92 -8.93 15.69
CA THR A 39 10.20 -9.54 15.99
C THR A 39 10.62 -9.23 17.42
N THR A 40 10.91 -10.29 18.16
CA THR A 40 11.38 -10.16 19.54
C THR A 40 12.63 -9.28 19.60
N TYR A 41 12.62 -8.31 20.50
CA TYR A 41 13.77 -7.44 20.68
C TYR A 41 14.90 -8.19 21.38
N GLU A 42 15.60 -9.00 20.60
CA GLU A 42 16.75 -9.75 21.11
C GLU A 42 17.93 -8.82 21.36
N GLY A 43 17.83 -7.60 20.84
CA GLY A 43 18.93 -6.66 20.91
C GLY A 43 19.54 -6.45 19.55
N GLN A 44 18.68 -6.38 18.54
CA GLN A 44 19.12 -6.23 17.16
C GLN A 44 19.33 -4.75 16.82
N GLU A 45 19.47 -4.47 15.53
CA GLU A 45 19.71 -3.11 15.07
C GLU A 45 18.51 -2.20 15.31
N PRO A 46 18.69 -1.12 16.07
CA PRO A 46 17.63 -0.14 16.30
C PRO A 46 17.23 0.57 15.01
N THR A 47 15.95 0.48 14.66
CA THR A 47 15.48 1.00 13.40
C THR A 47 14.71 2.32 13.59
N PRO A 48 15.14 3.38 12.89
CA PRO A 48 14.57 4.73 13.03
C PRO A 48 13.12 4.83 12.59
N GLU A 49 12.63 3.82 11.90
CA GLU A 49 11.24 3.79 11.47
C GLU A 49 10.45 2.78 12.27
N ASP A 50 11.15 2.12 13.16
CA ASP A 50 10.57 1.02 13.92
C ASP A 50 10.41 1.40 15.38
N VAL A 51 9.64 0.61 16.10
CA VAL A 51 9.27 0.95 17.46
C VAL A 51 9.66 -0.14 18.44
N LEU A 52 10.00 0.27 19.66
CA LEU A 52 10.38 -0.66 20.71
C LEU A 52 9.26 -0.73 21.76
N ILE A 53 8.45 -1.77 21.67
CA ILE A 53 7.44 -2.01 22.68
C ILE A 53 8.03 -2.90 23.77
N THR A 54 8.30 -2.31 24.92
CA THR A 54 9.03 -3.01 25.96
C THR A 54 8.20 -3.17 27.22
N ASP A 55 8.43 -4.27 27.93
CA ASP A 55 7.79 -4.57 29.19
C ASP A 55 8.68 -4.11 30.33
N GLU A 56 8.26 -3.04 31.00
CA GLU A 56 9.02 -2.45 32.09
C GLU A 56 10.31 -1.81 31.60
N VAL A 57 11.31 -1.78 32.46
CA VAL A 57 12.55 -1.07 32.17
C VAL A 57 13.55 -1.94 31.42
N VAL A 58 13.87 -1.54 30.21
CA VAL A 58 14.94 -2.16 29.45
C VAL A 58 16.22 -1.35 29.64
N SER A 59 17.37 -1.98 29.44
CA SER A 59 18.65 -1.34 29.66
C SER A 59 19.06 -0.45 28.48
N LYS A 60 18.09 0.29 27.93
CA LYS A 60 18.32 1.19 26.82
C LYS A 60 17.20 2.21 26.77
N LYS A 61 17.16 2.98 25.69
CA LYS A 61 16.02 3.84 25.43
C LYS A 61 15.36 3.40 24.13
N TRP A 62 16.00 3.78 23.02
CA TRP A 62 15.54 3.48 21.65
C TRP A 62 16.03 4.54 20.68
N GLN A 63 16.97 4.16 19.84
CA GLN A 63 17.39 5.02 18.74
C GLN A 63 16.60 4.65 17.50
N GLY A 64 15.34 5.07 17.47
CA GLY A 64 14.45 4.71 16.38
C GLY A 64 13.28 5.66 16.25
N ARG A 65 12.12 5.13 15.89
CA ARG A 65 10.94 5.96 15.68
C ARG A 65 10.31 6.37 17.02
N ALA A 66 9.99 5.38 17.85
CA ALA A 66 9.37 5.63 19.14
C ALA A 66 9.41 4.38 20.01
N VAL A 67 9.49 4.58 21.32
CA VAL A 67 9.51 3.46 22.25
C VAL A 67 8.29 3.51 23.17
N VAL A 68 7.60 2.38 23.28
CA VAL A 68 6.43 2.27 24.13
C VAL A 68 6.73 1.39 25.34
N THR A 69 6.76 2.00 26.50
CA THR A 69 7.11 1.32 27.73
C THR A 69 5.88 1.04 28.56
N PHE A 70 5.65 -0.23 28.87
CA PHE A 70 4.56 -0.60 29.75
C PHE A 70 5.07 -0.66 31.18
N CYS A 71 4.43 0.10 32.06
CA CYS A 71 4.89 0.17 33.43
C CYS A 71 4.11 -0.79 34.32
N ARG A 72 4.83 -1.54 35.14
CA ARG A 72 4.21 -2.49 36.04
C ARG A 72 4.68 -2.25 37.47
N ARG A 73 5.99 -2.30 37.69
CA ARG A 73 6.57 -2.04 39.00
C ARG A 73 7.80 -1.15 38.86
N HIS A 74 8.63 -1.44 37.87
CA HIS A 74 9.83 -0.67 37.61
C HIS A 74 9.52 0.48 36.66
N ILE A 75 9.56 1.69 37.17
CA ILE A 75 9.31 2.88 36.36
C ILE A 75 10.56 3.74 36.31
N GLY A 76 11.48 3.41 35.41
CA GLY A 76 12.71 4.17 35.28
C GLY A 76 12.93 4.64 33.85
N ILE A 77 11.90 4.54 33.03
CA ILE A 77 11.96 4.99 31.66
C ILE A 77 11.19 6.30 31.52
N PRO A 78 11.78 7.31 30.85
CA PRO A 78 11.13 8.59 30.61
C PRO A 78 9.86 8.46 29.77
N LEU A 79 8.92 9.36 29.99
CA LEU A 79 7.67 9.35 29.27
C LEU A 79 7.71 10.34 28.10
N GLU A 80 6.53 10.70 27.59
CA GLU A 80 6.38 11.64 26.48
C GLU A 80 6.90 13.04 26.80
N LYS A 81 7.56 13.17 27.94
CA LYS A 81 8.36 14.34 28.23
C LYS A 81 9.53 14.40 27.25
N ALA A 82 9.79 13.25 26.63
CA ALA A 82 10.82 13.11 25.60
C ALA A 82 10.15 12.99 24.24
N PRO A 83 10.90 13.25 23.14
CA PRO A 83 10.33 13.32 21.78
C PRO A 83 9.86 11.97 21.22
N GLY A 84 10.17 10.87 21.89
CA GLY A 84 9.83 9.58 21.35
C GLY A 84 9.73 8.51 22.41
N GLU A 85 9.46 8.95 23.63
CA GLU A 85 9.36 8.04 24.75
C GLU A 85 7.94 8.06 25.28
N TRP A 86 7.35 6.89 25.43
CA TRP A 86 5.99 6.79 25.93
C TRP A 86 5.95 5.79 27.07
N VAL A 87 5.20 6.10 28.12
CA VAL A 87 4.98 5.15 29.20
C VAL A 87 3.50 5.09 29.57
N HIS A 88 3.03 3.90 29.91
CA HIS A 88 1.65 3.73 30.36
C HIS A 88 1.46 2.36 31.00
N SER A 89 0.58 2.29 31.98
CA SER A 89 0.28 1.05 32.66
C SER A 89 -1.03 0.47 32.16
N VAL A 90 -0.95 -0.54 31.30
CA VAL A 90 -2.14 -1.19 30.75
C VAL A 90 -1.83 -2.62 30.33
N ALA A 91 -2.86 -3.42 30.15
CA ALA A 91 -2.69 -4.81 29.76
C ALA A 91 -2.93 -5.00 28.26
N ALA A 92 -2.59 -3.96 27.48
CA ALA A 92 -2.72 -3.99 26.02
C ALA A 92 -4.15 -4.32 25.58
N PRO A 93 -5.03 -3.30 25.62
CA PRO A 93 -6.40 -3.43 25.13
C PRO A 93 -6.50 -3.11 23.64
N HIS A 94 -7.42 -2.23 23.26
CA HIS A 94 -7.58 -1.88 21.85
C HIS A 94 -7.20 -0.42 21.60
N GLU A 95 -6.77 0.26 22.65
CA GLU A 95 -6.45 1.67 22.56
C GLU A 95 -4.97 1.88 22.25
N LEU A 96 -4.09 1.14 22.93
CA LEU A 96 -2.66 1.31 22.75
C LEU A 96 -2.18 0.77 21.38
N PRO A 97 -2.67 -0.41 20.91
CA PRO A 97 -2.37 -0.86 19.56
C PRO A 97 -2.83 0.14 18.51
N ALA A 98 -3.89 0.90 18.83
CA ALA A 98 -4.37 1.96 17.97
C ALA A 98 -3.44 3.16 18.03
N LEU A 99 -2.86 3.40 19.20
CA LEU A 99 -1.85 4.44 19.37
C LEU A 99 -0.66 4.15 18.47
N LEU A 100 -0.24 2.89 18.44
CA LEU A 100 0.86 2.48 17.57
C LEU A 100 0.52 2.71 16.11
N ALA A 101 -0.73 2.43 15.75
CA ALA A 101 -1.20 2.63 14.39
C ALA A 101 -1.15 4.12 14.01
N ARG A 102 -1.64 4.97 14.90
CA ARG A 102 -1.64 6.41 14.68
C ARG A 102 -0.20 6.93 14.62
N ILE A 103 0.67 6.33 15.44
CA ILE A 103 2.07 6.71 15.49
C ILE A 103 2.76 6.41 14.17
N TYR A 104 2.24 5.44 13.44
CA TYR A 104 2.75 5.12 12.12
C TYR A 104 2.46 6.28 11.16
N LEU A 105 1.18 6.53 10.90
CA LEU A 105 0.77 7.65 10.04
C LEU A 105 -0.74 7.74 9.96
N ILE A 106 -1.41 7.75 11.10
CA ILE A 106 -2.83 7.91 11.13
C ILE A 106 -3.17 9.24 11.78
N GLU A 107 -3.29 10.23 10.92
CA GLU A 107 -3.51 11.60 11.32
C GLU A 107 -4.89 12.03 10.84
N MET A 108 -5.85 11.16 11.09
CA MET A 108 -7.20 11.34 10.55
C MET A 108 -8.00 12.33 11.37
N GLU A 109 -7.70 13.61 11.19
CA GLU A 109 -8.50 14.69 11.75
C GLU A 109 -8.68 15.77 10.69
N SER A 110 -9.85 16.40 10.68
CA SER A 110 -10.17 17.42 9.70
C SER A 110 -9.21 18.61 9.82
N ASP A 111 -8.29 18.70 8.86
CA ASP A 111 -7.28 19.74 8.87
C ASP A 111 -7.86 21.08 8.46
N ASP A 112 -7.44 22.14 9.14
CA ASP A 112 -7.88 23.49 8.81
C ASP A 112 -6.77 24.49 9.11
N PRO A 113 -6.18 25.09 8.07
CA PRO A 113 -5.13 26.08 8.22
C PRO A 113 -5.66 27.48 8.47
N ALA A 114 -4.79 28.39 8.86
CA ALA A 114 -5.17 29.76 9.13
C ALA A 114 -5.08 30.62 7.86
N ASN A 115 -6.11 31.41 7.61
CA ASN A 115 -6.12 32.30 6.46
C ASN A 115 -5.44 33.61 6.81
N ALA A 116 -4.76 34.20 5.84
CA ALA A 116 -4.07 35.47 6.04
C ALA A 116 -4.22 36.36 4.82
N LEU A 117 -4.01 37.65 5.00
CA LEU A 117 -4.12 38.61 3.90
C LEU A 117 -2.81 38.66 3.12
N PRO A 118 -2.91 38.77 1.79
CA PRO A 118 -1.73 38.87 0.92
C PRO A 118 -0.93 40.16 1.19
N SER A 119 0.38 39.99 1.38
CA SER A 119 1.26 41.11 1.66
C SER A 119 1.16 42.17 0.56
N THR A 120 0.71 43.36 0.94
CA THR A 120 0.51 44.43 0.00
C THR A 120 1.37 45.65 0.34
N ASP A 121 1.98 46.24 -0.68
CA ASP A 121 2.79 47.44 -0.50
C ASP A 121 2.26 48.54 -1.41
N LYS A 122 1.46 49.43 -0.84
CA LYS A 122 0.86 50.53 -1.60
C LYS A 122 1.60 51.83 -1.33
N ALA A 123 2.67 52.06 -2.09
CA ALA A 123 3.46 53.27 -1.97
C ALA A 123 4.27 53.50 -3.24
N VAL A 124 4.33 54.74 -3.68
CA VAL A 124 5.07 55.08 -4.89
C VAL A 124 6.57 55.06 -4.60
N SER A 125 7.19 53.92 -4.82
CA SER A 125 8.59 53.73 -4.50
C SER A 125 9.49 54.13 -5.68
N ASP A 126 9.19 55.28 -6.27
CA ASP A 126 9.95 55.75 -7.41
C ASP A 126 10.57 57.11 -7.12
N ASN A 127 11.81 57.07 -6.65
CA ASN A 127 12.60 58.27 -6.46
C ASN A 127 14.06 57.95 -6.79
N ASP A 128 14.35 57.89 -8.08
CA ASP A 128 15.68 57.51 -8.55
C ASP A 128 16.27 58.58 -9.43
N ASP A 129 17.20 59.35 -8.90
CA ASP A 129 17.93 60.34 -9.69
C ASP A 129 19.15 59.67 -10.32
N MET A 130 20.30 59.84 -9.70
CA MET A 130 21.49 59.11 -10.13
C MET A 130 21.42 57.69 -9.55
N MET A 131 20.83 56.80 -10.34
CA MET A 131 20.58 55.43 -9.89
C MET A 131 21.71 54.50 -10.29
N ILE A 132 22.52 54.13 -9.30
CA ILE A 132 23.63 53.21 -9.52
C ILE A 132 23.39 51.91 -8.76
N LEU A 133 23.51 50.79 -9.44
CA LEU A 133 23.35 49.49 -8.81
C LEU A 133 24.70 48.93 -8.38
N VAL A 134 24.78 48.46 -7.14
CA VAL A 134 26.00 47.84 -6.64
C VAL A 134 25.76 46.37 -6.37
N VAL A 135 26.11 45.54 -7.34
CA VAL A 135 25.93 44.10 -7.23
C VAL A 135 27.23 43.44 -6.78
N ASP A 136 27.42 43.36 -5.49
CA ASP A 136 28.66 42.83 -4.93
C ASP A 136 28.46 41.41 -4.40
N ASP A 137 29.55 40.65 -4.37
CA ASP A 137 29.51 39.24 -3.96
C ASP A 137 29.66 39.04 -2.45
N HIS A 138 30.25 40.01 -1.74
CA HIS A 138 30.52 39.82 -0.32
C HIS A 138 30.05 41.02 0.52
N PRO A 139 29.05 40.79 1.39
CA PRO A 139 28.34 41.83 2.16
C PRO A 139 29.23 42.92 2.76
N ILE A 140 30.25 42.52 3.51
CA ILE A 140 31.14 43.49 4.17
C ILE A 140 31.81 44.40 3.13
N ASN A 141 32.19 43.84 2.01
CA ASN A 141 32.84 44.60 0.96
C ASN A 141 31.82 45.53 0.31
N ARG A 142 30.60 45.03 0.11
CA ARG A 142 29.51 45.85 -0.40
C ARG A 142 29.30 47.08 0.47
N ARG A 143 29.33 46.86 1.78
CA ARG A 143 29.18 47.94 2.76
C ARG A 143 30.16 49.07 2.45
N LEU A 144 31.41 48.70 2.20
CA LEU A 144 32.46 49.69 1.97
C LEU A 144 32.19 50.54 0.72
N LEU A 145 31.86 49.90 -0.40
CA LEU A 145 31.63 50.64 -1.64
C LEU A 145 30.34 51.45 -1.57
N ALA A 146 29.32 50.87 -0.95
CA ALA A 146 28.05 51.55 -0.78
C ALA A 146 28.21 52.77 0.13
N ASP A 147 29.13 52.65 1.07
CA ASP A 147 29.48 53.74 1.97
C ASP A 147 30.12 54.87 1.18
N GLN A 148 30.99 54.50 0.27
CA GLN A 148 31.68 55.44 -0.60
C GLN A 148 30.67 56.13 -1.52
N LEU A 149 29.77 55.35 -2.09
CA LEU A 149 28.72 55.86 -2.97
C LEU A 149 27.81 56.84 -2.23
N GLY A 150 27.45 56.48 -1.01
CA GLY A 150 26.59 57.33 -0.21
C GLY A 150 27.26 58.65 0.15
N SER A 151 28.53 58.59 0.51
CA SER A 151 29.29 59.78 0.87
C SER A 151 29.69 60.58 -0.37
N LEU A 152 29.49 59.98 -1.55
CA LEU A 152 29.75 60.68 -2.79
C LEU A 152 28.51 61.45 -3.22
N GLY A 153 27.34 60.96 -2.83
CA GLY A 153 26.11 61.68 -3.08
C GLY A 153 25.25 61.04 -4.16
N TYR A 154 25.51 59.78 -4.46
CA TYR A 154 24.74 59.07 -5.48
C TYR A 154 23.79 58.08 -4.82
N GLN A 155 22.83 57.58 -5.58
CA GLN A 155 21.85 56.65 -5.03
C GLN A 155 22.28 55.23 -5.30
N CYS A 156 22.51 54.48 -4.23
CA CYS A 156 23.01 53.13 -4.34
C CYS A 156 21.89 52.11 -4.15
N LYS A 157 21.77 51.19 -5.11
CA LYS A 157 20.85 50.08 -4.97
C LYS A 157 21.66 48.82 -4.68
N THR A 158 21.44 48.23 -3.52
CA THR A 158 22.27 47.13 -3.06
C THR A 158 21.70 45.78 -3.49
N ALA A 159 22.58 44.92 -4.03
CA ALA A 159 22.17 43.57 -4.42
C ALA A 159 23.36 42.61 -4.32
N ASN A 160 23.06 41.36 -3.98
CA ASN A 160 24.08 40.31 -3.93
C ASN A 160 23.63 39.12 -4.75
N ASP A 161 23.67 39.26 -6.07
CA ASP A 161 23.37 38.20 -7.02
C ASP A 161 23.08 38.78 -8.39
N GLY A 162 23.19 37.95 -9.42
CA GLY A 162 22.92 38.40 -10.76
C GLY A 162 21.43 38.40 -11.07
N VAL A 163 20.70 37.47 -10.46
CA VAL A 163 19.28 37.35 -10.72
C VAL A 163 18.50 38.49 -10.06
N ASP A 164 19.01 38.97 -8.94
CA ASP A 164 18.36 40.09 -8.23
C ASP A 164 18.49 41.36 -9.06
N ALA A 165 19.67 41.57 -9.63
CA ALA A 165 19.92 42.71 -10.49
C ALA A 165 19.07 42.63 -11.76
N LEU A 166 19.02 41.45 -12.34
CA LEU A 166 18.22 41.20 -13.54
C LEU A 166 16.74 41.45 -13.25
N ASN A 167 16.32 41.13 -12.03
CA ASN A 167 14.93 41.30 -11.62
C ASN A 167 14.53 42.78 -11.68
N VAL A 168 15.29 43.64 -11.03
CA VAL A 168 14.96 45.06 -10.99
C VAL A 168 15.22 45.72 -12.36
N LEU A 169 16.22 45.22 -13.06
CA LEU A 169 16.55 45.72 -14.39
C LEU A 169 15.40 45.47 -15.36
N SER A 170 14.85 44.27 -15.33
CA SER A 170 13.76 43.92 -16.22
C SER A 170 12.47 44.63 -15.81
N LYS A 171 12.41 45.05 -14.56
CA LYS A 171 11.29 45.86 -14.10
C LYS A 171 11.37 47.25 -14.72
N ASN A 172 12.38 48.03 -14.28
CA ASN A 172 12.63 49.40 -14.76
C ASN A 172 13.49 50.14 -13.76
N HIS A 173 14.59 50.73 -14.26
CA HIS A 173 15.41 51.75 -13.57
C HIS A 173 16.88 51.43 -13.72
N ILE A 174 17.71 52.38 -13.29
CA ILE A 174 19.17 52.23 -13.23
C ILE A 174 19.82 52.59 -14.58
N ASP A 175 20.84 53.45 -14.51
CA ASP A 175 21.51 53.91 -15.73
C ASP A 175 22.95 53.39 -15.79
N ILE A 176 23.47 52.93 -14.66
CA ILE A 176 24.82 52.38 -14.57
C ILE A 176 24.86 51.26 -13.54
N VAL A 177 25.55 50.18 -13.87
CA VAL A 177 25.62 49.02 -12.99
C VAL A 177 27.07 48.69 -12.63
N LEU A 178 27.30 48.41 -11.36
CA LEU A 178 28.60 47.95 -10.89
C LEU A 178 28.50 46.50 -10.46
N SER A 179 29.48 45.70 -10.85
CA SER A 179 29.52 44.29 -10.48
C SER A 179 30.79 43.99 -9.70
N ASP A 180 30.65 43.82 -8.40
CA ASP A 180 31.79 43.59 -7.53
C ASP A 180 32.08 42.11 -7.42
N VAL A 181 33.15 41.68 -8.08
CA VAL A 181 33.51 40.28 -8.11
C VAL A 181 34.55 39.97 -7.05
N ASN A 182 34.10 39.42 -5.93
CA ASN A 182 35.01 39.01 -4.87
C ASN A 182 35.75 37.76 -5.29
N MET A 183 35.02 36.82 -5.88
CA MET A 183 35.61 35.62 -6.44
C MET A 183 35.56 35.69 -7.95
N PRO A 184 36.74 35.81 -8.60
CA PRO A 184 36.86 36.08 -10.05
C PRO A 184 35.92 35.23 -10.91
N ASN A 185 36.01 33.92 -10.79
CA ASN A 185 35.14 33.04 -11.57
C ASN A 185 35.04 31.67 -10.91
N MET A 186 33.85 31.09 -10.95
CA MET A 186 33.59 29.77 -10.38
C MET A 186 32.13 29.37 -10.60
N ASP A 187 31.24 29.97 -9.82
CA ASP A 187 29.82 29.64 -9.89
C ASP A 187 29.00 30.85 -10.32
N GLY A 188 29.50 32.05 -10.01
CA GLY A 188 28.78 33.26 -10.33
C GLY A 188 29.01 33.72 -11.76
N TYR A 189 29.15 32.77 -12.67
CA TYR A 189 29.41 33.10 -14.06
C TYR A 189 28.10 33.27 -14.80
N ARG A 190 27.06 32.67 -14.23
CA ARG A 190 25.70 32.82 -14.74
C ARG A 190 25.29 34.28 -14.65
N LEU A 191 25.82 34.99 -13.66
CA LEU A 191 25.51 36.41 -13.46
C LEU A 191 25.89 37.21 -14.71
N THR A 192 27.13 37.08 -15.15
CA THR A 192 27.61 37.80 -16.32
C THR A 192 26.93 37.32 -17.58
N GLN A 193 26.66 36.02 -17.63
CA GLN A 193 25.99 35.41 -18.78
C GLN A 193 24.61 36.00 -18.99
N ARG A 194 23.82 36.04 -17.92
CA ARG A 194 22.46 36.53 -17.96
C ARG A 194 22.40 37.99 -18.42
N ILE A 195 23.28 38.80 -17.86
CA ILE A 195 23.31 40.22 -18.15
C ILE A 195 23.78 40.47 -19.59
N ARG A 196 24.85 39.81 -20.00
CA ARG A 196 25.37 39.98 -21.35
C ARG A 196 24.39 39.43 -22.38
N GLN A 197 23.54 38.50 -21.96
CA GLN A 197 22.54 37.93 -22.83
C GLN A 197 21.43 38.94 -23.10
N LEU A 198 20.76 39.37 -22.04
CA LEU A 198 19.63 40.28 -22.17
C LEU A 198 19.37 41.06 -20.89
N GLY A 199 20.43 41.63 -20.34
CA GLY A 199 20.29 42.46 -19.15
C GLY A 199 21.21 43.67 -19.19
N LEU A 200 21.98 43.79 -20.26
CA LEU A 200 22.93 44.88 -20.40
C LEU A 200 22.46 45.86 -21.44
N THR A 201 22.08 47.05 -20.99
CA THR A 201 21.68 48.14 -21.88
C THR A 201 22.34 49.44 -21.42
N LEU A 202 23.44 49.28 -20.69
CA LEU A 202 24.12 50.40 -20.07
C LEU A 202 25.56 50.01 -19.74
N PRO A 203 26.42 51.00 -19.46
CA PRO A 203 27.81 50.72 -19.05
C PRO A 203 27.88 50.05 -17.69
N VAL A 204 28.61 48.95 -17.62
CA VAL A 204 28.78 48.21 -16.38
C VAL A 204 30.24 48.24 -15.95
N ILE A 205 30.48 48.63 -14.71
CA ILE A 205 31.83 48.69 -14.18
C ILE A 205 32.04 47.58 -13.17
N GLY A 206 33.01 46.72 -13.42
CA GLY A 206 33.28 45.62 -12.53
C GLY A 206 34.37 45.95 -11.54
N VAL A 207 34.09 45.76 -10.26
CA VAL A 207 35.08 45.98 -9.23
C VAL A 207 35.59 44.65 -8.71
N THR A 208 36.74 44.23 -9.24
CA THR A 208 37.28 42.91 -8.96
C THR A 208 38.19 42.90 -7.74
N ALA A 209 38.02 41.90 -6.89
CA ALA A 209 38.83 41.76 -5.70
C ALA A 209 39.99 40.79 -5.95
N ASN A 210 41.21 41.31 -5.90
CA ASN A 210 42.42 40.51 -6.07
C ASN A 210 42.46 39.84 -7.43
N ALA A 211 42.15 40.61 -8.46
CA ALA A 211 42.18 40.11 -9.82
C ALA A 211 43.49 40.53 -10.48
N LEU A 212 44.43 39.59 -10.51
CA LEU A 212 45.73 39.78 -11.17
C LEU A 212 45.56 40.42 -12.55
N ALA A 213 44.61 39.91 -13.32
CA ALA A 213 44.32 40.46 -14.63
C ALA A 213 42.84 40.80 -14.76
N GLU A 214 42.46 41.95 -14.19
CA GLU A 214 41.07 42.40 -14.20
C GLU A 214 40.60 42.63 -15.64
N GLU A 215 41.47 43.22 -16.45
CA GLU A 215 41.15 43.51 -17.84
C GLU A 215 40.93 42.22 -18.64
N LYS A 216 41.61 41.16 -18.24
CA LYS A 216 41.48 39.88 -18.91
C LYS A 216 40.10 39.29 -18.65
N GLN A 217 39.63 39.40 -17.42
CA GLN A 217 38.31 38.94 -17.04
C GLN A 217 37.24 39.72 -17.80
N ARG A 218 37.52 41.01 -18.00
CA ARG A 218 36.62 41.89 -18.75
C ARG A 218 36.40 41.37 -20.16
N CYS A 219 37.49 41.00 -20.83
CA CYS A 219 37.43 40.56 -22.22
C CYS A 219 36.86 39.14 -22.34
N LEU A 220 37.01 38.36 -21.28
CA LEU A 220 36.49 37.00 -21.27
C LEU A 220 34.97 36.99 -21.22
N GLU A 221 34.41 37.72 -20.26
CA GLU A 221 32.96 37.77 -20.08
C GLU A 221 32.30 38.70 -21.10
N SER A 222 32.92 39.86 -21.34
CA SER A 222 32.37 40.88 -22.23
C SER A 222 30.91 41.21 -21.89
N GLY A 223 30.65 41.44 -20.61
CA GLY A 223 29.31 41.76 -20.17
C GLY A 223 29.29 42.95 -19.23
N MET A 224 30.30 43.79 -19.33
CA MET A 224 30.43 44.93 -18.44
C MET A 224 30.70 46.21 -19.24
N ASP A 225 31.96 46.63 -19.26
CA ASP A 225 32.42 47.83 -19.97
C ASP A 225 33.85 48.15 -19.53
N SER A 226 33.98 48.49 -18.25
CA SER A 226 35.28 48.80 -17.68
C SER A 226 35.39 48.18 -16.28
N CYS A 227 36.59 48.07 -15.76
CA CYS A 227 36.80 47.45 -14.45
C CYS A 227 37.80 48.23 -13.62
N LEU A 228 37.73 48.03 -12.31
CA LEU A 228 38.67 48.62 -11.36
C LEU A 228 38.87 47.65 -10.20
N SER A 229 39.88 47.93 -9.39
CA SER A 229 40.17 47.09 -8.24
C SER A 229 39.21 47.38 -7.09
N LYS A 230 38.83 46.33 -6.37
CA LYS A 230 37.93 46.44 -5.23
C LYS A 230 38.40 47.45 -4.16
N PRO A 231 39.72 47.51 -3.86
CA PRO A 231 40.26 48.58 -3.00
C PRO A 231 40.08 49.98 -3.62
N VAL A 232 38.84 50.45 -3.58
CA VAL A 232 38.50 51.73 -4.18
C VAL A 232 38.46 52.84 -3.14
N THR A 233 38.96 54.01 -3.52
CA THR A 233 38.94 55.17 -2.65
C THR A 233 37.79 56.10 -3.02
N LEU A 234 37.45 57.02 -2.12
CA LEU A 234 36.33 57.93 -2.32
C LEU A 234 36.49 58.74 -3.60
N ASP A 235 37.68 59.28 -3.81
CA ASP A 235 37.95 60.12 -4.97
C ASP A 235 37.90 59.29 -6.25
N VAL A 236 38.33 58.05 -6.16
CA VAL A 236 38.37 57.15 -7.31
C VAL A 236 36.96 56.76 -7.76
N ILE A 237 36.12 56.33 -6.83
CA ILE A 237 34.75 55.94 -7.16
C ILE A 237 33.94 57.16 -7.61
N LYS A 238 34.19 58.30 -6.99
CA LYS A 238 33.54 59.54 -7.36
C LYS A 238 33.90 59.91 -8.79
N GLN A 239 35.19 59.85 -9.10
CA GLN A 239 35.70 60.17 -10.41
C GLN A 239 35.09 59.27 -11.48
N THR A 240 35.16 57.96 -11.24
CA THR A 240 34.65 56.99 -12.20
C THR A 240 33.14 57.15 -12.42
N LEU A 241 32.39 57.27 -11.34
CA LEU A 241 30.94 57.34 -11.42
C LEU A 241 30.49 58.64 -12.08
N THR A 242 31.05 59.76 -11.64
CA THR A 242 30.66 61.06 -12.16
C THR A 242 31.10 61.23 -13.61
N LEU A 243 32.29 60.75 -13.95
CA LEU A 243 32.80 60.85 -15.31
C LEU A 243 31.90 60.08 -16.27
N TYR A 244 31.51 58.87 -15.86
CA TYR A 244 30.65 58.05 -16.70
C TYR A 244 29.23 58.59 -16.73
N ALA A 245 28.81 59.23 -15.64
CA ALA A 245 27.51 59.86 -15.57
C ALA A 245 27.42 61.00 -16.58
N GLU A 246 28.53 61.71 -16.76
CA GLU A 246 28.57 62.81 -17.72
C GLU A 246 28.72 62.26 -19.14
N ARG A 247 29.41 61.13 -19.27
CA ARG A 247 29.59 60.51 -20.58
C ARG A 247 28.24 60.02 -21.11
N VAL A 248 27.48 59.34 -20.26
CA VAL A 248 26.17 58.83 -20.66
C VAL A 248 25.21 59.98 -20.85
N ARG A 249 25.44 61.08 -20.12
CA ARG A 249 24.65 62.29 -20.30
C ARG A 249 24.74 62.77 -21.74
N LYS A 250 25.94 62.76 -22.29
CA LYS A 250 26.16 63.21 -23.67
C LYS A 250 25.43 62.32 -24.67
N SER A 251 25.54 61.01 -24.49
CA SER A 251 24.91 60.04 -25.39
C SER A 251 23.38 60.09 -25.26
N ARG A 252 22.90 60.31 -24.05
CA ARG A 252 21.47 60.37 -23.79
C ARG A 252 20.86 61.63 -24.36
N ASP A 253 21.47 62.76 -24.05
CA ASP A 253 20.94 64.06 -24.47
C ASP A 253 22.03 65.07 -24.66
N SER A 254 22.12 65.61 -25.86
CA SER A 254 23.04 66.69 -26.15
C SER A 254 22.29 67.80 -26.87
N MET A 1 -3.46 16.67 5.68
CA MET A 1 -2.65 16.93 4.46
C MET A 1 -1.93 15.67 4.03
N GLY A 2 -1.16 15.77 2.96
CA GLY A 2 -0.47 14.60 2.44
C GLY A 2 -1.34 13.80 1.49
N GLY A 3 -1.97 12.76 2.00
CA GLY A 3 -2.83 11.95 1.18
C GLY A 3 -2.89 10.52 1.68
N SER A 4 -3.98 10.20 2.37
CA SER A 4 -4.20 8.84 2.85
C SER A 4 -4.33 7.88 1.67
N GLY A 5 -3.79 6.68 1.82
CA GLY A 5 -3.74 5.76 0.71
C GLY A 5 -4.42 4.45 1.02
N VAL A 6 -3.64 3.38 1.02
CA VAL A 6 -4.17 2.04 1.20
C VAL A 6 -3.71 1.45 2.52
N GLU A 7 -4.40 0.39 2.96
CA GLU A 7 -4.11 -0.22 4.25
C GLU A 7 -3.18 -1.41 4.09
N GLY A 8 -2.01 -1.17 3.52
CA GLY A 8 -1.01 -2.21 3.42
C GLY A 8 -0.40 -2.51 4.77
N LEU A 9 0.40 -1.57 5.27
CA LEU A 9 0.95 -1.60 6.63
C LEU A 9 2.06 -2.67 6.80
N SER A 10 2.01 -3.70 5.97
CA SER A 10 2.97 -4.80 6.05
C SER A 10 4.34 -4.37 5.52
N GLY A 11 5.00 -3.49 6.24
CA GLY A 11 6.34 -3.08 5.88
C GLY A 11 6.99 -2.24 6.95
N LYS A 12 6.55 -2.44 8.18
CA LYS A 12 7.10 -1.75 9.34
C LYS A 12 7.35 -2.76 10.45
N ARG A 13 8.48 -2.64 11.12
CA ARG A 13 8.86 -3.64 12.11
C ARG A 13 8.38 -3.25 13.49
N CYS A 14 7.85 -4.22 14.20
CA CYS A 14 7.50 -4.05 15.59
C CYS A 14 8.53 -4.75 16.44
N TRP A 15 9.36 -3.99 17.14
CA TRP A 15 10.41 -4.58 17.95
C TRP A 15 9.88 -4.83 19.34
N LEU A 16 9.44 -6.04 19.55
CA LEU A 16 8.71 -6.42 20.73
C LEU A 16 9.62 -7.00 21.79
N ALA A 17 9.89 -6.20 22.82
CA ALA A 17 10.66 -6.66 23.96
C ALA A 17 9.73 -6.91 25.13
N VAL A 18 8.51 -7.31 24.79
CA VAL A 18 7.50 -7.63 25.78
C VAL A 18 7.54 -9.13 26.09
N ARG A 19 7.88 -9.46 27.31
CA ARG A 19 7.96 -10.85 27.72
C ARG A 19 6.83 -11.17 28.69
N ASN A 20 5.83 -10.31 28.69
CA ASN A 20 4.60 -10.54 29.44
C ASN A 20 3.59 -11.25 28.55
N ALA A 21 3.33 -12.52 28.83
CA ALA A 21 2.51 -13.37 27.97
C ALA A 21 1.23 -12.70 27.50
N SER A 22 0.45 -12.18 28.43
CA SER A 22 -0.82 -11.54 28.08
C SER A 22 -0.59 -10.35 27.15
N LEU A 23 0.36 -9.50 27.52
CA LEU A 23 0.65 -8.29 26.79
C LEU A 23 1.28 -8.58 25.44
N CYS A 24 2.29 -9.44 25.42
CA CYS A 24 3.05 -9.72 24.21
C CYS A 24 2.19 -10.44 23.19
N GLN A 25 1.47 -11.47 23.64
CA GLN A 25 0.62 -12.24 22.73
C GLN A 25 -0.48 -11.37 22.13
N PHE A 26 -0.97 -10.40 22.91
CA PHE A 26 -2.01 -9.49 22.43
C PHE A 26 -1.46 -8.61 21.31
N LEU A 27 -0.38 -7.90 21.59
CA LEU A 27 0.21 -6.98 20.64
C LEU A 27 0.68 -7.71 19.38
N GLU A 28 1.37 -8.83 19.59
CA GLU A 28 1.95 -9.60 18.49
C GLU A 28 0.87 -10.06 17.50
N THR A 29 -0.27 -10.52 18.01
CA THR A 29 -1.33 -11.03 17.16
C THR A 29 -2.12 -9.89 16.52
N SER A 30 -2.39 -8.84 17.29
CA SER A 30 -3.16 -7.70 16.79
C SER A 30 -2.40 -6.97 15.69
N LEU A 31 -1.08 -6.88 15.83
CA LEU A 31 -0.27 -6.14 14.87
C LEU A 31 -0.02 -6.96 13.60
N GLN A 32 0.28 -8.24 13.76
CA GLN A 32 0.58 -9.09 12.60
C GLN A 32 -0.61 -9.21 11.66
N ARG A 33 -1.80 -8.90 12.18
CA ARG A 33 -3.02 -8.93 11.38
C ARG A 33 -2.91 -8.01 10.17
N SER A 34 -2.31 -6.86 10.37
CA SER A 34 -2.19 -5.87 9.31
C SER A 34 -0.83 -5.97 8.61
N GLY A 35 -0.07 -6.98 8.97
CA GLY A 35 1.19 -7.22 8.32
C GLY A 35 2.37 -6.58 9.04
N ILE A 36 2.12 -6.05 10.23
CA ILE A 36 3.19 -5.50 11.05
C ILE A 36 4.11 -6.62 11.51
N VAL A 37 5.37 -6.57 11.07
CA VAL A 37 6.29 -7.66 11.32
C VAL A 37 6.85 -7.59 12.75
N VAL A 38 6.16 -8.26 13.66
CA VAL A 38 6.58 -8.31 15.05
C VAL A 38 7.81 -9.20 15.19
N THR A 39 8.78 -8.75 15.96
CA THR A 39 10.03 -9.46 16.14
C THR A 39 10.53 -9.30 17.57
N THR A 40 10.81 -10.42 18.21
CA THR A 40 11.33 -10.43 19.57
C THR A 40 12.63 -9.65 19.66
N TYR A 41 12.60 -8.56 20.39
CA TYR A 41 13.78 -7.72 20.55
C TYR A 41 14.64 -8.20 21.71
N GLU A 42 15.70 -8.92 21.39
CA GLU A 42 16.64 -9.40 22.38
C GLU A 42 17.92 -8.57 22.34
N GLY A 43 18.05 -7.78 21.29
CA GLY A 43 19.22 -6.94 21.13
C GLY A 43 19.67 -6.91 19.69
N GLN A 44 18.85 -6.28 18.86
CA GLN A 44 19.10 -6.26 17.43
C GLN A 44 19.52 -4.87 16.95
N GLU A 45 18.99 -4.47 15.80
CA GLU A 45 19.38 -3.22 15.17
C GLU A 45 18.26 -2.18 15.29
N PRO A 46 18.61 -0.95 15.67
CA PRO A 46 17.65 0.15 15.78
C PRO A 46 17.41 0.84 14.44
N THR A 47 16.15 0.88 14.03
CA THR A 47 15.78 1.57 12.81
C THR A 47 15.02 2.86 13.15
N PRO A 48 15.40 3.99 12.51
CA PRO A 48 14.83 5.31 12.81
C PRO A 48 13.35 5.43 12.44
N GLU A 49 12.80 4.40 11.81
CA GLU A 49 11.39 4.39 11.46
C GLU A 49 10.65 3.28 12.19
N ASP A 50 11.39 2.55 13.01
CA ASP A 50 10.83 1.39 13.71
C ASP A 50 10.58 1.74 15.17
N VAL A 51 9.81 0.91 15.85
CA VAL A 51 9.40 1.19 17.22
C VAL A 51 9.70 0.00 18.14
N LEU A 52 10.24 0.32 19.32
CA LEU A 52 10.52 -0.68 20.33
C LEU A 52 9.41 -0.68 21.38
N ILE A 53 8.55 -1.66 21.34
CA ILE A 53 7.52 -1.82 22.36
C ILE A 53 7.98 -2.86 23.38
N THR A 54 8.30 -2.40 24.58
CA THR A 54 8.85 -3.26 25.60
C THR A 54 7.93 -3.35 26.81
N ASP A 55 8.09 -4.41 27.59
CA ASP A 55 7.36 -4.56 28.83
C ASP A 55 8.28 -4.30 30.01
N GLU A 56 7.77 -3.55 30.98
CA GLU A 56 8.51 -3.19 32.18
C GLU A 56 9.77 -2.38 31.86
N VAL A 57 10.63 -2.24 32.85
CA VAL A 57 11.83 -1.42 32.71
C VAL A 57 12.95 -2.20 32.03
N VAL A 58 13.00 -2.10 30.71
CA VAL A 58 14.07 -2.71 29.92
C VAL A 58 15.35 -1.85 30.00
N SER A 59 15.16 -0.59 30.40
CA SER A 59 16.26 0.37 30.51
C SER A 59 17.01 0.52 29.18
N LYS A 60 16.29 0.87 28.14
CA LYS A 60 16.89 1.12 26.84
C LYS A 60 16.37 2.44 26.28
N LYS A 61 17.16 3.09 25.44
CA LYS A 61 16.79 4.38 24.88
C LYS A 61 16.12 4.23 23.52
N TRP A 62 16.69 3.34 22.70
CA TRP A 62 16.17 3.04 21.37
C TRP A 62 16.32 4.23 20.41
N GLN A 63 17.39 4.20 19.62
CA GLN A 63 17.61 5.22 18.60
C GLN A 63 16.78 4.91 17.35
N GLY A 64 15.47 4.92 17.51
CA GLY A 64 14.58 4.65 16.41
C GLY A 64 13.52 5.71 16.24
N ARG A 65 12.35 5.32 15.75
CA ARG A 65 11.24 6.26 15.60
C ARG A 65 10.69 6.65 16.96
N ALA A 66 10.42 5.64 17.78
CA ALA A 66 9.90 5.86 19.12
C ALA A 66 10.00 4.59 19.95
N VAL A 67 10.10 4.76 21.26
CA VAL A 67 10.13 3.64 22.18
C VAL A 67 8.93 3.71 23.13
N VAL A 68 8.24 2.60 23.28
CA VAL A 68 7.06 2.56 24.13
C VAL A 68 7.20 1.50 25.21
N THR A 69 7.04 1.91 26.45
CA THR A 69 7.16 1.01 27.58
C THR A 69 5.82 0.79 28.26
N PHE A 70 5.42 -0.46 28.39
CA PHE A 70 4.24 -0.83 29.15
C PHE A 70 4.66 -1.22 30.56
N CYS A 71 4.33 -0.41 31.53
CA CYS A 71 4.73 -0.69 32.90
C CYS A 71 3.61 -1.43 33.62
N ARG A 72 3.97 -2.51 34.31
CA ARG A 72 3.00 -3.30 35.03
C ARG A 72 3.27 -3.24 36.52
N ARG A 73 4.53 -3.24 36.89
CA ARG A 73 4.90 -3.20 38.30
C ARG A 73 5.95 -2.13 38.56
N HIS A 74 6.85 -1.94 37.61
CA HIS A 74 7.96 -1.02 37.81
C HIS A 74 7.96 0.09 36.76
N ILE A 75 8.27 1.30 37.18
CA ILE A 75 8.33 2.44 36.28
C ILE A 75 9.70 3.10 36.35
N GLY A 76 10.52 2.85 35.34
CA GLY A 76 11.83 3.45 35.27
C GLY A 76 12.02 4.27 34.01
N ILE A 77 11.19 4.00 33.01
CA ILE A 77 11.26 4.72 31.74
C ILE A 77 10.28 5.88 31.74
N PRO A 78 10.74 7.07 31.33
CA PRO A 78 9.89 8.26 31.28
C PRO A 78 9.00 8.30 30.05
N LEU A 79 8.01 9.17 30.07
CA LEU A 79 7.08 9.33 28.96
C LEU A 79 7.57 10.42 28.02
N GLU A 80 6.64 10.98 27.24
CA GLU A 80 6.94 12.07 26.31
C GLU A 80 7.39 13.35 26.99
N LYS A 81 8.51 13.25 27.70
CA LYS A 81 9.20 14.41 28.23
C LYS A 81 10.41 14.67 27.35
N ALA A 82 10.69 13.69 26.51
CA ALA A 82 11.75 13.76 25.53
C ALA A 82 11.23 13.20 24.21
N PRO A 83 11.74 13.68 23.07
CA PRO A 83 11.28 13.27 21.75
C PRO A 83 11.49 11.77 21.48
N GLY A 84 10.41 11.00 21.58
CA GLY A 84 10.49 9.59 21.24
C GLY A 84 10.26 8.67 22.41
N GLU A 85 10.12 9.23 23.61
CA GLU A 85 9.91 8.43 24.80
C GLU A 85 8.42 8.33 25.11
N TRP A 86 7.91 7.11 25.17
CA TRP A 86 6.50 6.87 25.44
C TRP A 86 6.35 5.77 26.50
N VAL A 87 5.49 5.99 27.48
CA VAL A 87 5.19 4.95 28.47
C VAL A 87 3.70 4.94 28.82
N HIS A 88 3.22 3.77 29.20
CA HIS A 88 1.85 3.63 29.67
C HIS A 88 1.76 2.41 30.58
N SER A 89 1.37 2.63 31.81
CA SER A 89 1.25 1.54 32.75
C SER A 89 -0.14 0.93 32.71
N VAL A 90 -0.26 -0.19 32.00
CA VAL A 90 -1.53 -0.91 31.87
C VAL A 90 -1.27 -2.29 31.28
N ALA A 91 -2.34 -3.02 30.95
CA ALA A 91 -2.20 -4.36 30.41
C ALA A 91 -2.68 -4.46 28.98
N ALA A 92 -2.11 -3.60 28.11
CA ALA A 92 -2.42 -3.59 26.68
C ALA A 92 -3.93 -3.53 26.41
N PRO A 93 -4.59 -2.44 26.84
CA PRO A 93 -6.05 -2.30 26.71
C PRO A 93 -6.46 -1.75 25.34
N HIS A 94 -5.88 -2.32 24.27
CA HIS A 94 -6.24 -2.01 22.88
C HIS A 94 -5.83 -0.59 22.44
N GLU A 95 -5.50 0.27 23.39
CA GLU A 95 -5.18 1.66 23.09
C GLU A 95 -3.81 1.81 22.42
N LEU A 96 -2.78 1.24 23.04
CA LEU A 96 -1.42 1.38 22.53
C LEU A 96 -1.29 0.85 21.10
N PRO A 97 -1.74 -0.39 20.78
CA PRO A 97 -1.68 -0.93 19.42
C PRO A 97 -2.38 -0.02 18.42
N ALA A 98 -3.45 0.65 18.87
CA ALA A 98 -4.19 1.57 18.01
C ALA A 98 -3.34 2.78 17.65
N LEU A 99 -2.74 3.40 18.67
CA LEU A 99 -1.89 4.56 18.46
C LEU A 99 -0.66 4.19 17.65
N LEU A 100 -0.17 2.97 17.85
CA LEU A 100 1.02 2.49 17.15
C LEU A 100 0.76 2.34 15.67
N ALA A 101 -0.40 1.77 15.32
CA ALA A 101 -0.78 1.60 13.93
C ALA A 101 -0.87 2.96 13.22
N ARG A 102 -1.35 3.96 13.95
CA ARG A 102 -1.47 5.30 13.42
C ARG A 102 -0.10 5.96 13.28
N ILE A 103 0.72 5.89 14.33
CA ILE A 103 2.02 6.54 14.34
C ILE A 103 2.96 5.96 13.27
N TYR A 104 2.63 4.78 12.77
CA TYR A 104 3.40 4.17 11.69
C TYR A 104 3.31 5.04 10.43
N LEU A 105 2.12 5.59 10.19
CA LEU A 105 1.86 6.49 9.06
C LEU A 105 2.48 5.98 7.77
N ILE A 106 2.03 4.83 7.30
CA ILE A 106 2.56 4.26 6.07
C ILE A 106 1.68 4.63 4.89
N GLU A 107 0.43 4.16 4.91
CA GLU A 107 -0.56 4.45 3.86
C GLU A 107 -0.15 3.84 2.51
N MET A 108 0.86 2.98 2.55
CA MET A 108 1.35 2.33 1.33
C MET A 108 0.75 0.94 1.20
N GLU A 109 0.77 0.40 0.00
CA GLU A 109 0.28 -0.95 -0.25
C GLU A 109 1.37 -1.96 0.06
N SER A 110 0.97 -3.22 0.21
CA SER A 110 1.92 -4.29 0.46
C SER A 110 1.49 -5.57 -0.25
N ASP A 111 2.41 -6.17 -0.98
CA ASP A 111 2.14 -7.39 -1.70
C ASP A 111 3.23 -8.42 -1.40
N ASP A 112 2.93 -9.68 -1.68
CA ASP A 112 3.88 -10.75 -1.42
C ASP A 112 3.58 -11.96 -2.30
N PRO A 113 4.38 -12.17 -3.35
CA PRO A 113 4.23 -13.30 -4.26
C PRO A 113 4.75 -14.60 -3.66
N ALA A 114 4.15 -15.71 -4.04
CA ALA A 114 4.55 -17.01 -3.55
C ALA A 114 4.04 -18.11 -4.48
N ASN A 115 4.95 -18.92 -5.02
CA ASN A 115 4.57 -20.00 -5.91
C ASN A 115 5.55 -21.16 -5.83
N ALA A 116 5.03 -22.38 -5.95
CA ALA A 116 5.86 -23.58 -5.92
C ALA A 116 5.40 -24.56 -6.99
N LEU A 117 6.34 -25.30 -7.55
CA LEU A 117 6.02 -26.26 -8.61
C LEU A 117 6.97 -27.48 -8.54
N PRO A 118 6.55 -28.54 -7.84
CA PRO A 118 7.32 -29.77 -7.71
C PRO A 118 7.04 -30.75 -8.85
N SER A 119 8.06 -31.49 -9.25
CA SER A 119 7.91 -32.49 -10.31
C SER A 119 8.94 -33.60 -10.15
N THR A 120 8.50 -34.85 -10.27
CA THR A 120 9.39 -36.00 -10.21
C THR A 120 8.83 -37.16 -11.03
N ASP A 121 9.61 -37.67 -11.96
CA ASP A 121 9.15 -38.75 -12.84
C ASP A 121 10.23 -39.80 -13.03
N LYS A 122 9.81 -41.04 -13.24
CA LYS A 122 10.71 -42.15 -13.53
C LYS A 122 9.89 -43.41 -13.82
N ALA A 123 10.39 -44.23 -14.75
CA ALA A 123 9.70 -45.48 -15.11
C ALA A 123 10.66 -46.43 -15.81
N VAL A 124 10.85 -47.62 -15.22
CA VAL A 124 11.75 -48.62 -15.77
C VAL A 124 11.03 -49.95 -15.93
N SER A 125 10.99 -50.46 -17.16
CA SER A 125 10.30 -51.72 -17.45
C SER A 125 11.05 -52.51 -18.51
N ASP A 126 12.08 -53.26 -18.08
CA ASP A 126 12.90 -54.03 -19.01
C ASP A 126 13.05 -55.47 -18.54
N ASN A 127 13.20 -56.38 -19.50
CA ASN A 127 13.43 -57.79 -19.19
C ASN A 127 14.13 -58.49 -20.37
N ASP A 128 13.39 -59.38 -21.04
CA ASP A 128 13.92 -60.19 -22.17
C ASP A 128 15.16 -60.98 -21.77
N ASP A 129 14.98 -62.26 -21.46
CA ASP A 129 16.07 -63.13 -21.02
C ASP A 129 16.92 -63.60 -22.20
N MET A 130 16.56 -64.76 -22.75
CA MET A 130 17.30 -65.35 -23.85
C MET A 130 16.33 -65.91 -24.88
N MET A 131 16.60 -65.65 -26.15
CA MET A 131 15.71 -66.08 -27.22
C MET A 131 16.31 -67.22 -28.03
N ILE A 132 15.51 -68.27 -28.18
CA ILE A 132 15.88 -69.41 -29.00
C ILE A 132 15.00 -69.42 -30.24
N LEU A 133 15.55 -69.82 -31.37
CA LEU A 133 14.82 -69.83 -32.62
C LEU A 133 14.38 -71.24 -32.97
N VAL A 134 13.07 -71.42 -33.12
CA VAL A 134 12.52 -72.72 -33.45
C VAL A 134 11.88 -72.69 -34.84
N VAL A 135 12.57 -73.28 -35.80
CA VAL A 135 12.08 -73.33 -37.17
C VAL A 135 11.89 -74.76 -37.61
N ASP A 136 10.68 -75.12 -37.97
CA ASP A 136 10.39 -76.45 -38.48
C ASP A 136 9.61 -76.36 -39.79
N ASP A 137 9.74 -77.39 -40.61
CA ASP A 137 9.19 -77.37 -41.97
C ASP A 137 7.68 -77.68 -41.98
N HIS A 138 7.14 -78.19 -40.88
CA HIS A 138 5.73 -78.53 -40.83
C HIS A 138 5.05 -77.98 -39.59
N PRO A 139 4.42 -76.79 -39.73
CA PRO A 139 3.85 -75.98 -38.64
C PRO A 139 3.41 -76.73 -37.38
N ILE A 140 2.68 -77.84 -37.55
CA ILE A 140 2.16 -78.58 -36.41
C ILE A 140 3.27 -79.03 -35.44
N ASN A 141 4.36 -79.53 -36.00
CA ASN A 141 5.47 -80.02 -35.19
C ASN A 141 6.21 -78.85 -34.58
N ARG A 142 6.49 -77.85 -35.42
CA ARG A 142 7.17 -76.63 -35.01
C ARG A 142 6.47 -76.01 -33.81
N ARG A 143 5.15 -76.04 -33.82
CA ARG A 143 4.36 -75.53 -32.72
C ARG A 143 4.60 -76.35 -31.45
N LEU A 144 4.57 -77.67 -31.60
CA LEU A 144 4.65 -78.56 -30.45
C LEU A 144 6.01 -78.45 -29.75
N LEU A 145 7.10 -78.38 -30.50
CA LEU A 145 8.42 -78.21 -29.87
C LEU A 145 8.56 -76.81 -29.30
N ALA A 146 7.83 -75.86 -29.88
CA ALA A 146 7.79 -74.50 -29.36
C ALA A 146 7.10 -74.49 -27.99
N ASP A 147 6.13 -75.38 -27.84
CA ASP A 147 5.46 -75.58 -26.55
C ASP A 147 6.45 -76.11 -25.53
N GLN A 148 7.28 -77.05 -25.97
CA GLN A 148 8.34 -77.61 -25.13
C GLN A 148 9.33 -76.52 -24.73
N LEU A 149 9.66 -75.66 -25.67
CA LEU A 149 10.53 -74.51 -25.41
C LEU A 149 9.89 -73.58 -24.38
N GLY A 150 8.56 -73.50 -24.41
CA GLY A 150 7.85 -72.72 -23.42
C GLY A 150 8.00 -73.30 -22.02
N SER A 151 8.08 -74.63 -21.96
CA SER A 151 8.29 -75.32 -20.69
C SER A 151 9.70 -75.05 -20.16
N LEU A 152 10.63 -74.80 -21.08
CA LEU A 152 12.00 -74.44 -20.71
C LEU A 152 12.03 -73.05 -20.09
N GLY A 153 11.01 -72.25 -20.40
CA GLY A 153 10.87 -70.95 -19.76
C GLY A 153 11.66 -69.85 -20.43
N TYR A 154 11.97 -70.04 -21.71
CA TYR A 154 12.74 -69.05 -22.46
C TYR A 154 11.89 -68.45 -23.57
N GLN A 155 12.48 -67.56 -24.36
CA GLN A 155 11.80 -66.97 -25.49
C GLN A 155 11.93 -67.88 -26.69
N CYS A 156 10.88 -68.00 -27.48
CA CYS A 156 10.89 -68.88 -28.63
C CYS A 156 10.36 -68.17 -29.87
N LYS A 157 11.21 -68.01 -30.87
CA LYS A 157 10.80 -67.40 -32.12
C LYS A 157 10.39 -68.50 -33.09
N THR A 158 9.10 -68.58 -33.35
CA THR A 158 8.55 -69.66 -34.16
C THR A 158 8.48 -69.28 -35.64
N ALA A 159 9.23 -70.01 -36.46
CA ALA A 159 9.23 -69.77 -37.89
C ALA A 159 9.16 -71.08 -38.66
N ASN A 160 8.77 -71.00 -39.92
CA ASN A 160 8.71 -72.16 -40.78
C ASN A 160 9.16 -71.81 -42.19
N ASP A 161 10.47 -71.62 -42.35
CA ASP A 161 11.07 -71.24 -43.62
C ASP A 161 12.56 -71.03 -43.45
N GLY A 162 13.33 -71.28 -44.50
CA GLY A 162 14.78 -71.15 -44.43
C GLY A 162 15.23 -69.70 -44.49
N VAL A 163 14.62 -68.93 -45.38
CA VAL A 163 14.98 -67.53 -45.56
C VAL A 163 14.51 -66.70 -44.37
N ASP A 164 13.37 -67.08 -43.81
CA ASP A 164 12.82 -66.42 -42.62
C ASP A 164 13.82 -66.48 -41.48
N ALA A 165 14.51 -67.60 -41.35
CA ALA A 165 15.50 -67.78 -40.31
C ALA A 165 16.70 -66.85 -40.52
N LEU A 166 17.11 -66.71 -41.77
CA LEU A 166 18.21 -65.82 -42.12
C LEU A 166 17.82 -64.36 -41.86
N ASN A 167 16.55 -64.06 -42.07
CA ASN A 167 16.03 -62.71 -41.85
C ASN A 167 16.07 -62.33 -40.37
N VAL A 168 15.70 -63.27 -39.51
CA VAL A 168 15.73 -63.02 -38.08
C VAL A 168 17.18 -62.97 -37.58
N LEU A 169 18.05 -63.75 -38.23
CA LEU A 169 19.48 -63.73 -37.94
C LEU A 169 20.05 -62.34 -38.24
N SER A 170 19.58 -61.74 -39.32
CA SER A 170 20.01 -60.40 -39.71
C SER A 170 19.32 -59.34 -38.85
N LYS A 171 18.23 -59.72 -38.19
CA LYS A 171 17.51 -58.82 -37.32
C LYS A 171 18.26 -58.64 -36.00
N ASN A 172 18.45 -59.73 -35.27
CA ASN A 172 19.19 -59.69 -34.02
C ASN A 172 20.38 -60.63 -34.09
N HIS A 173 20.19 -61.88 -33.69
CA HIS A 173 21.24 -62.90 -33.78
C HIS A 173 20.73 -64.25 -33.27
N ILE A 174 19.94 -64.21 -32.19
CA ILE A 174 19.47 -65.43 -31.54
C ILE A 174 20.64 -66.17 -30.85
N ASP A 175 20.35 -66.87 -29.77
CA ASP A 175 21.41 -67.54 -29.02
C ASP A 175 21.60 -68.98 -29.49
N ILE A 176 20.51 -69.66 -29.77
CA ILE A 176 20.57 -71.03 -30.28
C ILE A 176 19.55 -71.23 -31.39
N VAL A 177 19.97 -71.85 -32.48
CA VAL A 177 19.10 -72.09 -33.62
C VAL A 177 18.74 -73.57 -33.73
N LEU A 178 17.47 -73.89 -33.49
CA LEU A 178 17.04 -75.27 -33.65
C LEU A 178 16.15 -75.40 -34.88
N SER A 179 16.48 -76.35 -35.73
CA SER A 179 15.76 -76.55 -36.98
C SER A 179 15.23 -77.97 -37.06
N ASP A 180 13.92 -78.10 -37.06
CA ASP A 180 13.27 -79.39 -37.17
C ASP A 180 12.74 -79.56 -38.59
N VAL A 181 12.94 -80.74 -39.16
CA VAL A 181 12.54 -80.99 -40.54
C VAL A 181 11.97 -82.38 -40.70
N ASN A 182 10.79 -82.45 -41.31
CA ASN A 182 10.21 -83.74 -41.70
C ASN A 182 10.87 -84.16 -43.00
N MET A 183 11.08 -83.17 -43.86
CA MET A 183 11.79 -83.36 -45.12
C MET A 183 12.34 -82.02 -45.58
N PRO A 184 13.55 -81.99 -46.14
CA PRO A 184 14.16 -80.76 -46.67
C PRO A 184 13.43 -80.27 -47.91
N ASN A 185 12.28 -79.63 -47.69
CA ASN A 185 11.42 -79.18 -48.79
C ASN A 185 11.93 -77.88 -49.39
N MET A 186 12.23 -77.93 -50.69
CA MET A 186 12.64 -76.76 -51.47
C MET A 186 14.07 -76.34 -51.15
N ASP A 187 14.34 -76.05 -49.88
CA ASP A 187 15.65 -75.56 -49.47
C ASP A 187 16.12 -76.29 -48.22
N GLY A 188 17.43 -76.44 -48.08
CA GLY A 188 17.99 -77.11 -46.92
C GLY A 188 19.50 -77.03 -46.85
N TYR A 189 20.11 -76.40 -47.84
CA TYR A 189 21.56 -76.30 -47.90
C TYR A 189 21.99 -74.84 -47.98
N ARG A 190 21.29 -74.08 -48.80
CA ARG A 190 21.61 -72.67 -49.02
C ARG A 190 21.50 -71.88 -47.72
N LEU A 191 20.53 -72.25 -46.89
CA LEU A 191 20.31 -71.58 -45.62
C LEU A 191 21.52 -71.76 -44.71
N THR A 192 22.05 -72.98 -44.67
CA THR A 192 23.21 -73.28 -43.83
C THR A 192 24.45 -72.57 -44.35
N GLN A 193 24.65 -72.62 -45.67
CA GLN A 193 25.79 -71.96 -46.29
C GLN A 193 25.76 -70.45 -46.02
N ARG A 194 24.58 -69.86 -46.13
CA ARG A 194 24.42 -68.43 -45.90
C ARG A 194 24.57 -68.09 -44.42
N ILE A 195 24.15 -69.01 -43.56
CA ILE A 195 24.24 -68.81 -42.12
C ILE A 195 25.69 -68.62 -41.68
N ARG A 196 26.57 -69.51 -42.14
CA ARG A 196 27.99 -69.41 -41.80
C ARG A 196 28.65 -68.28 -42.57
N GLN A 197 28.06 -67.89 -43.70
CA GLN A 197 28.57 -66.80 -44.50
C GLN A 197 28.36 -65.47 -43.81
N LEU A 198 27.17 -65.29 -43.24
CA LEU A 198 26.81 -64.05 -42.57
C LEU A 198 27.66 -63.84 -41.32
N GLY A 199 27.65 -64.81 -40.43
CA GLY A 199 28.42 -64.70 -39.20
C GLY A 199 27.98 -65.69 -38.15
N LEU A 200 28.09 -66.97 -38.48
CA LEU A 200 27.70 -68.02 -37.54
C LEU A 200 28.63 -68.07 -36.34
N THR A 201 28.10 -67.69 -35.18
CA THR A 201 28.84 -67.80 -33.93
C THR A 201 28.00 -68.53 -32.88
N LEU A 202 26.87 -69.07 -33.32
CA LEU A 202 25.95 -69.73 -32.42
C LEU A 202 25.65 -71.14 -32.93
N PRO A 203 25.59 -72.13 -32.03
CA PRO A 203 25.36 -73.52 -32.40
C PRO A 203 23.93 -73.78 -32.86
N VAL A 204 23.80 -74.67 -33.82
CA VAL A 204 22.49 -75.02 -34.35
C VAL A 204 22.22 -76.51 -34.16
N ILE A 205 21.00 -76.81 -33.76
CA ILE A 205 20.58 -78.18 -33.54
C ILE A 205 19.62 -78.62 -34.63
N GLY A 206 20.06 -79.54 -35.47
CA GLY A 206 19.24 -80.02 -36.56
C GLY A 206 18.53 -81.31 -36.21
N VAL A 207 17.22 -81.25 -36.05
CA VAL A 207 16.43 -82.42 -35.74
C VAL A 207 15.66 -82.83 -36.99
N THR A 208 15.80 -84.09 -37.38
CA THR A 208 15.21 -84.56 -38.62
C THR A 208 14.53 -85.91 -38.44
N ALA A 209 13.54 -86.18 -39.28
CA ALA A 209 12.88 -87.48 -39.28
C ALA A 209 13.58 -88.41 -40.26
N ASN A 210 14.36 -89.34 -39.71
CA ASN A 210 15.14 -90.30 -40.50
C ASN A 210 15.82 -89.63 -41.68
N ALA A 211 16.70 -88.67 -41.37
CA ALA A 211 17.41 -87.92 -42.40
C ALA A 211 18.15 -88.86 -43.35
N LEU A 212 19.13 -89.58 -42.83
CA LEU A 212 19.91 -90.55 -43.61
C LEU A 212 20.53 -89.87 -44.83
N ALA A 213 20.93 -88.62 -44.65
CA ALA A 213 21.47 -87.81 -45.73
C ALA A 213 21.93 -86.46 -45.21
N GLU A 214 21.09 -85.85 -44.38
CA GLU A 214 21.36 -84.52 -43.86
C GLU A 214 22.53 -84.52 -42.88
N GLU A 215 22.84 -85.69 -42.32
CA GLU A 215 24.03 -85.84 -41.48
C GLU A 215 25.27 -85.55 -42.32
N LYS A 216 25.27 -86.04 -43.55
CA LYS A 216 26.36 -85.83 -44.49
C LYS A 216 26.43 -84.37 -44.89
N GLN A 217 25.25 -83.74 -45.01
CA GLN A 217 25.16 -82.33 -45.30
C GLN A 217 25.79 -81.51 -44.17
N ARG A 218 25.47 -81.89 -42.93
CA ARG A 218 25.99 -81.21 -41.76
C ARG A 218 27.52 -81.36 -41.67
N CYS A 219 28.04 -82.44 -42.23
CA CYS A 219 29.48 -82.64 -42.28
C CYS A 219 30.10 -81.72 -43.33
N LEU A 220 29.32 -81.40 -44.35
CA LEU A 220 29.76 -80.51 -45.42
C LEU A 220 29.93 -79.08 -44.92
N GLU A 221 28.92 -78.56 -44.23
CA GLU A 221 28.96 -77.19 -43.74
C GLU A 221 29.82 -77.09 -42.49
N SER A 222 29.74 -78.10 -41.63
CA SER A 222 30.45 -78.12 -40.34
C SER A 222 30.17 -76.83 -39.55
N GLY A 223 28.94 -76.35 -39.65
CA GLY A 223 28.54 -75.16 -38.95
C GLY A 223 27.32 -75.40 -38.09
N MET A 224 26.65 -76.52 -38.33
CA MET A 224 25.51 -76.95 -37.53
C MET A 224 25.94 -77.22 -36.08
N ASP A 225 25.96 -78.51 -35.71
CA ASP A 225 26.46 -78.99 -34.41
C ASP A 225 25.77 -80.30 -34.04
N SER A 226 24.56 -80.20 -33.51
CA SER A 226 23.85 -81.37 -33.00
C SER A 226 22.85 -81.88 -34.03
N CYS A 227 22.61 -83.18 -34.01
CA CYS A 227 21.63 -83.80 -34.88
C CYS A 227 20.72 -84.71 -34.08
N LEU A 228 19.43 -84.39 -34.08
CA LEU A 228 18.47 -85.10 -33.26
C LEU A 228 17.39 -85.75 -34.13
N SER A 229 16.62 -86.64 -33.52
CA SER A 229 15.51 -87.28 -34.18
C SER A 229 14.24 -86.44 -34.00
N LYS A 230 13.36 -86.47 -35.00
CA LYS A 230 12.10 -85.71 -34.94
C LYS A 230 11.24 -86.11 -33.73
N PRO A 231 11.00 -87.41 -33.47
CA PRO A 231 10.23 -87.86 -32.31
C PRO A 231 10.99 -87.69 -31.00
N VAL A 232 11.25 -86.45 -30.62
CA VAL A 232 11.93 -86.15 -29.36
C VAL A 232 10.92 -85.76 -28.29
N THR A 233 11.11 -86.29 -27.08
CA THR A 233 10.20 -86.02 -25.98
C THR A 233 10.69 -84.86 -25.11
N LEU A 234 9.84 -84.42 -24.18
CA LEU A 234 10.13 -83.28 -23.32
C LEU A 234 11.46 -83.43 -22.59
N ASP A 235 11.70 -84.59 -22.01
CA ASP A 235 12.91 -84.81 -21.21
C ASP A 235 14.16 -84.59 -22.06
N VAL A 236 14.18 -85.22 -23.24
CA VAL A 236 15.29 -85.09 -24.16
C VAL A 236 15.47 -83.64 -24.62
N ILE A 237 14.39 -83.03 -25.12
CA ILE A 237 14.50 -81.67 -25.68
C ILE A 237 14.91 -80.67 -24.62
N LYS A 238 14.39 -80.82 -23.40
CA LYS A 238 14.70 -79.92 -22.31
C LYS A 238 16.16 -80.05 -21.92
N GLN A 239 16.60 -81.29 -21.74
CA GLN A 239 17.97 -81.57 -21.33
C GLN A 239 18.97 -81.12 -22.40
N THR A 240 18.61 -81.28 -23.67
CA THR A 240 19.49 -80.91 -24.76
C THR A 240 19.58 -79.39 -24.90
N LEU A 241 18.44 -78.72 -24.81
CA LEU A 241 18.41 -77.27 -24.90
C LEU A 241 19.16 -76.64 -23.74
N THR A 242 18.91 -77.16 -22.54
CA THR A 242 19.59 -76.68 -21.34
C THR A 242 21.09 -76.96 -21.42
N LEU A 243 21.44 -78.14 -21.92
CA LEU A 243 22.83 -78.55 -22.07
C LEU A 243 23.56 -77.62 -23.04
N TYR A 244 22.92 -77.28 -24.15
CA TYR A 244 23.55 -76.42 -25.13
C TYR A 244 23.56 -74.97 -24.66
N ALA A 245 22.60 -74.61 -23.82
CA ALA A 245 22.61 -73.30 -23.18
C ALA A 245 23.80 -73.19 -22.24
N GLU A 246 24.18 -74.31 -21.63
CA GLU A 246 25.36 -74.36 -20.78
C GLU A 246 26.63 -74.34 -21.64
N ARG A 247 26.54 -74.90 -22.84
CA ARG A 247 27.68 -74.90 -23.77
C ARG A 247 28.00 -73.47 -24.20
N VAL A 248 26.96 -72.74 -24.59
CA VAL A 248 27.16 -71.36 -25.00
C VAL A 248 27.54 -70.49 -23.82
N ARG A 249 27.07 -70.85 -22.63
CA ARG A 249 27.42 -70.13 -21.42
C ARG A 249 28.90 -70.32 -21.09
N LYS A 250 29.39 -71.55 -21.25
CA LYS A 250 30.80 -71.85 -20.96
C LYS A 250 31.70 -71.29 -22.05
N SER A 251 31.17 -71.13 -23.26
CA SER A 251 31.92 -70.50 -24.34
C SER A 251 31.97 -68.99 -24.13
N ARG A 252 30.88 -68.46 -23.59
CA ARG A 252 30.80 -67.03 -23.27
C ARG A 252 31.65 -66.72 -22.05
N ASP A 253 31.91 -67.75 -21.24
CA ASP A 253 32.75 -67.61 -20.06
C ASP A 253 34.22 -67.58 -20.46
N SER A 254 34.47 -67.78 -21.76
CA SER A 254 35.81 -67.76 -22.34
C SER A 254 36.64 -68.94 -21.84
#